data_9IRM
#
_entry.id   9IRM
#
_cell.length_a   95.410
_cell.length_b   127.080
_cell.length_c   146.100
_cell.angle_alpha   90.00
_cell.angle_beta   95.38
_cell.angle_gamma   90.00
#
_symmetry.space_group_name_H-M   'P 1 21 1'
#
loop_
_entity.id
_entity.type
_entity.pdbx_description
1 polymer 'ATP-dependent Clp protease proteolytic subunit'
2 non-polymer (6S,9aS)-8-(anthracen-9-ylmethyl)-6-[(2S)-butan-2-yl]-4,7-bis(oxidanylidene)-N-[4,4,4-tris(fluoranyl)butyl]-3,6,9,9a-tetrahydro-2H-pyrazino[1,2-a]pyrimidine-1-carboxamide
3 non-polymer (4S)-2-METHYL-2,4-PENTANEDIOL
4 water water
#
_entity_poly.entity_id   1
_entity_poly.type   'polypeptide(L)'
_entity_poly.pdbx_seq_one_letter_code
;MNLIPTVIETTNRGERAYDIYSRLLKDRIIMLGSQIDDNVANSIVSQLLFLQAQDSEKDIYLYINSPGGSVTAGFAIYDT
IQHIKPDVQTICIGMAASMGSFLLAAGAKGKRFALPNAEVMIHQPLGGAQGQATEIEIAANHILKTREKLNRILSERTGQ
SIEKIQKDTDRDNFLTAEEAKEYGLIDEVMVPETK
;
_entity_poly.pdbx_strand_id   A,B,C,D,E,F,G,H,I,J,K,L,M,N
#
loop_
_chem_comp.id
_chem_comp.type
_chem_comp.name
_chem_comp.formula
MPD non-polymer (4S)-2-METHYL-2,4-PENTANEDIOL 'C6 H14 O2'
WBW non-polymer (6S,9aS)-8-(anthracen-9-ylmethyl)-6-[(2S)-butan-2-yl]-4,7-bis(oxidanylidene)-N-[4,4,4-tris(fluoranyl)butyl]-3,6,9,9a-tetrahydro-2H-pyrazino[1,2-a]pyrimidine-1-carboxamide 'C31 H35 F3 N4 O3'
#
# COMPACT_ATOMS: atom_id res chain seq x y z
N LEU A 3 -25.15 -3.38 -16.71
CA LEU A 3 -26.26 -4.39 -16.84
C LEU A 3 -26.65 -4.63 -18.29
N ILE A 4 -26.76 -5.90 -18.67
CA ILE A 4 -27.11 -6.30 -20.04
C ILE A 4 -28.63 -6.42 -20.13
N PRO A 5 -29.27 -5.71 -21.09
CA PRO A 5 -30.73 -5.73 -21.16
C PRO A 5 -31.28 -7.05 -21.72
N THR A 6 -32.47 -7.41 -21.26
CA THR A 6 -33.15 -8.65 -21.67
C THR A 6 -34.21 -8.33 -22.72
N VAL A 7 -34.41 -9.26 -23.66
CA VAL A 7 -35.49 -9.18 -24.65
C VAL A 7 -36.26 -10.50 -24.63
N ILE A 8 -37.59 -10.41 -24.75
CA ILE A 8 -38.48 -11.58 -24.69
C ILE A 8 -39.34 -11.60 -25.95
N GLU A 9 -39.26 -12.70 -26.70
CA GLU A 9 -40.01 -12.88 -27.95
C GLU A 9 -41.30 -13.63 -27.68
N ARG A 16 -39.85 -16.51 -24.69
CA ARG A 16 -38.46 -16.94 -24.53
C ARG A 16 -37.55 -15.74 -24.30
N ALA A 17 -36.99 -15.64 -23.09
CA ALA A 17 -36.15 -14.50 -22.71
C ALA A 17 -34.69 -14.72 -23.15
N TYR A 18 -34.08 -13.65 -23.68
CA TYR A 18 -32.69 -13.64 -24.10
C TYR A 18 -32.02 -12.36 -23.59
N ASP A 19 -30.78 -12.48 -23.11
CA ASP A 19 -29.90 -11.31 -23.01
C ASP A 19 -29.56 -10.87 -24.44
N ILE A 20 -29.32 -9.58 -24.64
CA ILE A 20 -29.20 -9.00 -25.99
C ILE A 20 -28.17 -9.72 -26.88
N TYR A 21 -27.04 -10.12 -26.30
CA TYR A 21 -25.97 -10.77 -27.07
C TYR A 21 -26.35 -12.19 -27.49
N SER A 22 -27.02 -12.92 -26.60
CA SER A 22 -27.56 -14.24 -26.91
C SER A 22 -28.63 -14.20 -28.00
N ARG A 23 -29.48 -13.16 -27.97
CA ARG A 23 -30.46 -12.93 -29.03
C ARG A 23 -29.79 -12.70 -30.38
N LEU A 24 -28.70 -11.92 -30.39
CA LEU A 24 -27.91 -11.72 -31.62
C LEU A 24 -27.27 -13.03 -32.12
N LEU A 25 -26.78 -13.85 -31.19
CA LEU A 25 -26.21 -15.16 -31.55
C LEU A 25 -27.21 -16.11 -32.22
N LYS A 26 -28.50 -15.97 -31.89
CA LYS A 26 -29.58 -16.70 -32.59
C LYS A 26 -29.62 -16.42 -34.09
N ASP A 27 -29.26 -15.20 -34.49
CA ASP A 27 -29.13 -14.81 -35.90
C ASP A 27 -27.67 -14.85 -36.41
N ARG A 28 -26.85 -15.71 -35.81
CA ARG A 28 -25.47 -15.98 -36.27
C ARG A 28 -24.54 -14.76 -36.18
N ILE A 29 -24.76 -13.94 -35.15
CA ILE A 29 -23.93 -12.77 -34.89
C ILE A 29 -23.08 -13.04 -33.65
N ILE A 30 -21.75 -12.95 -33.81
CA ILE A 30 -20.81 -13.08 -32.70
C ILE A 30 -20.19 -11.72 -32.41
N MET A 31 -20.07 -11.39 -31.12
CA MET A 31 -19.53 -10.11 -30.66
C MET A 31 -18.09 -10.27 -30.15
N LEU A 32 -17.14 -9.68 -30.88
CA LEU A 32 -15.80 -9.45 -30.36
C LEU A 32 -15.72 -7.98 -29.95
N GLY A 33 -16.17 -7.71 -28.73
CA GLY A 33 -16.31 -6.34 -28.20
C GLY A 33 -15.43 -6.01 -27.01
N SER A 34 -14.29 -6.69 -26.88
CA SER A 34 -13.40 -6.50 -25.74
C SER A 34 -11.96 -6.82 -26.12
N GLN A 35 -11.06 -6.60 -25.17
CA GLN A 35 -9.66 -7.03 -25.29
C GLN A 35 -9.62 -8.54 -25.44
N ILE A 36 -8.80 -9.02 -26.39
CA ILE A 36 -8.69 -10.44 -26.67
C ILE A 36 -7.77 -11.11 -25.65
N ASP A 37 -8.34 -11.96 -24.81
CA ASP A 37 -7.60 -12.86 -23.94
C ASP A 37 -8.09 -14.29 -24.20
N ASP A 38 -7.57 -15.27 -23.47
CA ASP A 38 -7.97 -16.67 -23.67
C ASP A 38 -9.46 -16.91 -23.44
N ASN A 39 -10.04 -16.26 -22.44
CA ASN A 39 -11.49 -16.39 -22.14
C ASN A 39 -12.36 -15.94 -23.31
N VAL A 40 -12.02 -14.80 -23.90
CA VAL A 40 -12.76 -14.25 -25.05
C VAL A 40 -12.59 -15.17 -26.26
N ALA A 41 -11.36 -15.66 -26.48
CA ALA A 41 -11.09 -16.62 -27.56
C ALA A 41 -11.86 -17.93 -27.39
N ASN A 42 -11.89 -18.45 -26.16
CA ASN A 42 -12.64 -19.69 -25.86
C ASN A 42 -14.13 -19.55 -26.16
N SER A 43 -14.70 -18.41 -25.79
CA SER A 43 -16.11 -18.11 -26.06
C SER A 43 -16.40 -17.99 -27.55
N ILE A 44 -15.60 -17.20 -28.27
CA ILE A 44 -15.80 -16.96 -29.70
C ILE A 44 -15.61 -18.24 -30.51
N VAL A 45 -14.57 -19.02 -30.19
CA VAL A 45 -14.33 -20.33 -30.83
C VAL A 45 -15.53 -21.26 -30.63
N SER A 46 -16.06 -21.31 -29.42
CA SER A 46 -17.22 -22.16 -29.08
C SER A 46 -18.48 -21.73 -29.84
N GLN A 47 -18.69 -20.41 -29.94
CA GLN A 47 -19.80 -19.86 -30.72
C GLN A 47 -19.69 -20.21 -32.21
N LEU A 48 -18.49 -20.07 -32.77
CA LEU A 48 -18.23 -20.45 -34.16
C LEU A 48 -18.50 -21.94 -34.42
N LEU A 49 -18.02 -22.79 -33.52
CA LEU A 49 -18.26 -24.24 -33.62
C LEU A 49 -19.75 -24.58 -33.52
N PHE A 50 -20.44 -23.92 -32.59
CA PHE A 50 -21.90 -24.06 -32.44
C PHE A 50 -22.66 -23.62 -33.69
N LEU A 51 -22.29 -22.47 -34.25
CA LEU A 51 -22.94 -21.95 -35.46
C LEU A 51 -22.69 -22.83 -36.69
N GLN A 52 -21.48 -23.37 -36.82
CA GLN A 52 -21.18 -24.32 -37.91
CA GLN A 52 -21.27 -24.34 -37.95
C GLN A 52 -22.12 -25.64 -37.81
N ALA A 53 -22.25 -26.07 -36.55
CA ALA A 53 -23.08 -27.25 -36.29
C ALA A 53 -24.57 -26.99 -36.57
N GLN A 54 -25.04 -25.79 -36.21
CA GLN A 54 -26.41 -25.36 -36.53
C GLN A 54 -26.66 -25.30 -38.04
N ASP A 55 -25.75 -24.66 -38.75
CA ASP A 55 -25.86 -24.46 -40.19
C ASP A 55 -24.46 -24.29 -40.79
N SER A 56 -24.05 -25.26 -41.61
CA SER A 56 -22.71 -25.24 -42.21
C SER A 56 -22.57 -24.33 -43.44
N GLU A 57 -23.69 -23.80 -43.94
CA GLU A 57 -23.70 -22.99 -45.18
C GLU A 57 -24.05 -21.49 -45.00
N LYS A 58 -24.88 -21.15 -44.02
CA LYS A 58 -25.26 -19.75 -43.77
C LYS A 58 -24.09 -18.94 -43.21
N ASP A 59 -23.97 -17.69 -43.67
CA ASP A 59 -22.91 -16.78 -43.20
C ASP A 59 -23.00 -16.52 -41.70
N ILE A 60 -21.83 -16.27 -41.10
CA ILE A 60 -21.70 -15.83 -39.71
C ILE A 60 -21.20 -14.38 -39.77
N TYR A 61 -21.63 -13.57 -38.80
CA TYR A 61 -21.26 -12.15 -38.74
C TYR A 61 -20.46 -11.88 -37.46
N LEU A 62 -19.18 -11.54 -37.64
CA LEU A 62 -18.30 -11.22 -36.52
C LEU A 62 -18.16 -9.72 -36.36
N TYR A 63 -18.82 -9.17 -35.33
CA TYR A 63 -18.68 -7.78 -34.92
C TYR A 63 -17.33 -7.59 -34.24
N ILE A 64 -16.58 -6.56 -34.65
CA ILE A 64 -15.26 -6.27 -34.05
C ILE A 64 -15.20 -4.83 -33.55
N ASN A 65 -15.22 -4.69 -32.22
CA ASN A 65 -14.89 -3.44 -31.52
C ASN A 65 -13.87 -3.81 -30.44
N SER A 66 -12.59 -3.87 -30.83
CA SER A 66 -11.56 -4.46 -29.97
C SER A 66 -10.19 -3.80 -30.15
N PRO A 67 -9.45 -3.56 -29.05
CA PRO A 67 -8.07 -3.08 -29.13
C PRO A 67 -7.05 -4.20 -29.34
N GLY A 68 -7.50 -5.44 -29.55
CA GLY A 68 -6.61 -6.58 -29.72
C GLY A 68 -6.26 -7.16 -28.37
N GLY A 69 -5.06 -7.74 -28.28
CA GLY A 69 -4.59 -8.36 -27.04
C GLY A 69 -3.70 -9.54 -27.36
N SER A 70 -4.00 -10.69 -26.78
CA SER A 70 -3.16 -11.89 -26.91
C SER A 70 -3.12 -12.39 -28.36
N VAL A 71 -1.91 -12.61 -28.86
CA VAL A 71 -1.70 -13.10 -30.23
C VAL A 71 -2.15 -14.56 -30.36
N THR A 72 -1.78 -15.40 -29.39
CA THR A 72 -2.17 -16.81 -29.41
C THR A 72 -3.70 -16.97 -29.30
N ALA A 73 -4.32 -16.18 -28.44
CA ALA A 73 -5.79 -16.13 -28.33
C ALA A 73 -6.44 -15.64 -29.63
N GLY A 74 -5.81 -14.67 -30.28
CA GLY A 74 -6.23 -14.22 -31.61
C GLY A 74 -6.15 -15.30 -32.66
N PHE A 75 -5.07 -16.08 -32.63
CA PHE A 75 -4.90 -17.20 -33.57
C PHE A 75 -5.85 -18.37 -33.32
N ALA A 76 -6.33 -18.53 -32.09
CA ALA A 76 -7.40 -19.49 -31.79
C ALA A 76 -8.65 -19.14 -32.58
N ILE A 77 -9.01 -17.85 -32.58
CA ILE A 77 -10.15 -17.35 -33.35
C ILE A 77 -9.87 -17.43 -34.85
N TYR A 78 -8.68 -16.97 -35.26
CA TYR A 78 -8.29 -16.97 -36.67
C TYR A 78 -8.43 -18.37 -37.30
N ASP A 79 -7.77 -19.34 -36.69
CA ASP A 79 -7.76 -20.72 -37.22
C ASP A 79 -9.15 -21.36 -37.25
N THR A 80 -9.98 -21.06 -36.23
CA THR A 80 -11.35 -21.55 -36.20
C THR A 80 -12.18 -20.96 -37.34
N ILE A 81 -11.99 -19.66 -37.63
CA ILE A 81 -12.67 -19.01 -38.75
C ILE A 81 -12.33 -19.71 -40.07
N GLN A 82 -11.03 -19.96 -40.30
CA GLN A 82 -10.58 -20.55 -41.58
C GLN A 82 -10.97 -22.02 -41.75
N HIS A 83 -11.08 -22.76 -40.64
CA HIS A 83 -11.43 -24.18 -40.71
C HIS A 83 -12.90 -24.43 -41.06
N ILE A 84 -13.81 -23.71 -40.39
CA ILE A 84 -15.24 -23.95 -40.56
C ILE A 84 -15.73 -23.62 -41.97
N LYS A 85 -16.78 -24.31 -42.40
CA LYS A 85 -17.33 -24.17 -43.75
C LYS A 85 -17.99 -22.81 -44.01
N PRO A 86 -18.82 -22.32 -43.07
CA PRO A 86 -19.49 -21.03 -43.30
C PRO A 86 -18.51 -19.86 -43.46
N ASP A 87 -18.85 -18.92 -44.34
CA ASP A 87 -18.12 -17.66 -44.44
C ASP A 87 -18.36 -16.86 -43.17
N VAL A 88 -17.28 -16.31 -42.60
CA VAL A 88 -17.37 -15.40 -41.47
C VAL A 88 -17.16 -13.98 -41.99
N GLN A 89 -18.25 -13.21 -42.03
CA GLN A 89 -18.16 -11.79 -42.36
C GLN A 89 -17.59 -11.05 -41.15
N THR A 90 -16.74 -10.05 -41.40
CA THR A 90 -16.21 -9.22 -40.33
C THR A 90 -16.64 -7.77 -40.55
N ILE A 91 -17.10 -7.12 -39.48
N ILE A 91 -17.09 -7.11 -39.48
CA ILE A 91 -17.48 -5.71 -39.55
CA ILE A 91 -17.53 -5.71 -39.52
C ILE A 91 -16.85 -4.94 -38.38
C ILE A 91 -16.86 -4.93 -38.38
N CYS A 92 -16.02 -3.95 -38.73
CA CYS A 92 -15.37 -3.09 -37.74
C CYS A 92 -16.29 -1.94 -37.40
N ILE A 93 -16.69 -1.86 -36.13
CA ILE A 93 -17.53 -0.79 -35.62
C ILE A 93 -16.80 -0.22 -34.41
N GLY A 94 -16.56 1.09 -34.42
CA GLY A 94 -15.79 1.75 -33.38
C GLY A 94 -14.30 1.70 -33.68
N MET A 95 -13.65 0.57 -33.38
CA MET A 95 -12.22 0.41 -33.61
C MET A 95 -11.76 -1.03 -33.66
N ALA A 96 -10.76 -1.28 -34.50
CA ALA A 96 -10.05 -2.56 -34.56
C ALA A 96 -8.56 -2.25 -34.50
N ALA A 97 -7.91 -2.58 -33.39
CA ALA A 97 -6.48 -2.34 -33.22
C ALA A 97 -5.74 -3.65 -33.01
N SER A 98 -4.50 -3.71 -33.52
CA SER A 98 -3.59 -4.82 -33.26
C SER A 98 -4.20 -6.16 -33.71
N MET A 99 -4.36 -7.14 -32.80
CA MET A 99 -4.93 -8.43 -33.17
C MET A 99 -6.42 -8.34 -33.59
N GLY A 100 -7.10 -7.27 -33.18
CA GLY A 100 -8.44 -6.97 -33.67
C GLY A 100 -8.48 -6.66 -35.16
N SER A 101 -7.52 -5.87 -35.63
CA SER A 101 -7.40 -5.56 -37.06
CA SER A 101 -7.40 -5.56 -37.06
C SER A 101 -6.94 -6.77 -37.88
N PHE A 102 -6.13 -7.63 -37.26
CA PHE A 102 -5.73 -8.89 -37.89
C PHE A 102 -6.95 -9.77 -38.16
N LEU A 103 -7.83 -9.88 -37.16
CA LEU A 103 -9.06 -10.66 -37.30
C LEU A 103 -10.07 -10.02 -38.27
N LEU A 104 -10.09 -8.69 -38.32
CA LEU A 104 -10.88 -7.96 -39.33
C LEU A 104 -10.46 -8.37 -40.74
N ALA A 105 -9.15 -8.39 -40.99
CA ALA A 105 -8.59 -8.81 -42.27
C ALA A 105 -8.77 -10.31 -42.57
N ALA A 106 -8.97 -11.11 -41.53
CA ALA A 106 -9.19 -12.56 -41.64
C ALA A 106 -10.60 -12.98 -42.08
N GLY A 107 -11.54 -12.04 -42.20
CA GLY A 107 -12.90 -12.35 -42.64
C GLY A 107 -12.95 -12.88 -44.06
N ALA A 108 -14.11 -13.45 -44.43
CA ALA A 108 -14.30 -14.03 -45.75
C ALA A 108 -14.03 -13.01 -46.84
N LYS A 109 -13.34 -13.43 -47.90
CA LYS A 109 -12.96 -12.54 -49.00
C LYS A 109 -14.20 -11.92 -49.64
N GLY A 110 -14.21 -10.59 -49.73
CA GLY A 110 -15.37 -9.83 -50.20
C GLY A 110 -16.40 -9.48 -49.14
N LYS A 111 -16.21 -9.95 -47.90
CA LYS A 111 -17.18 -9.76 -46.83
C LYS A 111 -16.53 -9.19 -45.55
N ARG A 112 -15.51 -8.36 -45.75
CA ARG A 112 -14.86 -7.64 -44.65
C ARG A 112 -15.26 -6.18 -44.78
N PHE A 113 -15.85 -5.63 -43.71
CA PHE A 113 -16.44 -4.30 -43.74
C PHE A 113 -15.97 -3.42 -42.59
N ALA A 114 -16.15 -2.12 -42.76
CA ALA A 114 -16.02 -1.15 -41.67
C ALA A 114 -17.04 -0.04 -41.87
N LEU A 115 -17.59 0.49 -40.78
CA LEU A 115 -18.46 1.65 -40.86
C LEU A 115 -17.58 2.90 -41.04
N PRO A 116 -18.14 3.99 -41.63
CA PRO A 116 -17.32 5.10 -42.15
C PRO A 116 -16.33 5.75 -41.17
N ASN A 117 -16.73 5.86 -39.90
CA ASN A 117 -15.89 6.48 -38.86
C ASN A 117 -15.18 5.47 -37.95
N ALA A 118 -15.17 4.20 -38.34
CA ALA A 118 -14.44 3.17 -37.60
C ALA A 118 -12.93 3.36 -37.78
N GLU A 119 -12.17 3.04 -36.74
CA GLU A 119 -10.73 3.24 -36.69
C GLU A 119 -10.02 1.90 -36.78
N VAL A 120 -9.05 1.78 -37.70
CA VAL A 120 -8.21 0.59 -37.81
C VAL A 120 -6.78 0.97 -37.48
N MET A 121 -6.11 0.18 -36.64
CA MET A 121 -4.70 0.39 -36.31
C MET A 121 -3.92 -0.90 -36.44
N ILE A 122 -2.75 -0.79 -37.04
CA ILE A 122 -1.82 -1.92 -37.17
C ILE A 122 -0.47 -1.51 -36.58
N HIS A 123 0.16 -2.45 -35.89
CA HIS A 123 1.54 -2.28 -35.40
C HIS A 123 2.17 -3.65 -35.16
N GLN A 124 3.40 -3.66 -34.66
CA GLN A 124 4.09 -4.93 -34.41
C GLN A 124 3.72 -5.51 -33.04
N PRO A 125 3.96 -6.83 -32.82
CA PRO A 125 3.64 -7.45 -31.53
C PRO A 125 4.40 -6.84 -30.36
N LEU A 126 3.75 -6.84 -29.19
CA LEU A 126 4.34 -6.36 -27.95
C LEU A 126 4.61 -7.54 -27.02
N GLY A 127 5.64 -7.40 -26.20
CA GLY A 127 5.97 -8.45 -25.24
C GLY A 127 7.09 -8.07 -24.29
N GLY A 128 7.66 -9.07 -23.65
CA GLY A 128 8.73 -8.87 -22.69
C GLY A 128 9.60 -10.09 -22.51
N ALA A 129 10.76 -9.86 -21.91
CA ALA A 129 11.71 -10.92 -21.59
C ALA A 129 12.57 -10.49 -20.42
N GLN A 130 12.91 -11.45 -19.56
CA GLN A 130 13.76 -11.18 -18.40
C GLN A 130 14.58 -12.43 -18.05
N GLY A 131 15.77 -12.20 -17.50
CA GLY A 131 16.64 -13.27 -17.02
C GLY A 131 17.95 -13.33 -17.77
N GLN A 132 18.43 -14.56 -18.01
CA GLN A 132 19.73 -14.80 -18.65
C GLN A 132 19.74 -14.40 -20.12
N ALA A 133 20.93 -14.13 -20.65
CA ALA A 133 21.10 -13.72 -22.05
C ALA A 133 20.46 -14.71 -23.03
N THR A 134 20.68 -16.00 -22.81
CA THR A 134 20.10 -17.05 -23.66
C THR A 134 18.57 -17.15 -23.52
N GLU A 135 18.04 -16.82 -22.34
CA GLU A 135 16.58 -16.74 -22.14
C GLU A 135 15.99 -15.55 -22.90
N ILE A 136 16.69 -14.42 -22.89
CA ILE A 136 16.27 -13.22 -23.66
C ILE A 136 16.31 -13.52 -25.16
N GLU A 137 17.36 -14.23 -25.60
CA GLU A 137 17.51 -14.67 -27.00
C GLU A 137 16.31 -15.51 -27.46
N ILE A 138 15.92 -16.48 -26.64
CA ILE A 138 14.76 -17.35 -26.93
C ILE A 138 13.47 -16.53 -27.05
N ALA A 139 13.27 -15.62 -26.10
CA ALA A 139 12.10 -14.72 -26.10
C ALA A 139 12.08 -13.81 -27.32
N ALA A 140 13.26 -13.28 -27.67
CA ALA A 140 13.40 -12.42 -28.87
C ALA A 140 13.14 -13.18 -30.16
N ASN A 141 13.73 -14.37 -30.30
CA ASN A 141 13.49 -15.22 -31.48
C ASN A 141 12.02 -15.59 -31.61
N HIS A 142 11.36 -15.85 -30.48
CA HIS A 142 9.95 -16.21 -30.47
C HIS A 142 9.03 -15.09 -30.96
N ILE A 143 9.19 -13.88 -30.40
CA ILE A 143 8.35 -12.74 -30.81
C ILE A 143 8.63 -12.29 -32.26
N LEU A 144 9.88 -12.41 -32.71
CA LEU A 144 10.25 -12.13 -34.10
C LEU A 144 9.58 -13.12 -35.07
N LYS A 145 9.62 -14.42 -34.72
CA LYS A 145 8.90 -15.45 -35.50
C LYS A 145 7.39 -15.22 -35.53
N THR A 146 6.83 -14.78 -34.39
CA THR A 146 5.41 -14.46 -34.30
C THR A 146 5.04 -13.29 -35.22
N ARG A 147 5.90 -12.26 -35.27
CA ARG A 147 5.68 -11.13 -36.18
C ARG A 147 5.77 -11.58 -37.66
N GLU A 148 6.75 -12.41 -37.98
CA GLU A 148 6.86 -13.00 -39.33
C GLU A 148 5.59 -13.75 -39.73
N LYS A 149 5.04 -14.53 -38.79
CA LYS A 149 3.81 -15.30 -39.03
C LYS A 149 2.61 -14.39 -39.27
N LEU A 150 2.48 -13.34 -38.46
CA LEU A 150 1.42 -12.34 -38.61
C LEU A 150 1.54 -11.58 -39.93
N ASN A 151 2.74 -11.09 -40.23
CA ASN A 151 2.99 -10.32 -41.46
C ASN A 151 2.77 -11.15 -42.74
N ARG A 152 3.17 -12.42 -42.71
CA ARG A 152 2.97 -13.32 -43.85
C ARG A 152 1.48 -13.53 -44.17
N ILE A 153 0.68 -13.76 -43.13
CA ILE A 153 -0.78 -13.91 -43.29
C ILE A 153 -1.42 -12.58 -43.72
N LEU A 154 -0.99 -11.48 -43.11
CA LEU A 154 -1.52 -10.15 -43.48
C LEU A 154 -1.19 -9.81 -44.94
N SER A 155 0.02 -10.16 -45.38
CA SER A 155 0.41 -10.04 -46.79
C SER A 155 -0.52 -10.82 -47.73
N GLU A 156 -0.81 -12.06 -47.35
CA GLU A 156 -1.70 -12.93 -48.15
C GLU A 156 -3.12 -12.37 -48.27
N ARG A 157 -3.65 -11.81 -47.18
CA ARG A 157 -5.05 -11.36 -47.13
C ARG A 157 -5.27 -9.91 -47.56
N THR A 158 -4.22 -9.08 -47.55
CA THR A 158 -4.28 -7.70 -48.05
C THR A 158 -3.82 -7.56 -49.50
N GLY A 159 -2.92 -8.46 -49.94
CA GLY A 159 -2.26 -8.33 -51.24
C GLY A 159 -1.02 -7.45 -51.22
N GLN A 160 -0.64 -6.95 -50.04
CA GLN A 160 0.56 -6.13 -49.88
C GLN A 160 1.76 -7.05 -49.68
N SER A 161 2.94 -6.55 -50.01
CA SER A 161 4.18 -7.31 -49.82
C SER A 161 4.53 -7.37 -48.33
N ILE A 162 5.30 -8.40 -47.95
CA ILE A 162 5.81 -8.53 -46.58
C ILE A 162 6.73 -7.34 -46.23
N GLU A 163 7.52 -6.89 -47.21
CA GLU A 163 8.35 -5.69 -47.09
C GLU A 163 7.53 -4.46 -46.66
N LYS A 164 6.42 -4.23 -47.35
CA LYS A 164 5.54 -3.09 -47.05
C LYS A 164 4.85 -3.24 -45.69
N ILE A 165 4.37 -4.44 -45.38
CA ILE A 165 3.72 -4.71 -44.09
C ILE A 165 4.69 -4.46 -42.93
N GLN A 166 5.92 -4.95 -43.07
CA GLN A 166 6.98 -4.74 -42.08
C GLN A 166 7.20 -3.25 -41.80
N LYS A 167 7.37 -2.47 -42.87
CA LYS A 167 7.59 -1.02 -42.76
C LYS A 167 6.39 -0.29 -42.14
N ASP A 168 5.18 -0.64 -42.58
CA ASP A 168 3.95 0.04 -42.12
C ASP A 168 3.50 -0.35 -40.71
N THR A 169 4.01 -1.46 -40.17
CA THR A 169 3.69 -1.90 -38.80
C THR A 169 4.82 -1.66 -37.79
N ASP A 170 5.89 -0.97 -38.22
CA ASP A 170 7.03 -0.67 -37.34
C ASP A 170 6.62 0.18 -36.13
N ARG A 171 5.76 1.17 -36.38
CA ARG A 171 5.17 2.02 -35.35
C ARG A 171 3.65 1.92 -35.43
N ASP A 172 2.95 2.50 -34.44
CA ASP A 172 1.49 2.60 -34.47
C ASP A 172 1.05 3.30 -35.76
N ASN A 173 0.22 2.61 -36.54
CA ASN A 173 -0.24 3.13 -37.84
C ASN A 173 -1.77 3.13 -37.85
N PHE A 174 -2.35 4.30 -37.60
CA PHE A 174 -3.81 4.47 -37.60
C PHE A 174 -4.31 4.70 -39.02
N LEU A 175 -5.38 3.99 -39.39
CA LEU A 175 -6.00 4.09 -40.70
C LEU A 175 -7.49 4.41 -40.55
N THR A 176 -8.00 5.23 -41.47
CA THR A 176 -9.45 5.43 -41.60
C THR A 176 -10.06 4.18 -42.26
N ALA A 177 -11.38 4.10 -42.24
CA ALA A 177 -12.09 3.02 -42.93
C ALA A 177 -11.72 2.97 -44.41
N GLU A 178 -11.68 4.15 -45.05
CA GLU A 178 -11.33 4.26 -46.47
C GLU A 178 -9.88 3.85 -46.75
N GLU A 179 -8.97 4.24 -45.87
CA GLU A 179 -7.56 3.82 -45.96
C GLU A 179 -7.38 2.32 -45.73
N ALA A 180 -8.17 1.75 -44.82
CA ALA A 180 -8.18 0.31 -44.57
C ALA A 180 -8.64 -0.48 -45.80
N LYS A 181 -9.64 0.06 -46.51
CA LYS A 181 -10.11 -0.52 -47.78
C LYS A 181 -9.02 -0.45 -48.85
N GLU A 182 -8.42 0.73 -49.02
CA GLU A 182 -7.30 0.92 -49.96
C GLU A 182 -6.13 -0.02 -49.66
N TYR A 183 -5.86 -0.25 -48.38
CA TYR A 183 -4.77 -1.12 -47.94
C TYR A 183 -5.03 -2.61 -48.20
N GLY A 184 -6.30 -3.02 -48.22
CA GLY A 184 -6.70 -4.41 -48.39
C GLY A 184 -7.08 -5.12 -47.10
N LEU A 185 -7.16 -4.39 -45.99
CA LEU A 185 -7.61 -4.93 -44.70
C LEU A 185 -9.12 -5.18 -44.68
N ILE A 186 -9.87 -4.35 -45.40
CA ILE A 186 -11.30 -4.57 -45.63
C ILE A 186 -11.62 -4.48 -47.12
N ASP A 187 -12.83 -4.90 -47.48
CA ASP A 187 -13.29 -4.90 -48.86
C ASP A 187 -14.16 -3.70 -49.22
N GLU A 188 -14.95 -3.21 -48.26
CA GLU A 188 -15.87 -2.09 -48.51
C GLU A 188 -16.13 -1.29 -47.24
N VAL A 189 -16.28 0.02 -47.41
CA VAL A 189 -16.77 0.90 -46.36
C VAL A 189 -18.29 0.93 -46.49
N MET A 190 -18.98 0.43 -45.46
CA MET A 190 -20.43 0.29 -45.49
C MET A 190 -21.08 1.64 -45.26
N VAL A 191 -21.72 2.19 -46.31
CA VAL A 191 -22.29 3.55 -46.26
C VAL A 191 -23.76 3.53 -45.82
N PRO A 192 -24.21 4.60 -45.12
CA PRO A 192 -25.60 4.65 -44.64
C PRO A 192 -26.59 5.03 -45.75
N GLU A 193 -27.76 4.40 -45.74
CA GLU A 193 -28.83 4.72 -46.68
C GLU A 193 -29.50 6.04 -46.28
N THR A 194 -29.32 7.07 -47.11
CA THR A 194 -29.84 8.41 -46.81
C THR A 194 -31.36 8.49 -47.02
N LEU B 3 -19.20 -12.30 -20.06
CA LEU B 3 -20.60 -12.72 -20.37
C LEU B 3 -20.63 -13.94 -21.31
N ILE B 4 -20.96 -15.10 -20.75
CA ILE B 4 -21.05 -16.35 -21.52
C ILE B 4 -22.44 -16.40 -22.16
N PRO B 5 -22.50 -16.51 -23.51
CA PRO B 5 -23.80 -16.47 -24.19
C PRO B 5 -24.63 -17.74 -24.00
N THR B 6 -25.96 -17.58 -24.12
CA THR B 6 -26.92 -18.67 -23.97
C THR B 6 -27.46 -19.09 -25.35
N VAL B 7 -27.73 -20.38 -25.51
CA VAL B 7 -28.32 -20.94 -26.73
C VAL B 7 -29.52 -21.81 -26.37
N ILE B 8 -30.57 -21.74 -27.20
CA ILE B 8 -31.83 -22.45 -26.95
C ILE B 8 -32.11 -23.44 -28.08
N GLU B 9 -32.10 -24.73 -27.74
CA GLU B 9 -32.38 -25.80 -28.71
C GLU B 9 -33.83 -26.27 -28.59
N GLU B 15 -38.25 -26.77 -25.48
CA GLU B 15 -37.14 -25.81 -25.43
C GLU B 15 -36.22 -26.10 -24.24
N ARG B 16 -34.92 -25.85 -24.44
CA ARG B 16 -33.92 -26.08 -23.40
C ARG B 16 -32.75 -25.08 -23.55
N ALA B 17 -32.58 -24.22 -22.57
CA ALA B 17 -31.52 -23.21 -22.57
C ALA B 17 -30.20 -23.80 -22.06
N TYR B 18 -29.12 -23.50 -22.76
CA TYR B 18 -27.76 -23.92 -22.40
C TYR B 18 -26.82 -22.73 -22.49
N ASP B 19 -25.92 -22.58 -21.52
CA ASP B 19 -24.74 -21.74 -21.73
C ASP B 19 -23.86 -22.45 -22.77
N ILE B 20 -23.11 -21.68 -23.56
CA ILE B 20 -22.39 -22.21 -24.73
C ILE B 20 -21.50 -23.43 -24.41
N TYR B 21 -20.82 -23.40 -23.27
CA TYR B 21 -19.89 -24.49 -22.89
C TYR B 21 -20.64 -25.76 -22.50
N SER B 22 -21.76 -25.62 -21.79
CA SER B 22 -22.64 -26.74 -21.46
C SER B 22 -23.28 -27.36 -22.71
N ARG B 23 -23.60 -26.54 -23.70
CA ARG B 23 -24.09 -27.03 -24.99
C ARG B 23 -23.02 -27.87 -25.70
N LEU B 24 -21.77 -27.41 -25.66
CA LEU B 24 -20.65 -28.20 -26.21
C LEU B 24 -20.46 -29.52 -25.45
N LEU B 25 -20.60 -29.48 -24.12
CA LEU B 25 -20.52 -30.69 -23.29
C LEU B 25 -21.57 -31.75 -23.65
N LYS B 26 -22.75 -31.30 -24.10
CA LYS B 26 -23.80 -32.21 -24.60
C LYS B 26 -23.31 -33.07 -25.77
N ASP B 27 -22.47 -32.50 -26.63
CA ASP B 27 -21.83 -33.24 -27.74
C ASP B 27 -20.41 -33.74 -27.41
N ARG B 28 -20.16 -34.05 -26.13
CA ARG B 28 -18.92 -34.69 -25.66
C ARG B 28 -17.65 -33.85 -25.89
N ILE B 29 -17.81 -32.52 -25.78
CA ILE B 29 -16.70 -31.58 -25.94
C ILE B 29 -16.36 -30.96 -24.59
N ILE B 30 -15.09 -31.09 -24.18
CA ILE B 30 -14.60 -30.50 -22.93
C ILE B 30 -13.61 -29.38 -23.28
N MET B 31 -13.69 -28.28 -22.53
CA MET B 31 -12.85 -27.10 -22.75
C MET B 31 -11.77 -27.01 -21.67
N LEU B 32 -10.51 -27.16 -22.08
CA LEU B 32 -9.36 -26.78 -21.25
C LEU B 32 -8.83 -25.46 -21.81
N GLY B 33 -9.46 -24.37 -21.39
CA GLY B 33 -9.19 -23.04 -21.93
C GLY B 33 -8.60 -22.03 -20.96
N SER B 34 -7.90 -22.52 -19.95
CA SER B 34 -7.34 -21.66 -18.90
C SER B 34 -6.08 -22.28 -18.28
N GLN B 35 -5.46 -21.54 -17.37
CA GLN B 35 -4.36 -22.06 -16.56
C GLN B 35 -4.86 -23.25 -15.74
N ILE B 36 -4.05 -24.30 -15.69
CA ILE B 36 -4.42 -25.54 -15.00
C ILE B 36 -4.13 -25.40 -13.50
N ASP B 37 -5.20 -25.35 -12.71
CA ASP B 37 -5.13 -25.47 -11.25
C ASP B 37 -6.06 -26.61 -10.81
N ASP B 38 -6.15 -26.85 -9.50
CA ASP B 38 -6.98 -27.94 -8.99
C ASP B 38 -8.46 -27.82 -9.38
N ASN B 39 -9.00 -26.60 -9.35
CA ASN B 39 -10.40 -26.35 -9.76
C ASN B 39 -10.69 -26.75 -11.21
N VAL B 40 -9.78 -26.39 -12.12
CA VAL B 40 -9.90 -26.76 -13.53
C VAL B 40 -9.79 -28.26 -13.72
N ALA B 41 -8.84 -28.89 -12.99
CA ALA B 41 -8.69 -30.34 -13.00
C ALA B 41 -9.94 -31.05 -12.48
N ASN B 42 -10.50 -30.57 -11.37
CA ASN B 42 -11.71 -31.16 -10.78
C ASN B 42 -12.90 -31.12 -11.73
N SER B 43 -13.05 -29.99 -12.43
CA SER B 43 -14.13 -29.83 -13.42
C SER B 43 -13.94 -30.79 -14.61
N ILE B 44 -12.73 -30.81 -15.17
CA ILE B 44 -12.45 -31.63 -16.35
C ILE B 44 -12.56 -33.14 -16.07
N VAL B 45 -12.01 -33.61 -14.94
CA VAL B 45 -12.13 -35.03 -14.58
C VAL B 45 -13.59 -35.44 -14.33
N SER B 46 -14.37 -34.54 -13.71
CA SER B 46 -15.81 -34.75 -13.52
C SER B 46 -16.57 -34.83 -14.84
N GLN B 47 -16.22 -33.95 -15.79
CA GLN B 47 -16.78 -33.99 -17.14
C GLN B 47 -16.41 -35.29 -17.88
N LEU B 48 -15.15 -35.71 -17.74
CA LEU B 48 -14.69 -36.97 -18.34
C LEU B 48 -15.44 -38.18 -17.77
N LEU B 49 -15.61 -38.20 -16.45
CA LEU B 49 -16.36 -39.27 -15.77
C LEU B 49 -17.83 -39.31 -16.22
N PHE B 50 -18.43 -38.13 -16.32
CA PHE B 50 -19.82 -37.99 -16.78
C PHE B 50 -20.01 -38.51 -18.21
N LEU B 51 -19.13 -38.10 -19.11
CA LEU B 51 -19.23 -38.47 -20.52
C LEU B 51 -19.01 -39.97 -20.78
N GLN B 52 -18.05 -40.55 -20.05
CA GLN B 52 -17.85 -42.04 -20.24
CA GLN B 52 -17.80 -42.03 -20.15
C GLN B 52 -19.00 -42.85 -19.62
N ALA B 53 -19.58 -42.29 -18.57
CA ALA B 53 -20.79 -42.88 -18.00
C ALA B 53 -21.97 -42.79 -18.98
N GLN B 54 -22.15 -41.62 -19.61
CA GLN B 54 -23.19 -41.43 -20.63
C GLN B 54 -23.03 -42.37 -21.83
N ASP B 55 -21.79 -42.53 -22.29
CA ASP B 55 -21.48 -43.41 -23.42
C ASP B 55 -20.01 -43.84 -23.34
N SER B 56 -19.79 -45.14 -23.12
CA SER B 56 -18.44 -45.69 -22.99
C SER B 56 -17.68 -45.88 -24.31
N GLU B 57 -18.39 -45.78 -25.44
CA GLU B 57 -17.82 -46.04 -26.77
C GLU B 57 -17.48 -44.78 -27.58
N LYS B 58 -18.34 -43.76 -27.52
CA LYS B 58 -18.19 -42.56 -28.36
C LYS B 58 -17.01 -41.70 -27.93
N ASP B 59 -16.28 -41.15 -28.91
CA ASP B 59 -15.12 -40.29 -28.64
C ASP B 59 -15.49 -39.05 -27.82
N ILE B 60 -14.53 -38.58 -27.03
CA ILE B 60 -14.60 -37.31 -26.32
C ILE B 60 -13.61 -36.38 -27.01
N TYR B 61 -13.92 -35.08 -27.02
CA TYR B 61 -13.10 -34.06 -27.68
C TYR B 61 -12.61 -33.05 -26.64
N LEU B 62 -11.29 -33.04 -26.41
CA LEU B 62 -10.69 -32.11 -25.44
C LEU B 62 -10.01 -30.95 -26.18
N TYR B 63 -10.62 -29.78 -26.08
CA TYR B 63 -10.08 -28.52 -26.59
C TYR B 63 -8.99 -28.04 -25.65
N ILE B 64 -7.82 -27.70 -26.18
CA ILE B 64 -6.69 -27.21 -25.37
C ILE B 64 -6.22 -25.84 -25.86
N ASN B 65 -6.56 -24.80 -25.09
CA ASN B 65 -5.95 -23.47 -25.22
C ASN B 65 -5.47 -23.08 -23.82
N SER B 66 -4.27 -23.53 -23.46
CA SER B 66 -3.80 -23.43 -22.06
C SER B 66 -2.29 -23.22 -21.96
N PRO B 67 -1.85 -22.34 -21.03
CA PRO B 67 -0.42 -22.19 -20.75
C PRO B 67 0.11 -23.22 -19.74
N GLY B 68 -0.69 -24.24 -19.39
CA GLY B 68 -0.29 -25.24 -18.40
C GLY B 68 -0.59 -24.74 -17.00
N GLY B 69 0.25 -25.17 -16.05
CA GLY B 69 0.07 -24.79 -14.64
C GLY B 69 0.53 -25.92 -13.74
N SER B 70 -0.31 -26.30 -12.77
CA SER B 70 0.04 -27.33 -11.79
C SER B 70 0.24 -28.70 -12.44
N VAL B 71 1.35 -29.36 -12.08
CA VAL B 71 1.70 -30.67 -12.62
C VAL B 71 0.77 -31.74 -12.08
N THR B 72 0.49 -31.71 -10.78
CA THR B 72 -0.42 -32.68 -10.15
C THR B 72 -1.85 -32.52 -10.66
N ALA B 73 -2.29 -31.28 -10.85
CA ALA B 73 -3.60 -31.00 -11.46
C ALA B 73 -3.65 -31.52 -12.90
N GLY B 74 -2.56 -31.36 -13.63
CA GLY B 74 -2.42 -31.93 -14.97
C GLY B 74 -2.48 -33.45 -14.97
N PHE B 75 -1.81 -34.08 -14.01
CA PHE B 75 -1.83 -35.55 -13.89
C PHE B 75 -3.19 -36.11 -13.44
N ALA B 76 -3.98 -35.31 -12.74
CA ALA B 76 -5.38 -35.65 -12.46
C ALA B 76 -6.14 -35.86 -13.77
N ILE B 77 -5.97 -34.91 -14.70
CA ILE B 77 -6.60 -34.99 -16.02
C ILE B 77 -6.00 -36.13 -16.84
N TYR B 78 -4.66 -36.22 -16.85
CA TYR B 78 -3.94 -37.27 -17.60
C TYR B 78 -4.42 -38.67 -17.22
N ASP B 79 -4.38 -38.98 -15.92
CA ASP B 79 -4.77 -40.31 -15.44
C ASP B 79 -6.23 -40.64 -15.71
N THR B 80 -7.10 -39.65 -15.60
CA THR B 80 -8.53 -39.83 -15.92
C THR B 80 -8.73 -40.15 -17.41
N ILE B 81 -7.99 -39.46 -18.28
CA ILE B 81 -8.05 -39.74 -19.73
C ILE B 81 -7.65 -41.19 -20.03
N GLN B 82 -6.54 -41.65 -19.46
CA GLN B 82 -6.04 -43.00 -19.75
C GLN B 82 -6.91 -44.12 -19.17
N HIS B 83 -7.54 -43.86 -18.01
CA HIS B 83 -8.38 -44.88 -17.37
C HIS B 83 -9.68 -45.15 -18.10
N ILE B 84 -10.38 -44.09 -18.52
CA ILE B 84 -11.70 -44.23 -19.14
C ILE B 84 -11.64 -44.94 -20.49
N LYS B 85 -12.72 -45.62 -20.84
CA LYS B 85 -12.78 -46.41 -22.08
C LYS B 85 -12.80 -45.58 -23.37
N PRO B 86 -13.59 -44.49 -23.42
CA PRO B 86 -13.63 -43.69 -24.66
C PRO B 86 -12.30 -43.07 -25.04
N ASP B 87 -12.01 -42.99 -26.34
CA ASP B 87 -10.88 -42.22 -26.84
C ASP B 87 -11.12 -40.74 -26.54
N VAL B 88 -10.11 -40.07 -25.99
CA VAL B 88 -10.15 -38.63 -25.78
C VAL B 88 -9.28 -37.99 -26.85
N GLN B 89 -9.92 -37.37 -27.84
CA GLN B 89 -9.21 -36.60 -28.87
C GLN B 89 -8.73 -35.30 -28.25
N THR B 90 -7.54 -34.85 -28.66
CA THR B 90 -7.02 -33.55 -28.22
C THR B 90 -6.81 -32.65 -29.43
N ILE B 91 -7.22 -31.40 -29.31
CA ILE B 91 -7.02 -30.41 -30.37
C ILE B 91 -6.47 -29.12 -29.78
N CYS B 92 -5.26 -28.75 -30.20
CA CYS B 92 -4.63 -27.51 -29.76
C CYS B 92 -5.09 -26.37 -30.66
N ILE B 93 -5.74 -25.39 -30.04
CA ILE B 93 -6.22 -24.19 -30.72
C ILE B 93 -5.69 -23.01 -29.92
N GLY B 94 -4.95 -22.12 -30.58
CA GLY B 94 -4.31 -20.99 -29.91
C GLY B 94 -2.94 -21.38 -29.39
N MET B 95 -2.89 -21.97 -28.20
CA MET B 95 -1.61 -22.41 -27.62
C MET B 95 -1.73 -23.52 -26.58
N ALA B 96 -0.74 -24.40 -26.58
CA ALA B 96 -0.59 -25.43 -25.55
C ALA B 96 0.83 -25.35 -25.03
N ALA B 97 0.99 -24.82 -23.82
CA ALA B 97 2.31 -24.67 -23.20
C ALA B 97 2.42 -25.51 -21.94
N SER B 98 3.62 -26.05 -21.71
CA SER B 98 3.96 -26.72 -20.47
C SER B 98 3.03 -27.92 -20.22
N MET B 99 2.30 -27.97 -19.11
CA MET B 99 1.39 -29.10 -18.83
C MET B 99 0.22 -29.20 -19.82
N GLY B 100 -0.10 -28.10 -20.51
CA GLY B 100 -1.06 -28.12 -21.62
C GLY B 100 -0.57 -28.92 -22.82
N SER B 101 0.71 -28.77 -23.17
CA SER B 101 1.33 -29.55 -24.24
C SER B 101 1.50 -31.03 -23.85
N PHE B 102 1.71 -31.28 -22.55
CA PHE B 102 1.75 -32.64 -22.03
C PHE B 102 0.41 -33.35 -22.23
N LEU B 103 -0.67 -32.65 -21.88
CA LEU B 103 -2.03 -33.19 -22.08
C LEU B 103 -2.42 -33.31 -23.55
N LEU B 104 -1.94 -32.39 -24.40
CA LEU B 104 -2.09 -32.50 -25.86
C LEU B 104 -1.50 -33.82 -26.37
N ALA B 105 -0.29 -34.14 -25.92
CA ALA B 105 0.39 -35.39 -26.27
C ALA B 105 -0.26 -36.65 -25.67
N ALA B 106 -1.04 -36.47 -24.61
CA ALA B 106 -1.74 -37.57 -23.92
C ALA B 106 -3.06 -38.02 -24.56
N GLY B 107 -3.52 -37.35 -25.61
CA GLY B 107 -4.74 -37.75 -26.32
C GLY B 107 -4.60 -39.09 -27.03
N ALA B 108 -5.73 -39.64 -27.45
CA ALA B 108 -5.75 -40.97 -28.09
C ALA B 108 -4.84 -41.02 -29.31
N LYS B 109 -4.07 -42.12 -29.43
CA LYS B 109 -3.10 -42.29 -30.51
C LYS B 109 -3.80 -42.22 -31.87
N GLY B 110 -3.30 -41.33 -32.74
CA GLY B 110 -3.92 -41.03 -34.02
C GLY B 110 -4.99 -39.93 -33.99
N LYS B 111 -5.34 -39.43 -32.80
CA LYS B 111 -6.39 -38.42 -32.65
C LYS B 111 -5.91 -37.21 -31.82
N ARG B 112 -4.65 -36.84 -31.99
CA ARG B 112 -4.08 -35.64 -31.38
C ARG B 112 -3.85 -34.65 -32.51
N PHE B 113 -4.45 -33.46 -32.40
CA PHE B 113 -4.47 -32.48 -33.48
C PHE B 113 -4.02 -31.10 -33.03
N ALA B 114 -3.65 -30.28 -34.00
CA ALA B 114 -3.47 -28.85 -33.80
C ALA B 114 -3.86 -28.11 -35.07
N LEU B 115 -4.42 -26.92 -34.93
CA LEU B 115 -4.71 -26.06 -36.08
C LEU B 115 -3.41 -25.38 -36.53
N PRO B 116 -3.34 -24.95 -37.80
CA PRO B 116 -2.05 -24.60 -38.44
C PRO B 116 -1.19 -23.53 -37.75
N ASN B 117 -1.84 -22.55 -37.12
CA ASN B 117 -1.15 -21.45 -36.43
C ASN B 117 -1.13 -21.59 -34.90
N ALA B 118 -1.51 -22.76 -34.39
CA ALA B 118 -1.46 -23.04 -32.96
C ALA B 118 -0.01 -23.18 -32.49
N GLU B 119 0.25 -22.72 -31.27
CA GLU B 119 1.58 -22.67 -30.70
C GLU B 119 1.74 -23.76 -29.65
N VAL B 120 2.79 -24.57 -29.76
CA VAL B 120 3.10 -25.60 -28.77
C VAL B 120 4.45 -25.28 -28.14
N MET B 121 4.52 -25.34 -26.80
CA MET B 121 5.76 -25.08 -26.08
C MET B 121 6.01 -26.15 -25.03
N ILE B 122 7.26 -26.62 -24.98
CA ILE B 122 7.70 -27.60 -23.98
C ILE B 122 8.91 -27.03 -23.24
N HIS B 123 8.98 -27.27 -21.93
CA HIS B 123 10.12 -26.85 -21.10
C HIS B 123 10.18 -27.64 -19.78
N GLN B 124 11.02 -27.19 -18.85
CA GLN B 124 11.14 -27.86 -17.54
C GLN B 124 9.97 -27.55 -16.61
N PRO B 125 9.72 -28.43 -15.63
CA PRO B 125 8.86 -28.04 -14.50
C PRO B 125 9.45 -26.87 -13.74
N LEU B 126 8.58 -25.98 -13.26
CA LEU B 126 8.98 -24.82 -12.46
C LEU B 126 8.56 -25.03 -11.02
N GLY B 127 9.32 -24.46 -10.09
CA GLY B 127 8.99 -24.54 -8.68
C GLY B 127 9.87 -23.65 -7.82
N GLY B 128 9.81 -23.90 -6.52
CA GLY B 128 10.59 -23.13 -5.56
C GLY B 128 10.70 -23.81 -4.21
N ALA B 129 11.64 -23.32 -3.41
CA ALA B 129 11.86 -23.85 -2.07
C ALA B 129 12.62 -22.83 -1.23
N GLN B 130 12.22 -22.67 0.02
CA GLN B 130 12.88 -21.79 0.96
C GLN B 130 12.95 -22.47 2.33
N GLY B 131 14.08 -22.30 3.02
CA GLY B 131 14.28 -22.84 4.35
C GLY B 131 15.61 -23.55 4.51
N GLN B 132 15.62 -24.60 5.32
CA GLN B 132 16.85 -25.34 5.65
C GLN B 132 17.41 -26.09 4.44
N ALA B 133 18.72 -26.36 4.48
CA ALA B 133 19.40 -27.09 3.40
C ALA B 133 18.75 -28.44 3.09
N THR B 134 18.34 -29.18 4.12
CA THR B 134 17.65 -30.47 3.94
C THR B 134 16.25 -30.31 3.36
N GLU B 135 15.58 -29.21 3.66
CA GLU B 135 14.29 -28.88 3.06
C GLU B 135 14.42 -28.54 1.56
N ILE B 136 15.49 -27.83 1.20
CA ILE B 136 15.79 -27.51 -0.20
C ILE B 136 16.13 -28.80 -0.98
N GLU B 137 16.85 -29.71 -0.33
CA GLU B 137 17.18 -31.02 -0.91
C GLU B 137 15.92 -31.84 -1.23
N ILE B 138 14.98 -31.88 -0.29
CA ILE B 138 13.70 -32.58 -0.49
C ILE B 138 12.92 -32.00 -1.67
N ALA B 139 12.85 -30.67 -1.72
CA ALA B 139 12.17 -29.97 -2.81
C ALA B 139 12.85 -30.22 -4.17
N ALA B 140 14.18 -30.21 -4.17
CA ALA B 140 14.96 -30.47 -5.38
C ALA B 140 14.79 -31.91 -5.88
N ASN B 141 14.87 -32.87 -4.97
CA ASN B 141 14.65 -34.28 -5.33
C ASN B 141 13.25 -34.51 -5.88
N HIS B 142 12.25 -33.87 -5.26
CA HIS B 142 10.85 -33.97 -5.70
C HIS B 142 10.64 -33.45 -7.13
N ILE B 143 11.12 -32.24 -7.41
CA ILE B 143 10.93 -31.64 -8.74
C ILE B 143 11.74 -32.35 -9.83
N LEU B 144 12.93 -32.86 -9.49
CA LEU B 144 13.72 -33.68 -10.41
C LEU B 144 13.04 -35.01 -10.74
N LYS B 145 12.47 -35.65 -9.72
CA LYS B 145 11.67 -36.88 -9.91
C LYS B 145 10.40 -36.61 -10.73
N THR B 146 9.78 -35.45 -10.50
CA THR B 146 8.62 -35.01 -11.29
C THR B 146 8.99 -34.81 -12.77
N ARG B 147 10.16 -34.24 -13.04
CA ARG B 147 10.64 -34.07 -14.42
C ARG B 147 10.91 -35.41 -15.10
N GLU B 148 11.56 -36.34 -14.39
CA GLU B 148 11.84 -37.67 -14.92
C GLU B 148 10.55 -38.42 -15.28
N LYS B 149 9.55 -38.29 -14.41
CA LYS B 149 8.20 -38.82 -14.62
C LYS B 149 7.54 -38.26 -15.88
N LEU B 150 7.58 -36.93 -16.04
CA LEU B 150 7.04 -36.25 -17.22
C LEU B 150 7.77 -36.62 -18.51
N ASN B 151 9.10 -36.62 -18.46
CA ASN B 151 9.93 -36.94 -19.63
C ASN B 151 9.78 -38.39 -20.07
N ARG B 152 9.66 -39.31 -19.10
CA ARG B 152 9.44 -40.73 -19.38
C ARG B 152 8.12 -40.96 -20.13
N ILE B 153 7.06 -40.30 -19.67
CA ILE B 153 5.75 -40.37 -20.33
C ILE B 153 5.80 -39.70 -21.71
N LEU B 154 6.43 -38.53 -21.81
CA LEU B 154 6.61 -37.86 -23.10
C LEU B 154 7.36 -38.72 -24.12
N SER B 155 8.41 -39.40 -23.65
CA SER B 155 9.16 -40.35 -24.48
C SER B 155 8.25 -41.45 -25.04
N GLU B 156 7.40 -42.00 -24.18
CA GLU B 156 6.43 -43.04 -24.57
C GLU B 156 5.38 -42.51 -25.56
N ARG B 157 4.88 -41.29 -25.31
CA ARG B 157 3.84 -40.68 -26.15
C ARG B 157 4.33 -40.16 -27.50
N THR B 158 5.58 -39.69 -27.55
CA THR B 158 6.15 -39.10 -28.77
C THR B 158 7.00 -40.06 -29.61
N GLY B 159 7.61 -41.04 -28.96
CA GLY B 159 8.58 -41.93 -29.62
C GLY B 159 10.01 -41.38 -29.62
N GLN B 160 10.23 -40.24 -28.96
CA GLN B 160 11.57 -39.67 -28.81
C GLN B 160 12.23 -40.31 -27.60
N SER B 161 13.56 -40.34 -27.60
CA SER B 161 14.32 -40.87 -26.46
C SER B 161 14.22 -39.92 -25.27
N ILE B 162 14.36 -40.45 -24.06
CA ILE B 162 14.37 -39.66 -22.83
C ILE B 162 15.52 -38.64 -22.84
N GLU B 163 16.64 -39.00 -23.46
CA GLU B 163 17.81 -38.12 -23.56
C GLU B 163 17.52 -36.91 -24.44
N LYS B 164 16.81 -37.14 -25.56
CA LYS B 164 16.38 -36.05 -26.45
C LYS B 164 15.35 -35.13 -25.80
N ILE B 165 14.38 -35.71 -25.08
CA ILE B 165 13.36 -34.93 -24.36
C ILE B 165 14.03 -34.02 -23.33
N GLN B 166 14.97 -34.57 -22.55
CA GLN B 166 15.74 -33.83 -21.55
C GLN B 166 16.42 -32.60 -22.18
N LYS B 167 17.12 -32.81 -23.30
CA LYS B 167 17.83 -31.74 -23.99
C LYS B 167 16.88 -30.67 -24.55
N ASP B 168 15.81 -31.12 -25.21
CA ASP B 168 14.85 -30.22 -25.87
C ASP B 168 13.94 -29.45 -24.90
N THR B 169 13.83 -29.89 -23.65
CA THR B 169 13.03 -29.21 -22.63
C THR B 169 13.87 -28.43 -21.61
N ASP B 170 15.19 -28.34 -21.83
CA ASP B 170 16.10 -27.63 -20.91
C ASP B 170 15.75 -26.15 -20.80
N ARG B 171 15.41 -25.54 -21.94
CA ARG B 171 14.94 -24.16 -22.01
C ARG B 171 13.56 -24.14 -22.66
N ASP B 172 12.93 -22.96 -22.69
CA ASP B 172 11.66 -22.78 -23.42
C ASP B 172 11.86 -23.14 -24.88
N ASN B 173 11.04 -24.10 -25.37
CA ASN B 173 11.16 -24.62 -26.72
C ASN B 173 9.82 -24.48 -27.43
N PHE B 174 9.69 -23.40 -28.22
CA PHE B 174 8.47 -23.15 -28.99
C PHE B 174 8.47 -23.94 -30.29
N LEU B 175 7.35 -24.60 -30.57
CA LEU B 175 7.17 -25.41 -31.77
C LEU B 175 5.95 -24.93 -32.54
N THR B 176 6.06 -24.93 -33.87
CA THR B 176 4.89 -24.75 -34.73
C THR B 176 4.04 -26.03 -34.70
N ALA B 177 2.85 -25.95 -35.28
CA ALA B 177 1.97 -27.12 -35.39
C ALA B 177 2.66 -28.27 -36.16
N GLU B 178 3.29 -27.94 -37.28
CA GLU B 178 4.01 -28.92 -38.09
C GLU B 178 5.21 -29.52 -37.34
N GLU B 179 5.95 -28.68 -36.63
CA GLU B 179 7.06 -29.14 -35.79
C GLU B 179 6.59 -30.06 -34.65
N ALA B 180 5.44 -29.75 -34.06
CA ALA B 180 4.84 -30.61 -33.03
C ALA B 180 4.45 -31.99 -33.58
N LYS B 181 3.96 -32.02 -34.83
CA LYS B 181 3.67 -33.27 -35.52
C LYS B 181 4.94 -34.07 -35.80
N GLU B 182 5.97 -33.40 -36.32
CA GLU B 182 7.28 -34.03 -36.55
C GLU B 182 7.90 -34.57 -35.27
N TYR B 183 7.69 -33.86 -34.16
CA TYR B 183 8.20 -34.26 -32.84
C TYR B 183 7.46 -35.47 -32.25
N GLY B 184 6.20 -35.63 -32.61
CA GLY B 184 5.35 -36.72 -32.10
C GLY B 184 4.39 -36.30 -31.00
N LEU B 185 4.30 -34.99 -30.73
CA LEU B 185 3.34 -34.46 -29.75
C LEU B 185 1.90 -34.48 -30.26
N ILE B 186 1.74 -34.35 -31.58
CA ILE B 186 0.45 -34.52 -32.25
C ILE B 186 0.61 -35.45 -33.45
N ASP B 187 -0.53 -35.90 -33.97
CA ASP B 187 -0.57 -36.82 -35.11
C ASP B 187 -0.80 -36.12 -36.44
N GLU B 188 -1.62 -35.08 -36.45
CA GLU B 188 -1.94 -34.34 -37.67
C GLU B 188 -2.17 -32.85 -37.42
N VAL B 189 -1.71 -32.03 -38.36
CA VAL B 189 -2.08 -30.62 -38.42
C VAL B 189 -3.39 -30.56 -39.21
N MET B 190 -4.44 -30.04 -38.57
CA MET B 190 -5.77 -30.03 -39.17
C MET B 190 -5.86 -28.86 -40.15
N VAL B 191 -6.03 -29.17 -41.42
CA VAL B 191 -6.08 -28.15 -42.49
C VAL B 191 -7.53 -27.85 -42.90
N PRO B 192 -7.79 -26.64 -43.46
CA PRO B 192 -9.12 -26.34 -43.97
C PRO B 192 -9.53 -27.23 -45.15
N GLU B 193 -10.81 -27.62 -45.18
CA GLU B 193 -11.34 -28.50 -46.23
C GLU B 193 -11.52 -27.76 -47.55
N LEU C 3 -16.16 -21.36 -14.24
CA LEU C 3 -17.55 -21.68 -14.69
C LEU C 3 -17.83 -23.18 -14.61
N ILE C 4 -18.77 -23.56 -13.74
CA ILE C 4 -19.15 -24.96 -13.54
C ILE C 4 -20.20 -25.33 -14.60
N PRO C 5 -19.90 -26.35 -15.44
CA PRO C 5 -20.83 -26.68 -16.53
C PRO C 5 -22.10 -27.40 -16.06
N THR C 6 -23.17 -27.23 -16.84
CA THR C 6 -24.48 -27.82 -16.54
C THR C 6 -24.73 -29.03 -17.43
N VAL C 7 -25.42 -30.03 -16.88
CA VAL C 7 -25.82 -31.24 -17.63
C VAL C 7 -27.30 -31.52 -17.38
N ILE C 8 -27.96 -32.15 -18.35
CA ILE C 8 -29.39 -32.47 -18.28
C ILE C 8 -29.60 -33.98 -18.45
N GLU C 9 -30.44 -34.55 -17.58
CA GLU C 9 -30.79 -35.97 -17.62
C GLU C 9 -32.21 -36.13 -18.16
N THR C 10 -32.31 -36.34 -19.47
CA THR C 10 -33.61 -36.51 -20.14
C THR C 10 -34.13 -37.92 -19.97
N GLU C 15 -36.83 -33.64 -17.58
CA GLU C 15 -35.53 -33.07 -17.91
C GLU C 15 -34.98 -32.21 -16.76
N ARG C 16 -34.27 -32.86 -15.83
CA ARG C 16 -33.70 -32.19 -14.66
C ARG C 16 -32.29 -31.69 -14.95
N ALA C 17 -32.07 -30.39 -14.74
CA ALA C 17 -30.76 -29.77 -14.95
C ALA C 17 -29.92 -29.83 -13.67
N TYR C 18 -28.66 -30.22 -13.82
CA TYR C 18 -27.70 -30.29 -12.71
C TYR C 18 -26.40 -29.61 -13.10
N ASP C 19 -25.79 -28.88 -12.16
CA ASP C 19 -24.36 -28.55 -12.27
C ASP C 19 -23.58 -29.86 -12.12
N ILE C 20 -22.40 -29.92 -12.76
CA ILE C 20 -21.65 -31.19 -12.87
C ILE C 20 -21.43 -31.90 -11.53
N TYR C 21 -21.14 -31.14 -10.47
CA TYR C 21 -20.86 -31.72 -9.16
C TYR C 21 -22.13 -32.26 -8.48
N SER C 22 -23.24 -31.55 -8.65
CA SER C 22 -24.55 -32.02 -8.17
C SER C 22 -25.01 -33.28 -8.89
N ARG C 23 -24.69 -33.41 -10.18
CA ARG C 23 -24.97 -34.62 -10.95
C ARG C 23 -24.18 -35.81 -10.41
N LEU C 24 -22.91 -35.59 -10.10
CA LEU C 24 -22.07 -36.62 -9.47
C LEU C 24 -22.62 -37.05 -8.11
N LEU C 25 -23.06 -36.08 -7.30
CA LEU C 25 -23.67 -36.35 -5.99
C LEU C 25 -24.92 -37.24 -6.08
N LYS C 26 -25.67 -37.14 -7.19
CA LYS C 26 -26.82 -38.01 -7.45
C LYS C 26 -26.43 -39.49 -7.53
N ASP C 27 -25.21 -39.78 -8.02
CA ASP C 27 -24.65 -41.14 -8.03
C ASP C 27 -23.66 -41.38 -6.87
N ARG C 28 -23.91 -40.73 -5.73
CA ARG C 28 -23.18 -40.97 -4.48
C ARG C 28 -21.68 -40.65 -4.54
N ILE C 29 -21.32 -39.61 -5.31
CA ILE C 29 -19.94 -39.15 -5.45
C ILE C 29 -19.78 -37.79 -4.77
N ILE C 30 -18.88 -37.72 -3.79
CA ILE C 30 -18.55 -36.47 -3.10
C ILE C 30 -17.14 -36.02 -3.53
N MET C 31 -16.99 -34.71 -3.73
CA MET C 31 -15.73 -34.12 -4.21
C MET C 31 -14.99 -33.39 -3.08
N LEU C 32 -13.82 -33.90 -2.72
CA LEU C 32 -12.87 -33.17 -1.89
C LEU C 32 -11.75 -32.70 -2.82
N GLY C 33 -12.01 -31.57 -3.50
CA GLY C 33 -11.12 -31.04 -4.54
C GLY C 33 -10.50 -29.70 -4.23
N SER C 34 -10.33 -29.38 -2.94
CA SER C 34 -9.79 -28.08 -2.53
C SER C 34 -9.09 -28.18 -1.17
N GLN C 35 -8.50 -27.07 -0.74
CA GLN C 35 -7.93 -26.96 0.59
C GLN C 35 -9.02 -27.17 1.64
N ILE C 36 -8.73 -27.98 2.65
CA ILE C 36 -9.69 -28.34 3.68
C ILE C 36 -9.79 -27.22 4.71
N ASP C 37 -10.94 -26.54 4.71
CA ASP C 37 -11.31 -25.60 5.78
C ASP C 37 -12.66 -26.03 6.36
N ASP C 38 -13.19 -25.26 7.30
CA ASP C 38 -14.48 -25.59 7.92
C ASP C 38 -15.65 -25.62 6.92
N ASN C 39 -15.64 -24.72 5.93
CA ASN C 39 -16.67 -24.69 4.89
C ASN C 39 -16.72 -25.99 4.06
N VAL C 40 -15.54 -26.46 3.64
CA VAL C 40 -15.42 -27.71 2.88
C VAL C 40 -15.86 -28.91 3.73
N ALA C 41 -15.46 -28.93 4.99
CA ALA C 41 -15.86 -29.98 5.93
C ALA C 41 -17.38 -30.01 6.16
N ASN C 42 -17.99 -28.84 6.34
CA ASN C 42 -19.45 -28.75 6.55
C ASN C 42 -20.23 -29.30 5.35
N SER C 43 -19.77 -28.97 4.15
CA SER C 43 -20.37 -29.44 2.91
C SER C 43 -20.25 -30.96 2.77
N ILE C 44 -19.05 -31.48 2.96
CA ILE C 44 -18.78 -32.93 2.83
C ILE C 44 -19.52 -33.73 3.90
N VAL C 45 -19.53 -33.24 5.14
CA VAL C 45 -20.27 -33.87 6.24
C VAL C 45 -21.78 -33.93 5.92
N SER C 46 -22.32 -32.82 5.43
CA SER C 46 -23.73 -32.74 5.03
C SER C 46 -24.07 -33.69 3.87
N GLN C 47 -23.18 -33.78 2.89
CA GLN C 47 -23.35 -34.71 1.77
C GLN C 47 -23.33 -36.18 2.21
N LEU C 48 -22.40 -36.52 3.11
CA LEU C 48 -22.32 -37.88 3.67
C LEU C 48 -23.59 -38.24 4.45
N LEU C 49 -24.09 -37.30 5.25
CA LEU C 49 -25.34 -37.49 6.01
C LEU C 49 -26.56 -37.63 5.09
N PHE C 50 -26.56 -36.89 3.97
CA PHE C 50 -27.62 -36.98 2.98
C PHE C 50 -27.64 -38.34 2.26
N LEU C 51 -26.46 -38.78 1.81
CA LEU C 51 -26.35 -40.03 1.04
C LEU C 51 -26.73 -41.28 1.84
N GLN C 52 -26.23 -41.36 3.08
CA GLN C 52 -26.57 -42.46 3.98
C GLN C 52 -28.07 -42.50 4.35
N ALA C 53 -28.70 -41.32 4.42
CA ALA C 53 -30.14 -41.22 4.64
C ALA C 53 -30.95 -41.75 3.45
N GLN C 54 -30.48 -41.50 2.23
CA GLN C 54 -31.10 -42.06 1.02
C GLN C 54 -30.93 -43.58 0.94
N ASP C 55 -29.71 -44.05 1.19
CA ASP C 55 -29.39 -45.48 1.15
C ASP C 55 -28.21 -45.78 2.07
N SER C 56 -28.46 -46.54 3.13
CA SER C 56 -27.44 -46.87 4.12
C SER C 56 -26.53 -48.05 3.74
N GLU C 57 -26.86 -48.76 2.65
CA GLU C 57 -26.10 -49.94 2.22
C GLU C 57 -25.18 -49.71 1.00
N LYS C 58 -25.61 -48.85 0.07
CA LYS C 58 -24.83 -48.56 -1.14
C LYS C 58 -23.56 -47.76 -0.83
N ASP C 59 -22.49 -48.03 -1.56
CA ASP C 59 -21.21 -47.35 -1.37
C ASP C 59 -21.27 -45.86 -1.73
N ILE C 60 -20.41 -45.08 -1.06
CA ILE C 60 -20.18 -43.68 -1.38
C ILE C 60 -18.75 -43.57 -1.90
N TYR C 61 -18.52 -42.64 -2.83
CA TYR C 61 -17.22 -42.47 -3.48
C TYR C 61 -16.67 -41.07 -3.20
N LEU C 62 -15.58 -41.01 -2.44
CA LEU C 62 -14.93 -39.74 -2.09
C LEU C 62 -13.72 -39.50 -2.99
N TYR C 63 -13.86 -38.54 -3.90
CA TYR C 63 -12.76 -38.06 -4.75
C TYR C 63 -11.84 -37.16 -3.92
N ILE C 64 -10.53 -37.39 -3.99
CA ILE C 64 -9.56 -36.59 -3.22
C ILE C 64 -8.48 -36.01 -4.15
N ASN C 65 -8.58 -34.70 -4.38
CA ASN C 65 -7.51 -33.91 -5.00
C ASN C 65 -7.32 -32.67 -4.12
N SER C 66 -6.53 -32.82 -3.06
CA SER C 66 -6.46 -31.81 -2.00
C SER C 66 -5.06 -31.71 -1.38
N PRO C 67 -4.58 -30.48 -1.10
CA PRO C 67 -3.33 -30.30 -0.36
C PRO C 67 -3.49 -30.39 1.17
N GLY C 68 -4.67 -30.76 1.65
CA GLY C 68 -4.95 -30.81 3.09
C GLY C 68 -5.41 -29.46 3.59
N GLY C 69 -5.11 -29.17 4.85
CA GLY C 69 -5.49 -27.92 5.48
C GLY C 69 -5.75 -28.11 6.96
N SER C 70 -6.91 -27.65 7.42
CA SER C 70 -7.27 -27.70 8.84
C SER C 70 -7.42 -29.15 9.33
N VAL C 71 -6.77 -29.46 10.45
CA VAL C 71 -6.80 -30.79 11.05
C VAL C 71 -8.18 -31.08 11.66
N THR C 72 -8.75 -30.09 12.36
CA THR C 72 -10.08 -30.24 12.95
C THR C 72 -11.17 -30.41 11.89
N ALA C 73 -11.08 -29.63 10.81
CA ALA C 73 -11.99 -29.78 9.66
C ALA C 73 -11.84 -31.15 9.00
N GLY C 74 -10.61 -31.64 8.92
CA GLY C 74 -10.35 -33.00 8.44
C GLY C 74 -10.97 -34.08 9.33
N PHE C 75 -10.89 -33.90 10.65
CA PHE C 75 -11.50 -34.84 11.60
C PHE C 75 -13.04 -34.80 11.62
N ALA C 76 -13.61 -33.66 11.23
CA ALA C 76 -15.06 -33.57 11.00
C ALA C 76 -15.48 -34.55 9.90
N ILE C 77 -14.72 -34.58 8.82
CA ILE C 77 -14.96 -35.48 7.70
C ILE C 77 -14.65 -36.93 8.11
N TYR C 78 -13.51 -37.13 8.79
CA TYR C 78 -13.09 -38.46 9.23
C TYR C 78 -14.15 -39.15 10.09
N ASP C 79 -14.55 -38.49 11.18
CA ASP C 79 -15.53 -39.07 12.12
C ASP C 79 -16.88 -39.38 11.46
N THR C 80 -17.32 -38.51 10.56
CA THR C 80 -18.55 -38.73 9.82
C THR C 80 -18.45 -39.98 8.92
N ILE C 81 -17.32 -40.14 8.24
CA ILE C 81 -17.07 -41.33 7.42
C ILE C 81 -17.16 -42.61 8.25
N GLN C 82 -16.53 -42.62 9.42
CA GLN C 82 -16.51 -43.83 10.27
C GLN C 82 -17.86 -44.13 10.93
N HIS C 83 -18.62 -43.10 11.26
CA HIS C 83 -19.93 -43.30 11.92
C HIS C 83 -21.00 -43.89 11.01
N ILE C 84 -21.09 -43.38 9.78
CA ILE C 84 -22.14 -43.81 8.85
C ILE C 84 -21.98 -45.26 8.41
N LYS C 85 -23.09 -45.91 8.09
CA LYS C 85 -23.09 -47.34 7.72
C LYS C 85 -22.45 -47.64 6.35
N PRO C 86 -22.73 -46.81 5.31
CA PRO C 86 -22.13 -47.05 4.00
C PRO C 86 -20.60 -47.06 3.98
N ASP C 87 -20.01 -47.93 3.17
CA ASP C 87 -18.58 -47.89 2.89
C ASP C 87 -18.29 -46.64 2.07
N VAL C 88 -17.37 -45.81 2.54
CA VAL C 88 -16.92 -44.64 1.79
C VAL C 88 -15.61 -45.00 1.10
N GLN C 89 -15.66 -45.20 -0.21
CA GLN C 89 -14.45 -45.46 -1.01
C GLN C 89 -13.71 -44.15 -1.18
N THR C 90 -12.38 -44.23 -1.21
CA THR C 90 -11.54 -43.05 -1.46
C THR C 90 -10.68 -43.29 -2.70
N ILE C 91 -10.55 -42.27 -3.53
CA ILE C 91 -9.70 -42.33 -4.72
C ILE C 91 -8.88 -41.05 -4.85
N CYS C 92 -7.55 -41.19 -4.83
CA CYS C 92 -6.65 -40.07 -5.00
C CYS C 92 -6.38 -39.86 -6.49
N ILE C 93 -6.76 -38.68 -6.99
CA ILE C 93 -6.52 -38.28 -8.37
C ILE C 93 -5.81 -36.93 -8.31
N GLY C 94 -4.64 -36.84 -8.92
CA GLY C 94 -3.80 -35.66 -8.87
C GLY C 94 -2.87 -35.68 -7.68
N MET C 95 -3.36 -35.21 -6.53
CA MET C 95 -2.54 -35.22 -5.31
C MET C 95 -3.36 -35.27 -4.02
N ALA C 96 -2.80 -35.93 -3.01
CA ALA C 96 -3.33 -35.94 -1.65
C ALA C 96 -2.18 -35.62 -0.72
N ALA C 97 -2.20 -34.43 -0.12
CA ALA C 97 -1.16 -34.01 0.81
C ALA C 97 -1.74 -33.77 2.19
N SER C 98 -0.95 -34.07 3.21
CA SER C 98 -1.26 -33.72 4.60
C SER C 98 -2.60 -34.35 5.05
N MET C 99 -3.59 -33.54 5.45
CA MET C 99 -4.88 -34.07 5.90
C MET C 99 -5.70 -34.71 4.77
N GLY C 100 -5.39 -34.38 3.52
CA GLY C 100 -5.96 -35.05 2.36
C GLY C 100 -5.51 -36.51 2.26
N SER C 101 -4.23 -36.76 2.52
CA SER C 101 -3.70 -38.13 2.55
C SER C 101 -4.19 -38.92 3.76
N PHE C 102 -4.43 -38.21 4.88
CA PHE C 102 -5.04 -38.81 6.07
C PHE C 102 -6.46 -39.31 5.75
N LEU C 103 -7.25 -38.50 5.05
CA LEU C 103 -8.60 -38.89 4.63
C LEU C 103 -8.60 -39.97 3.55
N LEU C 104 -7.59 -39.97 2.69
CA LEU C 104 -7.40 -41.06 1.71
C LEU C 104 -7.26 -42.42 2.41
N ALA C 105 -6.42 -42.46 3.44
CA ALA C 105 -6.22 -43.67 4.24
C ALA C 105 -7.44 -44.07 5.10
N ALA C 106 -8.33 -43.11 5.36
CA ALA C 106 -9.55 -43.33 6.15
C ALA C 106 -10.71 -43.98 5.41
N GLY C 107 -10.57 -44.21 4.10
CA GLY C 107 -11.61 -44.89 3.31
C GLY C 107 -11.82 -46.33 3.73
N ALA C 108 -12.91 -46.93 3.22
CA ALA C 108 -13.30 -48.30 3.59
C ALA C 108 -12.21 -49.32 3.28
N LYS C 109 -12.12 -50.35 4.12
CA LYS C 109 -11.08 -51.37 4.03
C LYS C 109 -11.16 -52.10 2.69
N GLY C 110 -10.09 -52.03 1.91
CA GLY C 110 -10.04 -52.64 0.57
C GLY C 110 -10.59 -51.78 -0.56
N LYS C 111 -11.03 -50.56 -0.26
CA LYS C 111 -11.62 -49.65 -1.25
C LYS C 111 -10.98 -48.26 -1.20
N ARG C 112 -9.66 -48.23 -0.99
CA ARG C 112 -8.87 -47.00 -1.02
C ARG C 112 -7.95 -47.09 -2.23
N PHE C 113 -8.06 -46.13 -3.14
CA PHE C 113 -7.40 -46.20 -4.44
C PHE C 113 -6.61 -44.95 -4.76
N ALA C 114 -5.70 -45.09 -5.73
CA ALA C 114 -5.04 -43.96 -6.36
C ALA C 114 -4.80 -44.30 -7.83
N LEU C 115 -4.86 -43.30 -8.70
CA LEU C 115 -4.48 -43.48 -10.10
C LEU C 115 -2.95 -43.45 -10.21
N PRO C 116 -2.38 -44.07 -11.27
CA PRO C 116 -0.94 -44.38 -11.31
C PRO C 116 0.04 -43.22 -11.08
N ASN C 117 -0.30 -42.04 -11.58
CA ASN C 117 0.55 -40.85 -11.46
C ASN C 117 0.11 -39.88 -10.34
N ALA C 118 -0.81 -40.32 -9.48
CA ALA C 118 -1.24 -39.52 -8.33
C ALA C 118 -0.12 -39.44 -7.29
N GLU C 119 -0.03 -38.29 -6.63
CA GLU C 119 1.03 -37.99 -5.67
C GLU C 119 0.45 -37.97 -4.26
N VAL C 120 1.06 -38.71 -3.34
CA VAL C 120 0.64 -38.73 -1.94
C VAL C 120 1.79 -38.19 -1.10
N MET C 121 1.50 -37.22 -0.24
CA MET C 121 2.50 -36.64 0.65
C MET C 121 2.05 -36.73 2.10
N ILE C 122 2.96 -37.16 2.97
CA ILE C 122 2.71 -37.20 4.41
C ILE C 122 3.80 -36.39 5.12
N HIS C 123 3.39 -35.67 6.16
CA HIS C 123 4.30 -34.88 6.98
C HIS C 123 3.60 -34.48 8.29
N GLN C 124 4.38 -34.01 9.25
CA GLN C 124 3.84 -33.63 10.56
C GLN C 124 2.98 -32.36 10.47
N PRO C 125 2.04 -32.17 11.43
CA PRO C 125 1.16 -31.00 11.36
C PRO C 125 1.90 -29.67 11.54
N LEU C 126 1.37 -28.63 10.90
CA LEU C 126 1.92 -27.29 10.97
C LEU C 126 1.06 -26.41 11.87
N GLY C 127 1.70 -25.42 12.48
CA GLY C 127 1.00 -24.49 13.37
C GLY C 127 1.82 -23.29 13.75
N GLY C 128 1.34 -22.57 14.76
CA GLY C 128 2.02 -21.37 15.24
C GLY C 128 1.60 -21.00 16.64
N ALA C 129 2.43 -20.17 17.29
CA ALA C 129 2.16 -19.67 18.62
C ALA C 129 2.91 -18.37 18.84
N GLN C 130 2.32 -17.44 19.58
CA GLN C 130 2.91 -16.14 19.87
C GLN C 130 2.38 -15.59 21.19
N GLY C 131 3.28 -15.06 22.02
CA GLY C 131 2.93 -14.46 23.31
C GLY C 131 3.82 -14.95 24.42
N GLN C 132 3.23 -15.15 25.60
CA GLN C 132 3.96 -15.55 26.80
C GLN C 132 4.48 -16.99 26.72
N ALA C 133 5.52 -17.29 27.49
CA ALA C 133 6.13 -18.63 27.51
C ALA C 133 5.11 -19.74 27.82
N THR C 134 4.24 -19.50 28.80
CA THR C 134 3.19 -20.46 29.16
C THR C 134 2.14 -20.62 28.05
N GLU C 135 1.87 -19.56 27.29
CA GLU C 135 0.99 -19.63 26.12
C GLU C 135 1.62 -20.45 24.99
N ILE C 136 2.93 -20.27 24.79
CA ILE C 136 3.69 -21.03 23.78
CA ILE C 136 3.68 -21.03 23.78
C ILE C 136 3.72 -22.51 24.17
N GLU C 137 3.89 -22.77 25.47
CA GLU C 137 3.88 -24.14 26.02
C GLU C 137 2.55 -24.86 25.75
N ILE C 138 1.44 -24.16 25.99
CA ILE C 138 0.10 -24.70 25.75
C ILE C 138 -0.12 -25.01 24.27
N ALA C 139 0.28 -24.08 23.40
CA ALA C 139 0.21 -24.29 21.95
C ALA C 139 1.09 -25.47 21.49
N ALA C 140 2.28 -25.58 22.07
CA ALA C 140 3.21 -26.66 21.76
C ALA C 140 2.70 -28.02 22.23
N ASN C 141 2.15 -28.08 23.44
CA ASN C 141 1.53 -29.31 23.96
C ASN C 141 0.31 -29.73 23.14
N HIS C 142 -0.45 -28.76 22.65
CA HIS C 142 -1.64 -29.02 21.82
C HIS C 142 -1.29 -29.67 20.48
N ILE C 143 -0.33 -29.08 19.77
CA ILE C 143 0.07 -29.58 18.44
C ILE C 143 0.82 -30.92 18.50
N LEU C 144 1.60 -31.13 19.57
CA LEU C 144 2.24 -32.43 19.81
C LEU C 144 1.21 -33.53 20.08
N LYS C 145 0.20 -33.21 20.89
CA LYS C 145 -0.89 -34.15 21.18
C LYS C 145 -1.74 -34.43 19.93
N THR C 146 -1.94 -33.40 19.11
CA THR C 146 -2.61 -33.54 17.81
C THR C 146 -1.83 -34.45 16.85
N ARG C 147 -0.50 -34.34 16.86
CA ARG C 147 0.34 -35.22 16.04
C ARG C 147 0.26 -36.68 16.49
N GLU C 148 0.32 -36.91 17.79
CA GLU C 148 0.16 -38.26 18.36
C GLU C 148 -1.19 -38.88 18.01
N LYS C 149 -2.24 -38.04 18.06
CA LYS C 149 -3.60 -38.41 17.65
C LYS C 149 -3.66 -38.83 16.18
N LEU C 150 -3.07 -38.01 15.30
CA LEU C 150 -2.98 -38.32 13.87
C LEU C 150 -2.16 -39.58 13.58
N ASN C 151 -0.99 -39.69 14.21
CA ASN C 151 -0.10 -40.84 14.01
C ASN C 151 -0.70 -42.16 14.47
N ARG C 152 -1.43 -42.12 15.60
CA ARG C 152 -2.10 -43.31 16.13
C ARG C 152 -3.19 -43.85 15.18
N ILE C 153 -4.00 -42.95 14.65
CA ILE C 153 -5.05 -43.33 13.69
C ILE C 153 -4.43 -43.78 12.36
N LEU C 154 -3.43 -43.06 11.88
CA LEU C 154 -2.73 -43.43 10.65
C LEU C 154 -2.07 -44.82 10.78
N SER C 155 -1.55 -45.13 11.97
CA SER C 155 -1.01 -46.46 12.29
C SER C 155 -2.08 -47.57 12.16
N GLU C 156 -3.27 -47.31 12.69
CA GLU C 156 -4.39 -48.24 12.60
C GLU C 156 -4.84 -48.48 11.15
N ARG C 157 -4.87 -47.40 10.36
CA ARG C 157 -5.34 -47.45 8.98
C ARG C 157 -4.34 -48.05 7.98
N THR C 158 -3.05 -47.81 8.21
CA THR C 158 -1.99 -48.28 7.31
C THR C 158 -1.40 -49.63 7.70
N GLY C 159 -1.41 -49.95 8.99
CA GLY C 159 -0.71 -51.11 9.52
C GLY C 159 0.76 -50.85 9.83
N GLN C 160 1.22 -49.61 9.66
CA GLN C 160 2.58 -49.22 10.04
C GLN C 160 2.58 -48.84 11.51
N SER C 161 3.74 -48.92 12.14
CA SER C 161 3.88 -48.57 13.55
C SER C 161 3.81 -47.06 13.76
N ILE C 162 3.48 -46.64 14.97
CA ILE C 162 3.54 -45.24 15.38
C ILE C 162 4.99 -44.73 15.33
N GLU C 163 5.95 -45.60 15.64
CA GLU C 163 7.37 -45.27 15.58
C GLU C 163 7.82 -44.98 14.15
N LYS C 164 7.40 -45.81 13.20
CA LYS C 164 7.73 -45.62 11.79
C LYS C 164 7.09 -44.36 11.21
N ILE C 165 5.80 -44.15 11.52
CA ILE C 165 5.06 -42.97 11.05
C ILE C 165 5.69 -41.67 11.57
N GLN C 166 6.06 -41.65 12.85
CA GLN C 166 6.77 -40.52 13.45
C GLN C 166 8.05 -40.18 12.67
N LYS C 167 8.86 -41.19 12.39
CA LYS C 167 10.11 -41.01 11.64
C LYS C 167 9.87 -40.56 10.19
N ASP C 168 8.91 -41.21 9.52
CA ASP C 168 8.62 -40.93 8.11
C ASP C 168 7.91 -39.59 7.85
N THR C 169 7.27 -39.01 8.88
CA THR C 169 6.57 -37.74 8.76
C THR C 169 7.33 -36.54 9.37
N ASP C 170 8.58 -36.76 9.79
CA ASP C 170 9.41 -35.70 10.36
C ASP C 170 9.62 -34.56 9.37
N ARG C 171 9.89 -34.94 8.11
CA ARG C 171 10.03 -34.00 7.00
C ARG C 171 8.99 -34.33 5.93
N ASP C 172 8.85 -33.44 4.94
CA ASP C 172 7.97 -33.70 3.80
C ASP C 172 8.39 -34.98 3.09
N ASN C 173 7.45 -35.92 2.96
CA ASN C 173 7.71 -37.24 2.40
C ASN C 173 6.74 -37.49 1.25
N PHE C 174 7.23 -37.32 0.02
CA PHE C 174 6.45 -37.56 -1.19
C PHE C 174 6.49 -39.03 -1.56
N LEU C 175 5.31 -39.59 -1.86
CA LEU C 175 5.17 -40.99 -2.26
C LEU C 175 4.47 -41.09 -3.61
N THR C 176 4.91 -42.04 -4.43
CA THR C 176 4.18 -42.41 -5.64
C THR C 176 2.94 -43.21 -5.24
N ALA C 177 2.05 -43.45 -6.19
CA ALA C 177 0.84 -44.25 -5.96
C ALA C 177 1.21 -45.67 -5.49
N GLU C 178 2.22 -46.26 -6.15
CA GLU C 178 2.69 -47.60 -5.79
C GLU C 178 3.36 -47.63 -4.41
N GLU C 179 4.11 -46.59 -4.08
CA GLU C 179 4.71 -46.45 -2.74
C GLU C 179 3.64 -46.26 -1.66
N ALA C 180 2.58 -45.51 -1.99
CA ALA C 180 1.44 -45.33 -1.08
C ALA C 180 0.71 -46.65 -0.79
N LYS C 181 0.60 -47.51 -1.81
CA LYS C 181 0.05 -48.87 -1.65
C LYS C 181 0.91 -49.71 -0.71
N GLU C 182 2.22 -49.72 -0.97
CA GLU C 182 3.19 -50.42 -0.11
C GLU C 182 3.16 -49.93 1.34
N TYR C 183 2.94 -48.63 1.52
CA TYR C 183 2.86 -48.02 2.85
C TYR C 183 1.58 -48.41 3.61
N GLY C 184 0.51 -48.71 2.88
CA GLY C 184 -0.80 -49.02 3.46
C GLY C 184 -1.78 -47.85 3.44
N LEU C 185 -1.38 -46.73 2.82
CA LEU C 185 -2.25 -45.56 2.68
C LEU C 185 -3.40 -45.83 1.71
N ILE C 186 -3.13 -46.64 0.69
CA ILE C 186 -4.16 -47.16 -0.22
C ILE C 186 -4.05 -48.67 -0.35
N ASP C 187 -5.08 -49.27 -0.93
CA ASP C 187 -5.16 -50.72 -1.12
C ASP C 187 -4.72 -51.16 -2.51
N GLU C 188 -5.08 -50.39 -3.54
CA GLU C 188 -4.76 -50.73 -4.92
C GLU C 188 -4.42 -49.47 -5.74
N VAL C 189 -3.53 -49.63 -6.72
CA VAL C 189 -3.33 -48.63 -7.76
C VAL C 189 -4.24 -49.03 -8.92
N MET C 190 -5.23 -48.18 -9.23
CA MET C 190 -6.15 -48.44 -10.34
C MET C 190 -5.42 -48.30 -11.68
N VAL C 191 -5.29 -49.42 -12.39
CA VAL C 191 -4.57 -49.46 -13.67
C VAL C 191 -5.54 -49.35 -14.86
N PRO C 192 -5.09 -48.80 -16.01
CA PRO C 192 -5.96 -48.75 -17.19
C PRO C 192 -6.08 -50.12 -17.89
N GLU C 193 -7.22 -50.36 -18.52
CA GLU C 193 -7.47 -51.62 -19.23
C GLU C 193 -6.71 -51.69 -20.54
N LEU D 3 -19.97 -24.10 -5.24
CA LEU D 3 -19.46 -24.70 -3.97
C LEU D 3 -20.50 -25.61 -3.30
N ILE D 4 -21.65 -25.02 -2.98
CA ILE D 4 -22.72 -25.73 -2.26
C ILE D 4 -23.54 -26.55 -3.28
N PRO D 5 -23.55 -27.89 -3.14
CA PRO D 5 -24.23 -28.74 -4.12
C PRO D 5 -25.76 -28.77 -3.97
N THR D 6 -26.44 -29.10 -5.06
CA THR D 6 -27.89 -29.20 -5.12
C THR D 6 -28.32 -30.67 -5.05
N VAL D 7 -29.46 -30.92 -4.41
CA VAL D 7 -30.07 -32.26 -4.38
C VAL D 7 -31.54 -32.16 -4.81
N ILE D 8 -31.95 -32.99 -5.77
CA ILE D 8 -33.29 -32.95 -6.35
C ILE D 8 -34.14 -34.08 -5.79
N GLU D 9 -35.24 -33.72 -5.13
CA GLU D 9 -36.21 -34.68 -4.58
C GLU D 9 -37.63 -34.15 -4.70
N ALA D 17 -36.00 -29.47 -5.53
CA ALA D 17 -34.64 -28.98 -5.66
C ALA D 17 -34.22 -28.15 -4.45
N TYR D 18 -33.32 -28.72 -3.63
CA TYR D 18 -32.78 -28.05 -2.45
C TYR D 18 -31.26 -27.96 -2.53
N ASP D 19 -30.71 -26.85 -2.03
CA ASP D 19 -29.28 -26.82 -1.66
C ASP D 19 -29.12 -27.72 -0.43
N ILE D 20 -27.95 -28.33 -0.28
CA ILE D 20 -27.73 -29.36 0.75
C ILE D 20 -28.15 -28.92 2.17
N TYR D 21 -27.85 -27.67 2.53
CA TYR D 21 -28.16 -27.15 3.87
C TYR D 21 -29.65 -26.93 4.09
N SER D 22 -30.35 -26.47 3.05
CA SER D 22 -31.81 -26.34 3.08
C SER D 22 -32.51 -27.70 3.15
N ARG D 23 -31.95 -28.72 2.50
CA ARG D 23 -32.46 -30.09 2.59
C ARG D 23 -32.33 -30.64 4.01
N LEU D 24 -31.18 -30.36 4.66
CA LEU D 24 -30.99 -30.73 6.07
C LEU D 24 -31.98 -30.01 6.99
N LEU D 25 -32.24 -28.73 6.72
CA LEU D 25 -33.22 -27.95 7.48
C LEU D 25 -34.65 -28.53 7.40
N LYS D 26 -34.98 -29.19 6.29
CA LYS D 26 -36.27 -29.89 6.15
C LYS D 26 -36.47 -31.01 7.18
N ASP D 27 -35.36 -31.64 7.61
CA ASP D 27 -35.38 -32.62 8.71
C ASP D 27 -34.87 -32.03 10.05
N ARG D 28 -35.14 -30.73 10.27
CA ARG D 28 -34.88 -30.06 11.55
C ARG D 28 -33.41 -30.05 11.98
N ILE D 29 -32.51 -29.87 11.00
CA ILE D 29 -31.06 -29.80 11.22
C ILE D 29 -30.59 -28.38 10.92
N ILE D 30 -30.00 -27.72 11.93
CA ILE D 30 -29.41 -26.39 11.78
C ILE D 30 -27.88 -26.53 11.85
N MET D 31 -27.20 -25.80 10.96
CA MET D 31 -25.74 -25.85 10.86
C MET D 31 -25.12 -24.59 11.47
N LEU D 32 -24.33 -24.77 12.52
CA LEU D 32 -23.43 -23.73 13.02
C LEU D 32 -22.02 -24.16 12.63
N GLY D 33 -21.64 -23.82 11.40
CA GLY D 33 -20.37 -24.26 10.80
C GLY D 33 -19.40 -23.15 10.46
N SER D 34 -19.46 -22.05 11.21
CA SER D 34 -18.60 -20.88 10.95
C SER D 34 -18.37 -20.06 12.22
N GLN D 35 -17.54 -19.02 12.10
CA GLN D 35 -17.33 -18.04 13.16
C GLN D 35 -18.65 -17.35 13.48
N ILE D 36 -18.96 -17.22 14.77
CA ILE D 36 -20.23 -16.66 15.23
C ILE D 36 -20.17 -15.13 15.17
N ASP D 37 -20.94 -14.55 14.25
CA ASP D 37 -21.18 -13.11 14.20
C ASP D 37 -22.70 -12.88 14.24
N ASP D 38 -23.14 -11.64 14.10
CA ASP D 38 -24.57 -11.32 14.13
C ASP D 38 -25.36 -11.98 12.99
N ASN D 39 -24.77 -12.02 11.79
CA ASN D 39 -25.43 -12.65 10.62
C ASN D 39 -25.69 -14.14 10.82
N VAL D 40 -24.73 -14.85 11.40
CA VAL D 40 -24.88 -16.28 11.71
C VAL D 40 -25.92 -16.48 12.81
N ALA D 41 -25.88 -15.63 13.83
CA ALA D 41 -26.86 -15.66 14.92
C ALA D 41 -28.28 -15.40 14.42
N ASN D 42 -28.43 -14.37 13.58
CA ASN D 42 -29.75 -14.03 12.99
C ASN D 42 -30.33 -15.16 12.17
N SER D 43 -29.48 -15.86 11.41
CA SER D 43 -29.90 -17.01 10.61
C SER D 43 -30.35 -18.17 11.50
N ILE D 44 -29.53 -18.52 12.50
CA ILE D 44 -29.79 -19.66 13.37
C ILE D 44 -31.04 -19.46 14.24
N VAL D 45 -31.20 -18.28 14.83
CA VAL D 45 -32.40 -17.97 15.64
C VAL D 45 -33.68 -17.94 14.79
N SER D 46 -33.57 -17.50 13.54
CA SER D 46 -34.68 -17.54 12.58
C SER D 46 -35.06 -18.97 12.19
N GLN D 47 -34.06 -19.83 12.03
CA GLN D 47 -34.28 -21.26 11.77
C GLN D 47 -34.94 -21.96 12.96
N LEU D 48 -34.46 -21.68 14.18
CA LEU D 48 -35.06 -22.21 15.40
C LEU D 48 -36.52 -21.80 15.57
N LEU D 49 -36.82 -20.53 15.27
CA LEU D 49 -38.18 -20.00 15.33
C LEU D 49 -39.09 -20.64 14.27
N PHE D 50 -38.54 -20.94 13.11
CA PHE D 50 -39.27 -21.64 12.03
C PHE D 50 -39.60 -23.09 12.39
N LEU D 51 -38.60 -23.82 12.91
CA LEU D 51 -38.77 -25.24 13.23
C LEU D 51 -39.75 -25.49 14.37
N GLN D 52 -39.66 -24.70 15.43
CA GLN D 52 -40.62 -24.78 16.55
C GLN D 52 -42.05 -24.40 16.13
N ALA D 53 -42.17 -23.48 15.16
CA ALA D 53 -43.47 -23.12 14.58
C ALA D 53 -44.07 -24.26 13.75
N GLN D 54 -43.22 -24.99 13.02
CA GLN D 54 -43.66 -26.19 12.29
C GLN D 54 -44.11 -27.29 13.25
N ASP D 55 -43.25 -27.59 14.23
CA ASP D 55 -43.53 -28.62 15.23
C ASP D 55 -42.83 -28.29 16.54
N SER D 56 -43.61 -28.07 17.59
CA SER D 56 -43.09 -27.73 18.93
C SER D 56 -42.68 -28.97 19.75
N GLU D 57 -43.04 -30.17 19.29
CA GLU D 57 -42.73 -31.43 19.99
C GLU D 57 -41.42 -32.06 19.54
N LYS D 58 -41.20 -32.13 18.24
CA LYS D 58 -40.05 -32.84 17.66
C LYS D 58 -38.72 -32.15 17.94
N ASP D 59 -37.67 -32.95 18.14
CA ASP D 59 -36.33 -32.44 18.43
C ASP D 59 -35.72 -31.67 17.26
N ILE D 60 -34.80 -30.77 17.58
CA ILE D 60 -33.99 -30.04 16.60
C ILE D 60 -32.54 -30.45 16.83
N TYR D 61 -31.77 -30.55 15.75
CA TYR D 61 -30.37 -30.99 15.79
C TYR D 61 -29.44 -29.87 15.36
N LEU D 62 -28.65 -29.35 16.31
CA LEU D 62 -27.71 -28.26 16.05
C LEU D 62 -26.29 -28.81 15.86
N TYR D 63 -25.86 -28.86 14.60
CA TYR D 63 -24.48 -29.19 14.24
C TYR D 63 -23.56 -28.04 14.64
N ILE D 64 -22.45 -28.34 15.33
CA ILE D 64 -21.49 -27.32 15.77
C ILE D 64 -20.07 -27.66 15.30
N ASN D 65 -19.60 -26.91 14.30
CA ASN D 65 -18.20 -26.91 13.87
C ASN D 65 -17.77 -25.44 13.80
N SER D 66 -17.43 -24.87 14.96
CA SER D 66 -17.23 -23.42 15.08
C SER D 66 -16.10 -23.07 16.06
N PRO D 67 -15.28 -22.04 15.71
CA PRO D 67 -14.29 -21.52 16.64
C PRO D 67 -14.84 -20.48 17.65
N GLY D 68 -16.16 -20.24 17.63
CA GLY D 68 -16.77 -19.23 18.49
C GLY D 68 -16.79 -17.89 17.78
N GLY D 69 -16.71 -16.81 18.56
CA GLY D 69 -16.74 -15.45 18.03
C GLY D 69 -17.40 -14.48 19.00
N SER D 70 -18.40 -13.75 18.51
CA SER D 70 -19.10 -12.75 19.32
C SER D 70 -19.92 -13.40 20.44
N VAL D 71 -19.76 -12.88 21.66
CA VAL D 71 -20.47 -13.40 22.84
C VAL D 71 -21.95 -13.05 22.79
N THR D 72 -22.27 -11.81 22.40
CA THR D 72 -23.66 -11.37 22.29
C THR D 72 -24.41 -12.12 21.20
N ALA D 73 -23.76 -12.34 20.06
CA ALA D 73 -24.32 -13.17 18.98
C ALA D 73 -24.54 -14.62 19.45
N GLY D 74 -23.60 -15.13 20.26
CA GLY D 74 -23.76 -16.45 20.89
C GLY D 74 -24.93 -16.52 21.84
N PHE D 75 -25.13 -15.47 22.64
CA PHE D 75 -26.27 -15.40 23.57
C PHE D 75 -27.63 -15.21 22.88
N ALA D 76 -27.63 -14.69 21.65
CA ALA D 76 -28.82 -14.66 20.81
C ALA D 76 -29.30 -16.08 20.50
N ILE D 77 -28.34 -16.94 20.14
CA ILE D 77 -28.62 -18.36 19.87
C ILE D 77 -28.99 -19.09 21.16
N TYR D 78 -28.23 -18.83 22.24
CA TYR D 78 -28.46 -19.46 23.55
C TYR D 78 -29.89 -19.24 24.04
N ASP D 79 -30.29 -17.98 24.17
CA ASP D 79 -31.63 -17.63 24.67
C ASP D 79 -32.76 -18.19 23.82
N THR D 80 -32.58 -18.18 22.50
CA THR D 80 -33.56 -18.76 21.59
C THR D 80 -33.70 -20.27 21.79
N ILE D 81 -32.59 -20.97 22.01
CA ILE D 81 -32.63 -22.41 22.32
C ILE D 81 -33.40 -22.69 23.62
N GLN D 82 -33.10 -21.94 24.67
CA GLN D 82 -33.73 -22.17 25.98
C GLN D 82 -35.22 -21.79 26.01
N HIS D 83 -35.60 -20.78 25.23
CA HIS D 83 -36.99 -20.30 25.20
C HIS D 83 -37.94 -21.28 24.51
N ILE D 84 -37.54 -21.80 23.35
CA ILE D 84 -38.42 -22.66 22.54
C ILE D 84 -38.73 -24.00 23.21
N LYS D 85 -39.88 -24.57 22.85
CA LYS D 85 -40.35 -25.84 23.43
C LYS D 85 -39.51 -27.06 23.03
N PRO D 86 -39.20 -27.23 21.73
CA PRO D 86 -38.39 -28.37 21.29
C PRO D 86 -37.02 -28.50 21.99
N ASP D 87 -36.62 -29.73 22.26
CA ASP D 87 -35.26 -30.02 22.71
C ASP D 87 -34.30 -29.77 21.54
N VAL D 88 -33.30 -28.93 21.77
CA VAL D 88 -32.25 -28.68 20.79
C VAL D 88 -31.05 -29.56 21.13
N GLN D 89 -30.89 -30.65 20.36
CA GLN D 89 -29.73 -31.52 20.50
C GLN D 89 -28.51 -30.83 19.88
N THR D 90 -27.36 -30.96 20.53
CA THR D 90 -26.11 -30.41 20.02
C THR D 90 -25.12 -31.54 19.74
N ILE D 91 -24.46 -31.48 18.57
CA ILE D 91 -23.41 -32.43 18.22
C ILE D 91 -22.16 -31.67 17.74
N CYS D 92 -21.04 -31.92 18.40
CA CYS D 92 -19.76 -31.33 18.02
C CYS D 92 -19.05 -32.24 17.03
N ILE D 93 -18.83 -31.74 15.83
CA ILE D 93 -18.13 -32.47 14.78
C ILE D 93 -17.00 -31.56 14.30
N GLY D 94 -15.76 -32.04 14.40
CA GLY D 94 -14.58 -31.23 14.08
C GLY D 94 -14.05 -30.51 15.30
N MET D 95 -14.64 -29.36 15.61
CA MET D 95 -14.22 -28.57 16.77
C MET D 95 -15.27 -27.57 17.26
N ALA D 96 -15.29 -27.35 18.56
CA ALA D 96 -16.09 -26.31 19.16
C ALA D 96 -15.14 -25.54 20.04
N ALA D 97 -15.00 -24.26 19.85
CA ALA D 97 -14.14 -23.48 20.67
C ALA D 97 -14.83 -22.23 21.15
N SER D 98 -14.45 -21.76 22.31
CA SER D 98 -14.97 -20.52 22.83
C SER D 98 -16.48 -20.53 22.93
N MET D 99 -17.15 -19.59 22.29
CA MET D 99 -18.59 -19.54 22.28
C MET D 99 -19.26 -20.77 21.65
N GLY D 100 -18.61 -21.44 20.71
CA GLY D 100 -19.11 -22.65 20.15
C GLY D 100 -19.18 -23.71 21.23
N SER D 101 -18.18 -23.79 22.08
CA SER D 101 -18.20 -24.76 23.14
C SER D 101 -19.34 -24.46 24.18
N PHE D 102 -19.57 -23.19 24.42
CA PHE D 102 -20.65 -22.71 25.28
C PHE D 102 -22.01 -23.17 24.76
N LEU D 103 -22.23 -23.00 23.46
CA LEU D 103 -23.47 -23.45 22.80
C LEU D 103 -23.60 -24.98 22.77
N LEU D 104 -22.47 -25.69 22.65
CA LEU D 104 -22.45 -27.15 22.77
C LEU D 104 -22.98 -27.60 24.14
N ALA D 105 -22.52 -26.94 25.20
CA ALA D 105 -22.98 -27.22 26.57
C ALA D 105 -24.42 -26.76 26.83
N ALA D 106 -24.92 -25.82 26.03
CA ALA D 106 -26.29 -25.32 26.12
C ALA D 106 -27.38 -26.22 25.54
N GLY D 107 -27.00 -27.33 24.89
CA GLY D 107 -27.97 -28.28 24.34
C GLY D 107 -28.83 -28.96 25.40
N ALA D 108 -29.89 -29.63 24.94
CA ALA D 108 -30.86 -30.29 25.84
C ALA D 108 -30.19 -31.31 26.75
N LYS D 109 -30.66 -31.39 27.99
CA LYS D 109 -30.10 -32.30 29.00
C LYS D 109 -30.17 -33.75 28.54
N GLY D 110 -29.02 -34.41 28.50
CA GLY D 110 -28.90 -35.78 28.00
C GLY D 110 -28.75 -35.93 26.49
N LYS D 111 -28.74 -34.82 25.75
CA LYS D 111 -28.69 -34.85 24.28
C LYS D 111 -27.61 -33.91 23.72
N ARG D 112 -26.48 -33.82 24.43
CA ARG D 112 -25.31 -33.07 23.98
C ARG D 112 -24.25 -34.09 23.61
N PHE D 113 -23.82 -34.09 22.36
CA PHE D 113 -22.94 -35.13 21.81
C PHE D 113 -21.67 -34.56 21.19
N ALA D 114 -20.71 -35.45 20.97
CA ALA D 114 -19.51 -35.16 20.21
C ALA D 114 -18.95 -36.44 19.62
N LEU D 115 -18.47 -36.38 18.38
CA LEU D 115 -17.83 -37.53 17.74
C LEU D 115 -16.42 -37.71 18.35
N PRO D 116 -15.86 -38.94 18.30
CA PRO D 116 -14.68 -39.30 19.10
C PRO D 116 -13.45 -38.39 18.98
N ASN D 117 -13.19 -37.90 17.77
CA ASN D 117 -12.01 -37.05 17.50
C ASN D 117 -12.33 -35.55 17.43
N ALA D 118 -13.53 -35.16 17.88
CA ALA D 118 -13.90 -33.73 17.94
C ALA D 118 -13.15 -33.02 19.06
N GLU D 119 -12.76 -31.78 18.79
CA GLU D 119 -11.97 -30.96 19.72
C GLU D 119 -12.86 -29.95 20.42
N VAL D 120 -12.77 -29.88 21.75
CA VAL D 120 -13.51 -28.89 22.54
C VAL D 120 -12.50 -28.02 23.29
N MET D 121 -12.57 -26.70 23.08
CA MET D 121 -11.68 -25.75 23.76
C MET D 121 -12.50 -24.74 24.55
N ILE D 122 -12.08 -24.49 25.78
CA ILE D 122 -12.69 -23.48 26.65
C ILE D 122 -11.62 -22.49 27.12
N HIS D 123 -11.96 -21.21 27.12
CA HIS D 123 -11.08 -20.16 27.63
C HIS D 123 -11.87 -18.87 27.90
N GLN D 124 -11.24 -17.92 28.57
CA GLN D 124 -11.91 -16.67 28.96
C GLN D 124 -12.18 -15.75 27.76
N PRO D 125 -13.17 -14.83 27.88
CA PRO D 125 -13.51 -13.93 26.76
C PRO D 125 -12.36 -13.02 26.33
N LEU D 126 -12.30 -12.73 25.03
CA LEU D 126 -11.30 -11.85 24.45
C LEU D 126 -11.94 -10.51 24.07
N GLY D 127 -11.16 -9.44 24.19
CA GLY D 127 -11.63 -8.11 23.81
C GLY D 127 -10.52 -7.07 23.84
N GLY D 128 -10.91 -5.81 23.84
CA GLY D 128 -9.96 -4.71 23.88
C GLY D 128 -10.61 -3.36 24.13
N ALA D 129 -9.78 -2.39 24.50
CA ALA D 129 -10.23 -1.03 24.75
C ALA D 129 -9.06 -0.05 24.60
N GLN D 130 -9.37 1.15 24.13
CA GLN D 130 -8.37 2.21 23.94
C GLN D 130 -9.01 3.58 24.14
N GLY D 131 -8.34 4.42 24.92
CA GLY D 131 -8.81 5.78 25.21
C GLY D 131 -8.49 6.19 26.64
N GLN D 132 -9.41 6.93 27.25
CA GLN D 132 -9.23 7.47 28.60
C GLN D 132 -9.29 6.39 29.67
N ALA D 133 -8.69 6.65 30.82
CA ALA D 133 -8.66 5.70 31.94
C ALA D 133 -10.06 5.22 32.36
N THR D 134 -11.03 6.13 32.42
CA THR D 134 -12.41 5.79 32.74
C THR D 134 -13.11 4.97 31.66
N GLU D 135 -12.73 5.20 30.40
CA GLU D 135 -13.23 4.38 29.28
C GLU D 135 -12.69 2.95 29.32
N ILE D 136 -11.42 2.80 29.69
CA ILE D 136 -10.79 1.48 29.86
C ILE D 136 -11.43 0.72 31.04
N GLU D 137 -11.74 1.44 32.12
CA GLU D 137 -12.44 0.89 33.28
C GLU D 137 -13.80 0.31 32.91
N ILE D 138 -14.58 1.07 32.12
CA ILE D 138 -15.91 0.64 31.66
C ILE D 138 -15.82 -0.65 30.82
N ALA D 139 -14.85 -0.69 29.90
CA ALA D 139 -14.63 -1.88 29.07
C ALA D 139 -14.16 -3.07 29.90
N ALA D 140 -13.27 -2.81 30.87
CA ALA D 140 -12.78 -3.86 31.78
C ALA D 140 -13.89 -4.44 32.66
N ASN D 141 -14.73 -3.57 33.22
CA ASN D 141 -15.89 -4.01 34.02
C ASN D 141 -16.90 -4.80 33.17
N HIS D 142 -17.09 -4.40 31.92
CA HIS D 142 -18.03 -5.06 31.01
C HIS D 142 -17.60 -6.50 30.66
N ILE D 143 -16.33 -6.66 30.25
CA ILE D 143 -15.83 -8.00 29.87
C ILE D 143 -15.71 -8.93 31.09
N LEU D 144 -15.36 -8.38 32.26
CA LEU D 144 -15.35 -9.14 33.52
C LEU D 144 -16.76 -9.59 33.92
N LYS D 145 -17.73 -8.69 33.78
CA LYS D 145 -19.16 -9.03 33.96
C LYS D 145 -19.62 -10.12 32.99
N THR D 146 -19.18 -10.01 31.75
CA THR D 146 -19.48 -11.00 30.71
C THR D 146 -18.88 -12.38 31.03
N ARG D 147 -17.67 -12.40 31.59
CA ARG D 147 -17.03 -13.66 32.00
C ARG D 147 -17.79 -14.33 33.15
N GLU D 148 -18.17 -13.55 34.16
CA GLU D 148 -18.98 -14.05 35.27
C GLU D 148 -20.30 -14.65 34.78
N LYS D 149 -20.94 -13.96 33.85
CA LYS D 149 -22.18 -14.40 33.21
C LYS D 149 -22.01 -15.74 32.49
N LEU D 150 -20.94 -15.86 31.71
CA LEU D 150 -20.60 -17.10 31.00
C LEU D 150 -20.23 -18.24 31.95
N ASN D 151 -19.37 -17.93 32.93
CA ASN D 151 -18.92 -18.93 33.91
C ASN D 151 -20.04 -19.43 34.83
N ARG D 152 -20.98 -18.55 35.17
CA ARG D 152 -22.14 -18.93 35.98
C ARG D 152 -23.07 -19.90 35.25
N ILE D 153 -23.33 -19.61 33.98
CA ILE D 153 -24.17 -20.49 33.13
C ILE D 153 -23.46 -21.81 32.82
N LEU D 154 -22.15 -21.75 32.59
CA LEU D 154 -21.35 -22.96 32.34
C LEU D 154 -21.27 -23.85 33.58
N SER D 155 -21.21 -23.24 34.77
CA SER D 155 -21.28 -23.96 36.05
C SER D 155 -22.61 -24.71 36.21
N GLU D 156 -23.71 -24.05 35.86
CA GLU D 156 -25.05 -24.64 35.94
C GLU D 156 -25.24 -25.88 35.04
N ARG D 157 -24.69 -25.81 33.82
CA ARG D 157 -24.90 -26.85 32.80
C ARG D 157 -23.86 -27.97 32.79
N THR D 158 -22.67 -27.71 33.33
CA THR D 158 -21.64 -28.75 33.48
C THR D 158 -21.73 -29.47 34.83
N GLY D 159 -22.12 -28.74 35.88
CA GLY D 159 -22.11 -29.25 37.25
C GLY D 159 -20.82 -28.96 38.00
N GLN D 160 -19.88 -28.24 37.36
CA GLN D 160 -18.63 -27.84 38.00
C GLN D 160 -18.88 -26.52 38.74
N SER D 161 -18.06 -26.27 39.76
CA SER D 161 -18.14 -25.02 40.53
C SER D 161 -17.65 -23.84 39.69
N ILE D 162 -18.09 -22.64 40.05
CA ILE D 162 -17.65 -21.40 39.38
C ILE D 162 -16.14 -21.18 39.60
N GLU D 163 -15.63 -21.60 40.75
CA GLU D 163 -14.20 -21.49 41.07
C GLU D 163 -13.35 -22.37 40.15
N LYS D 164 -13.82 -23.59 39.90
CA LYS D 164 -13.14 -24.51 38.99
C LYS D 164 -13.19 -24.03 37.53
N ILE D 165 -14.36 -23.54 37.11
CA ILE D 165 -14.54 -23.00 35.75
C ILE D 165 -13.61 -21.80 35.53
N GLN D 166 -13.56 -20.90 36.52
CA GLN D 166 -12.67 -19.73 36.49
C GLN D 166 -11.20 -20.13 36.30
N LYS D 167 -10.75 -21.16 37.03
CA LYS D 167 -9.36 -21.62 36.95
C LYS D 167 -9.06 -22.33 35.64
N ASP D 168 -9.97 -23.19 35.20
CA ASP D 168 -9.78 -24.00 33.98
C ASP D 168 -9.93 -23.20 32.67
N THR D 169 -10.55 -22.02 32.73
CA THR D 169 -10.68 -21.12 31.56
C THR D 169 -9.69 -19.94 31.58
N ASP D 170 -8.76 -19.93 32.54
CA ASP D 170 -7.77 -18.86 32.67
C ASP D 170 -6.87 -18.78 31.44
N ARG D 171 -6.44 -19.94 30.95
CA ARG D 171 -5.67 -20.08 29.70
C ARG D 171 -6.45 -20.96 28.73
N ASP D 172 -5.94 -21.07 27.50
CA ASP D 172 -6.50 -22.00 26.51
C ASP D 172 -6.45 -23.42 27.06
N ASN D 173 -7.62 -24.08 27.09
CA ASN D 173 -7.77 -25.41 27.66
C ASN D 173 -8.44 -26.31 26.62
N PHE D 174 -7.61 -27.11 25.93
CA PHE D 174 -8.10 -28.05 24.93
C PHE D 174 -8.53 -29.35 25.59
N LEU D 175 -9.68 -29.88 25.16
CA LEU D 175 -10.25 -31.10 25.70
C LEU D 175 -10.62 -32.04 24.57
N THR D 176 -10.40 -33.33 24.78
CA THR D 176 -10.90 -34.37 23.88
C THR D 176 -12.40 -34.54 24.10
N ALA D 177 -13.04 -35.31 23.21
CA ALA D 177 -14.47 -35.62 23.35
C ALA D 177 -14.76 -36.36 24.66
N GLU D 178 -13.87 -37.27 25.05
CA GLU D 178 -14.02 -38.03 26.29
C GLU D 178 -13.83 -37.13 27.53
N GLU D 179 -12.83 -36.25 27.48
CA GLU D 179 -12.61 -35.25 28.54
C GLU D 179 -13.76 -34.24 28.64
N ALA D 180 -14.35 -33.88 27.51
CA ALA D 180 -15.54 -33.01 27.48
C ALA D 180 -16.74 -33.65 28.19
N LYS D 181 -16.91 -34.96 28.00
CA LYS D 181 -17.95 -35.72 28.70
C LYS D 181 -17.72 -35.74 30.21
N GLU D 182 -16.48 -36.03 30.62
CA GLU D 182 -16.09 -36.04 32.04
C GLU D 182 -16.28 -34.67 32.70
N TYR D 183 -16.03 -33.60 31.95
CA TYR D 183 -16.17 -32.23 32.44
C TYR D 183 -17.63 -31.81 32.62
N GLY D 184 -18.53 -32.37 31.80
CA GLY D 184 -19.96 -32.04 31.82
C GLY D 184 -20.43 -31.18 30.66
N LEU D 185 -19.51 -30.87 29.73
CA LEU D 185 -19.84 -30.07 28.54
C LEU D 185 -20.71 -30.85 27.55
N ILE D 186 -20.52 -32.16 27.49
CA ILE D 186 -21.39 -33.05 26.72
C ILE D 186 -21.83 -34.24 27.57
N ASP D 187 -22.82 -34.98 27.09
CA ASP D 187 -23.40 -36.12 27.80
C ASP D 187 -22.83 -37.46 27.34
N GLU D 188 -22.65 -37.62 26.03
CA GLU D 188 -22.14 -38.88 25.44
C GLU D 188 -21.14 -38.62 24.33
N VAL D 189 -20.11 -39.46 24.25
CA VAL D 189 -19.23 -39.52 23.08
C VAL D 189 -19.85 -40.53 22.12
N MET D 190 -20.29 -40.06 20.97
CA MET D 190 -21.03 -40.89 20.01
C MET D 190 -20.06 -41.77 19.21
N VAL D 191 -20.06 -43.07 19.51
CA VAL D 191 -19.12 -44.03 18.89
C VAL D 191 -19.69 -44.65 17.60
N PRO D 192 -18.83 -45.03 16.64
CA PRO D 192 -19.30 -45.60 15.38
C PRO D 192 -19.80 -47.04 15.53
N GLU D 193 -21.03 -47.30 15.09
CA GLU D 193 -21.64 -48.63 15.17
C GLU D 193 -21.20 -49.48 13.97
N ILE E 4 -27.90 -18.13 3.70
CA ILE E 4 -29.35 -17.94 4.02
C ILE E 4 -30.16 -19.12 3.47
N PRO E 5 -30.70 -19.99 4.35
CA PRO E 5 -31.37 -21.20 3.88
C PRO E 5 -32.77 -20.97 3.30
N THR E 6 -33.21 -21.92 2.47
CA THR E 6 -34.53 -21.89 1.83
C THR E 6 -35.48 -22.83 2.58
N VAL E 7 -36.76 -22.46 2.62
CA VAL E 7 -37.82 -23.30 3.20
C VAL E 7 -39.02 -23.36 2.25
N ILE E 8 -39.68 -24.52 2.20
CA ILE E 8 -40.82 -24.75 1.30
C ILE E 8 -41.82 -25.71 1.94
N ALA E 17 -41.83 -21.75 -1.85
CA ALA E 17 -40.38 -21.58 -1.66
C ALA E 17 -40.04 -20.17 -1.19
N TYR E 18 -39.50 -20.07 0.02
CA TYR E 18 -39.10 -18.80 0.63
C TYR E 18 -37.71 -18.91 1.25
N ASP E 19 -36.92 -17.83 1.17
CA ASP E 19 -35.75 -17.68 2.05
C ASP E 19 -36.25 -17.42 3.47
N ILE E 20 -35.45 -17.79 4.47
CA ILE E 20 -35.89 -17.80 5.88
C ILE E 20 -36.45 -16.45 6.37
N TYR E 21 -35.84 -15.35 5.94
CA TYR E 21 -36.27 -14.01 6.38
C TYR E 21 -37.57 -13.56 5.70
N SER E 22 -37.73 -13.90 4.42
CA SER E 22 -38.98 -13.66 3.70
C SER E 22 -40.14 -14.49 4.25
N ARG E 23 -39.85 -15.73 4.68
CA ARG E 23 -40.84 -16.58 5.34
C ARG E 23 -41.29 -15.97 6.68
N LEU E 24 -40.35 -15.41 7.42
CA LEU E 24 -40.68 -14.67 8.65
C LEU E 24 -41.55 -13.44 8.37
N LEU E 25 -41.23 -12.70 7.30
CA LEU E 25 -42.02 -11.53 6.88
C LEU E 25 -43.47 -11.87 6.53
N LYS E 26 -43.72 -13.10 6.07
CA LYS E 26 -45.08 -13.60 5.83
C LYS E 26 -45.94 -13.64 7.10
N ASP E 27 -45.31 -13.86 8.25
CA ASP E 27 -45.98 -13.78 9.56
C ASP E 27 -45.67 -12.47 10.31
N ARG E 28 -45.50 -11.38 9.56
CA ARG E 28 -45.35 -10.02 10.11
C ARG E 28 -44.15 -9.83 11.03
N ILE E 29 -43.04 -10.47 10.68
CA ILE E 29 -41.78 -10.39 11.43
C ILE E 29 -40.74 -9.64 10.59
N ILE E 30 -40.24 -8.52 11.12
CA ILE E 30 -39.18 -7.74 10.48
C ILE E 30 -37.88 -7.93 11.27
N MET E 31 -36.77 -8.07 10.56
CA MET E 31 -35.45 -8.31 11.16
C MET E 31 -34.57 -7.08 11.05
N LEU E 32 -34.25 -6.49 12.21
CA LEU E 32 -33.18 -5.49 12.31
C LEU E 32 -31.97 -6.20 12.90
N GLY E 33 -31.22 -6.87 12.04
CA GLY E 33 -30.11 -7.75 12.44
C GLY E 33 -28.73 -7.30 12.01
N SER E 34 -28.52 -5.98 11.88
CA SER E 34 -27.27 -5.44 11.39
C SER E 34 -27.09 -3.98 11.82
N GLN E 35 -25.93 -3.41 11.48
CA GLN E 35 -25.67 -1.99 11.67
C GLN E 35 -26.70 -1.16 10.89
N ILE E 36 -27.23 -0.14 11.54
CA ILE E 36 -28.25 0.73 10.94
C ILE E 36 -27.59 1.75 10.02
N ASP E 37 -27.80 1.56 8.71
CA ASP E 37 -27.45 2.56 7.69
C ASP E 37 -28.72 2.89 6.91
N ASP E 38 -28.61 3.76 5.91
CA ASP E 38 -29.77 4.15 5.09
C ASP E 38 -30.43 2.97 4.37
N ASN E 39 -29.62 2.02 3.90
CA ASN E 39 -30.14 0.82 3.20
C ASN E 39 -31.01 -0.07 4.10
N VAL E 40 -30.56 -0.28 5.34
CA VAL E 40 -31.32 -1.06 6.32
C VAL E 40 -32.61 -0.33 6.69
N ALA E 41 -32.53 0.99 6.87
CA ALA E 41 -33.70 1.82 7.16
C ALA E 41 -34.74 1.79 6.03
N ASN E 42 -34.27 1.87 4.78
CA ASN E 42 -35.16 1.82 3.61
C ASN E 42 -35.92 0.50 3.54
N SER E 43 -35.23 -0.60 3.82
CA SER E 43 -35.83 -1.94 3.79
C SER E 43 -36.89 -2.11 4.87
N ILE E 44 -36.56 -1.73 6.10
CA ILE E 44 -37.47 -1.88 7.25
C ILE E 44 -38.69 -0.97 7.12
N VAL E 45 -38.48 0.26 6.68
CA VAL E 45 -39.59 1.21 6.41
C VAL E 45 -40.54 0.66 5.33
N SER E 46 -39.97 0.08 4.28
CA SER E 46 -40.76 -0.56 3.21
C SER E 46 -41.53 -1.78 3.71
N GLN E 47 -40.92 -2.57 4.59
CA GLN E 47 -41.58 -3.73 5.21
C GLN E 47 -42.74 -3.31 6.11
N LEU E 48 -42.50 -2.30 6.95
CA LEU E 48 -43.55 -1.74 7.82
C LEU E 48 -44.74 -1.19 7.02
N LEU E 49 -44.44 -0.51 5.91
CA LEU E 49 -45.48 0.01 5.01
C LEU E 49 -46.26 -1.12 4.32
N PHE E 50 -45.57 -2.20 3.98
CA PHE E 50 -46.20 -3.37 3.37
C PHE E 50 -47.13 -4.12 4.34
N LEU E 51 -46.67 -4.33 5.57
CA LEU E 51 -47.42 -5.11 6.58
C LEU E 51 -48.70 -4.41 7.04
N GLN E 52 -48.61 -3.11 7.30
CA GLN E 52 -49.81 -2.31 7.66
C GLN E 52 -50.84 -2.23 6.53
N ALA E 53 -50.36 -2.26 5.28
CA ALA E 53 -51.24 -2.31 4.10
C ALA E 53 -51.97 -3.65 3.97
N GLN E 54 -51.26 -4.75 4.23
CA GLN E 54 -51.88 -6.08 4.28
C GLN E 54 -52.93 -6.18 5.39
N ASP E 55 -52.55 -5.72 6.59
CA ASP E 55 -53.44 -5.74 7.75
C ASP E 55 -53.04 -4.63 8.73
N SER E 56 -53.92 -3.66 8.91
CA SER E 56 -53.69 -2.54 9.84
C SER E 56 -54.02 -2.90 11.30
N GLU E 57 -54.64 -4.04 11.55
CA GLU E 57 -55.07 -4.46 12.89
C GLU E 57 -53.99 -5.27 13.62
N LYS E 58 -53.46 -6.28 12.95
CA LYS E 58 -52.56 -7.26 13.57
C LYS E 58 -51.18 -6.67 13.91
N ASP E 59 -50.55 -7.20 14.96
CA ASP E 59 -49.25 -6.71 15.43
C ASP E 59 -48.12 -7.06 14.47
N ILE E 60 -47.04 -6.28 14.57
CA ILE E 60 -45.79 -6.52 13.83
C ILE E 60 -44.69 -6.78 14.87
N TYR E 61 -43.77 -7.68 14.54
CA TYR E 61 -42.71 -8.11 15.46
C TYR E 61 -41.34 -7.71 14.93
N LEU E 62 -40.76 -6.66 15.52
CA LEU E 62 -39.44 -6.16 15.12
C LEU E 62 -38.33 -6.80 15.95
N TYR E 63 -37.64 -7.76 15.34
CA TYR E 63 -36.44 -8.38 15.92
C TYR E 63 -35.28 -7.38 15.90
N ILE E 64 -34.59 -7.22 17.02
CA ILE E 64 -33.48 -6.26 17.14
C ILE E 64 -32.22 -6.95 17.66
N ASN E 65 -31.27 -7.19 16.76
CA ASN E 65 -29.90 -7.57 17.10
C ASN E 65 -28.95 -6.66 16.33
N SER E 66 -28.67 -5.49 16.90
CA SER E 66 -27.98 -4.41 16.19
C SER E 66 -27.10 -3.57 17.10
N PRO E 67 -25.90 -3.16 16.62
CA PRO E 67 -25.06 -2.23 17.36
C PRO E 67 -25.43 -0.75 17.16
N GLY E 68 -26.51 -0.46 16.42
CA GLY E 68 -26.92 0.91 16.12
C GLY E 68 -26.27 1.39 14.82
N GLY E 69 -26.03 2.69 14.74
CA GLY E 69 -25.40 3.29 13.57
C GLY E 69 -25.88 4.71 13.34
N SER E 70 -26.46 4.96 12.16
CA SER E 70 -26.89 6.31 11.78
C SER E 70 -28.15 6.74 12.55
N VAL E 71 -28.11 7.96 13.09
CA VAL E 71 -29.23 8.52 13.85
C VAL E 71 -30.42 8.84 12.93
N THR E 72 -30.13 9.46 11.78
CA THR E 72 -31.18 9.79 10.80
C THR E 72 -31.86 8.55 10.23
N ALA E 73 -31.05 7.52 9.91
CA ALA E 73 -31.58 6.23 9.47
C ALA E 73 -32.44 5.56 10.56
N GLY E 74 -32.02 5.71 11.82
CA GLY E 74 -32.81 5.25 12.96
C GLY E 74 -34.14 5.98 13.09
N PHE E 75 -34.13 7.30 12.90
CA PHE E 75 -35.35 8.10 12.94
C PHE E 75 -36.30 7.86 11.75
N ALA E 76 -35.76 7.38 10.63
CA ALA E 76 -36.59 6.89 9.52
C ALA E 76 -37.45 5.70 9.97
N ILE E 77 -36.82 4.77 10.69
CA ILE E 77 -37.52 3.61 11.24
C ILE E 77 -38.46 4.03 12.37
N TYR E 78 -37.97 4.91 13.25
CA TYR E 78 -38.77 5.41 14.39
C TYR E 78 -40.09 6.02 13.94
N ASP E 79 -40.02 7.02 13.08
CA ASP E 79 -41.21 7.74 12.61
C ASP E 79 -42.21 6.86 11.86
N THR E 80 -41.70 5.88 11.10
CA THR E 80 -42.55 4.91 10.42
C THR E 80 -43.28 4.00 11.41
N ILE E 81 -42.59 3.58 12.47
CA ILE E 81 -43.22 2.79 13.55
C ILE E 81 -44.36 3.56 14.23
N GLN E 82 -44.11 4.82 14.58
CA GLN E 82 -45.10 5.63 15.30
C GLN E 82 -46.30 6.03 14.43
N HIS E 83 -46.08 6.25 13.13
CA HIS E 83 -47.16 6.68 12.22
C HIS E 83 -48.17 5.56 11.92
N ILE E 84 -47.68 4.36 11.64
CA ILE E 84 -48.56 3.25 11.23
C ILE E 84 -49.51 2.81 12.36
N LYS E 85 -50.66 2.25 11.96
CA LYS E 85 -51.71 1.86 12.93
C LYS E 85 -51.35 0.61 13.76
N PRO E 86 -50.77 -0.43 13.13
CA PRO E 86 -50.35 -1.63 13.87
C PRO E 86 -49.36 -1.37 15.01
N ASP E 87 -49.55 -2.06 16.14
CA ASP E 87 -48.57 -2.05 17.23
C ASP E 87 -47.32 -2.80 16.76
N VAL E 88 -46.16 -2.15 16.88
CA VAL E 88 -44.88 -2.75 16.52
C VAL E 88 -44.20 -3.23 17.80
N GLN E 89 -44.23 -4.55 18.02
CA GLN E 89 -43.54 -5.16 19.15
C GLN E 89 -42.04 -5.19 18.86
N THR E 90 -41.24 -4.90 19.89
CA THR E 90 -39.78 -4.97 19.78
C THR E 90 -39.25 -6.04 20.73
N ILE E 91 -38.32 -6.86 20.23
CA ILE E 91 -37.67 -7.89 21.06
C ILE E 91 -36.16 -7.88 20.83
N CYS E 92 -35.40 -7.63 21.86
CA CYS E 92 -33.97 -7.61 21.78
C CYS E 92 -33.41 -8.98 22.07
N ILE E 93 -32.72 -9.53 21.08
CA ILE E 93 -32.10 -10.83 21.17
C ILE E 93 -30.65 -10.58 20.79
N GLY E 94 -29.73 -10.93 21.65
CA GLY E 94 -28.33 -10.68 21.41
C GLY E 94 -27.94 -9.38 22.03
N MET E 95 -28.00 -8.30 21.29
CA MET E 95 -27.69 -7.01 21.84
C MET E 95 -28.36 -5.89 21.11
N ALA E 96 -28.57 -4.82 21.82
CA ALA E 96 -29.06 -3.62 21.23
C ALA E 96 -28.14 -2.57 21.76
N ALA E 97 -27.53 -1.83 20.89
CA ALA E 97 -26.64 -0.74 21.30
C ALA E 97 -26.97 0.53 20.53
N SER E 98 -26.76 1.67 21.18
CA SER E 98 -26.87 2.99 20.56
C SER E 98 -28.27 3.21 19.97
N MET E 99 -28.39 3.44 18.65
CA MET E 99 -29.69 3.66 18.01
C MET E 99 -30.56 2.39 17.93
N GLY E 100 -29.94 1.22 18.09
CA GLY E 100 -30.67 -0.04 18.23
C GLY E 100 -31.47 -0.12 19.51
N SER E 101 -30.88 0.33 20.61
CA SER E 101 -31.58 0.42 21.90
C SER E 101 -32.65 1.52 21.93
N PHE E 102 -32.43 2.58 21.15
CA PHE E 102 -33.45 3.64 20.96
C PHE E 102 -34.70 3.08 20.28
N LEU E 103 -34.48 2.28 19.24
CA LEU E 103 -35.59 1.61 18.52
C LEU E 103 -36.27 0.52 19.36
N LEU E 104 -35.52 -0.14 20.24
CA LEU E 104 -36.08 -1.08 21.21
C LEU E 104 -37.09 -0.37 22.14
N ALA E 105 -36.70 0.80 22.63
CA ALA E 105 -37.56 1.65 23.47
C ALA E 105 -38.75 2.26 22.71
N ALA E 106 -38.61 2.40 21.39
CA ALA E 106 -39.68 2.92 20.52
C ALA E 106 -40.84 1.97 20.23
N GLY E 107 -40.72 0.70 20.63
CA GLY E 107 -41.80 -0.28 20.43
C GLY E 107 -43.08 0.07 21.17
N ALA E 108 -44.17 -0.61 20.79
CA ALA E 108 -45.50 -0.36 21.36
C ALA E 108 -45.51 -0.54 22.87
N LYS E 109 -46.23 0.34 23.58
CA LYS E 109 -46.27 0.36 25.04
C LYS E 109 -46.82 -0.96 25.59
N GLY E 110 -46.08 -1.55 26.53
CA GLY E 110 -46.38 -2.87 27.06
C GLY E 110 -46.05 -4.05 26.16
N LYS E 111 -45.27 -3.80 25.09
CA LYS E 111 -44.87 -4.85 24.14
C LYS E 111 -43.41 -4.70 23.69
N ARG E 112 -42.55 -4.25 24.60
CA ARG E 112 -41.11 -4.14 24.38
C ARG E 112 -40.45 -5.21 25.23
N PHE E 113 -39.73 -6.14 24.57
CA PHE E 113 -39.20 -7.33 25.23
C PHE E 113 -37.68 -7.47 25.08
N ALA E 114 -37.11 -8.34 25.92
CA ALA E 114 -35.72 -8.76 25.77
C ALA E 114 -35.55 -10.12 26.44
N LEU E 115 -34.77 -11.00 25.82
CA LEU E 115 -34.48 -12.32 26.39
C LEU E 115 -33.42 -12.15 27.51
N PRO E 116 -33.39 -13.10 28.48
CA PRO E 116 -32.67 -12.89 29.76
C PRO E 116 -31.19 -12.46 29.65
N ASN E 117 -30.46 -13.03 28.69
CA ASN E 117 -29.04 -12.73 28.50
C ASN E 117 -28.75 -11.69 27.41
N ALA E 118 -29.79 -11.02 26.89
CA ALA E 118 -29.62 -9.94 25.91
C ALA E 118 -28.95 -8.72 26.54
N GLU E 119 -28.14 -8.03 25.76
CA GLU E 119 -27.36 -6.87 26.21
C GLU E 119 -27.95 -5.59 25.64
N VAL E 120 -28.23 -4.62 26.52
CA VAL E 120 -28.70 -3.30 26.10
C VAL E 120 -27.65 -2.26 26.49
N MET E 121 -27.22 -1.44 25.54
CA MET E 121 -26.25 -0.38 25.79
C MET E 121 -26.80 0.97 25.33
N ILE E 122 -26.60 2.00 26.15
CA ILE E 122 -26.99 3.37 25.82
C ILE E 122 -25.81 4.30 26.00
N HIS E 123 -25.68 5.27 25.09
CA HIS E 123 -24.64 6.29 25.16
C HIS E 123 -24.97 7.46 24.24
N GLN E 124 -24.22 8.55 24.38
CA GLN E 124 -24.45 9.75 23.57
C GLN E 124 -24.02 9.55 22.11
N PRO E 125 -24.60 10.34 21.18
CA PRO E 125 -24.28 10.15 19.76
C PRO E 125 -22.83 10.49 19.40
N LEU E 126 -22.30 9.79 18.41
CA LEU E 126 -20.94 9.98 17.91
C LEU E 126 -20.97 10.73 16.59
N GLY E 127 -19.93 11.51 16.33
CA GLY E 127 -19.83 12.27 15.09
C GLY E 127 -18.47 12.91 14.89
N GLY E 128 -18.41 13.87 13.98
CA GLY E 128 -17.17 14.56 13.65
C GLY E 128 -17.36 15.94 13.07
N ALA E 129 -16.29 16.70 13.04
CA ALA E 129 -16.27 18.04 12.46
C ALA E 129 -14.85 18.42 12.08
N GLN E 130 -14.70 19.12 10.96
CA GLN E 130 -13.39 19.57 10.48
C GLN E 130 -13.52 20.83 9.64
N GLY E 131 -12.48 21.65 9.65
CA GLY E 131 -12.42 22.89 8.87
C GLY E 131 -12.42 24.12 9.75
N GLN E 132 -13.13 25.16 9.31
CA GLN E 132 -13.14 26.46 9.97
C GLN E 132 -13.86 26.42 11.32
N ALA E 133 -13.55 27.38 12.19
CA ALA E 133 -14.15 27.46 13.53
C ALA E 133 -15.68 27.55 13.49
N THR E 134 -16.21 28.35 12.57
CA THR E 134 -17.66 28.46 12.36
C THR E 134 -18.30 27.18 11.81
N GLU E 135 -17.55 26.41 11.02
CA GLU E 135 -18.00 25.10 10.55
C GLU E 135 -18.03 24.08 11.68
N ILE E 136 -17.04 24.12 12.58
CA ILE E 136 -17.01 23.27 13.77
C ILE E 136 -18.17 23.61 14.70
N GLU E 137 -18.47 24.91 14.85
CA GLU E 137 -19.60 25.40 15.65
C GLU E 137 -20.94 24.85 15.13
N ILE E 138 -21.15 24.92 13.82
CA ILE E 138 -22.36 24.39 13.17
C ILE E 138 -22.51 22.88 13.41
N ALA E 139 -21.41 22.15 13.24
CA ALA E 139 -21.40 20.70 13.48
C ALA E 139 -21.64 20.36 14.95
N ALA E 140 -21.05 21.15 15.85
CA ALA E 140 -21.23 20.97 17.29
C ALA E 140 -22.67 21.25 17.73
N ASN E 141 -23.24 22.34 17.23
CA ASN E 141 -24.64 22.68 17.51
C ASN E 141 -25.62 21.62 16.97
N HIS E 142 -25.29 21.03 15.81
CA HIS E 142 -26.13 20.00 15.19
C HIS E 142 -26.19 18.71 16.02
N ILE E 143 -25.01 18.19 16.40
CA ILE E 143 -24.93 16.95 17.18
C ILE E 143 -25.48 17.12 18.61
N LEU E 144 -25.28 18.30 19.21
CA LEU E 144 -25.85 18.61 20.52
C LEU E 144 -27.37 18.69 20.48
N LYS E 145 -27.92 19.33 19.44
CA LYS E 145 -29.36 19.38 19.21
C LYS E 145 -29.94 17.99 18.92
N THR E 146 -29.18 17.17 18.20
CA THR E 146 -29.56 15.77 17.92
C THR E 146 -29.60 14.93 19.20
N ARG E 147 -28.67 15.18 20.13
CA ARG E 147 -28.67 14.48 21.43
C ARG E 147 -29.90 14.87 22.27
N GLU E 148 -30.20 16.16 22.34
CA GLU E 148 -31.40 16.66 23.03
C GLU E 148 -32.68 16.04 22.47
N LYS E 149 -32.75 15.94 21.13
CA LYS E 149 -33.85 15.29 20.42
C LYS E 149 -33.98 13.82 20.82
N LEU E 150 -32.86 13.11 20.87
CA LEU E 150 -32.83 11.70 21.31
C LEU E 150 -33.20 11.55 22.79
N ASN E 151 -32.60 12.40 23.63
CA ASN E 151 -32.83 12.34 25.09
C ASN E 151 -34.26 12.69 25.49
N ARG E 152 -34.87 13.67 24.80
CA ARG E 152 -36.25 14.08 25.06
C ARG E 152 -37.26 12.98 24.70
N ILE E 153 -37.05 12.31 23.57
CA ILE E 153 -37.90 11.20 23.14
C ILE E 153 -37.71 9.99 24.05
N LEU E 154 -36.45 9.67 24.37
CA LEU E 154 -36.13 8.55 25.27
C LEU E 154 -36.68 8.79 26.68
N SER E 155 -36.60 10.03 27.15
CA SER E 155 -37.21 10.44 28.43
C SER E 155 -38.71 10.15 28.48
N GLU E 156 -39.41 10.45 27.38
CA GLU E 156 -40.85 10.16 27.25
C GLU E 156 -41.14 8.67 27.15
N ARG E 157 -40.30 7.94 26.42
CA ARG E 157 -40.49 6.49 26.20
C ARG E 157 -40.17 5.64 27.43
N THR E 158 -39.14 6.03 28.19
CA THR E 158 -38.72 5.30 29.38
C THR E 158 -39.46 5.72 30.64
N GLY E 159 -39.62 7.03 30.82
CA GLY E 159 -40.16 7.61 32.06
C GLY E 159 -39.10 8.31 32.90
N GLN E 160 -37.83 8.18 32.51
CA GLN E 160 -36.72 8.84 33.20
C GLN E 160 -36.69 10.31 32.79
N SER E 161 -36.13 11.16 33.66
CA SER E 161 -35.96 12.58 33.35
C SER E 161 -34.84 12.79 32.35
N ILE E 162 -34.90 13.89 31.60
CA ILE E 162 -33.86 14.24 30.61
C ILE E 162 -32.48 14.42 31.29
N GLU E 163 -32.48 15.04 32.47
CA GLU E 163 -31.25 15.20 33.27
C GLU E 163 -30.61 13.86 33.64
N LYS E 164 -31.43 12.85 33.95
CA LYS E 164 -30.95 11.50 34.23
C LYS E 164 -30.44 10.79 32.97
N ILE E 165 -31.13 10.96 31.84
CA ILE E 165 -30.69 10.38 30.56
C ILE E 165 -29.34 10.98 30.15
N GLN E 166 -29.20 12.30 30.30
CA GLN E 166 -27.95 13.01 30.01
C GLN E 166 -26.76 12.43 30.79
N LYS E 167 -26.96 12.19 32.08
CA LYS E 167 -25.92 11.65 32.97
C LYS E 167 -25.58 10.19 32.64
N ASP E 168 -26.62 9.37 32.47
CA ASP E 168 -26.45 7.92 32.23
C ASP E 168 -25.95 7.57 30.82
N THR E 169 -26.08 8.50 29.87
CA THR E 169 -25.57 8.31 28.50
C THR E 169 -24.27 9.08 28.21
N ASP E 170 -23.67 9.70 29.23
CA ASP E 170 -22.41 10.45 29.07
C ASP E 170 -21.27 9.54 28.62
N ARG E 171 -21.18 8.36 29.24
CA ARG E 171 -20.24 7.31 28.85
C ARG E 171 -21.01 6.08 28.40
N ASP E 172 -20.29 5.07 27.90
CA ASP E 172 -20.89 3.78 27.56
C ASP E 172 -21.49 3.16 28.81
N ASN E 173 -22.79 2.84 28.75
CA ASN E 173 -23.53 2.29 29.87
C ASN E 173 -24.19 0.98 29.45
N PHE E 174 -23.59 -0.14 29.83
CA PHE E 174 -24.11 -1.46 29.53
C PHE E 174 -25.15 -1.86 30.57
N LEU E 175 -26.27 -2.40 30.11
CA LEU E 175 -27.39 -2.82 30.95
C LEU E 175 -27.78 -4.26 30.64
N THR E 176 -28.09 -5.03 31.68
CA THR E 176 -28.69 -6.35 31.51
C THR E 176 -30.15 -6.22 31.09
N ALA E 177 -30.78 -7.36 30.76
CA ALA E 177 -32.20 -7.38 30.40
C ALA E 177 -33.10 -6.88 31.54
N GLU E 178 -32.78 -7.31 32.76
CA GLU E 178 -33.51 -6.87 33.96
C GLU E 178 -33.28 -5.39 34.28
N GLU E 179 -32.03 -4.93 34.12
CA GLU E 179 -31.70 -3.50 34.29
C GLU E 179 -32.36 -2.62 33.22
N ALA E 180 -32.46 -3.14 32.00
CA ALA E 180 -33.17 -2.45 30.91
C ALA E 180 -34.68 -2.31 31.19
N LYS E 181 -35.26 -3.32 31.85
CA LYS E 181 -36.66 -3.27 32.28
C LYS E 181 -36.86 -2.21 33.36
N GLU E 182 -35.99 -2.21 34.38
CA GLU E 182 -36.05 -1.22 35.46
C GLU E 182 -35.83 0.22 34.97
N TYR E 183 -35.00 0.39 33.95
CA TYR E 183 -34.73 1.70 33.36
C TYR E 183 -35.91 2.24 32.54
N GLY E 184 -36.74 1.34 31.99
CA GLY E 184 -37.89 1.69 31.16
C GLY E 184 -37.67 1.49 29.67
N LEU E 185 -36.50 0.97 29.28
CA LEU E 185 -36.20 0.69 27.87
C LEU E 185 -37.03 -0.47 27.31
N ILE E 186 -37.34 -1.45 28.18
CA ILE E 186 -38.25 -2.53 27.85
C ILE E 186 -39.31 -2.70 28.95
N ASP E 187 -40.34 -3.47 28.64
CA ASP E 187 -41.46 -3.70 29.55
C ASP E 187 -41.34 -5.01 30.35
N GLU E 188 -40.90 -6.08 29.68
CA GLU E 188 -40.76 -7.40 30.32
C GLU E 188 -39.50 -8.12 29.85
N VAL E 189 -38.88 -8.85 30.78
CA VAL E 189 -37.83 -9.82 30.45
C VAL E 189 -38.54 -11.14 30.15
N MET E 190 -38.52 -11.56 28.90
CA MET E 190 -39.25 -12.75 28.45
C MET E 190 -38.47 -14.00 28.85
N VAL E 191 -39.10 -14.87 29.64
CA VAL E 191 -38.41 -16.04 30.25
C VAL E 191 -38.87 -17.37 29.63
N PRO E 192 -38.06 -18.45 29.79
CA PRO E 192 -38.46 -19.77 29.30
C PRO E 192 -39.71 -20.32 29.98
N LEU F 3 -30.33 -9.47 1.50
CA LEU F 3 -30.64 -8.14 2.11
C LEU F 3 -32.09 -7.74 1.88
N ILE F 4 -32.51 -7.72 0.62
CA ILE F 4 -33.85 -7.29 0.23
C ILE F 4 -34.81 -8.48 0.29
N PRO F 5 -35.83 -8.42 1.18
CA PRO F 5 -36.74 -9.56 1.33
C PRO F 5 -37.79 -9.66 0.23
N THR F 6 -38.34 -10.86 0.05
CA THR F 6 -39.34 -11.16 -0.97
C THR F 6 -40.75 -11.18 -0.35
N VAL F 7 -41.75 -10.80 -1.14
CA VAL F 7 -43.17 -10.90 -0.77
C VAL F 7 -43.95 -11.51 -1.93
N ILE F 8 -44.90 -12.40 -1.60
CA ILE F 8 -45.70 -13.11 -2.61
C ILE F 8 -47.17 -12.72 -2.49
N ARG F 16 -47.54 -14.27 -7.64
CA ARG F 16 -46.48 -13.40 -8.15
C ARG F 16 -45.52 -12.96 -7.04
N ALA F 17 -44.25 -13.36 -7.17
CA ALA F 17 -43.21 -12.96 -6.21
C ALA F 17 -42.67 -11.58 -6.56
N TYR F 18 -42.43 -10.77 -5.52
CA TYR F 18 -41.87 -9.42 -5.66
C TYR F 18 -40.84 -9.18 -4.57
N ASP F 19 -39.71 -8.56 -4.93
CA ASP F 19 -38.84 -7.93 -3.92
C ASP F 19 -39.58 -6.70 -3.38
N ILE F 20 -39.31 -6.34 -2.13
CA ILE F 20 -40.10 -5.33 -1.41
C ILE F 20 -40.23 -4.00 -2.16
N TYR F 21 -39.16 -3.56 -2.83
CA TYR F 21 -39.15 -2.28 -3.55
C TYR F 21 -39.97 -2.35 -4.84
N SER F 22 -39.91 -3.48 -5.53
CA SER F 22 -40.73 -3.73 -6.73
C SER F 22 -42.23 -3.82 -6.40
N ARG F 23 -42.56 -4.38 -5.23
CA ARG F 23 -43.94 -4.41 -4.74
C ARG F 23 -44.47 -3.01 -4.48
N LEU F 24 -43.65 -2.16 -3.86
CA LEU F 24 -43.99 -0.75 -3.65
C LEU F 24 -44.21 0.00 -4.97
N LEU F 25 -43.37 -0.27 -5.97
CA LEU F 25 -43.51 0.32 -7.30
C LEU F 25 -44.84 -0.03 -8.00
N LYS F 26 -45.39 -1.20 -7.68
CA LYS F 26 -46.73 -1.61 -8.16
C LYS F 26 -47.84 -0.66 -7.68
N ASP F 27 -47.66 -0.06 -6.50
CA ASP F 27 -48.56 0.99 -5.98
C ASP F 27 -47.98 2.41 -6.14
N ARG F 28 -47.22 2.62 -7.22
CA ARG F 28 -46.73 3.96 -7.63
C ARG F 28 -45.83 4.65 -6.58
N ILE F 29 -45.04 3.84 -5.87
CA ILE F 29 -44.10 4.33 -4.86
C ILE F 29 -42.68 4.17 -5.41
N ILE F 30 -41.94 5.27 -5.46
CA ILE F 30 -40.53 5.27 -5.89
C ILE F 30 -39.65 5.59 -4.68
N MET F 31 -38.53 4.88 -4.55
CA MET F 31 -37.61 5.03 -3.43
C MET F 31 -36.35 5.78 -3.86
N LEU F 32 -36.15 6.97 -3.30
CA LEU F 32 -34.87 7.67 -3.36
C LEU F 32 -34.23 7.52 -1.98
N GLY F 33 -33.56 6.38 -1.77
CA GLY F 33 -33.00 6.00 -0.47
C GLY F 33 -31.49 5.89 -0.44
N SER F 34 -30.81 6.68 -1.27
CA SER F 34 -29.35 6.61 -1.40
C SER F 34 -28.76 7.93 -1.87
N GLN F 35 -27.43 7.98 -1.91
CA GLN F 35 -26.71 9.10 -2.51
C GLN F 35 -27.08 9.20 -3.98
N ILE F 36 -27.32 10.43 -4.46
CA ILE F 36 -27.76 10.67 -5.83
C ILE F 36 -26.56 10.67 -6.77
N ASP F 37 -26.47 9.63 -7.60
CA ASP F 37 -25.52 9.59 -8.71
C ASP F 37 -26.30 9.35 -10.01
N ASP F 38 -25.61 9.20 -11.13
CA ASP F 38 -26.29 8.97 -12.41
C ASP F 38 -27.10 7.67 -12.45
N ASN F 39 -26.60 6.61 -11.81
CA ASN F 39 -27.31 5.32 -11.77
C ASN F 39 -28.67 5.42 -11.06
N VAL F 40 -28.69 6.14 -9.93
CA VAL F 40 -29.94 6.35 -9.17
C VAL F 40 -30.91 7.22 -9.97
N ALA F 41 -30.40 8.29 -10.59
CA ALA F 41 -31.21 9.16 -11.45
C ALA F 41 -31.83 8.39 -12.62
N ASN F 42 -31.04 7.56 -13.29
CA ASN F 42 -31.52 6.75 -14.43
C ASN F 42 -32.66 5.81 -14.04
N SER F 43 -32.55 5.21 -12.85
CA SER F 43 -33.57 4.31 -12.34
C SER F 43 -34.85 5.08 -12.00
N ILE F 44 -34.72 6.18 -11.29
CA ILE F 44 -35.86 6.98 -10.84
C ILE F 44 -36.63 7.60 -12.01
N VAL F 45 -35.91 8.18 -12.98
CA VAL F 45 -36.57 8.75 -14.18
C VAL F 45 -37.28 7.67 -15.02
N SER F 46 -36.68 6.47 -15.10
CA SER F 46 -37.30 5.33 -15.78
C SER F 46 -38.58 4.87 -15.07
N GLN F 47 -38.52 4.79 -13.73
CA GLN F 47 -39.69 4.49 -12.91
C GLN F 47 -40.80 5.52 -13.09
N LEU F 48 -40.43 6.81 -13.07
CA LEU F 48 -41.37 7.91 -13.31
C LEU F 48 -42.02 7.82 -14.70
N LEU F 49 -41.22 7.49 -15.71
CA LEU F 49 -41.72 7.30 -17.07
C LEU F 49 -42.65 6.09 -17.20
N PHE F 50 -42.34 5.03 -16.47
CA PHE F 50 -43.19 3.83 -16.44
C PHE F 50 -44.54 4.06 -15.78
N LEU F 51 -44.55 4.75 -14.63
CA LEU F 51 -45.77 4.99 -13.87
C LEU F 51 -46.76 5.92 -14.58
N GLN F 52 -46.25 6.99 -15.17
CA GLN F 52 -47.09 7.90 -15.98
C GLN F 52 -47.65 7.22 -17.25
N ALA F 53 -46.89 6.28 -17.81
CA ALA F 53 -47.36 5.47 -18.95
C ALA F 53 -48.49 4.52 -18.57
N GLN F 54 -48.40 3.93 -17.36
CA GLN F 54 -49.48 3.11 -16.81
C GLN F 54 -50.74 3.92 -16.55
N ASP F 55 -50.57 5.04 -15.86
CA ASP F 55 -51.67 5.95 -15.52
C ASP F 55 -51.13 7.39 -15.38
N SER F 56 -51.64 8.28 -16.23
CA SER F 56 -51.22 9.69 -16.22
C SER F 56 -51.98 10.58 -15.22
N GLU F 57 -53.01 10.02 -14.56
CA GLU F 57 -53.84 10.77 -13.62
C GLU F 57 -53.50 10.52 -12.15
N LYS F 58 -53.25 9.26 -11.79
CA LYS F 58 -52.99 8.87 -10.39
C LYS F 58 -51.65 9.40 -9.89
N ASP F 59 -51.61 9.79 -8.61
CA ASP F 59 -50.40 10.35 -7.99
C ASP F 59 -49.27 9.35 -7.88
N ILE F 60 -48.05 9.88 -7.86
CA ILE F 60 -46.83 9.09 -7.61
C ILE F 60 -46.28 9.54 -6.24
N TYR F 61 -45.68 8.61 -5.50
CA TYR F 61 -45.15 8.88 -4.17
C TYR F 61 -43.64 8.67 -4.14
N LEU F 62 -42.90 9.77 -4.02
CA LEU F 62 -41.43 9.72 -3.97
C LEU F 62 -40.93 9.78 -2.53
N TYR F 63 -40.53 8.62 -2.01
CA TYR F 63 -39.84 8.49 -0.72
C TYR F 63 -38.44 9.09 -0.85
N ILE F 64 -38.06 9.98 0.08
CA ILE F 64 -36.74 10.61 0.07
C ILE F 64 -36.02 10.38 1.40
N ASN F 65 -35.00 9.52 1.38
CA ASN F 65 -34.03 9.39 2.46
C ASN F 65 -32.63 9.42 1.84
N SER F 66 -32.13 10.63 1.60
CA SER F 66 -30.91 10.82 0.82
C SER F 66 -30.05 12.00 1.30
N PRO F 67 -28.71 11.84 1.29
CA PRO F 67 -27.81 12.96 1.58
C PRO F 67 -27.51 13.87 0.39
N GLY F 68 -28.21 13.68 -0.73
CA GLY F 68 -27.95 14.44 -1.95
C GLY F 68 -26.89 13.77 -2.79
N GLY F 69 -26.13 14.58 -3.54
CA GLY F 69 -25.06 14.07 -4.39
C GLY F 69 -24.91 14.93 -5.64
N SER F 70 -24.95 14.29 -6.81
CA SER F 70 -24.73 14.98 -8.09
C SER F 70 -25.90 15.92 -8.42
N VAL F 71 -25.55 17.17 -8.76
CA VAL F 71 -26.54 18.19 -9.09
C VAL F 71 -27.21 17.87 -10.44
N THR F 72 -26.42 17.47 -11.43
CA THR F 72 -26.97 17.12 -12.75
C THR F 72 -27.87 15.88 -12.68
N ALA F 73 -27.46 14.89 -11.90
CA ALA F 73 -28.29 13.70 -11.65
C ALA F 73 -29.59 14.07 -10.92
N GLY F 74 -29.51 15.02 -9.99
CA GLY F 74 -30.67 15.58 -9.33
C GLY F 74 -31.63 16.29 -10.29
N PHE F 75 -31.07 17.06 -11.23
CA PHE F 75 -31.88 17.74 -12.24
C PHE F 75 -32.48 16.80 -13.29
N ALA F 76 -31.87 15.63 -13.49
CA ALA F 76 -32.49 14.56 -14.29
C ALA F 76 -33.81 14.13 -13.67
N ILE F 77 -33.82 13.96 -12.36
CA ILE F 77 -35.02 13.60 -11.60
C ILE F 77 -36.00 14.78 -11.56
N TYR F 78 -35.49 15.97 -11.25
CA TYR F 78 -36.30 17.20 -11.17
C TYR F 78 -37.11 17.44 -12.46
N ASP F 79 -36.41 17.53 -13.59
CA ASP F 79 -37.05 17.80 -14.88
C ASP F 79 -38.08 16.73 -15.28
N THR F 80 -37.81 15.47 -14.95
CA THR F 80 -38.74 14.38 -15.21
C THR F 80 -40.01 14.51 -14.33
N ILE F 81 -39.83 14.89 -13.06
CA ILE F 81 -40.97 15.15 -12.17
C ILE F 81 -41.86 16.26 -12.74
N GLN F 82 -41.27 17.37 -13.15
CA GLN F 82 -42.03 18.53 -13.65
C GLN F 82 -42.71 18.28 -14.99
N HIS F 83 -42.09 17.47 -15.85
CA HIS F 83 -42.64 17.21 -17.18
C HIS F 83 -43.89 16.32 -17.19
N ILE F 84 -43.86 15.23 -16.41
CA ILE F 84 -44.95 14.25 -16.42
C ILE F 84 -46.26 14.83 -15.86
N LYS F 85 -47.38 14.27 -16.31
CA LYS F 85 -48.72 14.73 -15.91
C LYS F 85 -49.06 14.46 -14.43
N PRO F 86 -48.82 13.22 -13.93
CA PRO F 86 -49.11 12.90 -12.53
C PRO F 86 -48.44 13.80 -11.51
N ASP F 87 -49.15 14.10 -10.41
CA ASP F 87 -48.54 14.77 -9.25
C ASP F 87 -47.56 13.81 -8.58
N VAL F 88 -46.33 14.28 -8.35
CA VAL F 88 -45.33 13.51 -7.63
C VAL F 88 -45.26 14.04 -6.20
N GLN F 89 -45.84 13.29 -5.27
CA GLN F 89 -45.76 13.63 -3.86
C GLN F 89 -44.36 13.30 -3.36
N THR F 90 -43.85 14.11 -2.43
CA THR F 90 -42.54 13.88 -1.83
C THR F 90 -42.71 13.77 -0.31
N ILE F 91 -42.07 12.75 0.27
CA ILE F 91 -42.08 12.56 1.73
C ILE F 91 -40.66 12.31 2.23
N CYS F 92 -40.19 13.20 3.12
CA CYS F 92 -38.88 13.07 3.72
C CYS F 92 -38.98 12.19 4.97
N ILE F 93 -38.29 11.06 4.94
CA ILE F 93 -38.25 10.13 6.08
C ILE F 93 -36.77 9.88 6.38
N GLY F 94 -36.36 10.16 7.61
CA GLY F 94 -34.96 10.07 8.01
C GLY F 94 -34.24 11.38 7.78
N MET F 95 -33.78 11.60 6.54
CA MET F 95 -33.12 12.87 6.20
C MET F 95 -33.13 13.19 4.70
N ALA F 96 -33.21 14.48 4.40
CA ALA F 96 -33.04 15.00 3.05
C ALA F 96 -32.00 16.11 3.13
N ALA F 97 -30.83 15.88 2.55
CA ALA F 97 -29.75 16.88 2.56
C ALA F 97 -29.34 17.24 1.14
N SER F 98 -28.93 18.50 0.98
CA SER F 98 -28.36 18.99 -0.28
C SER F 98 -29.36 18.81 -1.45
N MET F 99 -28.99 18.06 -2.50
CA MET F 99 -29.90 17.86 -3.64
C MET F 99 -31.13 17.00 -3.29
N GLY F 100 -31.06 16.23 -2.21
CA GLY F 100 -32.22 15.52 -1.67
C GLY F 100 -33.31 16.45 -1.18
N SER F 101 -32.90 17.51 -0.46
CA SER F 101 -33.84 18.55 0.00
C SER F 101 -34.37 19.41 -1.15
N PHE F 102 -33.57 19.58 -2.20
CA PHE F 102 -34.02 20.25 -3.43
C PHE F 102 -35.14 19.46 -4.10
N LEU F 103 -34.97 18.14 -4.19
CA LEU F 103 -35.99 17.25 -4.75
C LEU F 103 -37.24 17.14 -3.85
N LEU F 104 -37.04 17.24 -2.53
CA LEU F 104 -38.16 17.31 -1.58
C LEU F 104 -39.05 18.53 -1.87
N ALA F 105 -38.41 19.69 -2.05
CA ALA F 105 -39.10 20.93 -2.40
C ALA F 105 -39.74 20.90 -3.80
N ALA F 106 -39.20 20.07 -4.70
CA ALA F 106 -39.71 19.91 -6.06
C ALA F 106 -41.03 19.13 -6.20
N GLY F 107 -41.50 18.49 -5.12
CA GLY F 107 -42.77 17.77 -5.15
C GLY F 107 -43.98 18.64 -5.47
N ALA F 108 -45.10 18.00 -5.80
CA ALA F 108 -46.33 18.70 -6.18
C ALA F 108 -46.79 19.65 -5.08
N LYS F 109 -47.25 20.83 -5.47
CA LYS F 109 -47.69 21.87 -4.54
C LYS F 109 -48.83 21.35 -3.66
N GLY F 110 -48.67 21.54 -2.34
CA GLY F 110 -49.59 20.99 -1.34
C GLY F 110 -49.40 19.52 -0.99
N LYS F 111 -48.41 18.86 -1.59
CA LYS F 111 -48.19 17.42 -1.38
C LYS F 111 -46.70 17.09 -1.09
N ARG F 112 -46.03 18.01 -0.40
CA ARG F 112 -44.66 17.82 0.06
C ARG F 112 -44.70 17.63 1.57
N PHE F 113 -44.19 16.49 2.04
CA PHE F 113 -44.33 16.09 3.44
C PHE F 113 -43.01 15.72 4.10
N ALA F 114 -43.04 15.67 5.42
CA ALA F 114 -41.93 15.14 6.22
C ALA F 114 -42.47 14.61 7.54
N LEU F 115 -41.91 13.51 8.01
CA LEU F 115 -42.28 12.95 9.32
C LEU F 115 -41.61 13.79 10.42
N PRO F 116 -42.20 13.83 11.64
CA PRO F 116 -41.82 14.81 12.68
C PRO F 116 -40.33 14.92 13.00
N ASN F 117 -39.63 13.80 13.02
CA ASN F 117 -38.20 13.75 13.36
C ASN F 117 -37.26 13.67 12.14
N ALA F 118 -37.81 13.89 10.94
CA ALA F 118 -37.00 13.92 9.71
C ALA F 118 -36.13 15.18 9.67
N GLU F 119 -34.92 15.03 9.15
CA GLU F 119 -33.92 16.10 9.10
C GLU F 119 -33.85 16.67 7.68
N VAL F 120 -33.89 17.99 7.55
CA VAL F 120 -33.73 18.66 6.26
C VAL F 120 -32.54 19.61 6.35
N MET F 121 -31.58 19.46 5.43
CA MET F 121 -30.40 20.33 5.38
C MET F 121 -30.28 21.00 4.02
N ILE F 122 -29.94 22.29 4.03
CA ILE F 122 -29.69 23.06 2.81
C ILE F 122 -28.34 23.76 2.90
N HIS F 123 -27.61 23.77 1.79
CA HIS F 123 -26.32 24.43 1.70
C HIS F 123 -25.92 24.60 0.23
N GLN F 124 -24.87 25.39 0.00
CA GLN F 124 -24.44 25.70 -1.37
C GLN F 124 -23.75 24.49 -2.05
N PRO F 125 -23.68 24.49 -3.40
CA PRO F 125 -23.03 23.37 -4.12
C PRO F 125 -21.56 23.19 -3.78
N LEU F 126 -21.10 21.93 -3.81
CA LEU F 126 -19.72 21.56 -3.58
C LEU F 126 -19.07 21.15 -4.90
N GLY F 127 -17.79 21.48 -5.06
CA GLY F 127 -17.05 21.13 -6.27
C GLY F 127 -15.56 21.30 -6.13
N GLY F 128 -14.87 21.19 -7.26
CA GLY F 128 -13.42 21.33 -7.30
C GLY F 128 -12.91 21.85 -8.63
N ALA F 129 -11.70 22.36 -8.63
CA ALA F 129 -11.04 22.87 -9.83
C ALA F 129 -9.53 22.77 -9.65
N GLN F 130 -8.83 22.40 -10.73
CA GLN F 130 -7.38 22.26 -10.71
C GLN F 130 -6.79 22.49 -12.10
N GLY F 131 -5.72 23.27 -12.16
CA GLY F 131 -5.01 23.54 -13.41
C GLY F 131 -4.67 25.01 -13.58
N GLN F 132 -4.77 25.50 -14.81
CA GLN F 132 -4.44 26.89 -15.15
C GLN F 132 -5.48 27.86 -14.59
N ALA F 133 -5.08 29.13 -14.45
CA ALA F 133 -5.97 30.17 -13.93
C ALA F 133 -7.29 30.26 -14.71
N THR F 134 -7.21 30.20 -16.05
CA THR F 134 -8.41 30.27 -16.90
C THR F 134 -9.29 29.01 -16.78
N GLU F 135 -8.69 27.86 -16.48
CA GLU F 135 -9.44 26.63 -16.20
C GLU F 135 -10.19 26.72 -14.86
N ILE F 136 -9.55 27.32 -13.86
CA ILE F 136 -10.17 27.55 -12.54
CA ILE F 136 -10.18 27.53 -12.55
C ILE F 136 -11.33 28.54 -12.69
N GLU F 137 -11.12 29.57 -13.50
CA GLU F 137 -12.15 30.58 -13.81
C GLU F 137 -13.41 29.95 -14.40
N ILE F 138 -13.22 29.08 -15.39
CA ILE F 138 -14.32 28.35 -16.04
C ILE F 138 -15.08 27.49 -15.04
N ALA F 139 -14.35 26.75 -14.21
CA ALA F 139 -14.95 25.89 -13.17
C ALA F 139 -15.70 26.72 -12.12
N ALA F 140 -15.13 27.85 -11.73
CA ALA F 140 -15.76 28.77 -10.77
C ALA F 140 -17.05 29.38 -11.32
N ASN F 141 -16.99 29.87 -12.57
CA ASN F 141 -18.18 30.41 -13.24
C ASN F 141 -19.28 29.35 -13.39
N HIS F 142 -18.90 28.11 -13.67
CA HIS F 142 -19.85 27.00 -13.80
C HIS F 142 -20.60 26.70 -12.50
N ILE F 143 -19.86 26.53 -11.41
CA ILE F 143 -20.48 26.22 -10.11
C ILE F 143 -21.28 27.40 -9.52
N LEU F 144 -20.82 28.62 -9.77
CA LEU F 144 -21.59 29.83 -9.38
C LEU F 144 -22.91 29.93 -10.15
N LYS F 145 -22.87 29.67 -11.46
CA LYS F 145 -24.08 29.64 -12.28
C LYS F 145 -25.03 28.50 -11.89
N THR F 146 -24.45 27.36 -11.49
CA THR F 146 -25.23 26.24 -10.96
C THR F 146 -25.92 26.60 -9.63
N ARG F 147 -25.25 27.36 -8.78
CA ARG F 147 -25.86 27.84 -7.53
C ARG F 147 -27.03 28.79 -7.78
N GLU F 148 -26.84 29.75 -8.70
CA GLU F 148 -27.92 30.68 -9.10
C GLU F 148 -29.15 29.93 -9.64
N LYS F 149 -28.88 28.91 -10.46
CA LYS F 149 -29.91 28.02 -11.02
C LYS F 149 -30.70 27.31 -9.91
N LEU F 150 -29.98 26.75 -8.93
CA LEU F 150 -30.61 26.07 -7.78
C LEU F 150 -31.38 27.04 -6.88
N ASN F 151 -30.76 28.18 -6.58
CA ASN F 151 -31.36 29.19 -5.70
C ASN F 151 -32.61 29.85 -6.30
N ARG F 152 -32.58 30.09 -7.62
CA ARG F 152 -33.73 30.64 -8.34
C ARG F 152 -34.94 29.70 -8.29
N ILE F 153 -34.69 28.40 -8.46
CA ILE F 153 -35.76 27.38 -8.40
C ILE F 153 -36.27 27.20 -6.97
N LEU F 154 -35.36 27.15 -6.00
CA LEU F 154 -35.73 27.11 -4.57
C LEU F 154 -36.61 28.29 -4.18
N SER F 155 -36.23 29.49 -4.63
CA SER F 155 -37.01 30.70 -4.39
C SER F 155 -38.45 30.59 -4.91
N GLU F 156 -38.59 30.07 -6.13
CA GLU F 156 -39.90 29.87 -6.75
C GLU F 156 -40.77 28.84 -6.01
N ARG F 157 -40.14 27.79 -5.47
CA ARG F 157 -40.87 26.69 -4.83
C ARG F 157 -41.07 26.83 -3.32
N THR F 158 -40.22 27.63 -2.65
CA THR F 158 -40.38 27.94 -1.23
C THR F 158 -41.18 29.22 -0.98
N GLY F 159 -41.06 30.20 -1.89
CA GLY F 159 -41.62 31.53 -1.70
C GLY F 159 -40.63 32.53 -1.10
N GLN F 160 -39.46 32.07 -0.70
CA GLN F 160 -38.43 32.93 -0.12
C GLN F 160 -37.71 33.67 -1.25
N SER F 161 -37.12 34.82 -0.92
CA SER F 161 -36.35 35.60 -1.89
C SER F 161 -35.02 34.92 -2.20
N ILE F 162 -34.46 35.25 -3.36
CA ILE F 162 -33.15 34.71 -3.78
C ILE F 162 -32.04 35.17 -2.83
N GLU F 163 -32.12 36.41 -2.38
CA GLU F 163 -31.18 36.95 -1.37
C GLU F 163 -31.21 36.17 -0.06
N LYS F 164 -32.41 35.78 0.38
CA LYS F 164 -32.57 34.98 1.61
C LYS F 164 -32.05 33.55 1.43
N ILE F 165 -32.32 32.94 0.28
CA ILE F 165 -31.83 31.59 -0.02
C ILE F 165 -30.29 31.59 -0.05
N GLN F 166 -29.71 32.61 -0.69
CA GLN F 166 -28.24 32.80 -0.75
C GLN F 166 -27.62 32.85 0.65
N LYS F 167 -28.20 33.66 1.53
CA LYS F 167 -27.70 33.83 2.91
C LYS F 167 -27.85 32.56 3.75
N ASP F 168 -29.02 31.91 3.66
CA ASP F 168 -29.33 30.73 4.45
C ASP F 168 -28.60 29.45 4.00
N THR F 169 -28.13 29.42 2.75
CA THR F 169 -27.36 28.28 2.21
C THR F 169 -25.84 28.53 2.15
N ASP F 170 -25.38 29.66 2.70
CA ASP F 170 -23.95 30.00 2.71
C ASP F 170 -23.13 28.95 3.48
N ARG F 171 -23.65 28.55 4.63
CA ARG F 171 -23.09 27.46 5.43
C ARG F 171 -24.11 26.33 5.53
N ASP F 172 -23.70 25.21 6.13
CA ASP F 172 -24.61 24.10 6.42
C ASP F 172 -25.74 24.59 7.34
N ASN F 173 -26.98 24.39 6.91
CA ASN F 173 -28.17 24.87 7.63
C ASN F 173 -29.12 23.69 7.83
N PHE F 174 -29.11 23.13 9.04
CA PHE F 174 -29.99 22.03 9.41
C PHE F 174 -31.33 22.58 9.89
N LEU F 175 -32.41 21.94 9.42
CA LEU F 175 -33.77 22.34 9.76
C LEU F 175 -34.54 21.14 10.28
N THR F 176 -35.40 21.37 11.28
CA THR F 176 -36.38 20.37 11.71
C THR F 176 -37.49 20.28 10.66
N ALA F 177 -38.35 19.28 10.80
CA ALA F 177 -39.51 19.13 9.92
C ALA F 177 -40.43 20.35 9.96
N GLU F 178 -40.64 20.89 11.17
CA GLU F 178 -41.47 22.07 11.39
C GLU F 178 -40.85 23.33 10.79
N GLU F 179 -39.54 23.49 10.98
CA GLU F 179 -38.78 24.60 10.37
C GLU F 179 -38.78 24.53 8.85
N ALA F 180 -38.70 23.32 8.29
CA ALA F 180 -38.78 23.10 6.84
C ALA F 180 -40.15 23.49 6.27
N LYS F 181 -41.22 23.24 7.05
CA LYS F 181 -42.57 23.66 6.67
C LYS F 181 -42.70 25.20 6.66
N GLU F 182 -42.21 25.83 7.72
CA GLU F 182 -42.20 27.30 7.82
C GLU F 182 -41.34 27.96 6.73
N TYR F 183 -40.26 27.30 6.33
CA TYR F 183 -39.38 27.81 5.27
C TYR F 183 -40.00 27.73 3.87
N GLY F 184 -40.90 26.77 3.66
CA GLY F 184 -41.54 26.54 2.35
C GLY F 184 -41.01 25.32 1.60
N LEU F 185 -40.05 24.60 2.20
CA LEU F 185 -39.50 23.38 1.58
C LEU F 185 -40.50 22.23 1.56
N ILE F 186 -41.39 22.19 2.56
CA ILE F 186 -42.51 21.24 2.56
C ILE F 186 -43.82 21.97 2.92
N ASP F 187 -44.93 21.28 2.72
CA ASP F 187 -46.27 21.83 2.95
C ASP F 187 -46.87 21.46 4.31
N GLU F 188 -46.50 20.30 4.85
CA GLU F 188 -47.03 19.84 6.14
C GLU F 188 -46.14 18.80 6.81
N VAL F 189 -46.07 18.86 8.13
CA VAL F 189 -45.43 17.82 8.94
C VAL F 189 -46.50 16.76 9.20
N MET F 190 -46.30 15.58 8.62
CA MET F 190 -47.30 14.50 8.70
C MET F 190 -47.30 13.89 10.10
N VAL F 191 -48.43 14.02 10.80
CA VAL F 191 -48.55 13.58 12.21
C VAL F 191 -49.10 12.15 12.32
N PRO F 192 -48.79 11.45 13.44
CA PRO F 192 -49.35 10.11 13.63
C PRO F 192 -50.85 10.14 13.96
N GLU F 193 -51.64 9.35 13.23
CA GLU F 193 -53.09 9.27 13.44
C GLU F 193 -53.44 8.27 14.53
N LEU G 3 -29.65 -2.00 -7.21
CA LEU G 3 -31.08 -2.37 -6.97
C LEU G 3 -31.99 -1.85 -8.09
N ILE G 4 -31.99 -2.56 -9.20
CA ILE G 4 -32.83 -2.24 -10.36
C ILE G 4 -34.21 -2.86 -10.10
N PRO G 5 -35.28 -2.02 -10.11
CA PRO G 5 -36.61 -2.53 -9.75
C PRO G 5 -37.25 -3.40 -10.84
N THR G 6 -38.06 -4.37 -10.41
CA THR G 6 -38.75 -5.28 -11.31
C THR G 6 -40.17 -4.77 -11.61
N VAL G 7 -40.61 -4.99 -12.84
CA VAL G 7 -41.93 -4.60 -13.33
C VAL G 7 -42.59 -5.85 -13.92
N ILE G 8 -43.82 -6.15 -13.47
CA ILE G 8 -44.57 -7.32 -13.93
C ILE G 8 -45.86 -6.90 -14.62
N GLU G 9 -46.23 -7.64 -15.67
CA GLU G 9 -47.47 -7.39 -16.42
C GLU G 15 -45.62 -12.38 -16.11
N ARG G 16 -45.53 -11.49 -17.09
CA ARG G 16 -44.27 -11.25 -17.80
C ARG G 16 -43.40 -10.29 -17.00
N ALA G 17 -42.38 -10.82 -16.33
CA ALA G 17 -41.48 -10.03 -15.50
C ALA G 17 -40.41 -9.33 -16.36
N TYR G 18 -40.12 -8.08 -16.00
CA TYR G 18 -39.09 -7.27 -16.67
C TYR G 18 -38.36 -6.42 -15.63
N ASP G 19 -37.04 -6.28 -15.77
CA ASP G 19 -36.33 -5.18 -15.11
C ASP G 19 -36.70 -3.88 -15.83
N ILE G 20 -36.65 -2.76 -15.11
CA ILE G 20 -37.17 -1.47 -15.61
C ILE G 20 -36.58 -1.06 -16.98
N TYR G 21 -35.29 -1.29 -17.18
CA TYR G 21 -34.60 -0.90 -18.42
C TYR G 21 -34.99 -1.80 -19.60
N SER G 22 -35.14 -3.10 -19.35
CA SER G 22 -35.63 -4.05 -20.35
C SER G 22 -37.10 -3.77 -20.74
N ARG G 23 -37.90 -3.34 -19.77
CA ARG G 23 -39.28 -2.92 -20.05
C ARG G 23 -39.32 -1.70 -20.97
N LEU G 24 -38.44 -0.73 -20.72
CA LEU G 24 -38.29 0.43 -21.61
C LEU G 24 -37.86 0.03 -23.02
N LEU G 25 -36.93 -0.92 -23.12
CA LEU G 25 -36.46 -1.45 -24.42
C LEU G 25 -37.59 -2.09 -25.25
N LYS G 26 -38.61 -2.64 -24.58
CA LYS G 26 -39.80 -3.17 -25.25
C LYS G 26 -40.56 -2.09 -26.05
N ASP G 27 -40.52 -0.84 -25.56
CA ASP G 27 -41.08 0.32 -26.28
C ASP G 27 -40.01 1.16 -27.01
N ARG G 28 -38.95 0.49 -27.49
CA ARG G 28 -37.92 1.10 -28.35
C ARG G 28 -37.15 2.25 -27.68
N ILE G 29 -36.94 2.13 -26.36
CA ILE G 29 -36.19 3.12 -25.58
C ILE G 29 -34.84 2.50 -25.19
N ILE G 30 -33.74 3.17 -25.57
CA ILE G 30 -32.38 2.75 -25.20
C ILE G 30 -31.81 3.78 -24.22
N MET G 31 -31.14 3.28 -23.18
CA MET G 31 -30.56 4.12 -22.13
C MET G 31 -29.04 4.25 -22.29
N LEU G 32 -28.59 5.47 -22.58
CA LEU G 32 -27.17 5.83 -22.45
C LEU G 32 -27.04 6.64 -21.17
N GLY G 33 -26.87 5.93 -20.05
CA GLY G 33 -26.88 6.54 -18.72
C GLY G 33 -25.61 6.38 -17.91
N SER G 34 -24.47 6.22 -18.60
CA SER G 34 -23.19 6.00 -17.95
C SER G 34 -22.04 6.54 -18.79
N GLN G 35 -20.82 6.44 -18.26
CA GLN G 35 -19.62 6.74 -19.02
C GLN G 35 -19.53 5.79 -20.22
N ILE G 36 -19.16 6.33 -21.38
CA ILE G 36 -19.08 5.56 -22.62
C ILE G 36 -17.75 4.81 -22.68
N ASP G 37 -17.82 3.49 -22.55
CA ASP G 37 -16.69 2.60 -22.84
C ASP G 37 -17.13 1.58 -23.88
N ASP G 38 -16.24 0.65 -24.25
CA ASP G 38 -16.56 -0.35 -25.28
C ASP G 38 -17.76 -1.23 -24.90
N ASN G 39 -17.88 -1.57 -23.62
CA ASN G 39 -19.02 -2.39 -23.13
C ASN G 39 -20.37 -1.70 -23.35
N VAL G 40 -20.44 -0.42 -23.02
CA VAL G 40 -21.66 0.39 -23.21
C VAL G 40 -21.97 0.53 -24.70
N ALA G 41 -20.95 0.79 -25.52
CA ALA G 41 -21.10 0.85 -26.97
C ALA G 41 -21.63 -0.46 -27.57
N ASN G 42 -21.05 -1.59 -27.13
CA ASN G 42 -21.47 -2.91 -27.62
C ASN G 42 -22.96 -3.18 -27.33
N SER G 43 -23.38 -2.84 -26.12
CA SER G 43 -24.78 -3.01 -25.70
C SER G 43 -25.73 -2.13 -26.50
N ILE G 44 -25.39 -0.85 -26.63
CA ILE G 44 -26.23 0.12 -27.34
C ILE G 44 -26.31 -0.20 -28.84
N VAL G 45 -25.18 -0.57 -29.45
CA VAL G 45 -25.14 -1.01 -30.85
C VAL G 45 -26.03 -2.25 -31.06
N SER G 46 -25.94 -3.21 -30.14
CA SER G 46 -26.76 -4.43 -30.19
C SER G 46 -28.26 -4.13 -30.06
N GLN G 47 -28.60 -3.22 -29.15
CA GLN G 47 -30.01 -2.79 -28.97
C GLN G 47 -30.56 -2.09 -30.22
N LEU G 48 -29.77 -1.20 -30.81
CA LEU G 48 -30.15 -0.53 -32.06
C LEU G 48 -30.38 -1.51 -33.20
N LEU G 49 -29.51 -2.52 -33.31
CA LEU G 49 -29.65 -3.58 -34.32
C LEU G 49 -30.89 -4.44 -34.07
N PHE G 50 -31.18 -4.73 -32.81
CA PHE G 50 -32.38 -5.48 -32.43
C PHE G 50 -33.67 -4.73 -32.76
N LEU G 51 -33.73 -3.45 -32.41
CA LEU G 51 -34.94 -2.64 -32.61
C LEU G 51 -35.28 -2.40 -34.08
N GLN G 52 -34.26 -2.14 -34.91
CA GLN G 52 -34.47 -1.99 -36.36
C GLN G 52 -34.91 -3.29 -37.04
N ALA G 53 -34.46 -4.43 -36.52
CA ALA G 53 -34.88 -5.74 -37.01
C ALA G 53 -36.34 -6.04 -36.66
N GLN G 54 -36.77 -5.63 -35.47
CA GLN G 54 -38.18 -5.72 -35.08
C GLN G 54 -39.08 -4.86 -35.96
N ASP G 55 -38.69 -3.60 -36.13
CA ASP G 55 -39.42 -2.64 -36.95
C ASP G 55 -38.45 -1.58 -37.49
N SER G 56 -38.32 -1.52 -38.81
CA SER G 56 -37.41 -0.57 -39.47
C SER G 56 -38.03 0.83 -39.66
N GLU G 57 -39.33 0.99 -39.41
CA GLU G 57 -40.04 2.26 -39.62
C GLU G 57 -40.27 3.08 -38.35
N LYS G 58 -40.58 2.43 -37.23
CA LYS G 58 -40.89 3.11 -35.97
C LYS G 58 -39.66 3.75 -35.34
N ASP G 59 -39.85 4.93 -34.75
CA ASP G 59 -38.75 5.68 -34.11
C ASP G 59 -38.15 4.94 -32.91
N ILE G 60 -36.87 5.21 -32.66
CA ILE G 60 -36.15 4.74 -31.48
C ILE G 60 -35.84 5.96 -30.61
N TYR G 61 -35.83 5.76 -29.29
CA TYR G 61 -35.61 6.84 -28.33
C TYR G 61 -34.35 6.60 -27.51
N LEU G 62 -33.34 7.43 -27.72
CA LEU G 62 -32.07 7.33 -27.01
C LEU G 62 -31.99 8.36 -25.88
N TYR G 63 -32.16 7.87 -24.65
CA TYR G 63 -31.97 8.65 -23.43
C TYR G 63 -30.47 8.87 -23.22
N ILE G 64 -30.06 10.12 -22.99
CA ILE G 64 -28.65 10.46 -22.77
C ILE G 64 -28.47 11.19 -21.44
N ASN G 65 -27.88 10.49 -20.47
CA ASN G 65 -27.37 11.09 -19.24
C ASN G 65 -25.95 10.56 -19.03
N SER G 66 -25.00 11.20 -19.70
CA SER G 66 -23.64 10.65 -19.81
C SER G 66 -22.56 11.73 -19.84
N PRO G 67 -21.43 11.51 -19.13
CA PRO G 67 -20.29 12.41 -19.22
C PRO G 67 -19.35 12.14 -20.42
N GLY G 68 -19.77 11.28 -21.35
CA GLY G 68 -18.93 10.90 -22.49
C GLY G 68 -17.97 9.79 -22.11
N GLY G 69 -16.81 9.78 -22.76
CA GLY G 69 -15.78 8.77 -22.50
C GLY G 69 -15.00 8.49 -23.78
N SER G 70 -14.94 7.22 -24.17
CA SER G 70 -14.16 6.80 -25.33
C SER G 70 -14.74 7.33 -26.64
N VAL G 71 -13.88 7.95 -27.46
CA VAL G 71 -14.28 8.50 -28.75
C VAL G 71 -14.60 7.39 -29.75
N THR G 72 -13.78 6.33 -29.79
CA THR G 72 -14.04 5.20 -30.69
C THR G 72 -15.33 4.46 -30.30
N ALA G 73 -15.53 4.28 -29.01
CA ALA G 73 -16.77 3.67 -28.49
C ALA G 73 -18.00 4.52 -28.86
N GLY G 74 -17.86 5.84 -28.77
CA GLY G 74 -18.89 6.77 -29.22
C GLY G 74 -19.17 6.69 -30.71
N PHE G 75 -18.12 6.54 -31.53
CA PHE G 75 -18.28 6.38 -32.98
C PHE G 75 -18.91 5.03 -33.37
N ALA G 76 -18.75 4.02 -32.53
CA ALA G 76 -19.48 2.75 -32.71
C ALA G 76 -20.98 3.00 -32.66
N ILE G 77 -21.43 3.78 -31.67
CA ILE G 77 -22.84 4.14 -31.53
C ILE G 77 -23.25 5.09 -32.65
N TYR G 78 -22.44 6.11 -32.92
CA TYR G 78 -22.74 7.09 -33.97
C TYR G 78 -23.02 6.45 -35.33
N ASP G 79 -22.08 5.64 -35.81
CA ASP G 79 -22.22 5.00 -37.11
C ASP G 79 -23.40 4.04 -37.19
N THR G 80 -23.69 3.34 -36.10
CA THR G 80 -24.85 2.46 -36.03
C THR G 80 -26.16 3.26 -36.14
N ILE G 81 -26.24 4.40 -35.45
CA ILE G 81 -27.40 5.30 -35.56
C ILE G 81 -27.63 5.74 -37.01
N GLN G 82 -26.59 6.20 -37.69
CA GLN G 82 -26.73 6.71 -39.06
C GLN G 82 -27.04 5.63 -40.09
N HIS G 83 -26.55 4.41 -39.88
CA HIS G 83 -26.77 3.33 -40.85
C HIS G 83 -28.21 2.80 -40.84
N ILE G 84 -28.76 2.56 -39.65
CA ILE G 84 -30.10 1.96 -39.53
C ILE G 84 -31.21 2.89 -40.07
N LYS G 85 -32.29 2.29 -40.57
CA LYS G 85 -33.38 3.04 -41.18
C LYS G 85 -34.20 3.89 -40.19
N PRO G 86 -34.53 3.35 -38.99
CA PRO G 86 -35.32 4.13 -38.04
C PRO G 86 -34.68 5.45 -37.60
N ASP G 87 -35.50 6.48 -37.43
CA ASP G 87 -35.04 7.71 -36.78
C ASP G 87 -34.71 7.41 -35.32
N VAL G 88 -33.54 7.85 -34.88
CA VAL G 88 -33.14 7.73 -33.48
C VAL G 88 -33.30 9.10 -32.84
N GLN G 89 -34.33 9.24 -32.00
CA GLN G 89 -34.54 10.47 -31.25
C GLN G 89 -33.55 10.48 -30.09
N THR G 90 -32.99 11.66 -29.79
CA THR G 90 -32.11 11.82 -28.63
C THR G 90 -32.74 12.80 -27.66
N ILE G 91 -32.68 12.47 -26.37
CA ILE G 91 -33.15 13.37 -25.31
C ILE G 91 -32.10 13.44 -24.20
N CYS G 92 -31.59 14.65 -23.95
CA CYS G 92 -30.65 14.88 -22.88
C CYS G 92 -31.41 15.17 -21.59
N ILE G 93 -31.22 14.32 -20.59
CA ILE G 93 -31.83 14.48 -19.27
C ILE G 93 -30.70 14.41 -18.25
N GLY G 94 -30.53 15.47 -17.47
CA GLY G 94 -29.45 15.57 -16.50
C GLY G 94 -28.25 16.26 -17.11
N MET G 95 -27.42 15.50 -17.82
CA MET G 95 -26.25 16.08 -18.50
C MET G 95 -25.75 15.24 -19.67
N ALA G 96 -25.23 15.93 -20.68
CA ALA G 96 -24.50 15.32 -21.78
C ALA G 96 -23.17 16.05 -21.89
N ALA G 97 -22.07 15.34 -21.68
CA ALA G 97 -20.74 15.94 -21.76
C ALA G 97 -19.89 15.19 -22.78
N SER G 98 -19.03 15.94 -23.47
CA SER G 98 -18.02 15.37 -24.36
C SER G 98 -18.68 14.48 -25.44
N MET G 99 -18.36 13.18 -25.48
CA MET G 99 -18.92 12.29 -26.50
C MET G 99 -20.43 12.03 -26.31
N GLY G 100 -20.94 12.26 -25.11
CA GLY G 100 -22.38 12.25 -24.85
C GLY G 100 -23.09 13.37 -25.60
N SER G 101 -22.50 14.56 -25.60
CA SER G 101 -23.01 15.71 -26.36
C SER G 101 -22.94 15.48 -27.86
N PHE G 102 -21.87 14.81 -28.31
CA PHE G 102 -21.70 14.45 -29.72
C PHE G 102 -22.83 13.55 -30.19
N LEU G 103 -23.16 12.52 -29.39
CA LEU G 103 -24.25 11.61 -29.71
C LEU G 103 -25.65 12.26 -29.59
N LEU G 104 -25.80 13.24 -28.70
CA LEU G 104 -27.02 14.05 -28.63
C LEU G 104 -27.28 14.77 -29.96
N ALA G 105 -26.23 15.40 -30.49
CA ALA G 105 -26.29 16.07 -31.81
C ALA G 105 -26.50 15.11 -32.99
N ALA G 106 -26.14 13.85 -32.81
CA ALA G 106 -26.28 12.81 -33.83
C ALA G 106 -27.70 12.24 -34.04
N GLY G 107 -28.64 12.60 -33.16
CA GLY G 107 -30.03 12.15 -33.31
C GLY G 107 -30.69 12.66 -34.58
N ALA G 108 -31.82 12.05 -34.94
CA ALA G 108 -32.54 12.43 -36.18
C ALA G 108 -32.86 13.92 -36.21
N LYS G 109 -32.65 14.53 -37.38
CA LYS G 109 -32.85 15.96 -37.57
C LYS G 109 -34.30 16.35 -37.25
N GLY G 110 -34.47 17.27 -36.31
CA GLY G 110 -35.79 17.65 -35.79
C GLY G 110 -36.26 16.89 -34.57
N LYS G 111 -35.52 15.84 -34.16
CA LYS G 111 -35.92 14.99 -33.04
C LYS G 111 -34.81 14.85 -31.98
N ARG G 112 -34.06 15.94 -31.79
CA ARG G 112 -33.03 16.02 -30.75
C ARG G 112 -33.53 16.98 -29.68
N PHE G 113 -33.62 16.50 -28.45
CA PHE G 113 -34.27 17.24 -27.36
C PHE G 113 -33.41 17.36 -26.11
N ALA G 114 -33.79 18.28 -25.24
CA ALA G 114 -33.25 18.39 -23.90
C ALA G 114 -34.31 18.96 -22.96
N LEU G 115 -34.32 18.49 -21.72
CA LEU G 115 -35.20 19.06 -20.70
C LEU G 115 -34.58 20.37 -20.18
N PRO G 116 -35.41 21.29 -19.63
CA PRO G 116 -34.98 22.70 -19.40
C PRO G 116 -33.72 22.92 -18.57
N ASN G 117 -33.47 22.06 -17.58
CA ASN G 117 -32.31 22.18 -16.69
C ASN G 117 -31.18 21.19 -17.02
N ALA G 118 -31.26 20.53 -18.18
CA ALA G 118 -30.20 19.63 -18.64
C ALA G 118 -28.95 20.41 -19.02
N GLU G 119 -27.79 19.85 -18.70
CA GLU G 119 -26.49 20.49 -18.93
C GLU G 119 -25.82 19.86 -20.15
N VAL G 120 -25.40 20.69 -21.10
CA VAL G 120 -24.63 20.23 -22.26
C VAL G 120 -23.24 20.84 -22.20
N MET G 121 -22.20 20.01 -22.32
CA MET G 121 -20.82 20.48 -22.31
C MET G 121 -20.09 19.97 -23.55
N ILE G 122 -19.35 20.87 -24.20
CA ILE G 122 -18.50 20.52 -25.34
C ILE G 122 -17.07 20.96 -25.06
N HIS G 123 -16.11 20.13 -25.44
CA HIS G 123 -14.69 20.44 -25.34
C HIS G 123 -13.88 19.48 -26.20
N GLN G 124 -12.60 19.81 -26.37
CA GLN G 124 -11.72 19.01 -27.24
C GLN G 124 -11.40 17.64 -26.62
N PRO G 125 -11.07 16.65 -27.47
CA PRO G 125 -10.77 15.31 -26.94
C PRO G 125 -9.53 15.28 -26.03
N LEU G 126 -9.55 14.36 -25.08
CA LEU G 126 -8.47 14.17 -24.12
C LEU G 126 -7.72 12.89 -24.44
N GLY G 127 -6.42 12.87 -24.12
CA GLY G 127 -5.61 11.69 -24.34
C GLY G 127 -4.24 11.79 -23.70
N GLY G 128 -3.35 10.91 -24.12
CA GLY G 128 -2.00 10.88 -23.61
C GLY G 128 -1.01 10.26 -24.57
N ALA G 129 0.27 10.49 -24.30
CA ALA G 129 1.36 9.92 -25.08
C ALA G 129 2.59 9.84 -24.18
N GLN G 130 3.38 8.78 -24.35
CA GLN G 130 4.60 8.58 -23.58
C GLN G 130 5.59 7.71 -24.34
N GLY G 131 6.86 8.12 -24.33
CA GLY G 131 7.95 7.38 -24.97
C GLY G 131 8.80 8.27 -25.85
N GLN G 132 9.23 7.73 -26.99
CA GLN G 132 10.13 8.44 -27.89
C GLN G 132 9.45 9.59 -28.60
N ALA G 133 10.24 10.56 -29.05
CA ALA G 133 9.73 11.75 -29.76
C ALA G 133 8.82 11.39 -30.94
N THR G 134 9.23 10.40 -31.74
CA THR G 134 8.43 9.95 -32.88
C THR G 134 7.13 9.24 -32.47
N GLU G 135 7.15 8.57 -31.31
CA GLU G 135 5.93 7.97 -30.75
C GLU G 135 4.95 9.04 -30.27
N ILE G 136 5.48 10.09 -29.66
CA ILE G 136 4.66 11.24 -29.20
CA ILE G 136 4.66 11.22 -29.20
C ILE G 136 4.06 11.95 -30.40
N GLU G 137 4.85 12.07 -31.47
CA GLU G 137 4.39 12.67 -32.74
C GLU G 137 3.22 11.90 -33.34
N ILE G 138 3.34 10.56 -33.37
CA ILE G 138 2.26 9.70 -33.87
C ILE G 138 0.97 9.87 -33.05
N ALA G 139 1.12 9.86 -31.72
CA ALA G 139 -0.01 10.06 -30.81
C ALA G 139 -0.66 11.43 -31.00
N ALA G 140 0.18 12.46 -31.14
CA ALA G 140 -0.28 13.83 -31.36
C ALA G 140 -1.04 13.97 -32.68
N ASN G 141 -0.47 13.44 -33.76
CA ASN G 141 -1.15 13.45 -35.07
C ASN G 141 -2.48 12.70 -35.04
N HIS G 142 -2.53 11.60 -34.29
CA HIS G 142 -3.75 10.80 -34.15
C HIS G 142 -4.88 11.55 -33.43
N ILE G 143 -4.58 12.12 -32.26
CA ILE G 143 -5.61 12.86 -31.49
C ILE G 143 -6.03 14.15 -32.21
N LEU G 144 -5.09 14.80 -32.90
CA LEU G 144 -5.42 15.97 -33.73
C LEU G 144 -6.33 15.60 -34.90
N LYS G 145 -6.04 14.49 -35.58
CA LYS G 145 -6.91 13.99 -36.66
C LYS G 145 -8.29 13.57 -36.15
N THR G 146 -8.34 13.00 -34.95
CA THR G 146 -9.60 12.65 -34.29
C THR G 146 -10.43 13.91 -33.96
N ARG G 147 -9.79 14.98 -33.53
CA ARG G 147 -10.49 16.24 -33.26
C ARG G 147 -11.08 16.84 -34.55
N GLU G 148 -10.30 16.82 -35.63
CA GLU G 148 -10.77 17.27 -36.95
C GLU G 148 -11.99 16.46 -37.43
N LYS G 149 -11.94 15.16 -37.19
CA LYS G 149 -13.04 14.23 -37.50
C LYS G 149 -14.31 14.59 -36.71
N LEU G 150 -14.16 14.74 -35.39
CA LEU G 150 -15.26 15.16 -34.51
C LEU G 150 -15.84 16.52 -34.90
N ASN G 151 -14.96 17.49 -35.13
CA ASN G 151 -15.37 18.86 -35.49
C ASN G 151 -16.10 18.93 -36.84
N ARG G 152 -15.61 18.17 -37.82
CA ARG G 152 -16.24 18.12 -39.15
C ARG G 152 -17.66 17.58 -39.08
N ILE G 153 -17.85 16.51 -38.32
CA ILE G 153 -19.16 15.89 -38.16
C ILE G 153 -20.08 16.77 -37.32
N LEU G 154 -19.56 17.34 -36.23
CA LEU G 154 -20.35 18.25 -35.40
C LEU G 154 -20.79 19.49 -36.18
N SER G 155 -19.94 19.97 -37.09
CA SER G 155 -20.31 21.04 -38.03
C SER G 155 -21.50 20.64 -38.91
N GLU G 156 -21.47 19.42 -39.44
CA GLU G 156 -22.57 18.88 -40.24
C GLU G 156 -23.87 18.76 -39.44
N ARG G 157 -23.76 18.30 -38.20
CA ARG G 157 -24.93 18.09 -37.34
C ARG G 157 -25.55 19.38 -36.79
N THR G 158 -24.71 20.38 -36.50
CA THR G 158 -25.16 21.63 -35.87
C THR G 158 -25.42 22.78 -36.86
N GLY G 159 -24.74 22.75 -38.01
CA GLY G 159 -24.76 23.86 -38.95
C GLY G 159 -23.78 24.98 -38.61
N GLN G 160 -22.96 24.79 -37.57
CA GLN G 160 -21.91 25.74 -37.22
C GLN G 160 -20.65 25.39 -37.98
N SER G 161 -19.77 26.36 -38.16
CA SER G 161 -18.52 26.16 -38.90
C SER G 161 -17.51 25.37 -38.08
N ILE G 162 -16.62 24.67 -38.77
CA ILE G 162 -15.48 23.97 -38.14
C ILE G 162 -14.61 24.95 -37.34
N GLU G 163 -14.44 26.16 -37.86
CA GLU G 163 -13.63 27.20 -37.21
C GLU G 163 -14.27 27.65 -35.89
N LYS G 164 -15.59 27.81 -35.88
CA LYS G 164 -16.34 28.13 -34.65
C LYS G 164 -16.27 27.00 -33.63
N ILE G 165 -16.47 25.76 -34.08
CA ILE G 165 -16.41 24.58 -33.21
C ILE G 165 -15.04 24.47 -32.54
N GLN G 166 -13.98 24.66 -33.33
CA GLN G 166 -12.60 24.65 -32.84
C GLN G 166 -12.39 25.62 -31.67
N LYS G 167 -12.81 26.87 -31.87
CA LYS G 167 -12.67 27.91 -30.84
C LYS G 167 -13.55 27.66 -29.62
N ASP G 168 -14.79 27.22 -29.84
CA ASP G 168 -15.73 26.95 -28.75
C ASP G 168 -15.40 25.71 -27.92
N THR G 169 -14.59 24.80 -28.45
CA THR G 169 -14.21 23.57 -27.74
C THR G 169 -12.74 23.58 -27.24
N ASP G 170 -12.06 24.72 -27.37
CA ASP G 170 -10.67 24.87 -26.91
C ASP G 170 -10.56 24.64 -25.39
N ARG G 171 -11.52 25.19 -24.65
CA ARG G 171 -11.67 24.98 -23.21
C ARG G 171 -13.03 24.36 -22.93
N ASP G 172 -13.24 23.93 -21.69
CA ASP G 172 -14.55 23.42 -21.26
C ASP G 172 -15.61 24.50 -21.47
N ASN G 173 -16.68 24.14 -22.20
CA ASN G 173 -17.72 25.08 -22.57
C ASN G 173 -19.07 24.50 -22.15
N PHE G 174 -19.59 24.98 -21.02
CA PHE G 174 -20.90 24.55 -20.51
C PHE G 174 -22.01 25.35 -21.18
N LEU G 175 -23.06 24.64 -21.59
CA LEU G 175 -24.21 25.24 -22.24
C LEU G 175 -25.48 24.82 -21.51
N THR G 176 -26.43 25.76 -21.40
CA THR G 176 -27.78 25.44 -20.95
C THR G 176 -28.52 24.76 -22.11
N ALA G 177 -29.69 24.21 -21.81
CA ALA G 177 -30.53 23.57 -22.84
C ALA G 177 -30.91 24.54 -23.96
N GLU G 178 -31.27 25.76 -23.58
CA GLU G 178 -31.61 26.82 -24.54
C GLU G 178 -30.40 27.23 -25.39
N GLU G 179 -29.23 27.33 -24.76
CA GLU G 179 -27.99 27.62 -25.49
C GLU G 179 -27.61 26.48 -26.45
N ALA G 180 -27.84 25.23 -26.04
CA ALA G 180 -27.62 24.08 -26.92
C ALA G 180 -28.55 24.07 -28.14
N LYS G 181 -29.79 24.53 -27.95
CA LYS G 181 -30.75 24.70 -29.05
C LYS G 181 -30.28 25.80 -30.02
N GLU G 182 -29.85 26.93 -29.47
CA GLU G 182 -29.29 28.03 -30.27
C GLU G 182 -28.05 27.58 -31.04
N TYR G 183 -27.23 26.73 -30.43
CA TYR G 183 -26.01 26.20 -31.05
C TYR G 183 -26.29 25.25 -32.22
N GLY G 184 -27.41 24.52 -32.14
CA GLY G 184 -27.76 23.49 -33.12
C GLY G 184 -27.47 22.07 -32.66
N LEU G 185 -27.04 21.92 -31.40
CA LEU G 185 -26.81 20.60 -30.79
C LEU G 185 -28.12 19.85 -30.56
N ILE G 186 -29.18 20.60 -30.24
CA ILE G 186 -30.54 20.06 -30.17
C ILE G 186 -31.49 20.93 -30.99
N ASP G 187 -32.69 20.42 -31.21
CA ASP G 187 -33.72 21.11 -32.00
C ASP G 187 -34.73 21.85 -31.13
N GLU G 188 -35.15 21.24 -30.02
CA GLU G 188 -36.14 21.82 -29.13
C GLU G 188 -35.78 21.59 -27.66
N VAL G 189 -36.17 22.55 -26.81
CA VAL G 189 -36.15 22.34 -25.37
C VAL G 189 -37.56 21.90 -24.99
N MET G 190 -37.69 20.68 -24.49
CA MET G 190 -38.99 20.13 -24.09
C MET G 190 -39.49 20.79 -22.81
N VAL G 191 -40.58 21.54 -22.92
CA VAL G 191 -41.20 22.22 -21.77
C VAL G 191 -42.37 21.38 -21.23
N PRO G 192 -42.73 21.57 -19.93
CA PRO G 192 -43.86 20.80 -19.37
C PRO G 192 -45.20 21.20 -19.96
N LEU H 3 28.05 1.71 12.07
CA LEU H 3 29.16 2.69 12.28
C LEU H 3 30.51 2.12 11.84
N ILE H 4 31.17 2.82 10.91
CA ILE H 4 32.51 2.46 10.44
C ILE H 4 33.52 3.00 11.45
N PRO H 5 34.40 2.14 12.00
CA PRO H 5 35.29 2.58 13.08
C PRO H 5 36.41 3.52 12.61
N THR H 6 36.87 4.36 13.54
CA THR H 6 37.91 5.34 13.30
C THR H 6 39.24 4.84 13.87
N VAL H 7 40.35 5.25 13.25
CA VAL H 7 41.70 5.01 13.76
C VAL H 7 42.48 6.32 13.73
N ILE H 8 43.23 6.59 14.81
CA ILE H 8 44.00 7.82 14.96
C ILE H 8 45.46 7.44 15.29
N GLU H 9 46.40 8.09 14.61
CA GLU H 9 47.83 7.81 14.78
C GLU H 9 48.65 9.11 14.79
N ARG H 16 46.14 12.50 13.24
CA ARG H 16 45.45 12.31 11.96
C ARG H 16 44.42 11.19 12.06
N ALA H 17 43.13 11.55 12.00
CA ALA H 17 42.04 10.59 12.10
C ALA H 17 41.67 10.03 10.73
N TYR H 18 41.44 8.72 10.68
CA TYR H 18 41.05 8.00 9.46
C TYR H 18 39.90 7.06 9.79
N ASP H 19 38.89 7.01 8.91
CA ASP H 19 37.98 5.86 8.90
C ASP H 19 38.79 4.66 8.38
N ILE H 20 38.39 3.45 8.78
CA ILE H 20 39.19 2.25 8.53
C ILE H 20 39.54 2.03 7.06
N TYR H 21 38.59 2.30 6.16
CA TYR H 21 38.79 2.09 4.72
C TYR H 21 39.76 3.10 4.12
N SER H 22 39.67 4.35 4.56
CA SER H 22 40.62 5.40 4.15
C SER H 22 42.04 5.12 4.66
N ARG H 23 42.15 4.55 5.86
CA ARG H 23 43.45 4.12 6.38
C ARG H 23 44.06 3.01 5.50
N LEU H 24 43.23 2.07 5.07
CA LEU H 24 43.67 1.02 4.13
C LEU H 24 44.12 1.61 2.79
N LEU H 25 43.37 2.59 2.27
CA LEU H 25 43.74 3.29 1.04
C LEU H 25 45.11 3.99 1.10
N LYS H 26 45.50 4.45 2.29
CA LYS H 26 46.85 4.98 2.52
C LYS H 26 47.96 3.98 2.19
N ASP H 27 47.70 2.69 2.43
CA ASP H 27 48.60 1.60 2.04
C ASP H 27 48.20 0.90 0.72
N ARG H 28 47.55 1.65 -0.18
CA ARG H 28 47.23 1.21 -1.54
C ARG H 28 46.27 0.02 -1.62
N ILE H 29 45.35 -0.05 -0.65
CA ILE H 29 44.32 -1.09 -0.58
C ILE H 29 42.97 -0.47 -0.96
N ILE H 30 42.33 -1.05 -1.98
CA ILE H 30 40.99 -0.63 -2.41
C ILE H 30 40.00 -1.75 -2.07
N MET H 31 38.85 -1.38 -1.53
CA MET H 31 37.81 -2.33 -1.13
C MET H 31 36.67 -2.35 -2.15
N LEU H 32 36.48 -3.51 -2.78
CA LEU H 32 35.26 -3.80 -3.53
C LEU H 32 34.46 -4.79 -2.67
N GLY H 33 33.66 -4.23 -1.75
CA GLY H 33 32.93 -5.02 -0.75
C GLY H 33 31.42 -4.89 -0.83
N SER H 34 30.90 -4.66 -2.04
CA SER H 34 29.47 -4.44 -2.23
C SER H 34 29.04 -4.80 -3.65
N GLN H 35 27.74 -4.71 -3.91
CA GLN H 35 27.19 -4.84 -5.26
C GLN H 35 27.79 -3.74 -6.14
N ILE H 36 28.23 -4.11 -7.34
CA ILE H 36 28.84 -3.18 -8.28
C ILE H 36 27.75 -2.38 -9.00
N ASP H 37 27.68 -1.08 -8.68
CA ASP H 37 26.86 -0.12 -9.43
C ASP H 37 27.76 1.03 -9.87
N ASP H 38 27.19 2.04 -10.53
CA ASP H 38 27.98 3.17 -11.01
C ASP H 38 28.71 3.93 -9.89
N ASN H 39 28.05 4.11 -8.75
CA ASN H 39 28.67 4.80 -7.59
C ASN H 39 29.93 4.08 -7.09
N VAL H 40 29.86 2.76 -6.97
CA VAL H 40 30.99 1.93 -6.56
C VAL H 40 32.11 2.01 -7.63
N ALA H 41 31.72 1.93 -8.90
CA ALA H 41 32.68 2.04 -10.01
C ALA H 41 33.40 3.40 -10.01
N ASN H 42 32.64 4.48 -9.87
CA ASN H 42 33.21 5.84 -9.84
C ASN H 42 34.24 5.98 -8.72
N SER H 43 33.90 5.46 -7.54
CA SER H 43 34.78 5.49 -6.37
C SER H 43 36.07 4.71 -6.61
N ILE H 44 35.95 3.47 -7.06
CA ILE H 44 37.12 2.59 -7.29
C ILE H 44 38.02 3.13 -8.41
N VAL H 45 37.40 3.61 -9.50
CA VAL H 45 38.16 4.23 -10.60
C VAL H 45 38.96 5.45 -10.11
N SER H 46 38.32 6.28 -9.29
CA SER H 46 38.97 7.46 -8.72
C SER H 46 40.11 7.11 -7.78
N GLN H 47 39.91 6.08 -6.96
CA GLN H 47 40.97 5.55 -6.08
C GLN H 47 42.17 5.02 -6.88
N LEU H 48 41.89 4.26 -7.94
CA LEU H 48 42.95 3.74 -8.82
C LEU H 48 43.76 4.86 -9.48
N LEU H 49 43.05 5.89 -9.96
CA LEU H 49 43.70 7.06 -10.57
C LEU H 49 44.57 7.80 -9.56
N PHE H 50 44.05 7.96 -8.34
CA PHE H 50 44.79 8.59 -7.24
C PHE H 50 46.06 7.83 -6.88
N LEU H 51 45.94 6.51 -6.71
CA LEU H 51 47.08 5.66 -6.33
C LEU H 51 48.16 5.60 -7.41
N GLN H 52 47.75 5.65 -8.66
CA GLN H 52 48.73 5.76 -9.80
CA GLN H 52 48.75 5.75 -9.77
C GLN H 52 49.58 7.07 -9.71
N ALA H 53 48.84 8.16 -9.42
CA ALA H 53 49.48 9.48 -9.29
C ALA H 53 50.42 9.55 -8.09
N GLN H 54 50.01 8.95 -6.98
CA GLN H 54 50.86 8.86 -5.77
C GLN H 54 52.15 8.07 -6.01
N ASP H 55 52.01 6.92 -6.68
CA ASP H 55 53.14 6.02 -6.92
C ASP H 55 52.80 5.14 -8.13
N SER H 56 53.53 5.36 -9.23
CA SER H 56 53.29 4.62 -10.48
C SER H 56 53.88 3.20 -10.52
N GLU H 57 54.73 2.87 -9.54
CA GLU H 57 55.46 1.59 -9.53
C GLU H 57 54.97 0.57 -8.49
N LYS H 58 54.54 1.03 -7.31
CA LYS H 58 54.11 0.14 -6.23
C LYS H 58 52.77 -0.53 -6.55
N ASP H 59 52.65 -1.80 -6.16
CA ASP H 59 51.42 -2.57 -6.38
C ASP H 59 50.21 -1.97 -5.65
N ILE H 60 49.02 -2.22 -6.22
CA ILE H 60 47.75 -1.88 -5.61
C ILE H 60 47.08 -3.21 -5.25
N TYR H 61 46.31 -3.23 -4.16
CA TYR H 61 45.63 -4.43 -3.69
C TYR H 61 44.12 -4.22 -3.73
N LEU H 62 43.45 -4.96 -4.61
CA LEU H 62 41.99 -4.88 -4.74
C LEU H 62 41.33 -6.05 -4.01
N TYR H 63 40.74 -5.74 -2.86
CA TYR H 63 39.93 -6.67 -2.08
C TYR H 63 38.59 -6.85 -2.79
N ILE H 64 38.19 -8.11 -3.02
CA ILE H 64 36.90 -8.41 -3.66
C ILE H 64 36.05 -9.32 -2.79
N ASN H 65 34.99 -8.74 -2.23
CA ASN H 65 33.89 -9.48 -1.61
C ASN H 65 32.59 -8.92 -2.21
N SER H 66 32.21 -9.42 -3.38
CA SER H 66 31.14 -8.80 -4.17
C SER H 66 30.31 -9.83 -4.93
N PRO H 67 28.97 -9.66 -4.95
CA PRO H 67 28.11 -10.51 -5.78
C PRO H 67 28.04 -10.05 -7.24
N GLY H 68 28.80 -9.03 -7.63
CA GLY H 68 28.79 -8.49 -8.97
C GLY H 68 27.75 -7.39 -9.08
N GLY H 69 27.19 -7.23 -10.28
CA GLY H 69 26.18 -6.20 -10.53
C GLY H 69 26.24 -5.70 -11.96
N SER H 70 26.38 -4.39 -12.14
CA SER H 70 26.36 -3.78 -13.47
C SER H 70 27.60 -4.14 -14.27
N VAL H 71 27.39 -4.63 -15.49
CA VAL H 71 28.49 -5.00 -16.40
C VAL H 71 29.28 -3.77 -16.83
N THR H 72 28.59 -2.69 -17.19
CA THR H 72 29.26 -1.45 -17.60
C THR H 72 30.06 -0.84 -16.46
N ALA H 73 29.50 -0.85 -15.25
CA ALA H 73 30.22 -0.40 -14.06
C ALA H 73 31.45 -1.27 -13.78
N GLY H 74 31.31 -2.58 -13.98
CA GLY H 74 32.44 -3.50 -13.90
C GLY H 74 33.53 -3.21 -14.92
N PHE H 75 33.13 -2.91 -16.16
CA PHE H 75 34.10 -2.55 -17.21
C PHE H 75 34.77 -1.19 -17.00
N ALA H 76 34.10 -0.29 -16.27
CA ALA H 76 34.74 0.96 -15.82
C ALA H 76 35.96 0.65 -14.95
N ILE H 77 35.79 -0.29 -14.01
CA ILE H 77 36.87 -0.72 -13.13
C ILE H 77 37.92 -1.52 -13.91
N TYR H 78 37.46 -2.46 -14.75
CA TYR H 78 38.35 -3.29 -15.57
C TYR H 78 39.31 -2.45 -16.42
N ASP H 79 38.74 -1.54 -17.22
CA ASP H 79 39.55 -0.71 -18.13
C ASP H 79 40.54 0.19 -17.41
N THR H 80 40.13 0.72 -16.24
CA THR H 80 41.03 1.53 -15.42
C THR H 80 42.19 0.70 -14.88
N ILE H 81 41.91 -0.53 -14.41
CA ILE H 81 42.97 -1.45 -13.97
C ILE H 81 43.98 -1.69 -15.09
N GLN H 82 43.51 -2.00 -16.30
CA GLN H 82 44.40 -2.31 -17.42
C GLN H 82 45.19 -1.10 -17.93
N HIS H 83 44.62 0.10 -17.80
CA HIS H 83 45.30 1.32 -18.27
C HIS H 83 46.47 1.73 -17.39
N ILE H 84 46.26 1.75 -16.06
CA ILE H 84 47.26 2.28 -15.13
C ILE H 84 48.54 1.44 -15.08
N LYS H 85 49.65 2.11 -14.74
CA LYS H 85 50.97 1.48 -14.71
C LYS H 85 51.14 0.43 -13.60
N PRO H 86 50.73 0.75 -12.35
CA PRO H 86 50.90 -0.22 -11.26
C PRO H 86 50.12 -1.52 -11.46
N ASP H 87 50.71 -2.64 -11.03
CA ASP H 87 49.99 -3.91 -10.97
C ASP H 87 48.90 -3.81 -9.92
N VAL H 88 47.71 -4.31 -10.27
CA VAL H 88 46.59 -4.40 -9.33
C VAL H 88 46.44 -5.87 -8.97
N GLN H 89 46.81 -6.21 -7.73
CA GLN H 89 46.58 -7.54 -7.18
C GLN H 89 45.10 -7.65 -6.84
N THR H 90 44.52 -8.83 -7.06
CA THR H 90 43.14 -9.09 -6.66
C THR H 90 43.12 -10.22 -5.64
N ILE H 91 42.33 -10.07 -4.59
N ILE H 91 42.32 -10.07 -4.58
CA ILE H 91 42.18 -11.11 -3.57
CA ILE H 91 42.19 -11.07 -3.53
C ILE H 91 40.71 -11.32 -3.23
C ILE H 91 40.71 -11.32 -3.20
N CYS H 92 40.22 -12.53 -3.49
CA CYS H 92 38.84 -12.90 -3.19
C CYS H 92 38.74 -13.38 -1.75
N ILE H 93 37.95 -12.65 -0.95
CA ILE H 93 37.71 -12.98 0.45
C ILE H 93 36.20 -12.98 0.64
N GLY H 94 35.66 -14.12 1.08
CA GLY H 94 34.21 -14.30 1.20
C GLY H 94 33.63 -14.88 -0.08
N MET H 95 33.31 -14.01 -1.04
CA MET H 95 32.77 -14.45 -2.33
C MET H 95 32.98 -13.46 -3.47
N ALA H 96 33.22 -14.00 -4.67
CA ALA H 96 33.26 -13.22 -5.90
C ALA H 96 32.29 -13.86 -6.88
N ALA H 97 31.19 -13.18 -7.19
CA ALA H 97 30.18 -13.71 -8.11
C ALA H 97 30.01 -12.78 -9.30
N SER H 98 29.76 -13.38 -10.46
CA SER H 98 29.40 -12.66 -11.68
C SER H 98 30.49 -11.64 -12.07
N MET H 99 30.18 -10.34 -12.11
CA MET H 99 31.17 -9.34 -12.49
C MET H 99 32.28 -9.17 -11.45
N GLY H 100 32.03 -9.57 -10.20
CA GLY H 100 33.06 -9.66 -9.18
C GLY H 100 34.14 -10.69 -9.50
N SER H 101 33.71 -11.85 -10.00
CA SER H 101 34.65 -12.90 -10.44
C SER H 101 35.38 -12.51 -11.73
N PHE H 102 34.72 -11.73 -12.59
CA PHE H 102 35.36 -11.17 -13.77
C PHE H 102 36.52 -10.24 -13.39
N LEU H 103 36.26 -9.36 -12.42
CA LEU H 103 37.29 -8.44 -11.92
C LEU H 103 38.40 -9.17 -11.15
N LEU H 104 38.04 -10.23 -10.42
CA LEU H 104 39.05 -11.12 -9.79
C LEU H 104 40.03 -11.67 -10.82
N ALA H 105 39.49 -12.15 -11.94
CA ALA H 105 40.32 -12.69 -13.05
C ALA H 105 41.11 -11.63 -13.81
N ALA H 106 40.71 -10.36 -13.69
CA ALA H 106 41.37 -9.23 -14.36
C ALA H 106 42.57 -8.65 -13.61
N GLY H 107 42.91 -9.20 -12.44
CA GLY H 107 44.10 -8.75 -11.69
C GLY H 107 45.40 -9.06 -12.43
N ALA H 108 46.49 -8.47 -11.95
CA ALA H 108 47.81 -8.65 -12.57
C ALA H 108 48.18 -10.13 -12.63
N LYS H 109 48.75 -10.55 -13.76
CA LYS H 109 49.14 -11.94 -13.98
C LYS H 109 50.12 -12.41 -12.90
N GLY H 110 49.80 -13.54 -12.26
CA GLY H 110 50.55 -14.05 -11.13
C GLY H 110 50.20 -13.47 -9.75
N LYS H 111 49.28 -12.50 -9.71
CA LYS H 111 48.92 -11.81 -8.46
C LYS H 111 47.40 -11.78 -8.23
N ARG H 112 46.72 -12.84 -8.64
CA ARG H 112 45.30 -13.02 -8.40
C ARG H 112 45.15 -14.13 -7.37
N PHE H 113 44.51 -13.81 -6.25
CA PHE H 113 44.45 -14.70 -5.09
C PHE H 113 43.03 -14.96 -4.60
N ALA H 114 42.88 -16.02 -3.83
CA ALA H 114 41.67 -16.27 -3.06
C ALA H 114 42.05 -17.00 -1.78
N LEU H 115 41.38 -16.67 -0.68
CA LEU H 115 41.57 -17.39 0.57
C LEU H 115 40.84 -18.73 0.49
N PRO H 116 41.28 -19.75 1.28
CA PRO H 116 40.87 -21.15 1.05
C PRO H 116 39.37 -21.44 0.98
N ASN H 117 38.57 -20.75 1.79
CA ASN H 117 37.12 -20.95 1.85
C ASN H 117 36.32 -19.90 1.06
N ALA H 118 37.00 -19.06 0.27
CA ALA H 118 36.33 -18.06 -0.56
C ALA H 118 35.59 -18.74 -1.71
N GLU H 119 34.44 -18.16 -2.07
CA GLU H 119 33.54 -18.72 -3.09
C GLU H 119 33.64 -17.93 -4.38
N VAL H 120 33.81 -18.63 -5.51
CA VAL H 120 33.81 -17.98 -6.83
C VAL H 120 32.65 -18.54 -7.65
N MET H 121 31.86 -17.66 -8.25
CA MET H 121 30.75 -18.09 -9.11
C MET H 121 30.81 -17.36 -10.46
N ILE H 122 30.61 -18.12 -11.53
CA ILE H 122 30.53 -17.58 -12.88
C ILE H 122 29.20 -18.00 -13.53
N HIS H 123 28.59 -17.07 -14.25
CA HIS H 123 27.39 -17.36 -15.03
C HIS H 123 27.24 -16.33 -16.15
N GLN H 124 26.18 -16.46 -16.94
CA GLN H 124 25.94 -15.52 -18.04
C GLN H 124 25.29 -14.22 -17.54
N PRO H 125 25.40 -13.12 -18.33
CA PRO H 125 24.79 -11.85 -17.91
C PRO H 125 23.28 -11.91 -17.80
N LEU H 126 22.73 -11.12 -16.87
CA LEU H 126 21.29 -11.01 -16.66
C LEU H 126 20.78 -9.67 -17.18
N GLY H 127 19.53 -9.65 -17.61
CA GLY H 127 18.91 -8.42 -18.09
C GLY H 127 17.44 -8.56 -18.37
N GLY H 128 16.89 -7.57 -19.04
CA GLY H 128 15.48 -7.56 -19.39
C GLY H 128 15.18 -6.68 -20.59
N ALA H 129 14.02 -6.92 -21.20
CA ALA H 129 13.54 -6.15 -22.33
C ALA H 129 12.03 -6.18 -22.35
N GLN H 130 11.41 -5.04 -22.70
CA GLN H 130 9.95 -4.93 -22.78
C GLN H 130 9.56 -3.96 -23.88
N GLY H 131 8.49 -4.29 -24.61
CA GLY H 131 7.95 -3.44 -25.66
C GLY H 131 7.81 -4.15 -26.99
N GLN H 132 8.09 -3.43 -28.08
CA GLN H 132 7.92 -3.94 -29.44
C GLN H 132 8.93 -5.04 -29.77
N ALA H 133 8.55 -5.91 -30.72
CA ALA H 133 9.43 -7.01 -31.16
C ALA H 133 10.83 -6.54 -31.56
N THR H 134 10.91 -5.44 -32.31
CA THR H 134 12.18 -4.85 -32.72
C THR H 134 12.98 -4.26 -31.55
N GLU H 135 12.27 -3.77 -30.54
CA GLU H 135 12.92 -3.30 -29.29
C GLU H 135 13.49 -4.48 -28.50
N ILE H 136 12.77 -5.59 -28.44
CA ILE H 136 13.25 -6.82 -27.79
C ILE H 136 14.47 -7.38 -28.53
N GLU H 137 14.43 -7.35 -29.86
CA GLU H 137 15.54 -7.79 -30.72
C GLU H 137 16.82 -7.01 -30.41
N ILE H 138 16.71 -5.68 -30.35
CA ILE H 138 17.84 -4.80 -30.04
C ILE H 138 18.45 -5.14 -28.67
N ALA H 139 17.59 -5.30 -27.67
CA ALA H 139 18.03 -5.67 -26.32
C ALA H 139 18.69 -7.05 -26.26
N ALA H 140 18.13 -8.01 -27.01
CA ALA H 140 18.69 -9.36 -27.08
C ALA H 140 20.06 -9.37 -27.75
N ASN H 141 20.19 -8.69 -28.89
CA ASN H 141 21.48 -8.57 -29.58
C ASN H 141 22.54 -7.88 -28.72
N HIS H 142 22.12 -6.89 -27.93
CA HIS H 142 23.03 -6.16 -27.03
C HIS H 142 23.58 -7.04 -25.90
N ILE H 143 22.70 -7.75 -25.20
CA ILE H 143 23.14 -8.63 -24.10
C ILE H 143 23.95 -9.84 -24.61
N LEU H 144 23.61 -10.34 -25.80
CA LEU H 144 24.38 -11.40 -26.46
C LEU H 144 25.79 -10.94 -26.84
N LYS H 145 25.91 -9.73 -27.39
CA LYS H 145 27.23 -9.15 -27.72
C LYS H 145 28.04 -8.87 -26.45
N THR H 146 27.36 -8.42 -25.39
CA THR H 146 27.99 -8.22 -24.08
C THR H 146 28.54 -9.53 -23.51
N ARG H 147 27.80 -10.63 -23.68
CA ARG H 147 28.29 -11.94 -23.25
C ARG H 147 29.52 -12.39 -24.05
N GLU H 148 29.49 -12.21 -25.37
CA GLU H 148 30.65 -12.52 -26.22
C GLU H 148 31.89 -11.74 -25.78
N LYS H 149 31.69 -10.45 -25.51
CA LYS H 149 32.72 -9.54 -24.99
C LYS H 149 33.33 -10.05 -23.68
N LEU H 150 32.47 -10.38 -22.72
CA LEU H 150 32.91 -10.94 -21.42
C LEU H 150 33.63 -12.28 -21.56
N ASN H 151 33.05 -13.19 -22.36
CA ASN H 151 33.64 -14.53 -22.57
C ASN H 151 34.99 -14.47 -23.29
N ARG H 152 35.11 -13.57 -24.26
CA ARG H 152 36.36 -13.38 -25.01
C ARG H 152 37.51 -12.95 -24.09
N ILE H 153 37.23 -11.99 -23.21
CA ILE H 153 38.22 -11.50 -22.24
C ILE H 153 38.54 -12.59 -21.20
N LEU H 154 37.51 -13.25 -20.69
CA LEU H 154 37.69 -14.33 -19.71
C LEU H 154 38.54 -15.47 -20.28
N SER H 155 38.32 -15.81 -21.55
CA SER H 155 39.15 -16.78 -22.28
C SER H 155 40.63 -16.37 -22.29
N GLU H 156 40.88 -15.09 -22.58
CA GLU H 156 42.25 -14.54 -22.58
C GLU H 156 42.88 -14.55 -21.18
N ARG H 157 42.09 -14.25 -20.16
CA ARG H 157 42.57 -14.16 -18.77
C ARG H 157 42.78 -15.53 -18.10
N THR H 158 41.95 -16.51 -18.45
CA THR H 158 42.02 -17.86 -17.86
C THR H 158 42.82 -18.86 -18.68
N GLY H 159 42.89 -18.65 -20.00
CA GLY H 159 43.49 -19.62 -20.92
C GLY H 159 42.53 -20.71 -21.38
N GLN H 160 41.26 -20.64 -20.97
CA GLN H 160 40.25 -21.59 -21.41
C GLN H 160 39.70 -21.11 -22.76
N SER H 161 39.15 -22.05 -23.53
CA SER H 161 38.54 -21.72 -24.83
C SER H 161 37.23 -20.98 -24.61
N ILE H 162 36.85 -20.15 -25.58
CA ILE H 162 35.56 -19.44 -25.56
C ILE H 162 34.39 -20.45 -25.51
N GLU H 163 34.55 -21.58 -26.20
CA GLU H 163 33.54 -22.64 -26.24
C GLU H 163 33.31 -23.24 -24.86
N LYS H 164 34.40 -23.49 -24.13
CA LYS H 164 34.33 -24.00 -22.76
C LYS H 164 33.72 -22.99 -21.78
N ILE H 165 34.10 -21.72 -21.92
CA ILE H 165 33.56 -20.64 -21.08
C ILE H 165 32.03 -20.52 -21.28
N GLN H 166 31.60 -20.54 -22.55
CA GLN H 166 30.17 -20.52 -22.90
C GLN H 166 29.40 -21.63 -22.19
N LYS H 167 29.90 -22.85 -22.29
CA LYS H 167 29.28 -24.02 -21.67
C LYS H 167 29.26 -23.92 -20.14
N ASP H 168 30.39 -23.54 -19.56
CA ASP H 168 30.53 -23.47 -18.10
C ASP H 168 29.80 -22.29 -17.44
N THR H 169 29.41 -21.28 -18.22
CA THR H 169 28.66 -20.12 -17.71
C THR H 169 27.16 -20.14 -18.09
N ASP H 170 26.71 -21.20 -18.75
CA ASP H 170 25.29 -21.32 -19.16
C ASP H 170 24.34 -21.28 -17.97
N ARG H 171 24.72 -21.98 -16.90
CA ARG H 171 24.01 -21.95 -15.62
C ARG H 171 24.95 -21.44 -14.52
N ASP H 172 24.38 -21.16 -13.35
CA ASP H 172 25.18 -20.81 -12.16
C ASP H 172 26.23 -21.88 -11.88
N ASN H 173 27.49 -21.49 -11.87
CA ASN H 173 28.61 -22.41 -11.69
C ASN H 173 29.44 -21.96 -10.49
N PHE H 174 29.24 -22.61 -9.35
CA PHE H 174 29.99 -22.32 -8.13
C PHE H 174 31.31 -23.08 -8.12
N LEU H 175 32.38 -22.37 -7.80
CA LEU H 175 33.73 -22.92 -7.74
C LEU H 175 34.33 -22.67 -6.37
N THR H 176 35.06 -23.66 -5.85
CA THR H 176 35.91 -23.47 -4.67
C THR H 176 37.13 -22.64 -5.07
N ALA H 177 37.90 -22.20 -4.07
CA ALA H 177 39.14 -21.46 -4.33
C ALA H 177 40.12 -22.28 -5.17
N GLU H 178 40.27 -23.56 -4.83
CA GLU H 178 41.16 -24.47 -5.57
C GLU H 178 40.67 -24.72 -7.00
N GLU H 179 39.36 -24.87 -7.17
CA GLU H 179 38.75 -25.00 -8.51
C GLU H 179 38.93 -23.75 -9.36
N ALA H 180 38.80 -22.57 -8.74
CA ALA H 180 39.05 -21.29 -9.41
C ALA H 180 40.51 -21.16 -9.89
N LYS H 181 41.44 -21.66 -9.08
CA LYS H 181 42.86 -21.71 -9.48
C LYS H 181 43.06 -22.64 -10.66
N GLU H 182 42.49 -23.85 -10.57
CA GLU H 182 42.57 -24.84 -11.65
C GLU H 182 41.91 -24.35 -12.94
N TYR H 183 40.86 -23.53 -12.82
CA TYR H 183 40.16 -22.94 -13.96
C TYR H 183 40.97 -21.83 -14.64
N GLY H 184 41.85 -21.16 -13.90
CA GLY H 184 42.63 -20.03 -14.40
C GLY H 184 42.08 -18.66 -14.00
N LEU H 185 41.03 -18.65 -13.17
CA LEU H 185 40.45 -17.40 -12.65
C LEU H 185 41.37 -16.72 -11.63
N ILE H 186 42.09 -17.53 -10.85
CA ILE H 186 43.13 -17.04 -9.95
C ILE H 186 44.44 -17.80 -10.17
N ASP H 187 45.51 -17.28 -9.60
CA ASP H 187 46.85 -17.86 -9.72
C ASP H 187 47.22 -18.75 -8.55
N GLU H 188 46.82 -18.35 -7.33
CA GLU H 188 47.17 -19.08 -6.12
C GLU H 188 46.06 -19.04 -5.09
N VAL H 189 45.90 -20.13 -4.35
CA VAL H 189 45.08 -20.15 -3.14
C VAL H 189 46.02 -19.80 -2.00
N MET H 190 45.75 -18.69 -1.33
CA MET H 190 46.63 -18.17 -0.29
C MET H 190 46.39 -18.93 1.01
N VAL H 191 47.36 -19.74 1.43
CA VAL H 191 47.22 -20.62 2.61
C VAL H 191 47.77 -19.95 3.89
N PRO H 192 47.18 -20.27 5.05
CA PRO H 192 47.62 -19.65 6.31
C PRO H 192 48.93 -20.23 6.82
N LEU I 3 29.84 5.65 0.94
CA LEU I 3 31.17 5.47 1.59
C LEU I 3 32.31 6.00 0.72
N ILE I 4 32.44 7.34 0.69
CA ILE I 4 33.46 8.01 -0.10
C ILE I 4 34.74 8.11 0.74
N PRO I 5 35.87 7.55 0.25
CA PRO I 5 37.11 7.55 1.05
C PRO I 5 37.81 8.91 1.10
N THR I 6 38.58 9.12 2.15
CA THR I 6 39.36 10.35 2.37
C THR I 6 40.83 10.08 2.07
N VAL I 7 41.53 11.11 1.58
CA VAL I 7 42.98 11.05 1.31
C VAL I 7 43.65 12.29 1.89
N ILE I 8 44.83 12.10 2.49
CA ILE I 8 45.59 13.18 3.13
C ILE I 8 46.98 13.28 2.51
N GLU I 9 47.44 14.51 2.31
CA GLU I 9 48.75 14.78 1.70
C GLU I 9 49.49 15.86 2.48
N THR I 10 50.73 15.56 2.90
CA THR I 10 51.57 16.49 3.64
C THR I 10 52.38 17.36 2.68
N GLU I 15 49.38 19.52 6.41
CA GLU I 15 48.55 18.47 5.85
C GLU I 15 47.17 19.01 5.44
N ARG I 16 46.50 18.26 4.57
CA ARG I 16 45.17 18.63 4.07
C ARG I 16 44.37 17.39 3.65
N ALA I 17 43.21 17.20 4.27
CA ALA I 17 42.34 16.05 3.99
C ALA I 17 41.32 16.39 2.90
N TYR I 18 41.20 15.50 1.91
CA TYR I 18 40.20 15.62 0.85
C TYR I 18 39.42 14.32 0.73
N ASP I 19 38.12 14.42 0.48
CA ASP I 19 37.36 13.28 -0.06
C ASP I 19 37.87 13.05 -1.50
N ILE I 20 37.83 11.81 -1.95
CA ILE I 20 38.49 11.42 -3.23
C ILE I 20 38.08 12.29 -4.43
N TYR I 21 36.81 12.67 -4.51
CA TYR I 21 36.32 13.46 -5.65
C TYR I 21 36.80 14.92 -5.60
N SER I 22 36.86 15.50 -4.41
CA SER I 22 37.44 16.82 -4.22
C SER I 22 38.95 16.85 -4.54
N ARG I 23 39.65 15.77 -4.22
CA ARG I 23 41.07 15.65 -4.57
C ARG I 23 41.26 15.61 -6.09
N LEU I 24 40.40 14.87 -6.79
CA LEU I 24 40.42 14.86 -8.25
C LEU I 24 40.12 16.25 -8.83
N LEU I 25 39.17 16.97 -8.23
CA LEU I 25 38.84 18.34 -8.65
C LEU I 25 40.01 19.32 -8.52
N LYS I 26 40.89 19.09 -7.54
CA LYS I 26 42.14 19.88 -7.40
C LYS I 26 43.05 19.77 -8.63
N ASP I 27 43.03 18.61 -9.31
CA ASP I 27 43.75 18.41 -10.58
C ASP I 27 42.85 18.58 -11.83
N ARG I 28 41.80 19.41 -11.71
CA ARG I 28 40.92 19.80 -12.82
C ARG I 28 40.13 18.63 -13.44
N ILE I 29 39.75 17.67 -12.59
CA ILE I 29 38.95 16.52 -12.99
C ILE I 29 37.53 16.68 -12.44
N ILE I 30 36.54 16.67 -13.33
CA ILE I 30 35.12 16.72 -12.96
C ILE I 30 34.49 15.36 -13.26
N MET I 31 33.69 14.87 -12.32
CA MET I 31 33.02 13.57 -12.44
C MET I 31 31.56 13.73 -12.82
N LEU I 32 31.21 13.24 -14.01
CA LEU I 32 29.81 13.03 -14.38
C LEU I 32 29.56 11.53 -14.28
N GLY I 33 29.21 11.08 -13.08
CA GLY I 33 29.09 9.66 -12.77
C GLY I 33 27.71 9.20 -12.34
N SER I 34 26.67 9.90 -12.77
CA SER I 34 25.30 9.59 -12.37
C SER I 34 24.29 10.02 -13.43
N GLN I 35 23.03 9.72 -13.19
CA GLN I 35 21.92 10.24 -13.99
C GLN I 35 21.95 11.77 -13.96
N ILE I 36 21.76 12.39 -15.13
CA ILE I 36 21.81 13.84 -15.27
C ILE I 36 20.46 14.44 -14.87
N ASP I 37 20.45 15.15 -13.74
CA ASP I 37 19.33 15.99 -13.33
C ASP I 37 19.84 17.42 -13.09
N ASP I 38 18.96 18.33 -12.68
CA ASP I 38 19.36 19.73 -12.44
C ASP I 38 20.44 19.87 -11.36
N ASN I 39 20.38 19.05 -10.31
CA ASN I 39 21.39 19.07 -9.24
C ASN I 39 22.79 18.72 -9.73
N VAL I 40 22.89 17.69 -10.59
CA VAL I 40 24.17 17.28 -11.19
C VAL I 40 24.69 18.37 -12.13
N ALA I 41 23.79 18.93 -12.95
CA ALA I 41 24.14 20.02 -13.85
C ALA I 41 24.63 21.26 -13.09
N ASN I 42 23.94 21.62 -12.02
CA ASN I 42 24.35 22.77 -11.17
C ASN I 42 25.76 22.59 -10.62
N SER I 43 26.05 21.38 -10.14
CA SER I 43 27.37 21.05 -9.59
C SER I 43 28.46 21.12 -10.65
N ILE I 44 28.23 20.48 -11.79
CA ILE I 44 29.22 20.42 -12.88
C ILE I 44 29.48 21.82 -13.50
N VAL I 45 28.41 22.58 -13.73
CA VAL I 45 28.52 23.96 -14.21
C VAL I 45 29.35 24.83 -13.24
N SER I 46 29.09 24.67 -11.94
CA SER I 46 29.84 25.40 -10.91
C SER I 46 31.31 25.00 -10.85
N GLN I 47 31.59 23.70 -11.00
CA GLN I 47 32.96 23.20 -11.07
C GLN I 47 33.71 23.72 -12.30
N LEU I 48 33.04 23.74 -13.45
CA LEU I 48 33.60 24.30 -14.69
C LEU I 48 33.94 25.79 -14.54
N LEU I 49 33.02 26.54 -13.95
CA LEU I 49 33.23 27.97 -13.70
C LEU I 49 34.39 28.22 -12.73
N PHE I 50 34.49 27.37 -11.71
CA PHE I 50 35.59 27.44 -10.74
C PHE I 50 36.94 27.16 -11.40
N LEU I 51 37.03 26.08 -12.16
CA LEU I 51 38.28 25.67 -12.79
C LEU I 51 38.80 26.68 -13.83
N GLN I 52 37.90 27.23 -14.64
CA GLN I 52 38.28 28.29 -15.60
C GLN I 52 38.77 29.56 -14.90
N ALA I 53 38.18 29.88 -13.74
CA ALA I 53 38.64 31.00 -12.92
C ALA I 53 40.01 30.75 -12.29
N GLN I 54 40.28 29.50 -11.89
CA GLN I 54 41.61 29.10 -11.38
C GLN I 54 42.68 29.14 -12.47
N ASP I 55 42.32 28.72 -13.68
CA ASP I 55 43.24 28.71 -14.82
C ASP I 55 42.42 28.64 -16.11
N SER I 56 42.52 29.68 -16.92
CA SER I 56 41.78 29.76 -18.19
C SER I 56 42.46 29.02 -19.36
N GLU I 57 43.69 28.56 -19.17
CA GLU I 57 44.46 27.91 -20.24
C GLU I 57 44.57 26.39 -20.13
N LYS I 58 44.70 25.85 -18.92
CA LYS I 58 44.92 24.41 -18.70
C LYS I 58 43.66 23.60 -18.97
N ASP I 59 43.83 22.42 -19.56
CA ASP I 59 42.71 21.53 -19.87
C ASP I 59 41.95 21.08 -18.61
N ILE I 60 40.65 20.84 -18.80
CA ILE I 60 39.79 20.25 -17.78
C ILE I 60 39.44 18.83 -18.29
N TYR I 61 39.28 17.90 -17.36
CA TYR I 61 38.99 16.49 -17.69
C TYR I 61 37.61 16.11 -17.16
N LEU I 62 36.66 15.90 -18.07
CA LEU I 62 35.31 15.49 -17.72
C LEU I 62 35.15 13.98 -17.87
N TYR I 63 35.12 13.28 -16.74
CA TYR I 63 34.84 11.84 -16.67
C TYR I 63 33.34 11.63 -16.90
N ILE I 64 32.99 10.70 -17.80
CA ILE I 64 31.58 10.39 -18.09
C ILE I 64 31.31 8.90 -17.91
N ASN I 65 30.59 8.57 -16.84
CA ASN I 65 29.97 7.26 -16.63
C ASN I 65 28.50 7.52 -16.27
N SER I 66 27.67 7.71 -17.29
CA SER I 66 26.31 8.23 -17.09
C SER I 66 25.32 7.66 -18.10
N PRO I 67 24.11 7.28 -17.65
CA PRO I 67 23.04 6.89 -18.57
C PRO I 67 22.27 8.08 -19.19
N GLY I 68 22.71 9.31 -18.93
CA GLY I 68 22.05 10.50 -19.43
C GLY I 68 20.97 10.92 -18.45
N GLY I 69 19.91 11.55 -18.98
CA GLY I 69 18.82 12.06 -18.16
C GLY I 69 18.21 13.30 -18.79
N SER I 70 18.05 14.35 -17.99
CA SER I 70 17.39 15.58 -18.45
C SER I 70 18.16 16.27 -19.57
N VAL I 71 17.45 16.60 -20.65
CA VAL I 71 18.05 17.26 -21.82
C VAL I 71 18.43 18.71 -21.48
N THR I 72 17.56 19.42 -20.77
CA THR I 72 17.85 20.81 -20.37
C THR I 72 19.04 20.87 -19.40
N ALA I 73 19.07 19.96 -18.43
CA ALA I 73 20.21 19.83 -17.52
C ALA I 73 21.50 19.50 -18.27
N GLY I 74 21.38 18.63 -19.28
CA GLY I 74 22.50 18.34 -20.18
C GLY I 74 23.00 19.55 -20.94
N PHE I 75 22.08 20.37 -21.45
CA PHE I 75 22.44 21.60 -22.17
C PHE I 75 23.02 22.70 -21.27
N ALA I 76 22.69 22.67 -19.97
CA ALA I 76 23.37 23.52 -18.98
C ALA I 76 24.87 23.23 -18.97
N ILE I 77 25.21 21.94 -18.96
CA ILE I 77 26.61 21.49 -18.99
C ILE I 77 27.23 21.78 -20.36
N TYR I 78 26.52 21.43 -21.43
CA TYR I 78 27.00 21.65 -22.80
C TYR I 78 27.39 23.11 -23.04
N ASP I 79 26.47 24.03 -22.77
CA ASP I 79 26.71 25.46 -23.02
C ASP I 79 27.83 26.04 -22.16
N THR I 80 27.95 25.57 -20.92
CA THR I 80 29.03 25.99 -20.05
C THR I 80 30.38 25.51 -20.60
N ILE I 81 30.44 24.25 -21.05
CA ILE I 81 31.65 23.71 -21.68
C ILE I 81 32.09 24.58 -22.86
N GLN I 82 31.17 24.90 -23.76
CA GLN I 82 31.51 25.68 -24.96
C GLN I 82 31.89 27.13 -24.65
N HIS I 83 31.27 27.73 -23.64
CA HIS I 83 31.53 29.13 -23.30
C HIS I 83 32.93 29.36 -22.71
N ILE I 84 33.33 28.50 -21.77
CA ILE I 84 34.60 28.69 -21.06
C ILE I 84 35.81 28.49 -21.99
N LYS I 85 36.90 29.20 -21.67
CA LYS I 85 38.10 29.20 -22.52
C LYS I 85 38.87 27.87 -22.54
N PRO I 86 39.03 27.20 -21.37
CA PRO I 86 39.78 25.93 -21.37
C PRO I 86 39.13 24.84 -22.19
N ASP I 87 39.95 24.02 -22.86
CA ASP I 87 39.47 22.80 -23.50
C ASP I 87 38.98 21.84 -22.41
N VAL I 88 37.77 21.31 -22.62
CA VAL I 88 37.22 20.28 -21.75
C VAL I 88 37.38 18.94 -22.47
N GLN I 89 38.32 18.13 -21.98
CA GLN I 89 38.46 16.76 -22.47
C GLN I 89 37.32 15.93 -21.91
N THR I 90 36.81 14.99 -22.71
CA THR I 90 35.81 14.04 -22.25
C THR I 90 36.37 12.63 -22.35
N ILE I 91 36.15 11.82 -21.32
CA ILE I 91 36.56 10.41 -21.32
C ILE I 91 35.41 9.54 -20.85
N CYS I 92 34.96 8.64 -21.74
CA CYS I 92 33.92 7.69 -21.41
C CYS I 92 34.53 6.44 -20.79
N ILE I 93 34.12 6.16 -19.55
CA ILE I 93 34.57 4.98 -18.82
C ILE I 93 33.32 4.30 -18.29
N GLY I 94 33.17 3.02 -18.59
CA GLY I 94 31.96 2.26 -18.27
C GLY I 94 30.91 2.43 -19.34
N MET I 95 30.12 3.50 -19.25
CA MET I 95 29.09 3.77 -20.26
C MET I 95 28.70 5.24 -20.37
N ALA I 96 28.35 5.65 -21.60
CA ALA I 96 27.75 6.94 -21.87
C ALA I 96 26.51 6.70 -22.72
N ALA I 97 25.34 6.98 -22.16
CA ALA I 97 24.08 6.77 -22.89
C ALA I 97 23.29 8.07 -22.98
N SER I 98 22.57 8.21 -24.09
CA SER I 98 21.63 9.31 -24.29
CA SER I 98 21.64 9.31 -24.28
C SER I 98 22.34 10.67 -24.11
N MET I 99 21.88 11.52 -23.18
CA MET I 99 22.53 12.84 -22.99
C MET I 99 23.97 12.74 -22.47
N GLY I 100 24.34 11.59 -21.88
CA GLY I 100 25.73 11.31 -21.53
C GLY I 100 26.62 11.18 -22.75
N SER I 101 26.13 10.50 -23.79
CA SER I 101 26.87 10.38 -25.06
C SER I 101 26.89 11.72 -25.83
N PHE I 102 25.84 12.52 -25.70
CA PHE I 102 25.81 13.87 -26.27
C PHE I 102 26.93 14.74 -25.67
N LEU I 103 27.09 14.68 -24.36
CA LEU I 103 28.14 15.42 -23.67
C LEU I 103 29.54 14.87 -23.98
N LEU I 104 29.66 13.56 -24.16
CA LEU I 104 30.91 12.94 -24.62
C LEU I 104 31.36 13.52 -25.96
N ALA I 105 30.42 13.65 -26.89
CA ALA I 105 30.67 14.24 -28.22
C ALA I 105 30.94 15.75 -28.18
N ALA I 106 30.51 16.41 -27.10
CA ALA I 106 30.70 17.85 -26.90
C ALA I 106 32.08 18.28 -26.40
N GLY I 107 32.96 17.32 -26.07
CA GLY I 107 34.32 17.64 -25.62
C GLY I 107 35.15 18.35 -26.67
N ALA I 108 36.29 18.91 -26.25
CA ALA I 108 37.18 19.65 -27.15
C ALA I 108 37.61 18.79 -28.34
N LYS I 109 37.64 19.41 -29.53
CA LYS I 109 38.00 18.70 -30.77
C LYS I 109 39.38 18.07 -30.63
N GLY I 110 39.45 16.76 -30.87
CA GLY I 110 40.67 15.97 -30.70
C GLY I 110 40.93 15.42 -29.31
N LYS I 111 40.08 15.78 -28.33
CA LYS I 111 40.29 15.39 -26.93
C LYS I 111 39.04 14.71 -26.35
N ARG I 112 38.34 13.96 -27.19
CA ARG I 112 37.19 13.15 -26.77
C ARG I 112 37.64 11.70 -26.82
N PHE I 113 37.55 11.01 -25.68
CA PHE I 113 38.14 9.69 -25.49
C PHE I 113 37.16 8.68 -24.94
N ALA I 114 37.48 7.41 -25.15
CA ALA I 114 36.81 6.30 -24.47
C ALA I 114 37.81 5.18 -24.23
N LEU I 115 37.64 4.46 -23.13
CA LEU I 115 38.45 3.27 -22.87
C LEU I 115 37.85 2.09 -23.67
N PRO I 116 38.67 1.06 -23.99
CA PRO I 116 38.30 0.07 -25.02
C PRO I 116 36.95 -0.63 -24.84
N ASN I 117 36.58 -0.93 -23.60
CA ASN I 117 35.34 -1.66 -23.28
C ASN I 117 34.18 -0.75 -22.81
N ALA I 118 34.36 0.57 -22.94
CA ALA I 118 33.28 1.52 -22.62
C ALA I 118 32.17 1.43 -23.67
N GLU I 119 30.94 1.59 -23.20
CA GLU I 119 29.74 1.45 -24.05
C GLU I 119 29.15 2.83 -24.33
N VAL I 120 28.85 3.10 -25.60
CA VAL I 120 28.18 4.34 -25.99
C VAL I 120 26.83 3.99 -26.60
N MET I 121 25.79 4.71 -26.18
CA MET I 121 24.45 4.51 -26.75
C MET I 121 23.83 5.85 -27.13
N ILE I 122 23.24 5.90 -28.33
CA ILE I 122 22.51 7.06 -28.84
C ILE I 122 21.09 6.63 -29.21
N HIS I 123 20.12 7.49 -28.93
CA HIS I 123 18.72 7.24 -29.31
C HIS I 123 17.90 8.55 -29.30
N GLN I 124 16.57 8.45 -29.38
CA GLN I 124 15.70 9.63 -29.36
C GLN I 124 15.53 10.21 -27.95
N PRO I 125 15.18 11.51 -27.87
CA PRO I 125 14.70 12.06 -26.59
C PRO I 125 13.41 11.37 -26.14
N LEU I 126 13.29 11.15 -24.83
CA LEU I 126 12.11 10.54 -24.24
C LEU I 126 11.28 11.60 -23.52
N GLY I 127 9.98 11.37 -23.43
CA GLY I 127 9.08 12.30 -22.74
C GLY I 127 7.66 11.79 -22.65
N GLY I 128 6.76 12.70 -22.33
CA GLY I 128 5.34 12.37 -22.23
C GLY I 128 4.44 13.57 -22.14
N ALA I 129 3.15 13.34 -22.34
CA ALA I 129 2.13 14.37 -22.26
C ALA I 129 0.77 13.74 -22.01
N GLN I 130 -0.06 14.40 -21.21
CA GLN I 130 -1.42 13.95 -20.93
C GLN I 130 -2.33 15.16 -20.82
N GLY I 131 -3.48 15.10 -21.48
CA GLY I 131 -4.48 16.16 -21.42
C GLY I 131 -5.14 16.42 -22.77
N GLN I 132 -5.44 17.69 -23.04
CA GLN I 132 -6.15 18.11 -24.25
C GLN I 132 -5.32 17.90 -25.50
N ALA I 133 -6.00 17.77 -26.65
CA ALA I 133 -5.33 17.57 -27.94
C ALA I 133 -4.30 18.66 -28.26
N THR I 134 -4.66 19.92 -27.97
CA THR I 134 -3.75 21.06 -28.18
C THR I 134 -2.56 21.05 -27.21
N GLU I 135 -2.76 20.53 -26.00
CA GLU I 135 -1.67 20.37 -25.03
C GLU I 135 -0.69 19.28 -25.49
N ILE I 136 -1.24 18.17 -26.02
CA ILE I 136 -0.43 17.09 -26.60
C ILE I 136 0.36 17.60 -27.82
N GLU I 137 -0.27 18.44 -28.64
CA GLU I 137 0.38 19.06 -29.80
C GLU I 137 1.59 19.91 -29.40
N ILE I 138 1.41 20.74 -28.36
CA ILE I 138 2.48 21.59 -27.84
C ILE I 138 3.66 20.76 -27.32
N ALA I 139 3.36 19.70 -26.57
CA ALA I 139 4.38 18.78 -26.05
C ALA I 139 5.11 18.04 -27.18
N ALA I 140 4.37 17.65 -28.21
CA ALA I 140 4.95 16.97 -29.38
C ALA I 140 5.88 17.88 -30.18
N ASN I 141 5.42 19.10 -30.46
CA ASN I 141 6.26 20.09 -31.17
C ASN I 141 7.53 20.43 -30.38
N HIS I 142 7.41 20.50 -29.05
CA HIS I 142 8.55 20.78 -28.17
C HIS I 142 9.62 19.69 -28.23
N ILE I 143 9.22 18.42 -28.05
CA ILE I 143 10.18 17.30 -28.06
C ILE I 143 10.77 17.05 -29.46
N LEU I 144 9.98 17.27 -30.51
CA LEU I 144 10.48 17.21 -31.89
C LEU I 144 11.52 18.31 -32.18
N LYS I 145 11.24 19.52 -31.72
CA LYS I 145 12.19 20.64 -31.84
C LYS I 145 13.47 20.40 -31.05
N THR I 146 13.33 19.80 -29.85
CA THR I 146 14.48 19.40 -29.04
C THR I 146 15.34 18.34 -29.74
N ARG I 147 14.70 17.38 -30.42
CA ARG I 147 15.44 16.36 -31.18
C ARG I 147 16.21 16.96 -32.37
N GLU I 148 15.56 17.88 -33.11
CA GLU I 148 16.23 18.61 -34.19
C GLU I 148 17.47 19.35 -33.70
N LYS I 149 17.32 20.02 -32.56
CA LYS I 149 18.38 20.74 -31.88
C LYS I 149 19.56 19.83 -31.50
N LEU I 150 19.25 18.68 -30.91
CA LEU I 150 20.26 17.68 -30.54
C LEU I 150 20.95 17.07 -31.77
N ASN I 151 20.14 16.68 -32.76
CA ASN I 151 20.66 16.07 -33.99
C ASN I 151 21.53 17.03 -34.81
N ARG I 152 21.16 18.31 -34.82
CA ARG I 152 21.92 19.34 -35.53
C ARG I 152 23.32 19.52 -34.92
N ILE I 153 23.38 19.58 -33.59
CA ILE I 153 24.65 19.69 -32.87
C ILE I 153 25.47 18.41 -33.04
N LEU I 154 24.84 17.24 -32.95
CA LEU I 154 25.52 15.96 -33.20
C LEU I 154 26.13 15.90 -34.60
N SER I 155 25.36 16.34 -35.59
CA SER I 155 25.84 16.41 -36.98
C SER I 155 27.10 17.27 -37.10
N GLU I 156 27.07 18.44 -36.46
CA GLU I 156 28.21 19.37 -36.46
C GLU I 156 29.47 18.78 -35.82
N ARG I 157 29.29 18.08 -34.69
CA ARG I 157 30.42 17.56 -33.91
C ARG I 157 30.91 16.16 -34.33
N THR I 158 30.08 15.40 -35.04
CA THR I 158 30.47 14.09 -35.57
C THR I 158 30.93 14.11 -37.03
N GLY I 159 30.43 15.08 -37.80
CA GLY I 159 30.66 15.12 -39.24
C GLY I 159 29.64 14.31 -40.05
N GLN I 160 28.68 13.69 -39.38
CA GLN I 160 27.64 12.91 -40.05
C GLN I 160 26.50 13.85 -40.46
N SER I 161 25.75 13.47 -41.48
CA SER I 161 24.59 14.25 -41.93
C SER I 161 23.46 14.15 -40.91
N ILE I 162 22.59 15.17 -40.89
CA ILE I 162 21.41 15.17 -40.02
C ILE I 162 20.47 14.00 -40.37
N GLU I 163 20.35 13.68 -41.65
CA GLU I 163 19.56 12.52 -42.11
C GLU I 163 20.08 11.19 -41.53
N LYS I 164 21.40 11.01 -41.52
CA LYS I 164 22.02 9.82 -40.95
C LYS I 164 21.83 9.74 -39.42
N ILE I 165 21.99 10.87 -38.74
CA ILE I 165 21.79 10.92 -37.29
C ILE I 165 20.35 10.56 -36.92
N GLN I 166 19.39 11.13 -37.66
CA GLN I 166 17.96 10.83 -37.50
C GLN I 166 17.68 9.32 -37.59
N LYS I 167 18.20 8.70 -38.64
CA LYS I 167 18.03 7.26 -38.88
C LYS I 167 18.67 6.42 -37.78
N ASP I 168 19.92 6.73 -37.44
CA ASP I 168 20.68 5.95 -36.46
C ASP I 168 20.25 6.15 -35.01
N THR I 169 19.51 7.22 -34.71
CA THR I 169 18.98 7.47 -33.37
C THR I 169 17.49 7.13 -33.23
N ASP I 170 16.88 6.55 -34.27
CA ASP I 170 15.46 6.19 -34.26
C ASP I 170 15.14 5.15 -33.17
N ARG I 171 16.04 4.18 -33.02
CA ARG I 171 15.96 3.17 -31.96
C ARG I 171 17.22 3.21 -31.11
N ASP I 172 17.21 2.48 -30.00
CA ASP I 172 18.40 2.31 -29.16
C ASP I 172 19.55 1.76 -30.02
N ASN I 173 20.65 2.49 -30.06
CA ASN I 173 21.80 2.14 -30.90
C ASN I 173 23.06 2.06 -30.03
N PHE I 174 23.44 0.84 -29.67
CA PHE I 174 24.63 0.59 -28.87
C PHE I 174 25.87 0.55 -29.76
N LEU I 175 26.91 1.27 -29.34
CA LEU I 175 28.17 1.34 -30.07
C LEU I 175 29.32 0.95 -29.14
N THR I 176 30.30 0.24 -29.68
CA THR I 176 31.58 0.02 -28.98
C THR I 176 32.37 1.33 -29.02
N ALA I 177 33.46 1.40 -28.25
CA ALA I 177 34.34 2.57 -28.27
C ALA I 177 34.88 2.84 -29.68
N GLU I 178 35.29 1.78 -30.37
CA GLU I 178 35.81 1.89 -31.75
C GLU I 178 34.76 2.36 -32.75
N GLU I 179 33.54 1.83 -32.61
CA GLU I 179 32.42 2.28 -33.44
C GLU I 179 32.06 3.74 -33.18
N ALA I 180 32.15 4.16 -31.91
CA ALA I 180 31.93 5.57 -31.55
C ALA I 180 32.99 6.50 -32.16
N LYS I 181 34.23 6.02 -32.26
CA LYS I 181 35.30 6.75 -32.95
C LYS I 181 35.04 6.86 -34.46
N GLU I 182 34.70 5.73 -35.08
CA GLU I 182 34.35 5.70 -36.51
C GLU I 182 33.17 6.62 -36.84
N TYR I 183 32.21 6.66 -35.91
CA TYR I 183 31.02 7.50 -36.06
C TYR I 183 31.32 9.00 -35.91
N GLY I 184 32.36 9.34 -35.14
CA GLY I 184 32.75 10.72 -34.88
C GLY I 184 32.30 11.25 -33.52
N LEU I 185 31.78 10.38 -32.67
CA LEU I 185 31.38 10.75 -31.30
C LEU I 185 32.59 10.95 -30.39
N ILE I 186 33.67 10.23 -30.65
CA ILE I 186 34.95 10.44 -29.98
C ILE I 186 36.06 10.50 -31.02
N ASP I 187 37.25 10.90 -30.57
CA ASP I 187 38.43 11.05 -31.43
C ASP I 187 39.39 9.88 -31.34
N GLU I 188 39.59 9.33 -30.14
CA GLU I 188 40.54 8.25 -29.90
C GLU I 188 40.00 7.25 -28.89
N VAL I 189 40.30 5.96 -29.12
CA VAL I 189 40.12 4.93 -28.10
C VAL I 189 41.46 4.82 -27.37
N MET I 190 41.45 5.06 -26.06
CA MET I 190 42.66 4.93 -25.24
C MET I 190 42.98 3.46 -25.01
N VAL I 191 43.89 2.92 -25.82
CA VAL I 191 44.36 1.53 -25.64
C VAL I 191 45.45 1.48 -24.56
N PRO I 192 45.42 0.44 -23.69
CA PRO I 192 46.40 0.36 -22.59
C PRO I 192 47.79 -0.04 -23.06
N GLU I 193 48.81 0.49 -22.38
CA GLU I 193 50.21 0.20 -22.70
C GLU I 193 50.60 -1.19 -22.19
N ILE J 4 28.38 17.08 -3.33
CA ILE J 4 28.86 18.48 -3.50
C ILE J 4 30.35 18.58 -3.14
N PRO J 5 31.22 18.82 -4.13
CA PRO J 5 32.67 18.79 -3.86
C PRO J 5 33.18 20.01 -3.08
N THR J 6 34.34 19.82 -2.43
CA THR J 6 34.99 20.85 -1.64
C THR J 6 36.18 21.42 -2.42
N VAL J 7 36.44 22.72 -2.24
CA VAL J 7 37.61 23.40 -2.82
C VAL J 7 38.32 24.19 -1.73
N ILE J 8 39.66 24.14 -1.73
CA ILE J 8 40.48 24.81 -0.73
C ILE J 8 41.34 25.87 -1.41
N GLU J 9 41.22 27.11 -0.93
CA GLU J 9 41.98 28.24 -1.46
C GLU J 9 43.43 28.22 -0.96
N ARG J 16 41.50 28.09 3.54
CA ARG J 16 40.08 27.97 3.87
C ARG J 16 39.37 27.01 2.91
N ALA J 17 38.55 26.12 3.45
CA ALA J 17 37.82 25.12 2.67
C ALA J 17 36.38 25.57 2.45
N TYR J 18 35.92 25.52 1.20
CA TYR J 18 34.54 25.86 0.83
C TYR J 18 33.91 24.72 0.05
N ASP J 19 32.62 24.48 0.28
CA ASP J 19 31.82 23.72 -0.68
C ASP J 19 31.69 24.60 -1.94
N ILE J 20 31.51 23.97 -3.10
CA ILE J 20 31.58 24.68 -4.39
C ILE J 20 30.63 25.89 -4.47
N TYR J 21 29.42 25.77 -3.91
CA TYR J 21 28.43 26.85 -3.99
C TYR J 21 28.77 28.02 -3.08
N SER J 22 29.31 27.73 -1.90
CA SER J 22 29.81 28.77 -0.99
C SER J 22 31.02 29.51 -1.55
N ARG J 23 31.88 28.80 -2.27
CA ARG J 23 33.00 29.43 -3.00
C ARG J 23 32.49 30.40 -4.07
N LEU J 24 31.43 30.00 -4.79
CA LEU J 24 30.78 30.89 -5.75
C LEU J 24 30.17 32.13 -5.06
N LEU J 25 29.54 31.93 -3.91
CA LEU J 25 28.97 33.03 -3.13
C LEU J 25 30.01 34.07 -2.68
N LYS J 26 31.26 33.64 -2.48
CA LYS J 26 32.38 34.56 -2.19
C LYS J 26 32.66 35.56 -3.32
N ASP J 27 32.41 35.14 -4.57
CA ASP J 27 32.48 36.05 -5.74
C ASP J 27 31.09 36.56 -6.19
N ARG J 28 30.16 36.70 -5.23
CA ARG J 28 28.85 37.33 -5.45
C ARG J 28 27.95 36.59 -6.45
N ILE J 29 28.03 35.26 -6.43
CA ILE J 29 27.23 34.38 -7.30
C ILE J 29 26.20 33.65 -6.44
N ILE J 30 24.93 33.77 -6.80
CA ILE J 30 23.84 33.07 -6.13
C ILE J 30 23.23 32.05 -7.10
N MET J 31 22.95 30.85 -6.60
CA MET J 31 22.42 29.75 -7.40
C MET J 31 20.93 29.56 -7.16
N LEU J 32 20.13 29.81 -8.20
CA LEU J 32 18.73 29.38 -8.25
C LEU J 32 18.67 28.17 -9.19
N GLY J 33 18.98 27.01 -8.63
CA GLY J 33 19.14 25.76 -9.41
C GLY J 33 18.15 24.65 -9.07
N SER J 34 16.97 25.03 -8.58
CA SER J 34 15.96 24.05 -8.15
C SER J 34 14.56 24.63 -8.29
N GLN J 35 13.56 23.81 -7.96
CA GLN J 35 12.16 24.25 -7.88
C GLN J 35 12.04 25.31 -6.78
N ILE J 36 11.27 26.37 -7.06
CA ILE J 36 11.14 27.49 -6.14
C ILE J 36 10.08 27.16 -5.09
N ASP J 37 10.53 26.99 -3.85
CA ASP J 37 9.65 26.92 -2.68
C ASP J 37 10.10 27.97 -1.66
N ASP J 38 9.46 28.01 -0.49
CA ASP J 38 9.81 29.00 0.54
C ASP J 38 11.25 28.86 1.03
N ASN J 39 11.73 27.62 1.19
CA ASN J 39 13.12 27.37 1.64
C ASN J 39 14.16 27.93 0.67
N VAL J 40 13.95 27.73 -0.62
CA VAL J 40 14.84 28.27 -1.66
C VAL J 40 14.79 29.80 -1.68
N ALA J 41 13.59 30.36 -1.56
CA ALA J 41 13.41 31.82 -1.48
C ALA J 41 14.10 32.42 -0.26
N ASN J 42 13.97 31.78 0.90
CA ASN J 42 14.60 32.25 2.14
C ASN J 42 16.12 32.33 2.01
N SER J 43 16.70 31.29 1.41
CA SER J 43 18.16 31.24 1.19
C SER J 43 18.63 32.34 0.24
N ILE J 44 17.97 32.46 -0.91
CA ILE J 44 18.36 33.45 -1.93
C ILE J 44 18.18 34.88 -1.42
N VAL J 45 17.08 35.15 -0.72
CA VAL J 45 16.83 36.45 -0.09
C VAL J 45 17.93 36.77 0.93
N SER J 46 18.28 35.79 1.77
CA SER J 46 19.36 35.93 2.76
C SER J 46 20.73 36.18 2.11
N GLN J 47 21.00 35.48 1.01
CA GLN J 47 22.23 35.68 0.23
C GLN J 47 22.30 37.09 -0.38
N LEU J 48 21.20 37.54 -0.96
CA LEU J 48 21.11 38.91 -1.52
C LEU J 48 21.34 39.99 -0.46
N LEU J 49 20.74 39.81 0.71
CA LEU J 49 20.92 40.74 1.84
C LEU J 49 22.37 40.74 2.36
N PHE J 50 23.01 39.57 2.36
CA PHE J 50 24.41 39.45 2.77
C PHE J 50 25.37 40.14 1.80
N LEU J 51 25.18 39.91 0.50
CA LEU J 51 26.08 40.46 -0.52
C LEU J 51 26.00 41.99 -0.62
N GLN J 52 24.79 42.54 -0.53
CA GLN J 52 24.62 44.01 -0.52
C GLN J 52 25.21 44.67 0.73
N ALA J 53 25.21 43.95 1.86
CA ALA J 53 25.86 44.41 3.09
C ALA J 53 27.39 44.44 2.94
N GLN J 54 27.95 43.42 2.29
CA GLN J 54 29.39 43.39 1.99
C GLN J 54 29.80 44.53 1.06
N ASP J 55 29.04 44.71 -0.02
CA ASP J 55 29.30 45.76 -1.00
C ASP J 55 28.00 46.12 -1.73
N SER J 56 27.57 47.38 -1.59
CA SER J 56 26.33 47.86 -2.21
C SER J 56 26.49 48.33 -3.67
N GLU J 57 27.73 48.41 -4.17
CA GLU J 57 28.02 48.86 -5.54
C GLU J 57 28.26 47.71 -6.54
N LYS J 58 28.99 46.68 -6.11
CA LYS J 58 29.38 45.57 -7.02
C LYS J 58 28.20 44.72 -7.42
N ASP J 59 28.19 44.29 -8.69
CA ASP J 59 27.10 43.46 -9.24
C ASP J 59 27.01 42.10 -8.55
N ILE J 60 25.79 41.57 -8.50
CA ILE J 60 25.50 40.21 -8.05
C ILE J 60 25.08 39.42 -9.29
N TYR J 61 25.40 38.13 -9.31
CA TYR J 61 25.11 37.26 -10.45
C TYR J 61 24.18 36.14 -9.99
N LEU J 62 22.95 36.14 -10.52
CA LEU J 62 21.96 35.11 -10.21
C LEU J 62 21.87 34.08 -11.33
N TYR J 63 22.44 32.91 -11.09
CA TYR J 63 22.32 31.74 -11.96
C TYR J 63 20.90 31.19 -11.85
N ILE J 64 20.26 30.95 -13.00
CA ILE J 64 18.89 30.41 -13.03
C ILE J 64 18.82 29.14 -13.88
N ASN J 65 18.67 28.00 -13.21
CA ASN J 65 18.32 26.73 -13.84
C ASN J 65 17.17 26.15 -13.03
N SER J 66 15.95 26.58 -13.35
CA SER J 66 14.79 26.31 -12.50
C SER J 66 13.49 26.17 -13.29
N PRO J 67 12.65 25.18 -12.94
CA PRO J 67 11.31 25.07 -13.53
C PRO J 67 10.26 25.99 -12.88
N GLY J 68 10.68 26.89 -12.00
CA GLY J 68 9.75 27.77 -11.29
C GLY J 68 9.18 27.06 -10.08
N GLY J 69 7.96 27.45 -9.71
CA GLY J 69 7.28 26.88 -8.54
C GLY J 69 6.34 27.90 -7.91
N SER J 70 6.51 28.12 -6.60
CA SER J 70 5.63 29.02 -5.85
C SER J 70 5.75 30.48 -6.32
N VAL J 71 4.61 31.11 -6.57
CA VAL J 71 4.56 32.50 -7.03
C VAL J 71 4.98 33.45 -5.90
N THR J 72 4.47 33.21 -4.69
CA THR J 72 4.83 34.03 -3.52
C THR J 72 6.31 33.93 -3.18
N ALA J 73 6.86 32.70 -3.22
CA ALA J 73 8.29 32.48 -3.01
C ALA J 73 9.14 33.18 -4.07
N GLY J 74 8.68 33.14 -5.32
CA GLY J 74 9.32 33.88 -6.40
C GLY J 74 9.28 35.39 -6.21
N PHE J 75 8.16 35.90 -5.71
CA PHE J 75 8.03 37.34 -5.39
C PHE J 75 8.85 37.78 -4.18
N ALA J 76 9.17 36.86 -3.28
CA ALA J 76 10.14 37.13 -2.21
C ALA J 76 11.51 37.47 -2.81
N ILE J 77 11.93 36.68 -3.79
CA ILE J 77 13.18 36.91 -4.50
C ILE J 77 13.09 38.18 -5.37
N TYR J 78 11.98 38.33 -6.09
CA TYR J 78 11.78 39.50 -6.96
C TYR J 78 11.91 40.82 -6.19
N ASP J 79 11.12 40.97 -5.14
CA ASP J 79 11.11 42.20 -4.33
C ASP J 79 12.47 42.52 -3.69
N THR J 80 13.16 41.49 -3.23
CA THR J 80 14.50 41.66 -2.66
C THR J 80 15.50 42.14 -3.70
N ILE J 81 15.44 41.58 -4.91
CA ILE J 81 16.28 42.04 -6.03
C ILE J 81 16.07 43.53 -6.32
N GLN J 82 14.81 43.94 -6.43
CA GLN J 82 14.50 45.33 -6.80
C GLN J 82 14.81 46.33 -5.69
N HIS J 83 14.69 45.92 -4.42
CA HIS J 83 14.96 46.82 -3.29
C HIS J 83 16.45 47.13 -3.13
N ILE J 84 17.31 46.12 -3.19
CA ILE J 84 18.74 46.30 -2.92
C ILE J 84 19.44 47.16 -3.98
N LYS J 85 20.52 47.83 -3.56
CA LYS J 85 21.23 48.77 -4.43
C LYS J 85 22.00 48.11 -5.59
N PRO J 86 22.72 46.99 -5.33
CA PRO J 86 23.48 46.37 -6.43
C PRO J 86 22.61 45.85 -7.59
N ASP J 87 23.13 45.96 -8.81
CA ASP J 87 22.52 45.31 -9.97
C ASP J 87 22.62 43.79 -9.80
N VAL J 88 21.49 43.10 -9.96
CA VAL J 88 21.46 41.65 -9.97
C VAL J 88 21.38 41.19 -11.42
N GLN J 89 22.50 40.68 -11.93
CA GLN J 89 22.53 40.08 -13.27
C GLN J 89 21.86 38.72 -13.21
N THR J 90 21.11 38.37 -14.26
CA THR J 90 20.50 37.05 -14.37
C THR J 90 21.05 36.33 -15.60
N ILE J 91 21.36 35.05 -15.44
CA ILE J 91 21.80 34.22 -16.55
C ILE J 91 21.04 32.89 -16.55
N CYS J 92 20.34 32.62 -17.64
CA CYS J 92 19.63 31.35 -17.80
C CYS J 92 20.56 30.32 -18.42
N ILE J 93 20.80 29.24 -17.68
CA ILE J 93 21.63 28.13 -18.14
C ILE J 93 20.80 26.87 -17.91
N GLY J 94 20.59 26.09 -18.98
CA GLY J 94 19.73 24.92 -18.93
C GLY J 94 18.31 25.27 -19.26
N MET J 95 17.54 25.70 -18.25
CA MET J 95 16.16 26.11 -18.47
C MET J 95 15.63 27.08 -17.42
N ALA J 96 14.72 27.95 -17.85
CA ALA J 96 13.95 28.82 -16.97
C ALA J 96 12.49 28.65 -17.36
N ALA J 97 11.66 28.15 -16.44
CA ALA J 97 10.23 27.99 -16.68
C ALA J 97 9.44 28.67 -15.57
N SER J 98 8.27 29.21 -15.94
CA SER J 98 7.32 29.75 -14.98
C SER J 98 7.95 30.90 -14.15
N MET J 99 7.94 30.84 -12.82
CA MET J 99 8.60 31.88 -12.00
C MET J 99 10.12 31.99 -12.21
N GLY J 100 10.75 30.93 -12.72
CA GLY J 100 12.14 31.00 -13.15
C GLY J 100 12.34 31.99 -14.29
N SER J 101 11.43 31.94 -15.27
CA SER J 101 11.42 32.89 -16.39
C SER J 101 11.07 34.30 -15.95
N PHE J 102 10.16 34.41 -14.97
CA PHE J 102 9.80 35.69 -14.38
C PHE J 102 11.01 36.36 -13.72
N LEU J 103 11.74 35.59 -12.90
CA LEU J 103 12.95 36.08 -12.24
C LEU J 103 14.09 36.36 -13.22
N LEU J 104 14.19 35.59 -14.30
CA LEU J 104 15.14 35.88 -15.39
C LEU J 104 14.91 37.27 -15.97
N ALA J 105 13.65 37.58 -16.26
CA ALA J 105 13.26 38.90 -16.78
C ALA J 105 13.38 40.04 -15.77
N ALA J 106 13.42 39.70 -14.48
CA ALA J 106 13.56 40.66 -13.38
C ALA J 106 14.98 41.15 -13.08
N GLY J 107 15.99 40.61 -13.77
CA GLY J 107 17.38 41.06 -13.60
C GLY J 107 17.59 42.50 -14.04
N ALA J 108 18.74 43.06 -13.66
CA ALA J 108 19.08 44.45 -13.98
C ALA J 108 19.02 44.69 -15.49
N LYS J 109 18.44 45.83 -15.89
CA LYS J 109 18.25 46.17 -17.31
C LYS J 109 19.58 46.22 -18.04
N GLY J 110 19.67 45.46 -19.13
CA GLY J 110 20.92 45.29 -19.89
C GLY J 110 21.83 44.17 -19.43
N LYS J 111 21.48 43.50 -18.33
CA LYS J 111 22.32 42.44 -17.74
C LYS J 111 21.53 41.15 -17.50
N ARG J 112 20.57 40.87 -18.38
CA ARG J 112 19.82 39.62 -18.35
C ARG J 112 20.28 38.79 -19.53
N PHE J 113 20.76 37.58 -19.26
CA PHE J 113 21.43 36.74 -20.26
C PHE J 113 20.87 35.33 -20.33
N ALA J 114 21.17 34.65 -21.42
CA ALA J 114 20.95 33.23 -21.56
C ALA J 114 22.01 32.65 -22.49
N LEU J 115 22.44 31.42 -22.22
CA LEU J 115 23.36 30.71 -23.12
C LEU J 115 22.56 30.14 -24.30
N PRO J 116 23.22 29.89 -25.45
CA PRO J 116 22.52 29.67 -26.73
C PRO J 116 21.46 28.55 -26.77
N ASN J 117 21.71 27.46 -26.04
CA ASN J 117 20.80 26.31 -26.01
C ASN J 117 19.89 26.26 -24.77
N ALA J 118 19.90 27.32 -23.96
CA ALA J 118 19.01 27.42 -22.81
C ALA J 118 17.57 27.58 -23.25
N GLU J 119 16.65 27.02 -22.46
CA GLU J 119 15.22 26.97 -22.78
C GLU J 119 14.44 27.89 -21.84
N VAL J 120 13.63 28.78 -22.38
CA VAL J 120 12.79 29.67 -21.59
C VAL J 120 11.32 29.33 -21.88
N MET J 121 10.52 29.15 -20.83
CA MET J 121 9.10 28.84 -20.99
C MET J 121 8.24 29.79 -20.16
N ILE J 122 7.17 30.30 -20.79
CA ILE J 122 6.18 31.15 -20.13
C ILE J 122 4.79 30.55 -20.31
N HIS J 123 3.96 30.65 -19.28
CA HIS J 123 2.61 30.09 -19.29
C HIS J 123 1.78 30.68 -18.13
N GLN J 124 0.57 30.18 -17.93
CA GLN J 124 -0.30 30.67 -16.85
C GLN J 124 0.18 30.20 -15.48
N PRO J 125 -0.20 30.93 -14.41
CA PRO J 125 -0.08 30.37 -13.06
C PRO J 125 -0.98 29.15 -12.88
N LEU J 126 -0.51 28.17 -12.11
CA LEU J 126 -1.26 26.95 -11.83
C LEU J 126 -1.74 26.97 -10.39
N GLY J 127 -2.89 26.33 -10.14
CA GLY J 127 -3.47 26.28 -8.80
C GLY J 127 -4.55 25.24 -8.66
N GLY J 128 -5.16 25.23 -7.47
CA GLY J 128 -6.23 24.29 -7.16
C GLY J 128 -7.21 24.87 -6.16
N ALA J 129 -8.43 24.35 -6.18
CA ALA J 129 -9.48 24.76 -5.24
C ALA J 129 -10.49 23.64 -5.09
N GLN J 130 -11.01 23.47 -3.87
CA GLN J 130 -11.98 22.43 -3.57
C GLN J 130 -12.83 22.82 -2.37
N GLY J 131 -14.15 22.69 -2.50
CA GLY J 131 -15.10 23.01 -1.44
C GLY J 131 -16.34 23.69 -1.97
N GLN J 132 -16.85 24.65 -1.19
CA GLN J 132 -18.09 25.37 -1.53
C GLN J 132 -17.91 26.30 -2.73
N ALA J 133 -19.01 26.63 -3.40
CA ALA J 133 -18.99 27.52 -4.57
C ALA J 133 -18.31 28.87 -4.28
N THR J 134 -18.61 29.45 -3.12
CA THR J 134 -18.00 30.72 -2.70
C THR J 134 -16.50 30.59 -2.40
N GLU J 135 -16.08 29.42 -1.92
CA GLU J 135 -14.64 29.14 -1.70
C GLU J 135 -13.89 29.01 -3.04
N ILE J 136 -14.52 28.37 -4.03
CA ILE J 136 -13.95 28.26 -5.38
C ILE J 136 -13.85 29.64 -6.05
N GLU J 137 -14.86 30.48 -5.82
CA GLU J 137 -14.86 31.87 -6.30
C GLU J 137 -13.70 32.68 -5.74
N ILE J 138 -13.46 32.56 -4.43
CA ILE J 138 -12.34 33.24 -3.76
C ILE J 138 -11.00 32.78 -4.34
N ALA J 139 -10.85 31.47 -4.51
CA ALA J 139 -9.64 30.88 -5.10
C ALA J 139 -9.44 31.31 -6.56
N ALA J 140 -10.54 31.37 -7.32
CA ALA J 140 -10.49 31.80 -8.72
C ALA J 140 -10.12 33.28 -8.86
N ASN J 141 -10.74 34.13 -8.04
CA ASN J 141 -10.41 35.56 -8.04
C ASN J 141 -8.96 35.83 -7.62
N HIS J 142 -8.45 35.05 -6.67
CA HIS J 142 -7.07 35.20 -6.20
C HIS J 142 -6.05 34.86 -7.28
N ILE J 143 -6.22 33.71 -7.94
CA ILE J 143 -5.29 33.28 -9.00
C ILE J 143 -5.39 34.17 -10.26
N LEU J 144 -6.59 34.66 -10.58
CA LEU J 144 -6.77 35.61 -11.67
C LEU J 144 -6.09 36.96 -11.39
N LYS J 145 -6.21 37.46 -10.16
CA LYS J 145 -5.49 38.66 -9.72
C LYS J 145 -3.97 38.44 -9.74
N THR J 146 -3.53 37.25 -9.33
CA THR J 146 -2.11 36.89 -9.36
C THR J 146 -1.55 36.88 -10.79
N ARG J 147 -2.35 36.43 -11.76
CA ARG J 147 -1.94 36.46 -13.17
C ARG J 147 -1.82 37.89 -13.70
N GLU J 148 -2.80 38.73 -13.38
CA GLU J 148 -2.76 40.16 -13.76
C GLU J 148 -1.52 40.86 -13.18
N LYS J 149 -1.24 40.57 -11.91
CA LYS J 149 -0.04 41.06 -11.22
C LYS J 149 1.24 40.64 -11.93
N LEU J 150 1.34 39.34 -12.24
CA LEU J 150 2.49 38.78 -12.97
C LEU J 150 2.62 39.34 -14.39
N ASN J 151 1.50 39.41 -15.11
CA ASN J 151 1.51 39.89 -16.50
C ASN J 151 1.87 41.38 -16.62
N ARG J 152 1.42 42.20 -15.66
CA ARG J 152 1.73 43.63 -15.65
C ARG J 152 3.23 43.87 -15.45
N ILE J 153 3.83 43.15 -14.50
CA ILE J 153 5.26 43.28 -14.25
C ILE J 153 6.07 42.75 -15.45
N LEU J 154 5.64 41.63 -16.03
CA LEU J 154 6.29 41.09 -17.22
C LEU J 154 6.18 42.05 -18.41
N SER J 155 5.05 42.76 -18.52
CA SER J 155 4.88 43.82 -19.52
C SER J 155 5.90 44.95 -19.36
N GLU J 156 6.08 45.39 -18.11
CA GLU J 156 7.06 46.43 -17.79
C GLU J 156 8.51 45.99 -18.07
N ARG J 157 8.81 44.74 -17.72
CA ARG J 157 10.17 44.20 -17.86
C ARG J 157 10.55 43.84 -19.30
N THR J 158 9.58 43.40 -20.09
CA THR J 158 9.83 42.97 -21.48
C THR J 158 9.57 44.06 -22.53
N GLY J 159 8.68 45.00 -22.22
CA GLY J 159 8.23 46.00 -23.19
C GLY J 159 7.09 45.53 -24.08
N GLN J 160 6.57 44.32 -23.84
CA GLN J 160 5.41 43.80 -24.56
C GLN J 160 4.15 44.30 -23.86
N SER J 161 3.05 44.38 -24.62
CA SER J 161 1.77 44.78 -24.06
C SER J 161 1.21 43.69 -23.15
N ILE J 162 0.35 44.10 -22.21
CA ILE J 162 -0.35 43.16 -21.33
C ILE J 162 -1.28 42.25 -22.15
N GLU J 163 -1.86 42.80 -23.22
CA GLU J 163 -2.72 42.02 -24.13
C GLU J 163 -1.95 40.90 -24.82
N LYS J 164 -0.72 41.21 -25.27
CA LYS J 164 0.13 40.22 -25.93
C LYS J 164 0.63 39.14 -24.96
N ILE J 165 1.02 39.54 -23.75
CA ILE J 165 1.45 38.58 -22.72
C ILE J 165 0.32 37.63 -22.32
N GLN J 166 -0.89 38.17 -22.17
CA GLN J 166 -2.09 37.35 -21.89
C GLN J 166 -2.28 36.27 -22.96
N LYS J 167 -2.19 36.66 -24.23
CA LYS J 167 -2.30 35.73 -25.36
C LYS J 167 -1.19 34.69 -25.36
N ASP J 168 0.05 35.15 -25.23
CA ASP J 168 1.24 34.29 -25.34
C ASP J 168 1.46 33.34 -24.15
N THR J 169 0.83 33.63 -23.01
CA THR J 169 0.94 32.77 -21.82
C THR J 169 -0.30 31.89 -21.57
N ASP J 170 -1.26 31.89 -22.49
CA ASP J 170 -2.49 31.10 -22.34
C ASP J 170 -2.20 29.60 -22.27
N ARG J 171 -1.26 29.14 -23.09
CA ARG J 171 -0.77 27.77 -23.08
C ARG J 171 0.74 27.77 -22.85
N ASP J 172 1.32 26.59 -22.63
CA ASP J 172 2.79 26.44 -22.53
C ASP J 172 3.45 26.98 -23.79
N ASN J 173 4.33 27.95 -23.61
CA ASN J 173 5.01 28.63 -24.71
C ASN J 173 6.52 28.53 -24.50
N PHE J 174 7.15 27.60 -25.21
CA PHE J 174 8.60 27.40 -25.16
C PHE J 174 9.30 28.37 -26.10
N LEU J 175 10.35 29.01 -25.59
CA LEU J 175 11.15 29.96 -26.36
C LEU J 175 12.61 29.51 -26.34
N THR J 176 13.29 29.68 -27.48
CA THR J 176 14.74 29.56 -27.53
C THR J 176 15.37 30.79 -26.88
N ALA J 177 16.68 30.75 -26.67
CA ALA J 177 17.41 31.90 -26.11
C ALA J 177 17.27 33.14 -26.99
N GLU J 178 17.38 32.95 -28.30
CA GLU J 178 17.25 34.05 -29.26
C GLU J 178 15.82 34.61 -29.30
N GLU J 179 14.82 33.72 -29.21
CA GLU J 179 13.42 34.14 -29.12
C GLU J 179 13.11 34.89 -27.81
N ALA J 180 13.74 34.46 -26.71
CA ALA J 180 13.61 35.16 -25.43
C ALA J 180 14.18 36.59 -25.48
N LYS J 181 15.29 36.76 -26.21
CA LYS J 181 15.87 38.08 -26.46
C LYS J 181 14.92 38.96 -27.27
N GLU J 182 14.40 38.42 -28.37
CA GLU J 182 13.42 39.13 -29.20
C GLU J 182 12.16 39.52 -28.42
N TYR J 183 11.72 38.64 -27.52
CA TYR J 183 10.56 38.88 -26.68
C TYR J 183 10.78 39.97 -25.62
N GLY J 184 12.04 40.14 -25.19
CA GLY J 184 12.41 41.11 -24.16
C GLY J 184 12.61 40.49 -22.78
N LEU J 185 12.57 39.17 -22.68
CA LEU J 185 12.82 38.45 -21.42
C LEU J 185 14.29 38.51 -21.02
N ILE J 186 15.18 38.53 -22.02
CA ILE J 186 16.61 38.75 -21.80
C ILE J 186 17.09 39.86 -22.75
N ASP J 187 18.31 40.33 -22.49
CA ASP J 187 18.93 41.40 -23.28
C ASP J 187 19.91 40.88 -24.34
N GLU J 188 20.70 39.88 -23.98
CA GLU J 188 21.69 39.29 -24.88
C GLU J 188 21.76 37.77 -24.75
N VAL J 189 22.09 37.11 -25.85
CA VAL J 189 22.47 35.70 -25.84
C VAL J 189 24.00 35.67 -25.83
N MET J 190 24.57 35.11 -24.75
CA MET J 190 26.03 35.00 -24.64
C MET J 190 26.54 33.90 -25.57
N VAL J 191 27.16 34.30 -26.68
CA VAL J 191 27.74 33.36 -27.64
C VAL J 191 29.15 32.93 -27.21
N PRO J 192 29.57 31.70 -27.59
CA PRO J 192 30.93 31.26 -27.23
C PRO J 192 32.02 32.01 -28.00
N GLU J 193 33.00 32.54 -27.28
CA GLU J 193 34.12 33.27 -27.88
C GLU J 193 35.26 32.31 -28.23
N LEU K 3 20.75 22.85 0.25
CA LEU K 3 21.90 23.09 1.11
C LEU K 3 22.00 24.56 1.52
N ILE K 4 22.37 24.79 2.77
CA ILE K 4 22.51 26.16 3.29
C ILE K 4 23.96 26.61 3.07
N PRO K 5 24.17 27.74 2.35
CA PRO K 5 25.54 28.17 2.02
C PRO K 5 26.28 28.77 3.22
N THR K 6 27.62 28.64 3.18
CA THR K 6 28.51 29.16 4.22
C THR K 6 29.14 30.48 3.76
N VAL K 7 29.38 31.38 4.72
CA VAL K 7 30.06 32.65 4.45
C VAL K 7 31.20 32.85 5.45
N ILE K 8 32.32 33.40 4.96
CA ILE K 8 33.54 33.58 5.77
C ILE K 8 34.10 34.98 5.57
N ARG K 16 35.75 34.15 10.89
CA ARG K 16 35.02 32.95 11.27
C ARG K 16 34.00 32.55 10.19
N ALA K 17 33.68 31.26 10.15
CA ALA K 17 32.70 30.71 9.21
C ALA K 17 31.31 30.67 9.83
N TYR K 18 30.31 31.09 9.07
CA TYR K 18 28.90 31.07 9.48
C TYR K 18 28.04 30.52 8.36
N ASP K 19 27.03 29.71 8.69
CA ASP K 19 25.93 29.43 7.75
C ASP K 19 25.13 30.73 7.61
N ILE K 20 24.54 30.94 6.43
CA ILE K 20 23.93 32.23 6.06
C ILE K 20 22.94 32.77 7.11
N TYR K 21 22.15 31.88 7.71
CA TYR K 21 21.13 32.29 8.69
C TYR K 21 21.75 32.68 10.03
N SER K 22 22.77 31.95 10.46
CA SER K 22 23.54 32.30 11.67
C SER K 22 24.29 33.63 11.52
N ARG K 23 24.78 33.92 10.32
CA ARG K 23 25.39 35.21 10.02
C ARG K 23 24.38 36.36 10.14
N LEU K 24 23.16 36.12 9.65
CA LEU K 24 22.06 37.07 9.83
C LEU K 24 21.70 37.28 11.31
N LEU K 25 21.68 36.20 12.09
CA LEU K 25 21.42 36.27 13.53
C LEU K 25 22.45 37.13 14.29
N LYS K 26 23.69 37.18 13.79
CA LYS K 26 24.73 38.06 14.35
C LYS K 26 24.36 39.55 14.28
N ASP K 27 23.59 39.94 13.26
CA ASP K 27 23.04 41.29 13.14
C ASP K 27 21.55 41.38 13.53
N ARG K 28 21.15 40.58 14.52
CA ARG K 28 19.81 40.65 15.13
C ARG K 28 18.65 40.39 14.15
N ILE K 29 18.88 39.50 13.20
CA ILE K 29 17.86 39.10 12.20
C ILE K 29 17.41 37.67 12.50
N ILE K 30 16.10 37.49 12.72
CA ILE K 30 15.50 36.17 12.90
C ILE K 30 14.63 35.84 11.69
N MET K 31 14.69 34.58 11.25
CA MET K 31 13.98 34.11 10.07
C MET K 31 12.79 33.23 10.45
N LEU K 32 11.58 33.71 10.15
CA LEU K 32 10.38 32.87 10.18
C LEU K 32 10.00 32.60 8.73
N GLY K 33 10.66 31.61 8.14
CA GLY K 33 10.51 31.28 6.72
C GLY K 33 9.90 29.91 6.44
N SER K 34 9.06 29.43 7.36
CA SER K 34 8.47 28.09 7.24
C SER K 34 7.12 28.03 7.95
N GLN K 35 6.45 26.89 7.83
CA GLN K 35 5.22 26.61 8.57
C GLN K 35 5.50 26.65 10.07
N ILE K 36 4.63 27.32 10.83
CA ILE K 36 4.79 27.48 12.27
C ILE K 36 4.36 26.20 12.99
N ASP K 37 5.34 25.48 13.54
CA ASP K 37 5.10 24.36 14.46
C ASP K 37 5.86 24.64 15.77
N ASP K 38 5.82 23.70 16.71
CA ASP K 38 6.51 23.86 17.99
C ASP K 38 8.02 24.01 17.85
N ASN K 39 8.63 23.27 16.92
CA ASN K 39 10.07 23.35 16.67
C ASN K 39 10.53 24.73 16.19
N VAL K 40 9.77 25.33 15.27
CA VAL K 40 10.04 26.68 14.76
C VAL K 40 9.84 27.73 15.88
N ALA K 41 8.78 27.56 16.67
CA ALA K 41 8.51 28.45 17.80
C ALA K 41 9.61 28.41 18.86
N ASN K 42 10.06 27.21 19.22
CA ASN K 42 11.14 27.03 20.20
C ASN K 42 12.44 27.72 19.74
N SER K 43 12.74 27.60 18.45
CA SER K 43 13.91 28.24 17.86
C SER K 43 13.83 29.75 17.91
N ILE K 44 12.70 30.31 17.45
CA ILE K 44 12.50 31.77 17.39
C ILE K 44 12.41 32.39 18.80
N VAL K 45 11.72 31.72 19.72
CA VAL K 45 11.66 32.15 21.12
C VAL K 45 13.06 32.15 21.75
N SER K 46 13.85 31.12 21.47
CA SER K 46 15.24 31.04 21.94
C SER K 46 16.14 32.13 21.34
N GLN K 47 15.96 32.41 20.05
CA GLN K 47 16.70 33.49 19.36
C GLN K 47 16.38 34.87 19.91
N LEU K 48 15.09 35.13 20.16
CA LEU K 48 14.64 36.40 20.76
C LEU K 48 15.20 36.61 22.17
N LEU K 49 15.26 35.53 22.95
CA LEU K 49 15.85 35.56 24.29
C LEU K 49 17.36 35.85 24.24
N PHE K 50 18.05 35.26 23.27
CA PHE K 50 19.49 35.46 23.09
C PHE K 50 19.85 36.90 22.71
N LEU K 51 19.13 37.45 21.73
CA LEU K 51 19.36 38.82 21.27
C LEU K 51 19.03 39.87 22.34
N GLN K 52 17.99 39.61 23.12
CA GLN K 52 17.64 40.41 24.31
C GLN K 52 18.80 40.46 25.31
N ALA K 53 19.41 39.31 25.56
CA ALA K 53 20.54 39.19 26.50
C ALA K 53 21.80 39.90 26.02
N GLN K 54 22.07 39.85 24.71
CA GLN K 54 23.20 40.57 24.12
C GLN K 54 23.01 42.08 24.22
N ASP K 55 21.83 42.56 23.83
CA ASP K 55 21.50 43.99 23.86
C ASP K 55 19.99 44.17 24.00
N SER K 56 19.57 44.80 25.10
CA SER K 56 18.16 45.05 25.40
C SER K 56 17.58 46.30 24.71
N GLU K 57 18.43 47.10 24.08
CA GLU K 57 18.03 48.37 23.44
C GLU K 57 17.91 48.30 21.92
N LYS K 58 18.87 47.63 21.27
CA LYS K 58 18.92 47.55 19.79
C LYS K 58 17.77 46.72 19.21
N ASP K 59 17.21 47.19 18.09
CA ASP K 59 16.07 46.53 17.44
C ASP K 59 16.40 45.12 16.93
N ILE K 60 15.38 44.27 16.91
CA ILE K 60 15.44 42.93 16.32
C ILE K 60 14.60 42.95 15.04
N TYR K 61 15.03 42.20 14.03
CA TYR K 61 14.37 42.17 12.72
C TYR K 61 13.83 40.77 12.43
N LEU K 62 12.49 40.65 12.43
CA LEU K 62 11.81 39.38 12.18
C LEU K 62 11.34 39.29 10.72
N TYR K 63 12.05 38.51 9.93
CA TYR K 63 11.66 38.17 8.55
C TYR K 63 10.48 37.21 8.60
N ILE K 64 9.42 37.50 7.84
CA ILE K 64 8.23 36.63 7.79
C ILE K 64 7.90 36.22 6.34
N ASN K 65 8.17 34.94 6.03
CA ASN K 65 7.69 34.29 4.81
C ASN K 65 7.08 32.96 5.21
N SER K 66 5.82 33.00 5.68
CA SER K 66 5.20 31.85 6.32
C SER K 66 3.71 31.73 6.00
N PRO K 67 3.21 30.50 5.78
CA PRO K 67 1.77 30.26 5.64
C PRO K 67 1.03 30.10 6.99
N GLY K 68 1.69 30.35 8.11
CA GLY K 68 1.09 30.17 9.43
C GLY K 68 1.26 28.74 9.92
N GLY K 69 0.32 28.28 10.73
CA GLY K 69 0.36 26.92 11.28
C GLY K 69 -0.30 26.85 12.65
N SER K 70 0.41 26.29 13.62
CA SER K 70 -0.12 26.13 14.98
C SER K 70 -0.32 27.49 15.66
N VAL K 71 -1.49 27.67 16.26
CA VAL K 71 -1.85 28.91 16.95
C VAL K 71 -1.07 29.06 18.26
N THR K 72 -0.92 27.96 18.99
CA THR K 72 -0.16 27.95 20.25
C THR K 72 1.33 28.24 20.02
N ALA K 73 1.89 27.61 18.98
CA ALA K 73 3.28 27.90 18.58
C ALA K 73 3.45 29.35 18.13
N GLY K 74 2.44 29.91 17.47
CA GLY K 74 2.41 31.33 17.13
C GLY K 74 2.37 32.24 18.34
N PHE K 75 1.55 31.88 19.33
CA PHE K 75 1.46 32.65 20.58
C PHE K 75 2.71 32.53 21.47
N ALA K 76 3.49 31.45 21.30
CA ALA K 76 4.82 31.35 21.93
C ALA K 76 5.72 32.48 21.44
N ILE K 77 5.73 32.69 20.14
CA ILE K 77 6.52 33.76 19.52
C ILE K 77 5.92 35.13 19.87
N TYR K 78 4.59 35.25 19.82
CA TYR K 78 3.90 36.51 20.13
C TYR K 78 4.26 37.02 21.53
N ASP K 79 4.02 36.19 22.54
CA ASP K 79 4.27 36.56 23.94
C ASP K 79 5.74 36.91 24.22
N THR K 80 6.65 36.18 23.59
CA THR K 80 8.08 36.47 23.70
C THR K 80 8.44 37.82 23.08
N ILE K 81 7.83 38.14 21.94
CA ILE K 81 8.03 39.45 21.29
C ILE K 81 7.57 40.60 22.21
N GLN K 82 6.37 40.46 22.80
CA GLN K 82 5.81 41.52 23.64
C GLN K 82 6.55 41.68 24.98
N HIS K 83 7.05 40.58 25.54
CA HIS K 83 7.72 40.61 26.85
C HIS K 83 9.09 41.29 26.81
N ILE K 84 9.92 40.94 25.83
CA ILE K 84 11.29 41.48 25.75
C ILE K 84 11.33 42.99 25.50
N LYS K 85 12.41 43.62 25.97
CA LYS K 85 12.57 45.07 25.89
C LYS K 85 12.77 45.63 24.48
N PRO K 86 13.61 44.99 23.65
CA PRO K 86 13.84 45.54 22.30
C PRO K 86 12.61 45.50 21.39
N ASP K 87 12.51 46.48 20.50
CA ASP K 87 11.48 46.50 19.46
C ASP K 87 11.77 45.40 18.44
N VAL K 88 10.76 44.58 18.16
CA VAL K 88 10.85 43.54 17.13
C VAL K 88 10.18 44.05 15.87
N GLN K 89 11.00 44.46 14.89
CA GLN K 89 10.50 44.87 13.58
C GLN K 89 10.06 43.64 12.80
N THR K 90 8.93 43.74 12.11
CA THR K 90 8.44 42.65 11.26
C THR K 90 8.43 43.11 9.80
N ILE K 91 8.91 42.25 8.91
CA ILE K 91 8.89 42.51 7.47
C ILE K 91 8.37 41.29 6.72
N CYS K 92 7.29 41.49 5.97
CA CYS K 92 6.70 40.43 5.15
C CYS K 92 7.34 40.43 3.78
N ILE K 93 8.01 39.33 3.44
CA ILE K 93 8.63 39.14 2.14
C ILE K 93 8.11 37.81 1.60
N GLY K 94 7.47 37.86 0.43
CA GLY K 94 6.84 36.68 -0.17
C GLY K 94 5.38 36.58 0.24
N MET K 95 5.12 35.97 1.38
CA MET K 95 3.75 35.86 1.90
C MET K 95 3.67 35.66 3.42
N ALA K 96 2.63 36.25 4.02
CA ALA K 96 2.27 36.02 5.42
C ALA K 96 0.80 35.64 5.47
N ALA K 97 0.53 34.37 5.76
CA ALA K 97 -0.84 33.86 5.84
C ALA K 97 -1.15 33.35 7.24
N SER K 98 -2.43 33.47 7.62
CA SER K 98 -2.96 32.88 8.86
C SER K 98 -2.19 33.40 10.10
N MET K 99 -1.53 32.52 10.86
CA MET K 99 -0.77 32.94 12.05
C MET K 99 0.52 33.71 11.68
N GLY K 100 0.97 33.58 10.44
CA GLY K 100 2.08 34.39 9.92
C GLY K 100 1.72 35.87 9.82
N SER K 101 0.50 36.15 9.36
CA SER K 101 -0.01 37.53 9.30
C SER K 101 -0.33 38.11 10.69
N PHE K 102 -0.70 37.25 11.63
CA PHE K 102 -0.90 37.65 13.03
C PHE K 102 0.41 38.16 13.64
N LEU K 103 1.49 37.41 13.43
CA LEU K 103 2.82 37.81 13.91
C LEU K 103 3.37 39.05 13.19
N LEU K 104 3.01 39.22 11.91
CA LEU K 104 3.33 40.44 11.15
C LEU K 104 2.70 41.68 11.81
N ALA K 105 1.43 41.56 12.20
CA ALA K 105 0.72 42.62 12.91
C ALA K 105 1.22 42.85 14.34
N ALA K 106 1.84 41.82 14.94
CA ALA K 106 2.39 41.89 16.30
C ALA K 106 3.75 42.59 16.45
N GLY K 107 4.36 43.02 15.34
CA GLY K 107 5.63 43.75 15.38
C GLY K 107 5.51 45.10 16.07
N ALA K 108 6.66 45.72 16.35
CA ALA K 108 6.71 47.01 17.05
C ALA K 108 5.93 48.09 16.31
N LYS K 109 5.20 48.91 17.06
CA LYS K 109 4.34 49.95 16.47
C LYS K 109 5.17 50.94 15.66
N GLY K 110 4.76 51.13 14.41
CA GLY K 110 5.49 51.96 13.45
C GLY K 110 6.64 51.28 12.72
N LYS K 111 6.89 49.99 13.02
CA LYS K 111 8.00 49.25 12.42
C LYS K 111 7.56 47.88 11.87
N ARG K 112 6.34 47.84 11.33
CA ARG K 112 5.81 46.67 10.65
C ARG K 112 5.78 46.99 9.16
N PHE K 113 6.47 46.17 8.36
CA PHE K 113 6.69 46.45 6.94
C PHE K 113 6.26 45.29 6.04
N ALA K 114 6.15 45.59 4.76
CA ALA K 114 5.98 44.57 3.72
C ALA K 114 6.50 45.12 2.40
N LEU K 115 7.14 44.27 1.61
CA LEU K 115 7.61 44.65 0.27
C LEU K 115 6.41 44.68 -0.70
N PRO K 116 6.50 45.46 -1.80
CA PRO K 116 5.32 45.82 -2.61
C PRO K 116 4.45 44.66 -3.12
N ASN K 117 5.10 43.56 -3.53
CA ASN K 117 4.40 42.39 -4.08
C ASN K 117 4.19 41.26 -3.05
N ALA K 118 4.47 41.52 -1.78
CA ALA K 118 4.22 40.54 -0.72
C ALA K 118 2.71 40.35 -0.51
N GLU K 119 2.31 39.11 -0.22
CA GLU K 119 0.91 38.73 -0.06
C GLU K 119 0.59 38.54 1.42
N VAL K 120 -0.49 39.16 1.88
CA VAL K 120 -0.97 38.97 3.26
C VAL K 120 -2.37 38.37 3.20
N MET K 121 -2.56 37.24 3.88
CA MET K 121 -3.88 36.59 3.95
C MET K 121 -4.32 36.45 5.40
N ILE K 122 -5.61 36.71 5.64
CA ILE K 122 -6.22 36.52 6.94
C ILE K 122 -7.48 35.66 6.81
N HIS K 123 -7.68 34.76 7.76
CA HIS K 123 -8.90 33.95 7.83
C HIS K 123 -9.10 33.44 9.26
N GLN K 124 -10.17 32.70 9.49
CA GLN K 124 -10.45 32.14 10.83
C GLN K 124 -9.62 30.87 11.08
N PRO K 125 -9.43 30.50 12.37
CA PRO K 125 -8.66 29.28 12.69
C PRO K 125 -9.25 28.00 12.12
N LEU K 126 -8.37 27.06 11.78
CA LEU K 126 -8.76 25.74 11.28
C LEU K 126 -8.49 24.68 12.32
N GLY K 127 -9.33 23.65 12.35
CA GLY K 127 -9.18 22.55 13.29
C GLY K 127 -10.10 21.39 13.00
N GLY K 128 -10.22 20.49 13.97
CA GLY K 128 -11.07 19.32 13.83
C GLY K 128 -11.39 18.64 15.15
N ALA K 129 -12.43 17.82 15.13
CA ALA K 129 -12.86 17.05 16.30
C ALA K 129 -13.63 15.82 15.86
N GLN K 130 -13.47 14.73 16.59
CA GLN K 130 -14.13 13.45 16.28
C GLN K 130 -14.34 12.65 17.56
N GLY K 131 -15.59 12.29 17.84
CA GLY K 131 -15.95 11.50 19.01
C GLY K 131 -17.36 11.80 19.51
N GLN K 132 -17.53 11.75 20.83
CA GLN K 132 -18.82 12.00 21.46
C GLN K 132 -19.28 13.45 21.33
N ALA K 133 -20.58 13.68 21.43
CA ALA K 133 -21.17 15.02 21.31
C ALA K 133 -20.53 16.04 22.26
N THR K 134 -20.33 15.63 23.52
CA THR K 134 -19.68 16.49 24.52
C THR K 134 -18.20 16.76 24.23
N GLU K 135 -17.51 15.80 23.60
CA GLU K 135 -16.14 16.00 23.14
C GLU K 135 -16.06 16.99 21.98
N ILE K 136 -17.04 16.94 21.08
CA ILE K 136 -17.14 17.90 19.96
C ILE K 136 -17.43 19.30 20.50
N GLU K 137 -18.31 19.39 21.51
CA GLU K 137 -18.64 20.66 22.18
C GLU K 137 -17.40 21.32 22.81
N ILE K 138 -16.58 20.52 23.48
CA ILE K 138 -15.33 21.01 24.11
C ILE K 138 -14.36 21.55 23.06
N ALA K 139 -14.20 20.81 21.96
CA ALA K 139 -13.35 21.24 20.83
C ALA K 139 -13.88 22.50 20.15
N ALA K 140 -15.21 22.57 20.01
CA ALA K 140 -15.87 23.73 19.37
C ALA K 140 -15.73 25.01 20.20
N ASN K 141 -15.92 24.89 21.52
CA ASN K 141 -15.78 26.05 22.43
CA ASN K 141 -15.78 26.05 22.41
C ASN K 141 -14.33 26.53 22.49
N HIS K 142 -13.39 25.59 22.41
CA HIS K 142 -11.96 25.90 22.44
C HIS K 142 -11.51 26.72 21.23
N ILE K 143 -11.85 26.26 20.03
CA ILE K 143 -11.48 26.98 18.79
C ILE K 143 -12.22 28.31 18.64
N LEU K 144 -13.47 28.38 19.13
CA LEU K 144 -14.22 29.64 19.15
C LEU K 144 -13.60 30.66 20.12
N LYS K 145 -13.20 30.20 21.31
CA LYS K 145 -12.45 31.04 22.26
C LYS K 145 -11.10 31.47 21.71
N THR K 146 -10.44 30.57 20.97
CA THR K 146 -9.17 30.88 20.31
C THR K 146 -9.34 31.96 19.22
N ARG K 147 -10.45 31.93 18.48
CA ARG K 147 -10.73 32.95 17.47
C ARG K 147 -11.01 34.31 18.10
N GLU K 148 -11.81 34.34 19.17
CA GLU K 148 -12.07 35.59 19.92
C GLU K 148 -10.77 36.20 20.45
N LYS K 149 -9.91 35.34 21.00
CA LYS K 149 -8.58 35.70 21.48
C LYS K 149 -7.73 36.35 20.37
N LEU K 150 -7.72 35.70 19.20
CA LEU K 150 -6.99 36.21 18.03
C LEU K 150 -7.59 37.51 17.48
N ASN K 151 -8.92 37.55 17.35
CA ASN K 151 -9.64 38.72 16.83
C ASN K 151 -9.57 39.93 17.76
N ARG K 152 -9.54 39.69 19.08
CA ARG K 152 -9.39 40.76 20.08
C ARG K 152 -8.02 41.44 19.96
N ILE K 153 -6.97 40.62 19.88
CA ILE K 153 -5.60 41.13 19.73
C ILE K 153 -5.40 41.79 18.37
N LEU K 154 -5.96 41.20 17.31
CA LEU K 154 -5.87 41.79 15.97
C LEU K 154 -6.63 43.11 15.86
N SER K 155 -7.74 43.24 16.60
CA SER K 155 -8.46 44.51 16.73
C SER K 155 -7.61 45.60 17.40
N GLU K 156 -6.88 45.23 18.45
CA GLU K 156 -5.97 46.14 19.16
C GLU K 156 -4.78 46.59 18.29
N ARG K 157 -4.20 45.65 17.55
CA ARG K 157 -3.00 45.91 16.73
C ARG K 157 -3.30 46.71 15.46
N THR K 158 -4.46 46.47 14.84
CA THR K 158 -4.84 47.12 13.59
C THR K 158 -5.60 48.43 13.78
N GLY K 159 -6.40 48.52 14.84
CA GLY K 159 -7.32 49.63 15.05
C GLY K 159 -8.70 49.42 14.44
N GLN K 160 -8.94 48.23 13.87
CA GLN K 160 -10.24 47.86 13.31
C GLN K 160 -11.08 47.29 14.45
N SER K 161 -12.41 47.36 14.30
CA SER K 161 -13.33 46.83 15.30
C SER K 161 -13.36 45.29 15.27
N ILE K 162 -13.75 44.69 16.39
CA ILE K 162 -13.85 43.22 16.51
C ILE K 162 -14.92 42.66 15.56
N GLU K 163 -15.98 43.44 15.32
CA GLU K 163 -17.04 43.06 14.38
C GLU K 163 -16.53 43.02 12.93
N LYS K 164 -15.70 44.01 12.57
CA LYS K 164 -15.09 44.06 11.24
C LYS K 164 -14.07 42.94 11.03
N ILE K 165 -13.25 42.66 12.04
CA ILE K 165 -12.27 41.57 11.98
C ILE K 165 -12.99 40.22 11.82
N GLN K 166 -14.08 40.03 12.57
CA GLN K 166 -14.90 38.81 12.48
C GLN K 166 -15.44 38.59 11.07
N LYS K 167 -16.00 39.63 10.46
CA LYS K 167 -16.56 39.55 9.11
C LYS K 167 -15.51 39.33 8.02
N ASP K 168 -14.40 40.07 8.13
CA ASP K 168 -13.32 40.00 7.12
C ASP K 168 -12.45 38.74 7.20
N THR K 169 -12.51 38.01 8.32
CA THR K 169 -11.80 36.74 8.48
C THR K 169 -12.71 35.50 8.37
N ASP K 170 -13.99 35.72 8.01
CA ASP K 170 -14.96 34.63 7.87
C ASP K 170 -14.55 33.65 6.77
N ARG K 171 -14.08 34.20 5.64
CA ARG K 171 -13.52 33.42 4.54
C ARG K 171 -12.07 33.83 4.31
N ASP K 172 -11.39 33.13 3.40
CA ASP K 172 -10.03 33.51 2.98
C ASP K 172 -10.06 34.91 2.38
N ASN K 173 -9.26 35.81 2.95
CA ASN K 173 -9.21 37.21 2.54
C ASN K 173 -7.76 37.57 2.20
N PHE K 174 -7.45 37.57 0.90
CA PHE K 174 -6.12 37.94 0.41
C PHE K 174 -6.01 39.46 0.30
N LEU K 175 -4.90 40.00 0.81
CA LEU K 175 -4.62 41.44 0.79
C LEU K 175 -3.27 41.70 0.13
N THR K 176 -3.20 42.75 -0.67
CA THR K 176 -1.92 43.25 -1.18
C THR K 176 -1.17 43.98 -0.05
N ALA K 177 0.08 44.34 -0.31
CA ALA K 177 0.89 45.08 0.65
C ALA K 177 0.27 46.44 1.00
N GLU K 178 -0.22 47.14 -0.03
CA GLU K 178 -0.90 48.43 0.17
C GLU K 178 -2.22 48.27 0.93
N GLU K 179 -2.98 47.22 0.61
CA GLU K 179 -4.22 46.91 1.34
C GLU K 179 -3.96 46.51 2.80
N ALA K 180 -2.85 45.82 3.05
CA ALA K 180 -2.43 45.47 4.42
C ALA K 180 -2.10 46.70 5.25
N LYS K 181 -1.48 47.71 4.62
CA LYS K 181 -1.20 49.00 5.27
C LYS K 181 -2.50 49.74 5.63
N GLU K 182 -3.40 49.84 4.67
CA GLU K 182 -4.71 50.47 4.87
C GLU K 182 -5.54 49.78 5.96
N TYR K 183 -5.42 48.45 6.06
CA TYR K 183 -6.14 47.68 7.07
C TYR K 183 -5.58 47.86 8.49
N GLY K 184 -4.29 48.17 8.60
CA GLY K 184 -3.61 48.32 9.88
C GLY K 184 -2.70 47.16 10.27
N LEU K 185 -2.59 46.16 9.39
CA LEU K 185 -1.73 44.99 9.63
C LEU K 185 -0.25 45.35 9.56
N ILE K 186 0.10 46.31 8.70
CA ILE K 186 1.45 46.87 8.64
C ILE K 186 1.37 48.40 8.67
N ASP K 187 2.53 49.04 8.83
CA ASP K 187 2.64 50.50 8.93
C ASP K 187 3.08 51.16 7.61
N GLU K 188 3.96 50.50 6.86
CA GLU K 188 4.48 51.06 5.60
C GLU K 188 4.81 49.98 4.58
N VAL K 189 4.56 50.29 3.31
CA VAL K 189 5.01 49.47 2.19
C VAL K 189 6.39 49.97 1.80
N MET K 190 7.40 49.12 1.99
CA MET K 190 8.80 49.50 1.80
C MET K 190 9.14 49.49 0.30
N VAL K 191 9.26 50.69 -0.29
CA VAL K 191 9.49 50.82 -1.74
C VAL K 191 10.97 50.83 -2.10
N PRO K 192 11.32 50.48 -3.36
CA PRO K 192 12.73 50.50 -3.78
C PRO K 192 13.33 51.90 -3.84
N LEU L 3 16.62 23.89 10.66
CA LEU L 3 18.05 24.28 10.91
C LEU L 3 18.21 25.06 12.22
N ILE L 4 18.94 24.48 13.17
CA ILE L 4 19.19 25.11 14.46
C ILE L 4 20.35 26.09 14.30
N PRO L 5 20.13 27.40 14.57
CA PRO L 5 21.16 28.40 14.30
C PRO L 5 22.33 28.38 15.29
N THR L 6 23.50 28.82 14.83
CA THR L 6 24.72 28.87 15.63
C THR L 6 24.95 30.30 16.14
N VAL L 7 25.52 30.41 17.34
CA VAL L 7 25.90 31.69 17.93
C VAL L 7 27.34 31.61 18.47
N ILE L 8 28.11 32.68 18.25
CA ILE L 8 29.53 32.73 18.63
C ILE L 8 29.76 33.74 19.75
N GLU L 15 36.45 33.22 21.53
CA GLU L 15 35.33 33.02 20.62
C GLU L 15 34.96 31.53 20.54
N ARG L 16 33.91 31.15 21.26
CA ARG L 16 33.40 29.78 21.29
C ARG L 16 32.02 29.70 20.61
N ALA L 17 31.86 28.73 19.72
CA ALA L 17 30.61 28.54 18.97
C ALA L 17 29.66 27.60 19.72
N TYR L 18 28.37 27.96 19.73
CA TYR L 18 27.32 27.15 20.35
C TYR L 18 26.09 27.11 19.44
N ASP L 19 25.41 25.97 19.38
CA ASP L 19 24.03 25.93 18.87
C ASP L 19 23.14 26.60 19.91
N ILE L 20 22.05 27.21 19.45
CA ILE L 20 21.20 28.08 20.31
C ILE L 20 20.77 27.42 21.63
N TYR L 21 20.43 26.13 21.59
CA TYR L 21 19.94 25.42 22.78
C TYR L 21 21.06 25.09 23.77
N SER L 22 22.25 24.78 23.25
CA SER L 22 23.43 24.59 24.10
C SER L 22 23.91 25.90 24.75
N ARG L 23 23.74 27.02 24.05
CA ARG L 23 24.03 28.35 24.61
C ARG L 23 23.09 28.69 25.77
N LEU L 24 21.80 28.36 25.61
CA LEU L 24 20.83 28.49 26.69
C LEU L 24 21.19 27.62 27.91
N LEU L 25 21.63 26.39 27.65
CA LEU L 25 22.05 25.46 28.71
C LEU L 25 23.24 25.99 29.54
N LYS L 26 24.08 26.82 28.93
CA LYS L 26 25.19 27.48 29.64
C LYS L 26 24.70 28.43 30.74
N ASP L 27 23.52 29.04 30.54
CA ASP L 27 22.86 29.85 31.57
C ASP L 27 21.73 29.10 32.30
N ARG L 28 21.91 27.78 32.47
CA ARG L 28 21.01 26.94 33.28
C ARG L 28 19.56 26.90 32.77
N ILE L 29 19.39 26.90 31.45
CA ILE L 29 18.08 26.84 30.81
C ILE L 29 17.93 25.49 30.10
N ILE L 30 16.90 24.73 30.48
CA ILE L 30 16.56 23.46 29.85
C ILE L 30 15.29 23.64 29.02
N MET L 31 15.28 23.07 27.81
CA MET L 31 14.16 23.18 26.88
C MET L 31 13.35 21.89 26.83
N LEU L 32 12.11 21.94 27.32
CA LEU L 32 11.12 20.89 27.07
C LEU L 32 10.17 21.42 26.01
N GLY L 33 10.56 21.25 24.74
CA GLY L 33 9.85 21.83 23.60
C GLY L 33 9.35 20.81 22.59
N SER L 34 8.94 19.64 23.07
CA SER L 34 8.47 18.55 22.20
C SER L 34 7.60 17.57 22.97
N GLN L 35 7.07 16.57 22.26
CA GLN L 35 6.33 15.47 22.89
C GLN L 35 7.27 14.70 23.82
N ILE L 36 6.76 14.39 25.01
CA ILE L 36 7.55 13.70 26.03
C ILE L 36 7.58 12.20 25.74
N ASP L 37 8.74 11.72 25.32
CA ASP L 37 9.03 10.28 25.23
C ASP L 37 10.26 9.99 26.09
N ASP L 38 10.71 8.73 26.09
CA ASP L 38 11.88 8.34 26.89
C ASP L 38 13.16 9.09 26.50
N ASN L 39 13.33 9.39 25.21
CA ASN L 39 14.50 10.15 24.72
C ASN L 39 14.58 11.57 25.30
N VAL L 40 13.45 12.28 25.28
CA VAL L 40 13.36 13.64 25.82
C VAL L 40 13.58 13.64 27.33
N ALA L 41 13.01 12.65 28.02
CA ALA L 41 13.20 12.48 29.47
C ALA L 41 14.66 12.20 29.83
N ASN L 42 15.32 11.32 29.06
CA ASN L 42 16.74 11.01 29.29
C ASN L 42 17.63 12.22 29.15
N SER L 43 17.34 13.05 28.13
CA SER L 43 18.07 14.29 27.89
C SER L 43 17.89 15.29 29.03
N ILE L 44 16.63 15.55 29.40
CA ILE L 44 16.30 16.53 30.44
C ILE L 44 16.83 16.09 31.82
N VAL L 45 16.70 14.80 32.13
CA VAL L 45 17.27 14.25 33.39
C VAL L 45 18.79 14.45 33.45
N SER L 46 19.47 14.19 32.33
CA SER L 46 20.92 14.38 32.23
C SER L 46 21.34 15.84 32.35
N GLN L 47 20.55 16.74 31.76
CA GLN L 47 20.79 18.19 31.88
C GLN L 47 20.60 18.69 33.32
N LEU L 48 19.53 18.22 33.98
CA LEU L 48 19.28 18.56 35.38
C LEU L 48 20.40 18.08 36.31
N LEU L 49 20.90 16.88 36.05
CA LEU L 49 22.04 16.32 36.81
C LEU L 49 23.32 17.11 36.58
N PHE L 50 23.55 17.53 35.33
CA PHE L 50 24.73 18.33 34.97
C PHE L 50 24.75 19.71 35.64
N LEU L 51 23.63 20.43 35.56
CA LEU L 51 23.52 21.78 36.14
C LEU L 51 23.61 21.76 37.67
N GLN L 52 23.07 20.72 38.29
CA GLN L 52 23.19 20.50 39.74
C GLN L 52 24.66 20.30 40.15
N ALA L 53 25.43 19.59 39.33
CA ALA L 53 26.86 19.37 39.57
C ALA L 53 27.69 20.65 39.43
N GLN L 54 27.36 21.47 38.44
CA GLN L 54 28.03 22.77 38.24
C GLN L 54 27.78 23.72 39.41
N ASP L 55 26.51 23.84 39.81
CA ASP L 55 26.12 24.69 40.94
C ASP L 55 24.82 24.18 41.56
N SER L 56 24.88 23.79 42.82
CA SER L 56 23.71 23.27 43.56
C SER L 56 22.79 24.36 44.14
N GLU L 57 23.25 25.61 44.12
CA GLU L 57 22.50 26.75 44.69
C GLU L 57 21.71 27.56 43.66
N LYS L 58 22.30 27.79 42.49
CA LYS L 58 21.68 28.61 41.44
C LYS L 58 20.45 27.94 40.83
N ASP L 59 19.45 28.75 40.50
CA ASP L 59 18.20 28.24 39.92
C ASP L 59 18.37 27.68 38.51
N ILE L 60 17.49 26.74 38.16
CA ILE L 60 17.39 26.18 36.80
C ILE L 60 16.07 26.64 36.21
N TYR L 61 16.04 26.88 34.90
CA TYR L 61 14.84 27.37 34.20
C TYR L 61 14.38 26.35 33.17
N LEU L 62 13.21 25.74 33.42
CA LEU L 62 12.62 24.75 32.53
C LEU L 62 11.57 25.38 31.62
N TYR L 63 11.94 25.61 30.36
CA TYR L 63 11.02 26.08 29.32
C TYR L 63 10.09 24.92 28.95
N ILE L 64 8.77 25.18 28.95
CA ILE L 64 7.77 24.16 28.63
C ILE L 64 6.88 24.60 27.47
N ASN L 65 7.10 23.98 26.30
CA ASN L 65 6.20 24.08 25.15
C ASN L 65 5.96 22.67 24.62
N SER L 66 5.05 21.94 25.28
CA SER L 66 4.90 20.51 25.05
C SER L 66 3.44 20.05 25.16
N PRO L 67 3.01 19.12 24.28
CA PRO L 67 1.68 18.51 24.41
C PRO L 67 1.62 17.33 25.40
N GLY L 68 2.70 17.05 26.12
CA GLY L 68 2.77 15.92 27.04
C GLY L 68 3.25 14.69 26.32
N GLY L 69 2.79 13.52 26.78
CA GLY L 69 3.16 12.24 26.18
C GLY L 69 3.20 11.13 27.22
N SER L 70 4.35 10.46 27.32
CA SER L 70 4.50 9.31 28.22
C SER L 70 4.49 9.75 29.69
N VAL L 71 3.71 9.04 30.50
CA VAL L 71 3.57 9.35 31.93
C VAL L 71 4.83 8.95 32.69
N THR L 72 5.38 7.77 32.38
CA THR L 72 6.63 7.30 33.02
C THR L 72 7.82 8.18 32.68
N ALA L 73 7.91 8.61 31.43
CA ALA L 73 8.95 9.56 30.99
C ALA L 73 8.81 10.92 31.68
N GLY L 74 7.57 11.35 31.90
CA GLY L 74 7.28 12.54 32.69
C GLY L 74 7.69 12.41 34.15
N PHE L 75 7.42 11.26 34.76
CA PHE L 75 7.83 10.99 36.14
C PHE L 75 9.35 10.84 36.30
N ALA L 76 10.04 10.46 35.23
CA ALA L 76 11.52 10.50 35.21
C ALA L 76 12.01 11.94 35.41
N ILE L 77 11.39 12.88 34.69
CA ILE L 77 11.71 14.31 34.82
C ILE L 77 11.27 14.83 36.19
N TYR L 78 10.05 14.48 36.61
CA TYR L 78 9.48 14.94 37.88
C TYR L 78 10.40 14.62 39.07
N ASP L 79 10.71 13.34 39.24
CA ASP L 79 11.54 12.88 40.38
C ASP L 79 12.94 13.49 40.40
N THR L 80 13.51 13.72 39.22
CA THR L 80 14.81 14.38 39.10
C THR L 80 14.75 15.85 39.55
N ILE L 81 13.65 16.53 39.21
CA ILE L 81 13.43 17.92 39.67
C ILE L 81 13.32 18.00 41.19
N GLN L 82 12.50 17.12 41.78
CA GLN L 82 12.26 17.14 43.23
C GLN L 82 13.49 16.71 44.04
N HIS L 83 14.33 15.83 43.49
CA HIS L 83 15.51 15.32 44.19
C HIS L 83 16.62 16.37 44.33
N ILE L 84 16.99 17.00 43.21
CA ILE L 84 18.14 17.93 43.19
C ILE L 84 17.90 19.18 44.04
N LYS L 85 19.00 19.76 44.53
CA LYS L 85 18.94 20.93 45.42
C LYS L 85 18.46 22.23 44.75
N PRO L 86 18.94 22.52 43.51
CA PRO L 86 18.49 23.74 42.82
C PRO L 86 16.98 23.86 42.63
N ASP L 87 16.45 25.07 42.80
CA ASP L 87 15.05 25.35 42.43
C ASP L 87 14.91 25.32 40.92
N VAL L 88 14.01 24.48 40.42
CA VAL L 88 13.71 24.41 38.99
C VAL L 88 12.49 25.28 38.72
N GLN L 89 12.73 26.46 38.13
CA GLN L 89 11.65 27.34 37.70
C GLN L 89 11.02 26.78 36.43
N THR L 90 9.70 26.84 36.33
CA THR L 90 8.98 26.40 35.14
C THR L 90 8.25 27.57 34.51
N ILE L 91 8.31 27.66 33.17
CA ILE L 91 7.60 28.69 32.42
C ILE L 91 6.92 28.08 31.19
N CYS L 92 5.59 28.21 31.13
CA CYS L 92 4.81 27.73 30.01
C CYS L 92 4.75 28.81 28.92
N ILE L 93 5.35 28.53 27.78
CA ILE L 93 5.32 29.42 26.62
C ILE L 93 4.72 28.62 25.46
N GLY L 94 3.67 29.16 24.85
CA GLY L 94 2.93 28.48 23.80
C GLY L 94 1.83 27.61 24.38
N MET L 95 2.17 26.38 24.74
CA MET L 95 1.20 25.47 25.37
C MET L 95 1.83 24.39 26.24
N ALA L 96 1.09 24.00 27.27
CA ALA L 96 1.43 22.85 28.12
C ALA L 96 0.19 21.98 28.21
N ALA L 97 0.28 20.74 27.83
CA ALA L 97 -0.82 19.80 27.94
C ALA L 97 -0.39 18.45 28.52
N SER L 98 -1.35 17.80 29.15
CA SER L 98 -1.17 16.48 29.72
C SER L 98 0.01 16.47 30.65
N MET L 99 0.97 15.61 30.37
CA MET L 99 2.17 15.53 31.17
C MET L 99 3.00 16.85 31.20
N GLY L 100 2.93 17.66 30.15
CA GLY L 100 3.58 18.95 30.19
C GLY L 100 2.99 19.85 31.28
N SER L 101 1.66 19.89 31.45
CA SER L 101 1.04 20.69 32.50
CA SER L 101 1.02 20.68 32.51
C SER L 101 1.36 20.15 33.89
N PHE L 102 1.56 18.83 34.00
CA PHE L 102 1.98 18.20 35.26
C PHE L 102 3.37 18.68 35.67
N LEU L 103 4.30 18.70 34.71
CA LEU L 103 5.66 19.20 34.94
C LEU L 103 5.71 20.71 35.17
N LEU L 104 4.78 21.45 34.57
CA LEU L 104 4.63 22.88 34.85
C LEU L 104 4.30 23.13 36.32
N ALA L 105 3.36 22.35 36.87
CA ALA L 105 3.00 22.41 38.29
C ALA L 105 4.09 21.87 39.23
N ALA L 106 4.97 21.02 38.70
CA ALA L 106 6.09 20.44 39.45
C ALA L 106 7.26 21.38 39.74
N GLY L 107 7.28 22.57 39.12
CA GLY L 107 8.33 23.56 39.35
C GLY L 107 8.36 24.09 40.78
N ALA L 108 9.46 24.73 41.15
CA ALA L 108 9.66 25.26 42.50
C ALA L 108 8.52 26.19 42.91
N LYS L 109 7.98 26.00 44.12
CA LYS L 109 6.85 26.79 44.60
C LYS L 109 7.21 28.27 44.69
N GLY L 110 6.34 29.11 44.12
CA GLY L 110 6.62 30.53 43.95
C GLY L 110 7.34 30.92 42.67
N LYS L 111 7.77 29.94 41.87
CA LYS L 111 8.53 30.19 40.63
C LYS L 111 8.00 29.37 39.44
N ARG L 112 6.68 29.21 39.38
CA ARG L 112 6.00 28.58 38.25
C ARG L 112 5.26 29.66 37.49
N PHE L 113 5.58 29.83 36.21
CA PHE L 113 5.07 30.95 35.41
C PHE L 113 4.39 30.49 34.12
N ALA L 114 3.68 31.43 33.50
CA ALA L 114 3.16 31.27 32.15
C ALA L 114 2.94 32.64 31.54
N LEU L 115 3.23 32.78 30.25
CA LEU L 115 3.00 34.04 29.53
C LEU L 115 1.50 34.19 29.24
N PRO L 116 1.00 35.44 29.05
CA PRO L 116 -0.44 35.72 29.10
C PRO L 116 -1.33 34.89 28.16
N ASN L 117 -0.84 34.61 26.96
CA ASN L 117 -1.58 33.85 25.94
C ASN L 117 -1.22 32.35 25.89
N ALA L 118 -0.44 31.86 26.86
CA ALA L 118 -0.08 30.44 26.93
C ALA L 118 -1.28 29.57 27.30
N GLU L 119 -1.36 28.40 26.68
CA GLU L 119 -2.49 27.48 26.85
C GLU L 119 -2.09 26.31 27.76
N VAL L 120 -2.79 26.16 28.89
CA VAL L 120 -2.59 25.03 29.79
C VAL L 120 -3.81 24.12 29.71
N MET L 121 -3.57 22.83 29.46
CA MET L 121 -4.65 21.84 29.36
C MET L 121 -4.39 20.67 30.31
N ILE L 122 -5.45 20.24 31.00
CA ILE L 122 -5.40 19.08 31.89
C ILE L 122 -6.49 18.08 31.54
N HIS L 123 -6.16 16.80 31.59
CA HIS L 123 -7.11 15.71 31.34
C HIS L 123 -6.56 14.38 31.84
N GLN L 124 -7.42 13.38 31.93
CA GLN L 124 -7.04 12.07 32.46
C GLN L 124 -6.09 11.29 31.52
N PRO L 125 -5.29 10.34 32.07
CA PRO L 125 -4.33 9.60 31.23
C PRO L 125 -4.99 8.77 30.12
N LEU L 126 -4.27 8.63 29.01
CA LEU L 126 -4.70 7.83 27.86
C LEU L 126 -3.90 6.54 27.82
N GLY L 127 -4.54 5.46 27.38
CA GLY L 127 -3.88 4.16 27.26
C GLY L 127 -4.69 3.15 26.47
N GLY L 128 -4.29 1.90 26.56
CA GLY L 128 -4.95 0.81 25.84
C GLY L 128 -4.80 -0.54 26.51
N ALA L 129 -5.64 -1.48 26.09
CA ALA L 129 -5.61 -2.85 26.60
C ALA L 129 -6.23 -3.78 25.54
N GLN L 130 -5.62 -4.95 25.38
CA GLN L 130 -6.09 -5.94 24.40
C GLN L 130 -5.79 -7.36 24.89
N GLY L 131 -6.66 -8.30 24.53
CA GLY L 131 -6.49 -9.71 24.84
C GLY L 131 -7.55 -10.24 25.80
N GLN L 132 -7.11 -11.07 26.74
CA GLN L 132 -8.02 -11.74 27.69
C GLN L 132 -8.63 -10.77 28.69
N ALA L 133 -9.74 -11.17 29.30
CA ALA L 133 -10.45 -10.35 30.28
C ALA L 133 -9.57 -10.00 31.49
N THR L 134 -8.83 -10.98 32.00
CA THR L 134 -7.90 -10.75 33.12
C THR L 134 -6.71 -9.85 32.74
N GLU L 135 -6.28 -9.91 31.48
CA GLU L 135 -5.26 -9.00 30.96
C GLU L 135 -5.78 -7.57 30.87
N ILE L 136 -7.03 -7.41 30.43
CA ILE L 136 -7.69 -6.10 30.36
C ILE L 136 -7.93 -5.53 31.78
N GLU L 137 -8.27 -6.41 32.73
CA GLU L 137 -8.39 -6.02 34.14
C GLU L 137 -7.07 -5.48 34.70
N ILE L 138 -5.96 -6.14 34.38
CA ILE L 138 -4.62 -5.72 34.81
C ILE L 138 -4.23 -4.36 34.22
N ALA L 139 -4.51 -4.16 32.93
CA ALA L 139 -4.26 -2.88 32.25
C ALA L 139 -5.15 -1.76 32.79
N ALA L 140 -6.41 -2.09 33.10
CA ALA L 140 -7.35 -1.13 33.67
C ALA L 140 -6.96 -0.70 35.08
N ASN L 141 -6.57 -1.67 35.92
CA ASN L 141 -6.08 -1.37 37.27
C ASN L 141 -4.79 -0.55 37.25
N HIS L 142 -3.92 -0.79 36.26
CA HIS L 142 -2.66 -0.05 36.12
C HIS L 142 -2.88 1.43 35.80
N ILE L 143 -3.68 1.71 34.76
CA ILE L 143 -3.96 3.10 34.35
C ILE L 143 -4.79 3.87 35.39
N LEU L 144 -5.70 3.18 36.08
CA LEU L 144 -6.47 3.77 37.19
C LEU L 144 -5.56 4.14 38.38
N LYS L 145 -4.64 3.24 38.74
CA LYS L 145 -3.62 3.54 39.75
C LYS L 145 -2.71 4.70 39.34
N THR L 146 -2.34 4.73 38.06
CA THR L 146 -1.54 5.82 37.50
C THR L 146 -2.27 7.17 37.61
N ARG L 147 -3.58 7.17 37.38
CA ARG L 147 -4.39 8.39 37.52
C ARG L 147 -4.46 8.85 38.99
N GLU L 148 -4.69 7.92 39.91
CA GLU L 148 -4.67 8.21 41.35
C GLU L 148 -3.32 8.78 41.80
N LYS L 149 -2.24 8.22 41.27
CA LYS L 149 -0.87 8.70 41.50
C LYS L 149 -0.68 10.12 40.99
N LEU L 150 -1.14 10.40 39.77
CA LEU L 150 -1.07 11.73 39.17
C LEU L 150 -1.95 12.75 39.91
N ASN L 151 -3.19 12.36 40.21
CA ASN L 151 -4.14 13.24 40.91
C ASN L 151 -3.72 13.56 42.35
N ARG L 152 -3.13 12.57 43.03
CA ARG L 152 -2.62 12.76 44.41
C ARG L 152 -1.48 13.78 44.45
N ILE L 153 -0.55 13.68 43.50
CA ILE L 153 0.58 14.61 43.41
C ILE L 153 0.11 15.99 42.96
N LEU L 154 -0.74 16.05 41.93
CA LEU L 154 -1.30 17.32 41.45
C LEU L 154 -2.12 18.03 42.52
N SER L 155 -2.79 17.27 43.39
CA SER L 155 -3.46 17.82 44.57
C SER L 155 -2.48 18.52 45.52
N GLU L 156 -1.33 17.89 45.77
CA GLU L 156 -0.27 18.47 46.60
C GLU L 156 0.37 19.73 45.99
N ARG L 157 0.59 19.71 44.67
CA ARG L 157 1.23 20.83 43.97
C ARG L 157 0.33 22.06 43.84
N THR L 158 -0.96 21.84 43.54
CA THR L 158 -1.91 22.93 43.29
C THR L 158 -2.70 23.37 44.52
N GLY L 159 -2.92 22.46 45.46
CA GLY L 159 -3.78 22.72 46.62
C GLY L 159 -5.25 22.40 46.40
N GLN L 160 -5.58 21.81 45.25
CA GLN L 160 -6.94 21.34 44.96
C GLN L 160 -7.09 19.93 45.52
N SER L 161 -8.32 19.51 45.76
CA SER L 161 -8.59 18.17 46.31
C SER L 161 -8.53 17.11 45.22
N ILE L 162 -8.42 15.85 45.64
CA ILE L 162 -8.39 14.70 44.72
C ILE L 162 -9.73 14.57 43.97
N GLU L 163 -10.84 14.71 44.70
CA GLU L 163 -12.18 14.65 44.11
C GLU L 163 -12.44 15.76 43.09
N LYS L 164 -11.91 16.95 43.35
CA LYS L 164 -12.03 18.07 42.42
C LYS L 164 -11.24 17.83 41.14
N ILE L 165 -9.98 17.40 41.29
CA ILE L 165 -9.10 17.11 40.15
C ILE L 165 -9.68 15.99 39.27
N GLN L 166 -10.24 14.96 39.92
CA GLN L 166 -10.92 13.85 39.22
C GLN L 166 -12.02 14.36 38.29
N LYS L 167 -12.87 15.26 38.79
CA LYS L 167 -13.98 15.82 38.00
C LYS L 167 -13.48 16.78 36.91
N ASP L 168 -12.51 17.63 37.25
CA ASP L 168 -11.99 18.64 36.31
C ASP L 168 -11.12 18.06 35.19
N THR L 169 -10.56 16.87 35.39
CA THR L 169 -9.74 16.19 34.37
C THR L 169 -10.46 15.02 33.67
N ASP L 170 -11.76 14.87 33.92
CA ASP L 170 -12.56 13.79 33.32
C ASP L 170 -12.63 13.94 31.79
N ARG L 171 -12.78 15.18 31.32
CA ARG L 171 -12.71 15.53 29.91
C ARG L 171 -11.54 16.48 29.68
N ASP L 172 -11.27 16.79 28.41
CA ASP L 172 -10.28 17.81 28.05
C ASP L 172 -10.72 19.15 28.65
N ASN L 173 -9.82 19.76 29.42
CA ASN L 173 -10.11 21.01 30.14
C ASN L 173 -9.03 22.03 29.80
N PHE L 174 -9.34 22.92 28.87
CA PHE L 174 -8.43 23.99 28.46
C PHE L 174 -8.53 25.16 29.43
N LEU L 175 -7.36 25.68 29.83
CA LEU L 175 -7.27 26.79 30.77
C LEU L 175 -6.40 27.89 30.17
N THR L 176 -6.79 29.15 30.40
CA THR L 176 -5.93 30.29 30.11
C THR L 176 -4.81 30.36 31.16
N ALA L 177 -3.82 31.22 30.92
CA ALA L 177 -2.74 31.45 31.87
C ALA L 177 -3.26 31.95 33.23
N GLU L 178 -4.26 32.83 33.18
CA GLU L 178 -4.90 33.37 34.39
C GLU L 178 -5.71 32.29 35.12
N GLU L 179 -6.43 31.45 34.38
CA GLU L 179 -7.15 30.31 34.96
C GLU L 179 -6.22 29.26 35.55
N ALA L 180 -5.06 29.07 34.92
CA ALA L 180 -4.01 28.17 35.45
C ALA L 180 -3.45 28.67 36.79
N LYS L 181 -3.34 30.00 36.94
CA LYS L 181 -2.93 30.62 38.20
C LYS L 181 -3.97 30.40 39.31
N GLU L 182 -5.23 30.64 38.98
CA GLU L 182 -6.34 30.41 39.92
C GLU L 182 -6.48 28.95 40.34
N TYR L 183 -6.18 28.03 39.42
CA TYR L 183 -6.23 26.59 39.71
C TYR L 183 -5.09 26.11 40.61
N GLY L 184 -3.96 26.81 40.57
CA GLY L 184 -2.77 26.46 41.36
C GLY L 184 -1.66 25.77 40.56
N LEU L 185 -1.84 25.65 39.25
CA LEU L 185 -0.83 25.05 38.37
C LEU L 185 0.39 25.95 38.20
N ILE L 186 0.16 27.27 38.20
CA ILE L 186 1.24 28.26 38.21
C ILE L 186 1.00 29.28 39.32
N ASP L 187 2.03 30.08 39.59
CA ASP L 187 2.01 31.07 40.68
C ASP L 187 1.67 32.47 40.18
N GLU L 188 2.27 32.89 39.06
CA GLU L 188 2.04 34.21 38.48
C GLU L 188 1.95 34.17 36.95
N VAL L 189 1.04 34.97 36.39
CA VAL L 189 1.00 35.21 34.96
C VAL L 189 2.04 36.30 34.67
N MET L 190 3.09 35.92 33.96
CA MET L 190 4.21 36.82 33.68
C MET L 190 3.80 37.82 32.59
N VAL L 191 3.90 39.12 32.91
CA VAL L 191 3.39 40.19 32.03
C VAL L 191 4.53 41.09 31.52
N PRO L 192 4.30 41.83 30.41
CA PRO L 192 5.35 42.73 29.90
C PRO L 192 5.61 43.93 30.81
C LEU M 3 18.93 16.60 21.90
N ILE M 4 20.17 16.41 21.45
CA ILE M 4 21.28 16.16 22.36
C ILE M 4 22.15 17.42 22.47
N PRO M 5 22.04 18.17 23.59
CA PRO M 5 22.80 19.41 23.72
C PRO M 5 24.28 19.19 24.07
N THR M 6 25.09 20.19 23.77
CA THR M 6 26.53 20.17 24.04
C THR M 6 26.81 20.99 25.31
N VAL M 7 27.87 20.61 26.03
CA VAL M 7 28.34 21.35 27.21
C VAL M 7 29.86 21.56 27.16
N ILE M 8 30.29 22.76 27.56
CA ILE M 8 31.70 23.15 27.54
C ILE M 8 32.30 23.02 28.94
N ALA M 17 34.59 20.21 25.05
CA ALA M 17 33.28 20.12 24.41
C ALA M 17 32.78 18.68 24.43
N TYR M 18 31.70 18.44 25.17
CA TYR M 18 31.08 17.11 25.29
C TYR M 18 29.58 17.19 25.02
N ASP M 19 29.05 16.19 24.32
CA ASP M 19 27.60 15.95 24.30
C ASP M 19 27.19 15.47 25.71
N ILE M 20 25.95 15.75 26.10
CA ILE M 20 25.49 15.56 27.48
C ILE M 20 25.72 14.13 28.02
N TYR M 21 25.50 13.12 27.19
CA TYR M 21 25.66 11.72 27.60
C TYR M 21 27.14 11.34 27.75
N SER M 22 27.98 11.85 26.85
CA SER M 22 29.44 11.66 26.94
C SER M 22 30.06 12.36 28.15
N ARG M 23 29.49 13.51 28.54
CA ARG M 23 29.93 14.22 29.74
C ARG M 23 29.63 13.40 31.01
N LEU M 24 28.45 12.78 31.04
CA LEU M 24 28.09 11.87 32.15
C LEU M 24 29.00 10.65 32.21
N LEU M 25 29.36 10.08 31.06
CA LEU M 25 30.29 8.94 30.99
C LEU M 25 31.68 9.25 31.59
N LYS M 26 32.10 10.51 31.52
CA LYS M 26 33.35 10.96 32.16
C LYS M 26 33.31 10.82 33.69
N ASP M 27 32.13 10.94 34.29
CA ASP M 27 31.92 10.66 35.72
C ASP M 27 31.33 9.26 35.99
N ARG M 28 31.66 8.30 35.12
CA ARG M 28 31.30 6.88 35.31
C ARG M 28 29.78 6.60 35.35
N ILE M 29 29.03 7.34 34.54
CA ILE M 29 27.57 7.18 34.42
C ILE M 29 27.24 6.58 33.06
N ILE M 30 26.52 5.46 33.05
CA ILE M 30 26.03 4.81 31.83
C ILE M 30 24.51 4.95 31.77
N MET M 31 24.00 5.27 30.58
CA MET M 31 22.57 5.49 30.35
C MET M 31 21.94 4.30 29.62
N LEU M 32 21.02 3.61 30.28
CA LEU M 32 20.13 2.65 29.64
C LEU M 32 18.75 3.29 29.56
N GLY M 33 18.56 4.08 28.50
CA GLY M 33 17.36 4.91 28.33
C GLY M 33 16.51 4.56 27.12
N SER M 34 16.51 3.28 26.73
CA SER M 34 15.79 2.83 25.54
C SER M 34 15.46 1.35 25.62
N GLN M 35 14.73 0.86 24.62
CA GLN M 35 14.47 -0.57 24.45
C GLN M 35 15.78 -1.32 24.26
N ILE M 36 15.92 -2.45 24.95
CA ILE M 36 17.15 -3.25 24.92
C ILE M 36 17.17 -4.12 23.66
N ASP M 37 18.04 -3.77 22.72
CA ASP M 37 18.38 -4.61 21.58
C ASP M 37 19.89 -4.86 21.60
N ASP M 38 20.41 -5.57 20.60
CA ASP M 38 21.83 -5.88 20.53
C ASP M 38 22.72 -4.63 20.45
N ASN M 39 22.28 -3.61 19.71
CA ASN M 39 23.03 -2.34 19.61
C ASN M 39 23.20 -1.63 20.95
N VAL M 40 22.12 -1.57 21.73
CA VAL M 40 22.16 -0.95 23.07
C VAL M 40 23.04 -1.75 24.02
N ALA M 41 22.94 -3.09 23.95
CA ALA M 41 23.79 -3.98 24.74
C ALA M 41 25.27 -3.83 24.41
N ASN M 42 25.59 -3.78 23.11
CA ASN M 42 26.98 -3.60 22.66
C ASN M 42 27.60 -2.30 23.18
N SER M 43 26.80 -1.23 23.17
CA SER M 43 27.24 0.08 23.66
C SER M 43 27.49 0.07 25.17
N ILE M 44 26.54 -0.47 25.93
CA ILE M 44 26.64 -0.53 27.40
C ILE M 44 27.78 -1.45 27.85
N VAL M 45 27.92 -2.61 27.20
CA VAL M 45 29.03 -3.54 27.48
C VAL M 45 30.39 -2.86 27.25
N SER M 46 30.50 -2.13 26.14
CA SER M 46 31.72 -1.37 25.81
C SER M 46 32.02 -0.27 26.83
N GLN M 47 30.98 0.44 27.28
CA GLN M 47 31.12 1.46 28.32
C GLN M 47 31.57 0.87 29.66
N LEU M 48 30.97 -0.26 30.04
CA LEU M 48 31.38 -0.98 31.27
C LEU M 48 32.84 -1.43 31.22
N LEU M 49 33.27 -1.95 30.08
CA LEU M 49 34.66 -2.37 29.88
C LEU M 49 35.64 -1.19 29.88
N PHE M 50 35.19 -0.05 29.35
CA PHE M 50 36.00 1.18 29.35
C PHE M 50 36.21 1.72 30.77
N LEU M 51 35.13 1.82 31.55
CA LEU M 51 35.19 2.42 32.88
C LEU M 51 35.99 1.58 33.89
N GLN M 52 35.83 0.26 33.85
CA GLN M 52 36.64 -0.64 34.69
C GLN M 52 38.13 -0.61 34.33
N ALA M 53 38.45 -0.40 33.05
CA ALA M 53 39.82 -0.24 32.59
C ALA M 53 40.45 1.07 33.09
N GLN M 54 39.66 2.15 33.11
CA GLN M 54 40.08 3.42 33.69
C GLN M 54 40.33 3.30 35.19
N ASP M 55 39.36 2.72 35.90
CA ASP M 55 39.45 2.53 37.34
C ASP M 55 38.61 1.31 37.74
N SER M 56 39.28 0.29 38.29
CA SER M 56 38.64 -0.95 38.72
C SER M 56 38.00 -0.88 40.12
N GLU M 57 38.30 0.18 40.88
CA GLU M 57 37.84 0.33 42.26
C GLU M 57 36.58 1.20 42.40
N LYS M 58 36.55 2.33 41.68
CA LYS M 58 35.44 3.28 41.78
C LYS M 58 34.15 2.73 41.19
N ASP M 59 33.02 3.12 41.78
CA ASP M 59 31.70 2.63 41.37
C ASP M 59 31.27 3.17 40.00
N ILE M 60 30.36 2.44 39.37
CA ILE M 60 29.72 2.83 38.12
C ILE M 60 28.22 3.00 38.39
N TYR M 61 27.60 3.98 37.74
CA TYR M 61 26.18 4.31 37.96
C TYR M 61 25.38 4.03 36.70
N LEU M 62 24.56 2.97 36.73
CA LEU M 62 23.72 2.59 35.59
C LEU M 62 22.31 3.17 35.74
N TYR M 63 22.05 4.22 34.97
CA TYR M 63 20.71 4.81 34.85
C TYR M 63 19.83 3.86 34.03
N ILE M 64 18.64 3.51 34.56
CA ILE M 64 17.71 2.61 33.87
C ILE M 64 16.34 3.28 33.69
N ASN M 65 16.05 3.68 32.46
CA ASN M 65 14.71 4.07 32.01
C ASN M 65 14.41 3.27 30.74
N SER M 66 13.90 2.05 30.91
CA SER M 66 13.79 1.10 29.80
C SER M 66 12.57 0.17 29.94
N PRO M 67 11.87 -0.11 28.82
CA PRO M 67 10.80 -1.11 28.82
C PRO M 67 11.29 -2.56 28.66
N GLY M 68 12.61 -2.78 28.62
CA GLY M 68 13.18 -4.11 28.42
C GLY M 68 13.38 -4.36 26.94
N GLY M 69 13.29 -5.63 26.54
CA GLY M 69 13.46 -6.03 25.15
C GLY M 69 14.07 -7.42 25.05
N SER M 70 15.18 -7.54 24.32
CA SER M 70 15.83 -8.83 24.08
C SER M 70 16.45 -9.39 25.37
N VAL M 71 16.17 -10.67 25.64
CA VAL M 71 16.69 -11.35 26.82
C VAL M 71 18.19 -11.60 26.68
N THR M 72 18.64 -12.02 25.51
CA THR M 72 20.06 -12.27 25.25
C THR M 72 20.88 -10.98 25.32
N ALA M 73 20.36 -9.90 24.74
CA ALA M 73 20.97 -8.57 24.86
C ALA M 73 21.02 -8.10 26.31
N GLY M 74 19.97 -8.40 27.08
CA GLY M 74 19.96 -8.15 28.52
C GLY M 74 21.04 -8.93 29.26
N PHE M 75 21.18 -10.21 28.92
CA PHE M 75 22.22 -11.06 29.55
C PHE M 75 23.65 -10.69 29.15
N ALA M 76 23.82 -10.03 28.00
CA ALA M 76 25.10 -9.43 27.62
C ALA M 76 25.52 -8.37 28.64
N ILE M 77 24.56 -7.51 29.00
CA ILE M 77 24.78 -6.45 29.99
C ILE M 77 24.93 -7.07 31.39
N TYR M 78 24.07 -8.02 31.72
CA TYR M 78 24.09 -8.70 33.03
C TYR M 78 25.45 -9.31 33.33
N ASP M 79 25.91 -10.21 32.46
CA ASP M 79 27.19 -10.91 32.65
C ASP M 79 28.39 -9.97 32.73
N THR M 80 28.37 -8.90 31.93
CA THR M 80 29.43 -7.89 31.97
C THR M 80 29.45 -7.16 33.32
N ILE M 81 28.27 -6.83 33.86
CA ILE M 81 28.16 -6.21 35.19
C ILE M 81 28.76 -7.13 36.27
N GLN M 82 28.40 -8.42 36.24
CA GLN M 82 28.85 -9.37 37.27
C GLN M 82 30.35 -9.67 37.18
N HIS M 83 30.91 -9.69 35.97
CA HIS M 83 32.32 -10.03 35.78
C HIS M 83 33.28 -8.94 36.27
N ILE M 84 33.00 -7.68 35.92
CA ILE M 84 33.92 -6.57 36.22
C ILE M 84 34.03 -6.30 37.72
N LYS M 85 35.19 -5.77 38.13
CA LYS M 85 35.49 -5.52 39.54
C LYS M 85 34.65 -4.40 40.18
N PRO M 86 34.48 -3.25 39.49
CA PRO M 86 33.67 -2.17 40.04
C PRO M 86 32.23 -2.56 40.39
N ASP M 87 31.72 -2.01 41.51
CA ASP M 87 30.31 -2.13 41.85
C ASP M 87 29.50 -1.29 40.85
N VAL M 88 28.50 -1.91 40.23
CA VAL M 88 27.61 -1.22 39.30
C VAL M 88 26.31 -0.90 40.04
N GLN M 89 26.13 0.37 40.39
CA GLN M 89 24.89 0.84 41.00
C GLN M 89 23.81 0.94 39.93
N THR M 90 22.58 0.62 40.30
CA THR M 90 21.44 0.75 39.39
C THR M 90 20.42 1.69 39.99
N ILE M 91 19.93 2.64 39.18
CA ILE M 91 18.95 3.65 39.61
C ILE M 91 17.81 3.67 38.60
N CYS M 92 16.62 3.23 39.03
CA CYS M 92 15.42 3.27 38.19
C CYS M 92 14.79 4.64 38.24
N ILE M 93 14.75 5.32 37.09
CA ILE M 93 14.14 6.64 36.96
C ILE M 93 13.13 6.57 35.81
N GLY M 94 11.86 6.81 36.12
CA GLY M 94 10.78 6.69 35.13
C GLY M 94 10.14 5.32 35.18
N MET M 95 10.73 4.36 34.47
CA MET M 95 10.22 2.98 34.46
C MET M 95 11.30 1.93 34.15
N ALA M 96 11.12 0.75 34.70
CA ALA M 96 11.94 -0.39 34.36
C ALA M 96 11.00 -1.56 34.17
N ALA M 97 10.93 -2.11 32.99
CA ALA M 97 10.06 -3.23 32.76
C ALA M 97 10.80 -4.36 32.09
N SER M 98 10.37 -5.57 32.38
CA SER M 98 10.92 -6.77 31.79
C SER M 98 12.40 -6.90 32.03
N MET M 99 13.18 -7.02 30.97
CA MET M 99 14.60 -7.14 31.11
C MET M 99 15.22 -5.92 31.83
N GLY M 100 14.59 -4.76 31.71
CA GLY M 100 15.04 -3.57 32.43
C GLY M 100 14.97 -3.73 33.94
N SER M 101 13.89 -4.34 34.44
CA SER M 101 13.75 -4.65 35.86
C SER M 101 14.69 -5.77 36.32
N PHE M 102 15.03 -6.69 35.42
CA PHE M 102 16.03 -7.72 35.67
C PHE M 102 17.41 -7.11 35.90
N LEU M 103 17.79 -6.18 35.02
CA LEU M 103 19.05 -5.44 35.15
C LEU M 103 19.08 -4.50 36.36
N LEU M 104 17.92 -3.95 36.74
CA LEU M 104 17.78 -3.17 37.97
C LEU M 104 18.11 -4.02 39.22
N ALA M 105 17.57 -5.24 39.26
CA ALA M 105 17.86 -6.19 40.33
C ALA M 105 19.29 -6.75 40.31
N ALA M 106 19.92 -6.71 39.14
CA ALA M 106 21.31 -7.18 38.95
C ALA M 106 22.41 -6.25 39.47
N GLY M 107 22.05 -5.03 39.89
CA GLY M 107 23.03 -4.07 40.44
C GLY M 107 23.71 -4.57 41.71
N ALA M 108 24.77 -3.86 42.10
CA ALA M 108 25.56 -4.22 43.29
C ALA M 108 24.70 -4.28 44.54
N LYS M 109 24.99 -5.25 45.41
CA LYS M 109 24.20 -5.47 46.63
C LYS M 109 24.27 -4.26 47.55
N GLY M 110 23.11 -3.80 47.99
CA GLY M 110 22.99 -2.58 48.79
C GLY M 110 23.03 -1.27 48.02
N LYS M 111 23.13 -1.32 46.68
CA LYS M 111 23.26 -0.13 45.84
C LYS M 111 22.31 -0.17 44.62
N ARG M 112 21.13 -0.73 44.82
CA ARG M 112 20.07 -0.76 43.81
C ARG M 112 18.99 0.22 44.28
N PHE M 113 18.73 1.24 43.48
CA PHE M 113 17.86 2.35 43.86
C PHE M 113 16.72 2.56 42.88
N ALA M 114 15.71 3.28 43.34
CA ALA M 114 14.63 3.77 42.49
C ALA M 114 14.06 5.04 43.11
N LEU M 115 13.71 6.01 42.27
CA LEU M 115 13.10 7.25 42.75
C LEU M 115 11.61 6.98 43.07
N PRO M 116 11.01 7.79 43.98
CA PRO M 116 9.70 7.46 44.58
C PRO M 116 8.57 7.09 43.60
N ASN M 117 8.48 7.82 42.49
CA ASN M 117 7.43 7.60 41.48
C ASN M 117 7.87 6.75 40.28
N ALA M 118 9.03 6.09 40.38
CA ALA M 118 9.50 5.19 39.33
C ALA M 118 8.66 3.91 39.29
N GLU M 119 8.37 3.43 38.08
CA GLU M 119 7.55 2.24 37.86
C GLU M 119 8.43 1.02 37.64
N VAL M 120 8.07 -0.10 38.22
CA VAL M 120 8.78 -1.37 38.03
C VAL M 120 7.76 -2.45 37.66
N MET M 121 8.00 -3.15 36.56
CA MET M 121 7.10 -4.21 36.11
C MET M 121 7.87 -5.50 35.84
N ILE M 122 7.28 -6.61 36.26
CA ILE M 122 7.83 -7.95 36.02
C ILE M 122 6.75 -8.84 35.38
N HIS M 123 7.15 -9.61 34.38
CA HIS M 123 6.30 -10.63 33.77
C HIS M 123 7.18 -11.75 33.20
N GLN M 124 6.55 -12.72 32.53
CA GLN M 124 7.30 -13.82 31.90
C GLN M 124 7.79 -13.42 30.48
N PRO M 125 8.83 -14.10 29.96
CA PRO M 125 9.35 -13.78 28.62
C PRO M 125 8.32 -13.93 27.50
N LEU M 126 8.45 -13.09 26.47
CA LEU M 126 7.58 -13.11 25.30
C LEU M 126 8.36 -13.66 24.10
N GLY M 127 7.65 -14.37 23.23
CA GLY M 127 8.27 -14.93 22.03
C GLY M 127 7.27 -15.45 21.03
N GLY M 128 7.76 -16.22 20.07
CA GLY M 128 6.92 -16.78 19.01
C GLY M 128 7.54 -18.01 18.38
N ALA M 129 6.69 -18.76 17.69
CA ALA M 129 7.11 -19.96 16.97
C ALA M 129 6.13 -20.25 15.85
N GLN M 130 6.64 -20.71 14.71
CA GLN M 130 5.82 -21.04 13.55
C GLN M 130 6.47 -22.14 12.72
N GLY M 131 5.66 -23.11 12.29
CA GLY M 131 6.11 -24.20 11.43
C GLY M 131 5.68 -25.56 11.95
N GLN M 132 6.56 -26.54 11.83
CA GLN M 132 6.26 -27.92 12.19
C GLN M 132 6.11 -28.11 13.71
N ALA M 133 5.39 -29.15 14.10
CA ALA M 133 5.16 -29.45 15.53
C ALA M 133 6.47 -29.57 16.32
N THR M 134 7.46 -30.26 15.76
CA THR M 134 8.77 -30.41 16.42
C THR M 134 9.56 -29.10 16.49
N GLU M 135 9.34 -28.21 15.53
CA GLU M 135 9.93 -26.85 15.58
C GLU M 135 9.28 -26.00 16.66
N ILE M 136 7.96 -26.12 16.83
CA ILE M 136 7.23 -25.43 17.91
C ILE M 136 7.69 -25.97 19.28
N GLU M 137 7.91 -27.28 19.36
CA GLU M 137 8.42 -27.93 20.57
C GLU M 137 9.79 -27.39 20.98
N ILE M 138 10.70 -27.26 20.02
CA ILE M 138 12.04 -26.72 20.27
C ILE M 138 11.97 -25.27 20.76
N ALA M 139 11.14 -24.46 20.12
CA ALA M 139 10.92 -23.06 20.51
C ALA M 139 10.30 -22.94 21.90
N ALA M 140 9.35 -23.83 22.22
CA ALA M 140 8.70 -23.85 23.53
C ALA M 140 9.67 -24.24 24.65
N ASN M 141 10.46 -25.29 24.41
CA ASN M 141 11.47 -25.72 25.38
C ASN M 141 12.55 -24.65 25.61
N HIS M 142 12.90 -23.91 24.56
CA HIS M 142 13.91 -22.84 24.66
C HIS M 142 13.43 -21.68 25.55
N ILE M 143 12.24 -21.17 25.29
CA ILE M 143 11.69 -20.04 26.05
C ILE M 143 11.33 -20.43 27.49
N LEU M 144 10.89 -21.67 27.70
CA LEU M 144 10.66 -22.20 29.06
C LEU M 144 11.97 -22.31 29.86
N LYS M 145 13.03 -22.80 29.22
CA LYS M 145 14.37 -22.81 29.82
C LYS M 145 14.90 -21.41 30.12
N THR M 146 14.62 -20.47 29.21
CA THR M 146 14.98 -19.06 29.40
C THR M 146 14.26 -18.45 30.61
N ARG M 147 12.99 -18.81 30.81
CA ARG M 147 12.23 -18.34 31.97
C ARG M 147 12.79 -18.90 33.29
N GLU M 148 13.11 -20.19 33.32
CA GLU M 148 13.75 -20.82 34.49
C GLU M 148 15.07 -20.14 34.84
N LYS M 149 15.86 -19.86 33.82
CA LYS M 149 17.14 -19.14 33.93
C LYS M 149 16.96 -17.75 34.56
N LEU M 150 15.99 -16.99 34.05
CA LEU M 150 15.65 -15.66 34.58
C LEU M 150 15.09 -15.73 36.00
N ASN M 151 14.15 -16.65 36.24
CA ASN M 151 13.52 -16.83 37.55
C ASN M 151 14.51 -17.32 38.62
N ARG M 152 15.44 -18.19 38.23
CA ARG M 152 16.48 -18.68 39.15
C ARG M 152 17.40 -17.54 39.60
N ILE M 153 17.84 -16.71 38.66
CA ILE M 153 18.70 -15.56 38.97
C ILE M 153 17.94 -14.51 39.77
N LEU M 154 16.69 -14.24 39.39
CA LEU M 154 15.86 -13.26 40.12
C LEU M 154 15.58 -13.71 41.56
N SER M 155 15.40 -15.01 41.77
CA SER M 155 15.28 -15.59 43.11
C SER M 155 16.54 -15.33 43.96
N GLU M 156 17.71 -15.50 43.36
CA GLU M 156 18.99 -15.23 44.03
C GLU M 156 19.20 -13.75 44.36
N ARG M 157 18.79 -12.87 43.44
CA ARG M 157 18.96 -11.41 43.61
C ARG M 157 17.97 -10.80 44.59
N THR M 158 16.72 -11.30 44.59
CA THR M 158 15.65 -10.75 45.44
C THR M 158 15.55 -11.43 46.81
N GLY M 159 15.85 -12.72 46.86
CA GLY M 159 15.66 -13.53 48.07
C GLY M 159 14.30 -14.22 48.14
N GLN M 160 13.48 -14.06 47.10
CA GLN M 160 12.18 -14.72 47.00
C GLN M 160 12.37 -16.11 46.43
N SER M 161 11.46 -17.03 46.75
CA SER M 161 11.50 -18.40 46.23
C SER M 161 11.13 -18.42 44.75
N ILE M 162 11.63 -19.43 44.03
CA ILE M 162 11.36 -19.59 42.59
C ILE M 162 9.86 -19.81 42.33
N GLU M 163 9.19 -20.54 43.22
CA GLU M 163 7.74 -20.72 43.16
C GLU M 163 6.96 -19.40 43.23
N LYS M 164 7.42 -18.49 44.09
CA LYS M 164 6.82 -17.16 44.21
C LYS M 164 7.09 -16.29 42.98
N ILE M 165 8.33 -16.33 42.47
CA ILE M 165 8.69 -15.58 41.25
C ILE M 165 7.83 -16.07 40.07
N GLN M 166 7.70 -17.40 39.93
CA GLN M 166 6.87 -18.02 38.89
C GLN M 166 5.42 -17.52 38.91
N LYS M 167 4.83 -17.49 40.10
CA LYS M 167 3.45 -17.04 40.28
C LYS M 167 3.29 -15.54 40.01
N ASP M 168 4.19 -14.73 40.57
CA ASP M 168 4.11 -13.27 40.46
C ASP M 168 4.48 -12.72 39.07
N THR M 169 5.16 -13.51 38.24
CA THR M 169 5.50 -13.11 36.87
C THR M 169 4.60 -13.76 35.80
N ASP M 170 3.55 -14.48 36.23
CA ASP M 170 2.64 -15.17 35.31
C ASP M 170 1.91 -14.20 34.39
N ARG M 171 1.42 -13.10 34.97
CA ARG M 171 0.82 -11.99 34.25
C ARG M 171 1.65 -10.72 34.49
N ASP M 172 1.30 -9.64 33.80
CA ASP M 172 1.91 -8.33 34.04
C ASP M 172 1.70 -7.90 35.49
N ASN M 173 2.80 -7.66 36.20
CA ASN M 173 2.78 -7.32 37.62
C ASN M 173 3.52 -6.00 37.82
N PHE M 174 2.74 -4.90 37.87
CA PHE M 174 3.28 -3.57 38.11
C PHE M 174 3.52 -3.35 39.60
N LEU M 175 4.68 -2.79 39.93
CA LEU M 175 5.08 -2.50 41.31
C LEU M 175 5.47 -1.03 41.43
N THR M 176 5.14 -0.43 42.58
CA THR M 176 5.67 0.89 42.95
C THR M 176 7.13 0.74 43.39
N ALA M 177 7.81 1.86 43.57
CA ALA M 177 9.19 1.86 44.06
C ALA M 177 9.32 1.23 45.45
N GLU M 178 8.35 1.52 46.33
CA GLU M 178 8.31 0.95 47.67
C GLU M 178 8.01 -0.55 47.66
N GLU M 179 7.09 -0.97 46.80
CA GLU M 179 6.81 -2.41 46.60
C GLU M 179 8.01 -3.16 46.01
N ALA M 180 8.75 -2.52 45.11
CA ALA M 180 9.99 -3.08 44.56
C ALA M 180 11.07 -3.29 45.62
N LYS M 181 11.16 -2.34 46.57
CA LYS M 181 12.06 -2.47 47.73
C LYS M 181 11.64 -3.64 48.63
N GLU M 182 10.34 -3.74 48.90
CA GLU M 182 9.77 -4.83 49.69
C GLU M 182 9.99 -6.20 49.02
N TYR M 183 9.88 -6.24 47.70
CA TYR M 183 10.03 -7.47 46.93
C TYR M 183 11.48 -7.97 46.86
N GLY M 184 12.45 -7.06 46.97
CA GLY M 184 13.88 -7.38 46.88
C GLY M 184 14.53 -6.98 45.57
N LEU M 185 13.75 -6.37 44.66
CA LEU M 185 14.27 -5.91 43.36
C LEU M 185 15.21 -4.71 43.51
N ILE M 186 14.95 -3.87 44.51
CA ILE M 186 15.86 -2.77 44.88
C ILE M 186 16.12 -2.79 46.38
N ASP M 187 17.10 -2.00 46.81
CA ASP M 187 17.52 -1.92 48.21
C ASP M 187 16.91 -0.73 48.96
N GLU M 188 16.79 0.41 48.29
CA GLU M 188 16.23 1.62 48.90
C GLU M 188 15.49 2.49 47.89
N VAL M 189 14.44 3.17 48.37
CA VAL M 189 13.77 4.22 47.61
C VAL M 189 14.50 5.52 47.93
N MET M 190 15.11 6.13 46.91
CA MET M 190 15.94 7.32 47.11
C MET M 190 15.04 8.56 47.25
N VAL M 191 14.83 8.99 48.51
CA VAL M 191 13.97 10.15 48.81
C VAL M 191 14.67 11.48 48.52
N PRO M 192 13.89 12.58 48.36
CA PRO M 192 14.50 13.91 48.21
C PRO M 192 15.18 14.41 49.49
N ILE N 4 25.76 6.47 20.52
CA ILE N 4 27.16 5.97 20.71
C ILE N 4 28.02 7.08 21.34
N PRO N 5 28.41 6.92 22.63
CA PRO N 5 29.09 8.00 23.34
C PRO N 5 30.56 8.17 22.95
N THR N 6 31.09 9.36 23.23
CA THR N 6 32.48 9.74 22.92
C THR N 6 33.32 9.73 24.20
N VAL N 7 34.61 9.41 24.06
CA VAL N 7 35.57 9.46 25.16
C VAL N 7 36.85 10.18 24.69
N ILE N 8 37.41 11.01 25.58
CA ILE N 8 38.59 11.82 25.27
C ILE N 8 39.87 11.01 25.51
N ALA N 17 40.09 12.14 20.96
CA ALA N 17 38.65 12.01 20.78
C ALA N 17 38.29 10.73 20.03
N TYR N 18 37.67 9.78 20.74
CA TYR N 18 37.25 8.49 20.20
C TYR N 18 35.79 8.21 20.52
N ASP N 19 35.05 7.69 19.54
CA ASP N 19 33.79 7.00 19.84
C ASP N 19 34.14 5.69 20.55
N ILE N 20 33.21 5.17 21.36
CA ILE N 20 33.50 4.04 22.26
C ILE N 20 34.09 2.81 21.54
N TYR N 21 33.58 2.48 20.35
CA TYR N 21 34.04 1.31 19.59
C TYR N 21 35.43 1.52 19.01
N SER N 22 35.69 2.72 18.51
CA SER N 22 37.03 3.10 18.02
C SER N 22 38.08 3.13 19.14
N ARG N 23 37.66 3.51 20.35
CA ARG N 23 38.54 3.45 21.53
C ARG N 23 38.91 2.01 21.87
N LEU N 24 37.93 1.11 21.82
CA LEU N 24 38.18 -0.32 22.00
C LEU N 24 39.15 -0.89 20.95
N LEU N 25 38.98 -0.47 19.69
CA LEU N 25 39.88 -0.87 18.59
C LEU N 25 41.35 -0.46 18.82
N LYS N 26 41.56 0.64 19.53
CA LYS N 26 42.91 1.07 19.95
C LYS N 26 43.61 0.02 20.83
N ASP N 27 42.83 -0.68 21.67
CA ASP N 27 43.33 -1.81 22.47
C ASP N 27 43.05 -3.19 21.85
N ARG N 28 43.05 -3.26 20.50
CA ARG N 28 42.97 -4.51 19.74
C ARG N 28 41.67 -5.30 19.96
N ILE N 29 40.56 -4.58 20.18
CA ILE N 29 39.25 -5.17 20.40
C ILE N 29 38.36 -4.89 19.19
N ILE N 30 37.80 -5.94 18.60
CA ILE N 30 36.87 -5.84 17.48
C ILE N 30 35.49 -6.30 17.93
N MET N 31 34.46 -5.55 17.52
CA MET N 31 33.07 -5.82 17.90
C MET N 31 32.30 -6.43 16.73
N LEU N 32 31.92 -7.71 16.87
CA LEU N 32 30.94 -8.33 16.00
C LEU N 32 29.62 -8.37 16.77
N GLY N 33 28.90 -7.26 16.72
CA GLY N 33 27.69 -7.06 17.52
C GLY N 33 26.41 -6.89 16.71
N SER N 34 26.35 -7.50 15.53
CA SER N 34 25.20 -7.37 14.64
C SER N 34 25.06 -8.60 13.75
N GLN N 35 23.99 -8.62 12.96
CA GLN N 35 23.81 -9.64 11.93
C GLN N 35 24.94 -9.50 10.91
N ILE N 36 25.51 -10.63 10.50
CA ILE N 36 26.64 -10.67 9.58
C ILE N 36 26.16 -10.52 8.14
N ASP N 37 26.51 -9.41 7.51
CA ASP N 37 26.36 -9.21 6.06
C ASP N 37 27.74 -8.83 5.49
N ASP N 38 27.79 -8.53 4.20
CA ASP N 38 29.07 -8.17 3.56
C ASP N 38 29.71 -6.92 4.16
N ASN N 39 28.91 -5.92 4.53
CA ASN N 39 29.41 -4.69 5.16
C ASN N 39 30.10 -4.93 6.50
N VAL N 40 29.49 -5.76 7.34
CA VAL N 40 30.06 -6.12 8.64
C VAL N 40 31.36 -6.92 8.45
N ALA N 41 31.35 -7.86 7.50
CA ALA N 41 32.54 -8.63 7.14
C ALA N 41 33.67 -7.74 6.63
N ASN N 42 33.36 -6.80 5.75
CA ASN N 42 34.36 -5.86 5.20
C ASN N 42 35.03 -5.04 6.29
N SER N 43 34.22 -4.55 7.24
CA SER N 43 34.73 -3.79 8.38
C SER N 43 35.65 -4.63 9.27
N ILE N 44 35.18 -5.81 9.67
CA ILE N 44 35.93 -6.68 10.58
C ILE N 44 37.24 -7.17 9.94
N VAL N 45 37.18 -7.55 8.66
CA VAL N 45 38.38 -7.95 7.90
C VAL N 45 39.41 -6.81 7.85
N SER N 46 38.92 -5.59 7.60
CA SER N 46 39.78 -4.39 7.59
C SER N 46 40.39 -4.08 8.95
N GLN N 47 39.60 -4.27 10.02
CA GLN N 47 40.10 -4.11 11.39
C GLN N 47 41.17 -5.14 11.74
N LEU N 48 40.94 -6.40 11.39
CA LEU N 48 41.93 -7.47 11.60
C LEU N 48 43.24 -7.21 10.85
N LEU N 49 43.14 -6.76 9.61
CA LEU N 49 44.32 -6.44 8.81
C LEU N 49 45.12 -5.27 9.40
N PHE N 50 44.40 -4.24 9.86
CA PHE N 50 45.00 -3.08 10.51
C PHE N 50 45.74 -3.44 11.80
N LEU N 51 45.10 -4.25 12.65
CA LEU N 51 45.71 -4.67 13.92
C LEU N 51 46.95 -5.54 13.72
N GLN N 52 46.91 -6.39 12.70
CA GLN N 52 48.13 -7.17 12.31
CA GLN N 52 48.15 -7.16 12.39
C GLN N 52 49.33 -6.28 11.89
N ALA N 53 48.98 -5.23 11.13
CA ALA N 53 49.99 -4.28 10.65
C ALA N 53 50.62 -3.46 11.80
N GLN N 54 49.81 -3.10 12.79
CA GLN N 54 50.31 -2.43 13.99
C GLN N 54 51.25 -3.34 14.80
N ASP N 55 50.78 -4.56 15.07
CA ASP N 55 51.55 -5.53 15.85
C ASP N 55 51.10 -6.95 15.47
N SER N 56 52.02 -7.73 14.90
CA SER N 56 51.74 -9.11 14.49
C SER N 56 51.86 -10.14 15.63
N GLU N 57 52.34 -9.72 16.80
CA GLU N 57 52.55 -10.61 17.95
C GLU N 57 51.40 -10.58 18.96
N LYS N 58 50.94 -9.38 19.32
CA LYS N 58 49.92 -9.21 20.37
C LYS N 58 48.56 -9.76 19.97
N ASP N 59 47.83 -10.31 20.94
CA ASP N 59 46.50 -10.89 20.71
C ASP N 59 45.46 -9.86 20.27
N ILE N 60 44.45 -10.34 19.54
CA ILE N 60 43.28 -9.56 19.15
C ILE N 60 42.08 -10.18 19.86
N TYR N 61 41.10 -9.35 20.21
CA TYR N 61 39.92 -9.78 20.96
C TYR N 61 38.66 -9.52 20.14
N LEU N 62 37.99 -10.60 19.72
CA LEU N 62 36.77 -10.52 18.94
C LEU N 62 35.55 -10.76 19.84
N TYR N 63 34.84 -9.68 20.15
CA TYR N 63 33.56 -9.73 20.85
C TYR N 63 32.47 -10.24 19.89
N ILE N 64 31.71 -11.25 20.32
CA ILE N 64 30.64 -11.81 19.49
C ILE N 64 29.29 -11.75 20.22
N ASN N 65 28.42 -10.85 19.75
CA ASN N 65 27.01 -10.84 20.11
C ASN N 65 26.22 -10.74 18.79
N SER N 66 25.98 -11.88 18.16
CA SER N 66 25.49 -11.91 16.79
C SER N 66 24.57 -13.09 16.50
N PRO N 67 23.46 -12.87 15.76
CA PRO N 67 22.62 -13.97 15.30
C PRO N 67 23.12 -14.67 14.02
N GLY N 68 24.32 -14.33 13.56
CA GLY N 68 24.87 -14.90 12.33
C GLY N 68 24.37 -14.14 11.13
N GLY N 69 24.25 -14.83 10.00
CA GLY N 69 23.78 -14.23 8.77
C GLY N 69 24.42 -14.90 7.56
N SER N 70 25.04 -14.09 6.70
CA SER N 70 25.63 -14.60 5.45
C SER N 70 26.81 -15.53 5.72
N VAL N 71 26.77 -16.70 5.09
CA VAL N 71 27.83 -17.72 5.23
C VAL N 71 29.12 -17.24 4.55
N THR N 72 29.00 -16.68 3.34
CA THR N 72 30.16 -16.16 2.61
C THR N 72 30.82 -15.00 3.36
N ALA N 73 30.01 -14.09 3.87
CA ALA N 73 30.50 -12.99 4.71
C ALA N 73 31.17 -13.51 5.98
N GLY N 74 30.60 -14.55 6.57
CA GLY N 74 31.22 -15.25 7.69
C GLY N 74 32.58 -15.85 7.35
N PHE N 75 32.68 -16.48 6.19
CA PHE N 75 33.96 -17.06 5.73
C PHE N 75 35.01 -16.00 5.36
N ALA N 76 34.58 -14.80 4.99
CA ALA N 76 35.50 -13.67 4.84
C ALA N 76 36.22 -13.39 6.16
N ILE N 77 35.46 -13.34 7.24
CA ILE N 77 36.00 -13.13 8.58
C ILE N 77 36.83 -14.34 9.01
N TYR N 78 36.29 -15.55 8.81
CA TYR N 78 36.98 -16.79 9.18
C TYR N 78 38.38 -16.90 8.56
N ASP N 79 38.45 -16.79 7.24
CA ASP N 79 39.73 -16.92 6.52
C ASP N 79 40.75 -15.85 6.93
N THR N 80 40.29 -14.63 7.16
CA THR N 80 41.17 -13.55 7.63
C THR N 80 41.73 -13.85 9.01
N ILE N 81 40.89 -14.35 9.92
CA ILE N 81 41.33 -14.78 11.25
C ILE N 81 42.46 -15.82 11.15
N GLN N 82 42.26 -16.85 10.33
CA GLN N 82 43.24 -17.94 10.22
C GLN N 82 44.53 -17.55 9.52
N HIS N 83 44.47 -16.60 8.59
CA HIS N 83 45.66 -16.17 7.85
C HIS N 83 46.61 -15.31 8.69
N ILE N 84 46.08 -14.35 9.43
CA ILE N 84 46.92 -13.39 10.18
C ILE N 84 47.70 -14.08 11.31
N LYS N 85 48.85 -13.50 11.63
CA LYS N 85 49.76 -14.06 12.64
C LYS N 85 49.21 -14.01 14.07
N PRO N 86 48.64 -12.86 14.49
CA PRO N 86 48.09 -12.75 15.86
C PRO N 86 46.99 -13.76 16.18
N ASP N 87 47.01 -14.28 17.41
CA ASP N 87 45.88 -15.06 17.93
C ASP N 87 44.67 -14.15 18.07
N VAL N 88 43.54 -14.57 17.52
CA VAL N 88 42.27 -13.87 17.68
C VAL N 88 41.47 -14.60 18.75
N GLN N 89 41.35 -13.99 19.93
CA GLN N 89 40.50 -14.51 20.99
C GLN N 89 39.05 -14.21 20.64
N THR N 90 38.16 -15.15 20.95
CA THR N 90 36.72 -14.94 20.76
C THR N 90 36.03 -15.03 22.11
N ILE N 91 35.10 -14.10 22.36
CA ILE N 91 34.28 -14.13 23.58
C ILE N 91 32.82 -13.89 23.22
N CYS N 92 31.98 -14.88 23.56
CA CYS N 92 30.55 -14.78 23.34
C CYS N 92 29.88 -14.11 24.53
N ILE N 93 29.24 -12.97 24.28
CA ILE N 93 28.53 -12.22 25.29
C ILE N 93 27.12 -11.97 24.74
N GLY N 94 26.11 -12.42 25.47
CA GLY N 94 24.72 -12.34 25.04
C GLY N 94 24.31 -13.57 24.25
N MET N 95 24.59 -13.58 22.95
CA MET N 95 24.28 -14.74 22.10
C MET N 95 25.17 -14.85 20.87
N ALA N 96 25.46 -16.09 20.49
CA ALA N 96 26.11 -16.40 19.21
C ALA N 96 25.25 -17.45 18.51
N ALA N 97 24.65 -17.07 17.39
CA ALA N 97 23.80 -18.00 16.63
C ALA N 97 24.34 -18.18 15.22
N SER N 98 24.17 -19.39 14.70
CA SER N 98 24.45 -19.71 13.31
C SER N 98 25.92 -19.40 12.95
N MET N 99 26.17 -18.47 12.01
CA MET N 99 27.54 -18.15 11.61
C MET N 99 28.33 -17.39 12.71
N GLY N 100 27.61 -16.78 13.66
CA GLY N 100 28.23 -16.20 14.84
C GLY N 100 28.88 -17.26 15.74
N SER N 101 28.20 -18.38 15.91
CA SER N 101 28.74 -19.52 16.67
C SER N 101 29.89 -20.22 15.93
N PHE N 102 29.84 -20.20 14.59
CA PHE N 102 30.93 -20.73 13.77
C PHE N 102 32.21 -19.92 13.98
N LEU N 103 32.09 -18.60 13.97
CA LEU N 103 33.22 -17.69 14.23
C LEU N 103 33.71 -17.76 15.68
N LEU N 104 32.80 -17.96 16.62
CA LEU N 104 33.17 -18.23 18.03
C LEU N 104 34.10 -19.45 18.13
N ALA N 105 33.74 -20.52 17.44
CA ALA N 105 34.55 -21.74 17.40
C ALA N 105 35.87 -21.60 16.63
N ALA N 106 35.94 -20.60 15.75
CA ALA N 106 37.13 -20.31 14.94
C ALA N 106 38.25 -19.54 15.66
N GLY N 107 38.01 -19.08 16.89
CA GLY N 107 39.02 -18.37 17.67
C GLY N 107 40.23 -19.23 17.98
N ALA N 108 41.32 -18.57 18.39
CA ALA N 108 42.58 -19.25 18.70
C ALA N 108 42.38 -20.37 19.73
N LYS N 109 43.05 -21.50 19.50
CA LYS N 109 42.91 -22.69 20.35
C LYS N 109 43.31 -22.36 21.79
N GLY N 110 42.40 -22.62 22.72
CA GLY N 110 42.58 -22.27 24.13
C GLY N 110 42.10 -20.88 24.53
N LYS N 111 41.69 -20.06 23.57
CA LYS N 111 41.29 -18.68 23.81
C LYS N 111 39.90 -18.35 23.25
N ARG N 112 38.99 -19.32 23.32
CA ARG N 112 37.60 -19.16 22.94
C ARG N 112 36.77 -19.18 24.21
N PHE N 113 36.01 -18.11 24.46
CA PHE N 113 35.32 -17.91 25.73
C PHE N 113 33.84 -17.61 25.56
N ALA N 114 33.11 -17.78 26.66
CA ALA N 114 31.73 -17.33 26.79
C ALA N 114 31.45 -16.98 28.24
N LEU N 115 30.67 -15.93 28.46
CA LEU N 115 30.23 -15.59 29.81
C LEU N 115 29.08 -16.53 30.23
N PRO N 116 28.89 -16.75 31.55
CA PRO N 116 28.04 -17.84 32.06
C PRO N 116 26.62 -17.97 31.49
N ASN N 117 25.98 -16.83 31.20
CA ASN N 117 24.61 -16.79 30.69
C ASN N 117 24.51 -16.50 29.18
N ALA N 118 25.64 -16.57 28.48
CA ALA N 118 25.66 -16.41 27.02
C ALA N 118 25.03 -17.64 26.35
N GLU N 119 24.33 -17.40 25.25
CA GLU N 119 23.58 -18.41 24.53
C GLU N 119 24.29 -18.76 23.21
N VAL N 120 24.52 -20.04 22.96
CA VAL N 120 25.14 -20.50 21.72
C VAL N 120 24.14 -21.39 20.99
N MET N 121 23.83 -21.06 19.74
CA MET N 121 22.91 -21.86 18.93
C MET N 121 23.60 -22.32 17.65
N ILE N 122 23.43 -23.60 17.32
CA ILE N 122 23.94 -24.17 16.07
C ILE N 122 22.78 -24.81 15.30
N HIS N 123 22.79 -24.62 13.98
CA HIS N 123 21.81 -25.23 13.09
C HIS N 123 22.29 -25.17 11.65
N GLN N 124 21.65 -25.95 10.79
CA GLN N 124 22.04 -26.03 9.37
C GLN N 124 21.79 -24.71 8.62
N PRO N 125 22.53 -24.45 7.53
CA PRO N 125 22.35 -23.20 6.80
C PRO N 125 20.98 -23.07 6.14
N LEU N 126 20.54 -21.83 5.98
CA LEU N 126 19.25 -21.50 5.39
C LEU N 126 19.46 -20.90 4.01
N GLY N 127 18.51 -21.13 3.11
CA GLY N 127 18.60 -20.60 1.76
C GLY N 127 17.29 -20.67 1.00
N GLY N 128 17.36 -20.30 -0.27
CA GLY N 128 16.20 -20.29 -1.16
C GLY N 128 16.59 -20.68 -2.56
N ALA N 129 15.61 -21.16 -3.32
CA ALA N 129 15.79 -21.49 -4.73
C ALA N 129 14.45 -21.38 -5.44
N GLN N 130 14.48 -20.86 -6.67
CA GLN N 130 13.27 -20.70 -7.48
C GLN N 130 13.59 -20.77 -8.96
N GLY N 131 12.67 -21.31 -9.74
CA GLY N 131 12.79 -21.41 -11.19
C GLY N 131 12.72 -22.84 -11.67
N GLN N 132 13.51 -23.15 -12.70
CA GLN N 132 13.49 -24.47 -13.34
C GLN N 132 14.05 -25.56 -12.43
N ALA N 133 13.66 -26.80 -12.70
CA ALA N 133 14.15 -27.97 -11.94
C ALA N 133 15.67 -28.02 -11.84
N THR N 134 16.36 -27.81 -12.96
CA THR N 134 17.84 -27.83 -12.98
C THR N 134 18.48 -26.65 -12.23
N GLU N 135 17.79 -25.51 -12.19
CA GLU N 135 18.22 -24.36 -11.38
C GLU N 135 18.08 -24.65 -9.87
N ILE N 136 16.99 -25.33 -9.51
CA ILE N 136 16.74 -25.73 -8.12
CA ILE N 136 16.76 -25.72 -8.11
C ILE N 136 17.80 -26.76 -7.69
N GLU N 137 18.14 -27.68 -8.61
CA GLU N 137 19.18 -28.69 -8.38
C GLU N 137 20.54 -28.04 -8.09
N ILE N 138 20.90 -27.04 -8.90
CA ILE N 138 22.15 -26.27 -8.70
C ILE N 138 22.17 -25.57 -7.34
N ALA N 139 21.05 -24.95 -6.96
CA ALA N 139 20.92 -24.28 -5.67
C ALA N 139 21.00 -25.26 -4.50
N ALA N 140 20.35 -26.42 -4.65
CA ALA N 140 20.38 -27.48 -3.64
C ALA N 140 21.78 -28.05 -3.44
N ASN N 141 22.46 -28.37 -4.54
CA ASN N 141 23.84 -28.87 -4.49
C ASN N 141 24.80 -27.86 -3.84
N HIS N 142 24.60 -26.57 -4.14
CA HIS N 142 25.41 -25.49 -3.57
C HIS N 142 25.28 -25.40 -2.04
N ILE N 143 24.04 -25.32 -1.55
CA ILE N 143 23.80 -25.21 -0.11
C ILE N 143 24.19 -26.49 0.65
N LEU N 144 24.00 -27.64 0.02
CA LEU N 144 24.45 -28.92 0.60
C LEU N 144 25.98 -28.99 0.71
N LYS N 145 26.68 -28.57 -0.34
CA LYS N 145 28.15 -28.49 -0.30
C LYS N 145 28.64 -27.44 0.71
N THR N 146 27.90 -26.34 0.82
CA THR N 146 28.19 -25.32 1.84
C THR N 146 28.05 -25.88 3.26
N ARG N 147 27.00 -26.67 3.50
CA ARG N 147 26.82 -27.35 4.80
C ARG N 147 27.95 -28.33 5.09
N GLU N 148 28.36 -29.10 4.07
CA GLU N 148 29.51 -30.02 4.20
C GLU N 148 30.80 -29.28 4.57
N LYS N 149 31.00 -28.10 3.98
CA LYS N 149 32.17 -27.27 4.28
C LYS N 149 32.15 -26.77 5.74
N LEU N 150 30.99 -26.26 6.17
CA LEU N 150 30.79 -25.79 7.55
C LEU N 150 30.97 -26.90 8.58
N ASN N 151 30.37 -28.06 8.32
CA ASN N 151 30.45 -29.21 9.22
C ASN N 151 31.87 -29.78 9.36
N ARG N 152 32.61 -29.82 8.25
CA ARG N 152 33.99 -30.33 8.27
C ARG N 152 34.90 -29.44 9.10
N ILE N 153 34.78 -28.13 8.93
CA ILE N 153 35.58 -27.15 9.69
C ILE N 153 35.16 -27.16 11.17
N LEU N 154 33.86 -27.19 11.43
CA LEU N 154 33.37 -27.26 12.82
C LEU N 154 33.82 -28.55 13.52
N SER N 155 33.90 -29.65 12.78
CA SER N 155 34.46 -30.91 13.28
C SER N 155 35.93 -30.77 13.67
N GLU N 156 36.71 -30.14 12.79
CA GLU N 156 38.13 -29.85 13.06
C GLU N 156 38.31 -28.94 14.28
N ARG N 157 37.42 -27.95 14.44
CA ARG N 157 37.51 -26.97 15.52
C ARG N 157 37.01 -27.46 16.88
N THR N 158 35.98 -28.32 16.87
CA THR N 158 35.36 -28.82 18.11
C THR N 158 35.89 -30.18 18.58
N GLY N 159 36.38 -31.00 17.66
CA GLY N 159 36.75 -32.39 17.95
C GLY N 159 35.60 -33.36 17.89
N GLN N 160 34.42 -32.88 17.47
CA GLN N 160 33.24 -33.74 17.26
C GLN N 160 33.27 -34.23 15.83
N SER N 161 32.65 -35.39 15.58
CA SER N 161 32.59 -35.94 14.23
C SER N 161 31.63 -35.17 13.34
N ILE N 162 31.83 -35.29 12.04
CA ILE N 162 30.96 -34.68 11.03
C ILE N 162 29.54 -35.26 11.13
N GLU N 163 29.43 -36.57 11.38
CA GLU N 163 28.14 -37.23 11.57
C GLU N 163 27.36 -36.68 12.77
N LYS N 164 28.06 -36.43 13.88
CA LYS N 164 27.45 -35.84 15.07
C LYS N 164 26.97 -34.42 14.82
N ILE N 165 27.81 -33.61 14.18
CA ILE N 165 27.47 -32.22 13.86
C ILE N 165 26.27 -32.15 12.91
N GLN N 166 26.24 -33.03 11.91
CA GLN N 166 25.11 -33.17 10.99
C GLN N 166 23.79 -33.38 11.75
N LYS N 167 23.78 -34.36 12.66
CA LYS N 167 22.57 -34.69 13.44
C LYS N 167 22.18 -33.59 14.44
N ASP N 168 23.18 -33.02 15.12
CA ASP N 168 22.95 -31.96 16.11
C ASP N 168 22.50 -30.62 15.51
N THR N 169 22.80 -30.38 14.23
CA THR N 169 22.40 -29.14 13.54
C THR N 169 21.19 -29.30 12.61
N ASP N 170 20.59 -30.49 12.57
CA ASP N 170 19.41 -30.74 11.73
C ASP N 170 18.25 -29.80 12.09
N ARG N 171 18.05 -29.58 13.38
CA ARG N 171 17.09 -28.60 13.89
C ARG N 171 17.84 -27.55 14.72
N ASP N 172 17.13 -26.51 15.16
CA ASP N 172 17.69 -25.50 16.04
C ASP N 172 18.16 -26.15 17.34
N ASN N 173 19.41 -25.91 17.70
CA ASN N 173 20.04 -26.54 18.87
C ASN N 173 20.65 -25.47 19.76
N PHE N 174 19.91 -25.09 20.80
CA PHE N 174 20.36 -24.10 21.77
C PHE N 174 21.25 -24.74 22.83
N LEU N 175 22.38 -24.11 23.09
CA LEU N 175 23.35 -24.59 24.07
C LEU N 175 23.63 -23.51 25.10
N THR N 176 23.80 -23.91 26.36
CA THR N 176 24.32 -23.03 27.40
C THR N 176 25.82 -22.82 27.19
N ALA N 177 26.40 -21.89 27.93
CA ALA N 177 27.84 -21.65 27.90
C ALA N 177 28.63 -22.91 28.29
N GLU N 178 28.17 -23.60 29.34
CA GLU N 178 28.80 -24.83 29.81
C GLU N 178 28.65 -25.97 28.79
N GLU N 179 27.47 -26.10 28.19
CA GLU N 179 27.25 -27.08 27.12
C GLU N 179 28.10 -26.79 25.87
N ALA N 180 28.28 -25.51 25.56
CA ALA N 180 29.16 -25.11 24.45
C ALA N 180 30.62 -25.48 24.72
N LYS N 181 31.06 -25.34 25.97
CA LYS N 181 32.40 -25.79 26.39
C LYS N 181 32.54 -27.30 26.26
N GLU N 182 31.54 -28.05 26.73
CA GLU N 182 31.51 -29.51 26.59
C GLU N 182 31.52 -29.96 25.12
N TYR N 183 30.84 -29.19 24.27
CA TYR N 183 30.78 -29.49 22.82
C TYR N 183 32.11 -29.25 22.10
N GLY N 184 32.93 -28.32 22.61
CA GLY N 184 34.18 -27.93 21.98
C GLY N 184 34.09 -26.64 21.17
N LEU N 185 32.95 -25.96 21.24
CA LEU N 185 32.77 -24.66 20.57
C LEU N 185 33.56 -23.56 21.26
N ILE N 186 33.69 -23.67 22.58
CA ILE N 186 34.56 -22.79 23.38
C ILE N 186 35.47 -23.62 24.27
N ASP N 187 36.46 -22.96 24.86
CA ASP N 187 37.45 -23.60 25.72
C ASP N 187 37.15 -23.43 27.21
N GLU N 188 36.64 -22.27 27.60
CA GLU N 188 36.35 -21.98 29.00
C GLU N 188 35.12 -21.07 29.16
N VAL N 189 34.35 -21.34 30.20
CA VAL N 189 33.29 -20.44 30.63
C VAL N 189 33.96 -19.46 31.60
N MET N 190 34.04 -18.19 31.19
CA MET N 190 34.76 -17.18 31.95
C MET N 190 33.94 -16.74 33.16
N VAL N 191 34.38 -17.15 34.36
CA VAL N 191 33.66 -16.86 35.61
C VAL N 191 34.07 -15.50 36.21
N PRO N 192 33.21 -14.91 37.08
CA PRO N 192 33.59 -13.63 37.71
C PRO N 192 34.72 -13.80 38.73
N GLU N 193 35.77 -13.00 38.59
CA GLU N 193 36.93 -13.04 39.49
C GLU N 193 36.69 -12.18 40.73
C10 WBW O . -27.90 -4.69 -40.80
C2 WBW O . -28.75 -8.51 -38.84
C4 WBW O . -27.05 -9.89 -39.85
C6 WBW O . -27.19 -8.70 -42.06
C9 WBW O . -27.69 -5.40 -42.13
N3 WBW O . -27.64 -8.65 -39.47
O1 WBW O . -29.15 -7.48 -38.49
O32 WBW O . -24.95 -4.88 -42.08
C31 WBW O . -25.37 -5.83 -41.49
C8 WBW O . -26.56 -6.42 -42.12
C11 WBW O . -28.49 -3.33 -41.01
C46 WBW O . -29.02 -5.91 -42.63
N7 WBW O . -26.94 -7.59 -41.40
O33 WBW O . -27.25 -8.69 -43.26
C5 WBW O . -27.43 -9.98 -41.30
N34 WBW O . -29.49 -9.56 -38.64
C35 WBW O . -30.75 -9.57 -37.97
C36 WBW O . -30.39 -9.80 -36.53
C37 WBW O . -31.48 -9.25 -35.64
C38 WBW O . -31.25 -9.31 -34.15
F41 WBW O . -30.74 -8.25 -33.66
F40 WBW O . -30.55 -10.29 -33.75
F42 WBW O . -32.37 -9.43 -33.63
N19 WBW O . -24.83 -6.36 -40.39
C18 WBW O . -25.47 -7.46 -39.64
C17 WBW O . -26.96 -7.49 -39.98
C20 WBW O . -23.57 -5.90 -39.83
C21 WBW O . -23.75 -5.15 -38.53
C22 WBW O . -24.13 -3.82 -38.50
C23 WBW O . -24.30 -3.13 -39.68
C24 WBW O . -24.67 -1.82 -39.65
C25 WBW O . -24.85 -1.18 -38.46
C26 WBW O . -24.68 -1.85 -37.28
C27 WBW O . -24.31 -3.17 -37.29
C28 WBW O . -24.15 -3.84 -36.10
C29 WBW O . -23.77 -5.15 -36.16
C71 WBW O . -23.57 -5.85 -34.99
C72 WBW O . -23.19 -7.16 -34.98
C73 WBW O . -23.01 -7.79 -36.19
C74 WBW O . -23.20 -7.10 -37.35
C30 WBW O . -23.57 -5.78 -37.35
C1 MPD P . -2.23 -6.42 -37.66
C2 MPD P . -1.12 -6.44 -36.64
O2 MPD P . -1.10 -5.17 -35.99
CM MPD P . 0.23 -6.65 -37.31
C3 MPD P . -1.38 -7.52 -35.58
C4 MPD P . -0.43 -7.44 -34.41
O4 MPD P . -0.61 -6.22 -33.73
C5 MPD P . -0.61 -8.58 -33.45
C10 WBW Q . -15.57 -29.87 -36.18
C2 WBW Q . -18.35 -30.85 -33.14
C4 WBW Q . -17.18 -32.76 -32.22
C6 WBW Q . -16.19 -33.58 -34.30
C9 WBW Q . -15.23 -31.27 -36.63
N3 WBW Q . -17.24 -31.55 -32.95
O1 WBW Q . -18.34 -29.79 -33.66
O32 WBW Q . -12.66 -31.20 -35.76
C31 WBW Q . -13.55 -31.39 -34.95
C8 WBW Q . -14.69 -32.15 -35.49
C11 WBW Q . -15.37 -28.87 -37.28
C46 WBW Q . -16.46 -31.79 -37.32
N7 WBW Q . -15.66 -32.38 -34.45
O33 WBW Q . -15.86 -34.50 -34.97
C5 WBW Q . -17.28 -33.80 -33.29
N34 WBW Q . -19.52 -31.36 -32.79
C35 WBW Q . -20.79 -30.73 -33.01
C36 WBW Q . -21.26 -30.03 -31.77
C37 WBW Q . -21.01 -28.55 -31.74
C38 WBW Q . -21.81 -27.80 -30.67
F41 WBW Q . -22.96 -27.76 -31.19
F40 WBW Q . -21.76 -28.54 -29.65
F42 WBW Q . -21.08 -26.79 -30.72
N19 WBW Q . -13.59 -30.96 -33.67
C18 WBW Q . -14.73 -31.03 -32.78
C17 WBW Q . -16.00 -31.26 -33.64
C20 WBW Q . -12.42 -30.30 -33.07
C21 WBW Q . -12.63 -28.83 -32.74
C22 WBW Q . -12.45 -27.87 -33.69
C23 WBW Q . -12.06 -28.30 -34.92
C24 WBW Q . -11.87 -27.37 -35.89
C25 WBW Q . -12.05 -26.03 -35.65
C26 WBW Q . -12.44 -25.61 -34.41
C27 WBW Q . -12.63 -26.53 -33.41
C28 WBW Q . -13.03 -26.10 -32.18
C29 WBW Q . -13.20 -27.08 -31.24
C71 WBW Q . -13.59 -26.71 -30.01
C72 WBW Q . -13.77 -27.65 -29.04
C73 WBW Q . -13.56 -28.97 -29.31
C74 WBW Q . -13.19 -29.36 -30.56
C30 WBW Q . -12.99 -28.41 -31.52
C1 MPD R . 7.73 -31.29 -20.31
C2 MPD R . 6.46 -30.49 -20.47
O2 MPD R . 6.79 -29.14 -20.82
CM MPD R . 5.63 -31.07 -21.60
C3 MPD R . 5.62 -30.49 -19.18
C4 MPD R . 6.14 -29.62 -18.04
O4 MPD R . 6.23 -28.24 -18.37
C5 MPD R . 5.21 -29.74 -16.84
C1 MPD S . -29.39 -30.26 -34.09
C2 MPD S . -28.27 -29.78 -35.00
O2 MPD S . -27.85 -30.92 -35.77
CM MPD S . -28.79 -28.74 -35.96
C3 MPD S . -27.07 -29.28 -34.20
C4 MPD S . -27.34 -27.98 -33.50
O4 MPD S . -28.12 -28.20 -32.33
C5 MPD S . -26.09 -27.25 -33.12
C10 WBW T . -15.40 -45.32 -12.97
C2 WBW T . -19.11 -43.67 -11.46
C4 WBW T . -18.97 -44.53 -9.16
C6 WBW T . -17.89 -46.66 -9.87
C9 WBW T . -15.45 -46.63 -12.24
N3 WBW T . -18.42 -44.13 -10.41
O1 WBW T . -18.56 -43.35 -12.45
O32 WBW T . -13.45 -46.12 -10.49
C31 WBW T . -14.52 -45.65 -10.25
C8 WBW T . -15.65 -46.49 -10.73
C11 WBW T . -14.69 -45.53 -14.28
C46 WBW T . -16.46 -47.48 -12.95
N7 WBW T . -16.91 -45.91 -10.37
O33 WBW T . -17.76 -47.83 -9.74
C5 WBW T . -19.18 -46.00 -9.45
N34 WBW T . -20.41 -43.63 -11.48
C35 WBW T . -21.19 -43.17 -12.60
C36 WBW T . -21.31 -41.68 -12.34
C37 WBW T . -22.13 -40.93 -13.37
C38 WBW T . -21.98 -39.42 -13.35
F41 WBW T . -22.82 -39.23 -14.24
F40 WBW T . -22.39 -39.12 -12.21
F42 WBW T . -20.75 -39.21 -13.60
N19 WBW T . -14.77 -44.49 -9.61
C18 WBW T . -16.11 -43.92 -9.45
C17 WBW T . -17.02 -44.49 -10.54
C20 WBW T . -13.70 -43.70 -9.00
C21 WBW T . -13.39 -42.45 -9.80
C22 WBW T . -12.60 -42.48 -10.92
C23 WBW T . -12.04 -43.64 -11.33
C24 WBW T . -11.24 -43.66 -12.45
C25 WBW T . -11.01 -42.51 -13.17
C26 WBW T . -11.57 -41.34 -12.76
C27 WBW T . -12.35 -41.31 -11.64
C28 WBW T . -12.90 -40.12 -11.23
C29 WBW T . -13.71 -40.12 -10.12
C71 WBW T . -14.27 -38.96 -9.71
C72 WBW T . -15.06 -38.91 -8.60
C73 WBW T . -15.30 -40.05 -7.88
C74 WBW T . -14.73 -41.21 -8.30
C30 WBW T . -13.94 -41.27 -9.42
C1 MPD U . 0.45 -37.34 9.15
C2 MPD U . -0.35 -36.83 7.95
O2 MPD U . 0.53 -36.19 7.02
CM MPD U . -1.00 -38.01 7.25
C3 MPD U . -1.44 -35.86 8.40
C4 MPD U . -0.95 -34.49 8.85
O4 MPD U . -0.26 -33.82 7.79
C5 MPD U . -2.11 -33.62 9.30
C10 WBW V . -27.59 -39.95 11.88
C2 WBW V . -30.52 -37.25 10.44
C4 WBW V . -31.30 -36.34 12.52
C6 WBW V . -30.91 -38.47 13.76
C9 WBW V . -28.22 -40.34 13.21
N3 WBW V . -30.33 -36.96 11.68
O1 WBW V . -29.72 -37.83 9.81
O32 WBW V . -26.63 -38.96 14.97
C31 WBW V . -27.46 -38.38 14.35
C8 WBW V . -28.67 -39.17 14.06
C11 WBW V . -26.53 -40.89 11.41
C46 WBW V . -29.37 -41.28 12.95
N7 WBW V . -29.64 -38.35 13.39
O33 WBW V . -31.25 -39.30 14.55
C5 WBW V . -31.94 -37.58 13.15
N34 WBW V . -31.69 -37.00 9.93
C35 WBW V . -32.07 -37.30 8.57
C36 WBW V . -31.41 -36.23 7.75
C37 WBW V . -31.76 -36.45 6.33
C38 WBW V . -31.04 -35.51 5.39
F41 WBW V . -31.26 -34.27 5.60
F40 WBW V . -31.41 -35.80 4.22
F42 WBW V . -29.78 -35.71 5.50
N19 WBW V . -27.39 -37.10 13.97
C18 WBW V . -28.38 -36.40 13.14
C17 WBW V . -29.16 -37.45 12.38
C20 WBW V . -26.24 -36.29 14.39
C21 WBW V . -25.37 -35.85 13.21
C22 WBW V . -24.40 -36.69 12.78
C23 WBW V . -24.24 -37.89 13.42
C24 WBW V . -23.26 -38.74 12.98
C25 WBW V . -22.43 -38.44 11.93
C26 WBW V . -22.61 -37.25 11.32
C27 WBW V . -23.58 -36.38 11.71
C28 WBW V . -23.74 -35.17 11.06
C29 WBW V . -24.73 -34.32 11.51
C71 WBW V . -24.90 -33.11 10.87
C72 WBW V . -25.85 -32.24 11.30
C73 WBW V . -26.65 -32.57 12.37
C74 WBW V . -26.49 -33.77 13.00
C30 WBW V . -25.54 -34.65 12.58
C1 MPD W . -15.99 -19.83 28.84
C2 MPD W . -16.18 -20.30 27.39
O2 MPD W . -14.90 -20.61 26.83
CM MPD W . -17.03 -21.57 27.39
C3 MPD W . -16.88 -19.22 26.57
C4 MPD W . -16.02 -18.01 26.22
O4 MPD W . -14.88 -18.39 25.43
C5 MPD W . -16.83 -16.99 25.41
C10 WBW X . -42.23 -16.94 20.50
C2 WBW X . -43.86 -16.20 15.77
C4 WBW X . -44.55 -13.93 16.20
C6 WBW X . -45.42 -14.46 18.45
C9 WBW X . -43.65 -16.46 20.56
N3 WBW X . -43.82 -15.13 16.48
O1 WBW X . -43.22 -17.13 16.09
O32 WBW X . -42.23 -14.19 21.52
C31 WBW X . -42.58 -14.25 20.39
C8 WBW X . -43.83 -15.02 20.12
C11 WBW X . -42.10 -18.44 20.70
C46 WBW X . -44.57 -17.43 19.87
N7 WBW X . -44.19 -14.90 18.74
O33 WBW X . -46.21 -14.25 19.29
C5 WBW X . -45.79 -14.18 17.02
N34 WBW X . -44.66 -16.27 14.74
C35 WBW X . -44.81 -17.43 13.93
C36 WBW X . -43.49 -17.64 13.22
C37 WBW X . -43.65 -18.63 12.11
C38 WBW X . -42.44 -18.62 11.19
F41 WBW X . -42.56 -19.60 10.41
F40 WBW X . -41.31 -18.75 11.75
F42 WBW X . -42.39 -17.52 10.52
N19 WBW X . -41.94 -13.70 19.37
C18 WBW X . -42.33 -13.85 17.95
C17 WBW X . -43.17 -15.10 17.77
C20 WBW X . -40.71 -12.93 19.59
C21 WBW X . -39.48 -13.60 18.98
C22 WBW X . -38.79 -14.56 19.69
C23 WBW X . -39.24 -14.91 20.94
C24 WBW X . -38.58 -15.87 21.66
C25 WBW X . -37.48 -16.49 21.14
C26 WBW X . -37.03 -16.15 19.89
C27 WBW X . -37.69 -15.18 19.18
C28 WBW X . -37.22 -14.87 17.93
C29 WBW X . -37.88 -13.90 17.23
C71 WBW X . -37.40 -13.56 15.98
C72 WBW X . -38.03 -12.61 15.24
C73 WBW X . -39.14 -11.96 15.74
C74 WBW X . -39.63 -12.29 16.99
C30 WBW X . -39.00 -13.26 17.74
C10 WBW Y . -49.51 5.60 4.40
C2 WBW Y . -49.25 3.47 0.51
C4 WBW Y . -49.24 5.37 -0.96
C6 WBW Y . -50.79 6.69 0.47
C9 WBW Y . -50.54 6.55 3.82
N3 WBW Y . -49.05 4.73 0.29
O1 WBW Y . -48.96 2.97 1.54
O32 WBW Y . -48.65 8.51 3.97
C31 WBW Y . -48.68 7.86 2.98
C8 WBW Y . -50.02 7.35 2.61
C11 WBW Y . -49.76 5.32 5.85
C46 WBW Y . -51.79 5.80 3.48
N7 WBW Y . -49.91 6.54 1.45
O33 WBW Y . -51.70 7.48 0.59
C5 WBW Y . -50.66 5.89 -0.78
N34 WBW Y . -49.82 2.75 -0.43
C35 WBW Y . -50.16 1.36 -0.41
C36 WBW Y . -48.85 0.62 -0.23
C37 WBW Y . -48.99 -0.86 -0.47
C38 WBW Y . -47.67 -1.60 -0.45
F41 WBW Y . -47.87 -2.84 -0.43
F40 WBW Y . -46.96 -1.30 0.55
F42 WBW Y . -46.98 -1.36 -1.50
N19 WBW Y . -47.61 7.56 2.23
C18 WBW Y . -47.59 6.57 1.15
C17 WBW Y . -48.78 5.64 1.37
C20 WBW Y . -46.34 8.22 2.50
C21 WBW Y . -45.31 7.26 3.08
C22 WBW Y . -45.23 7.04 4.43
C23 WBW Y . -46.09 7.73 5.26
C24 WBW Y . -46.03 7.51 6.61
C25 WBW Y . -45.11 6.62 7.13
C26 WBW Y . -44.24 5.96 6.31
C27 WBW Y . -44.30 6.16 4.96
C28 WBW Y . -43.45 5.48 4.15
C29 WBW Y . -43.52 5.69 2.79
C71 WBW Y . -42.65 5.02 1.98
C72 WBW Y . -42.67 5.22 0.64
C73 WBW Y . -43.60 6.10 0.12
C74 WBW Y . -44.47 6.77 0.94
C30 WBW Y . -44.43 6.57 2.27
C1 MPD Z . -29.34 7.69 23.67
C2 MPD Z . -29.27 6.39 22.88
O2 MPD Z . -28.05 5.72 23.21
CM MPD Z . -30.42 5.47 23.29
C3 MPD Z . -29.34 6.65 21.38
C4 MPD Z . -28.05 7.22 20.77
O4 MPD Z . -26.97 6.29 20.86
C5 MPD Z . -28.25 7.53 19.29
C1 MPD AA . -29.51 24.58 -2.23
C2 MPD AA . -29.66 23.09 -1.94
O2 MPD AA . -28.90 22.76 -0.78
CM MPD AA . -31.11 22.76 -1.67
C3 MPD AA . -29.18 22.27 -3.14
C4 MPD AA . -27.67 22.29 -3.39
O4 MPD AA . -26.93 21.88 -2.24
C5 MPD AA . -27.32 21.36 -4.54
C10 WBW BA . -42.81 11.11 -22.70
C2 WBW BA . -42.52 6.66 -23.84
C4 WBW BA . -41.38 6.94 -25.93
C6 WBW BA . -42.64 9.02 -26.49
C9 WBW BA . -43.27 11.38 -24.11
N3 WBW BA . -41.77 7.37 -24.65
O1 WBW BA . -42.81 7.02 -22.77
O32 WBW BA . -40.95 12.66 -24.47
C31 WBW BA . -40.95 11.48 -24.67
C8 WBW BA . -42.24 10.96 -25.16
C11 WBW BA . -43.55 11.91 -21.67
C46 WBW BA . -44.64 10.77 -24.28
N7 WBW BA . -42.16 9.55 -25.37
O33 WBW BA . -43.25 9.69 -27.26
C5 WBW BA . -42.43 7.57 -26.80
N34 WBW BA . -43.00 5.53 -24.27
C35 WBW BA . -43.86 4.68 -23.49
C36 WBW BA . -42.94 4.08 -22.47
C37 WBW BA . -43.65 3.02 -21.72
C38 WBW BA . -42.78 2.41 -20.65
F41 WBW BA . -43.54 1.61 -20.05
F40 WBW BA . -42.30 3.27 -19.84
F42 WBW BA . -41.82 1.72 -21.14
N19 WBW BA . -39.93 10.63 -24.43
C18 WBW BA . -40.03 9.17 -24.53
C17 WBW BA . -41.50 8.76 -24.36
C20 WBW BA . -38.62 11.12 -24.03
C21 WBW BA . -38.26 10.76 -22.61
C22 WBW BA . -38.64 11.57 -21.56
C23 WBW BA . -39.35 12.70 -21.83
C24 WBW BA . -39.73 13.50 -20.81
C25 WBW BA . -39.41 13.19 -19.51
C26 WBW BA . -38.71 12.06 -19.22
C27 WBW BA . -38.31 11.26 -20.25
C28 WBW BA . -37.60 10.14 -19.96
C29 WBW BA . -37.20 9.34 -20.98
C71 WBW BA . -36.48 8.20 -20.67
C72 WBW BA . -36.06 7.40 -21.69
C73 WBW BA . -36.36 7.72 -22.99
C74 WBW BA . -37.09 8.83 -23.31
C30 WBW BA . -37.52 9.65 -22.29
C1 MPD CA . -16.36 18.04 -29.50
C2 MPD CA . -17.21 17.23 -28.54
O2 MPD CA . -17.11 17.80 -27.22
CM MPD CA . -18.67 17.30 -28.97
C3 MPD CA . -16.77 15.77 -28.51
C4 MPD CA . -15.44 15.50 -27.80
O4 MPD CA . -15.49 15.89 -26.42
C5 MPD CA . -15.11 14.01 -27.85
C10 WBW DA . 48.39 -9.63 4.42
C2 WBW DA . 48.73 -5.04 4.02
C4 WBW DA . 49.01 -5.00 1.56
C6 WBW DA . 50.51 -7.00 1.58
C9 WBW DA . 49.68 -9.64 3.59
N3 WBW DA . 48.65 -5.60 2.82
O1 WBW DA . 48.27 -5.60 4.99
O32 WBW DA . 48.04 -10.78 1.47
C31 WBW DA . 48.17 -9.58 1.64
C8 WBW DA . 49.49 -9.10 2.16
C11 WBW DA . 48.44 -10.65 5.53
C46 WBW DA . 50.79 -8.89 4.34
N7 WBW DA . 49.49 -7.65 2.14
O33 WBW DA . 51.50 -7.59 1.21
C5 WBW DA . 50.43 -5.50 1.40
N34 WBW DA . 49.36 -3.87 4.14
C35 WBW DA . 49.56 -3.13 5.36
C36 WBW DA . 48.39 -2.18 5.49
C37 WBW DA . 47.44 -2.60 6.60
C38 WBW DA . 46.60 -1.43 7.08
F41 WBW DA . 45.47 -1.93 7.51
F40 WBW DA . 46.37 -0.58 6.12
F42 WBW DA . 47.19 -0.79 8.06
N19 WBW DA . 47.20 -8.69 1.38
C18 WBW DA . 47.31 -7.23 1.55
C17 WBW DA . 48.32 -7.00 2.68
C20 WBW DA . 45.91 -9.15 0.86
C21 WBW DA . 44.81 -9.05 1.90
C22 WBW DA . 44.63 -10.04 2.86
C23 WBW DA . 45.47 -11.14 2.89
C24 WBW DA . 45.31 -12.12 3.84
C25 WBW DA . 44.30 -12.02 4.78
C26 WBW DA . 43.44 -10.92 4.76
C27 WBW DA . 43.61 -9.94 3.79
C28 WBW DA . 42.76 -8.85 3.79
C29 WBW DA . 42.93 -7.88 2.82
C71 WBW DA . 42.08 -6.78 2.79
C72 WBW DA . 42.24 -5.81 1.83
C73 WBW DA . 43.26 -5.91 0.90
C74 WBW DA . 44.10 -7.00 0.92
C30 WBW DA . 43.94 -7.98 1.88
C1 MPD EA . 31.10 -14.47 -17.14
C2 MPD EA . 31.18 -13.83 -15.76
O2 MPD EA . 30.33 -14.55 -14.85
CM MPD EA . 32.61 -13.93 -15.26
C3 MPD EA . 30.76 -12.36 -15.82
C4 MPD EA . 29.26 -12.09 -15.93
O4 MPD EA . 28.56 -12.56 -14.77
C5 MPD EA . 28.98 -10.60 -16.03
C10 WBW FA . 45.97 9.36 -16.51
C2 WBW FA . 45.30 12.59 -13.82
C4 WBW FA . 44.37 14.25 -15.30
C6 WBW FA . 45.77 13.56 -17.21
C9 WBW FA . 46.40 10.21 -17.69
N3 WBW FA . 44.66 12.92 -14.92
O1 WBW FA . 45.42 11.49 -13.49
O32 WBW FA . 44.33 9.81 -19.26
C31 WBW FA . 44.20 10.65 -18.40
C8 WBW FA . 45.45 11.33 -18.07
C11 WBW FA . 46.58 7.98 -16.57
C46 WBW FA . 47.82 10.67 -17.42
N7 WBW FA . 45.24 12.34 -17.07
O33 WBW FA . 46.39 13.84 -18.17
C5 WBW FA . 45.58 14.59 -16.13
N34 WBW FA . 45.88 13.52 -13.09
C35 WBW FA . 46.65 13.29 -11.91
C36 WBW FA . 45.85 13.57 -10.66
C37 WBW FA . 45.15 12.38 -10.07
C38 WBW FA . 44.52 12.57 -8.70
F41 WBW FA . 45.49 12.57 -7.93
F40 WBW FA . 43.92 13.66 -8.77
F42 WBW FA . 43.83 11.53 -8.72
N19 WBW FA . 43.08 10.98 -17.75
C18 WBW FA . 43.03 11.89 -16.59
C17 WBW FA . 44.43 11.94 -15.96
C20 WBW FA . 41.76 10.42 -18.10
C21 WBW FA . 41.17 9.50 -17.02
C22 WBW FA . 41.49 8.19 -17.00
C23 WBW FA . 42.30 7.75 -17.99
C24 WBW FA . 42.65 6.44 -18.04
C25 WBW FA . 42.17 5.56 -17.11
C26 WBW FA . 41.36 6.01 -16.11
C27 WBW FA . 41.01 7.32 -16.04
C28 WBW FA . 40.18 7.73 -15.04
C29 WBW FA . 39.87 9.06 -15.07
C71 WBW FA . 39.04 9.52 -14.10
C72 WBW FA . 38.68 10.82 -14.07
C73 WBW FA . 39.17 11.66 -15.04
C74 WBW FA . 40.01 11.22 -16.03
C30 WBW FA . 40.36 9.91 -16.05
C1 MPD GA . 20.85 11.92 -29.53
C2 MPD GA . 21.48 11.57 -28.19
O2 MPD GA . 21.17 10.21 -27.85
CM MPD GA . 22.99 11.69 -28.27
C3 MPD GA . 20.96 12.52 -27.10
C4 MPD GA . 19.54 12.25 -26.60
O4 MPD GA . 19.43 10.96 -26.03
C5 MPD GA . 19.13 13.28 -25.55
C1 MPD HA . 53.02 12.62 -5.51
C2 MPD HA . 52.19 13.79 -6.04
O2 MPD HA . 52.08 14.78 -5.01
CM MPD HA . 52.92 14.42 -7.22
C3 MPD HA . 50.80 13.35 -6.48
C4 MPD HA . 49.83 13.13 -5.31
O4 MPD HA . 49.31 14.39 -4.88
C5 MPD HA . 48.67 12.23 -5.73
C10 WBW IA . 32.37 34.03 -16.77
C2 WBW IA . 32.73 34.52 -12.42
C4 WBW IA . 31.14 36.33 -12.09
C6 WBW IA . 31.59 37.41 -14.30
C9 WBW IA . 32.16 35.49 -17.08
N3 WBW IA . 31.69 35.22 -12.79
O1 WBW IA . 33.06 33.57 -12.98
O32 WBW IA . 29.45 35.41 -17.64
C31 WBW IA . 29.78 35.42 -16.49
C8 WBW IA . 31.04 36.18 -16.25
C11 WBW IA . 33.03 33.28 -17.87
C46 WBW IA . 33.50 36.17 -17.07
N7 WBW IA . 31.26 36.25 -14.84
O33 WBW IA . 31.72 38.38 -14.99
C5 WBW IA . 31.79 37.49 -12.82
N34 WBW IA . 33.45 34.94 -11.42
C35 WBW IA . 34.63 34.25 -10.98
C36 WBW IA . 34.25 33.39 -9.80
C37 WBW IA . 34.43 31.91 -10.06
C38 WBW IA . 34.27 30.97 -8.89
F41 WBW IA . 35.41 30.80 -8.49
F40 WBW IA . 33.55 31.54 -8.06
F42 WBW IA . 33.76 30.02 -9.51
N19 WBW IA . 29.10 34.88 -15.48
C18 WBW IA . 29.57 34.83 -14.09
C17 WBW IA . 31.09 35.04 -14.09
C20 WBW IA . 27.79 34.24 -15.73
C21 WBW IA . 27.86 32.72 -15.58
C22 WBW IA . 28.23 31.91 -16.62
C23 WBW IA . 28.55 32.46 -17.83
C24 WBW IA . 28.95 31.66 -18.85
C25 WBW IA . 29.02 30.30 -18.70
C26 WBW IA . 28.70 29.73 -17.51
C27 WBW IA . 28.32 30.53 -16.47
C28 WBW IA . 28.00 29.96 -15.28
C29 WBW IA . 27.62 30.78 -14.26
C71 WBW IA . 27.29 30.21 -13.05
C72 WBW IA . 26.89 30.99 -12.04
C73 WBW IA . 26.83 32.34 -12.22
C74 WBW IA . 27.15 32.92 -13.41
C30 WBW IA . 27.55 32.13 -14.43
C1 MPD JA . 5.91 35.07 -16.11
C2 MPD JA . 5.09 33.79 -15.94
O2 MPD JA . 3.77 34.07 -16.41
CM MPD JA . 5.71 32.72 -16.83
C3 MPD JA . 5.07 33.37 -14.46
C4 MPD JA . 3.89 32.51 -14.02
O4 MPD JA . 3.84 31.25 -14.71
C5 MPD JA . 3.97 32.21 -12.52
C10 WBW KA . 18.25 46.41 4.37
C2 WBW KA . 20.41 44.43 7.62
C4 WBW KA . 18.89 44.97 9.40
C6 WBW KA . 18.32 47.15 8.48
C9 WBW KA . 17.84 47.59 5.19
N3 WBW KA . 19.22 44.73 8.06
O1 WBW KA . 20.62 44.32 6.47
O32 WBW KA . 15.14 46.92 5.37
C31 WBW KA . 15.91 46.36 6.11
C8 WBW KA . 17.07 47.21 6.45
C11 WBW KA . 18.58 46.81 2.97
C46 WBW KA . 19.09 48.38 5.45
N7 WBW KA . 17.89 46.50 7.40
O33 WBW KA . 18.06 48.30 8.64
C5 WBW KA . 19.17 46.45 9.48
N34 WBW KA . 21.40 44.34 8.48
C35 WBW KA . 22.75 44.07 8.06
C36 WBW KA . 22.81 42.58 7.99
C37 WBW KA . 24.12 42.16 7.38
C38 WBW KA . 24.14 40.68 7.07
F41 WBW KA . 23.77 39.96 8.07
F40 WBW KA . 25.34 40.39 6.83
F42 WBW KA . 23.49 40.34 6.03
N19 WBW KA . 15.80 45.11 6.64
C18 WBW KA . 16.82 44.45 7.44
C17 WBW KA . 18.17 45.11 7.15
C20 WBW KA . 14.59 44.27 6.41
C21 WBW KA . 14.87 43.15 5.43
C22 WBW KA . 14.90 43.33 4.06
C23 WBW KA . 14.64 44.57 3.55
C24 WBW KA . 14.67 44.79 2.20
C25 WBW KA . 14.96 43.74 1.32
C26 WBW KA . 15.23 42.49 1.83
C27 WBW KA . 15.18 42.29 3.19
C28 WBW KA . 15.45 41.03 3.68
C29 WBW KA . 15.41 40.85 5.05
C71 WBW KA . 15.67 39.59 5.57
C72 WBW KA . 15.64 39.37 6.92
C73 WBW KA . 15.34 40.41 7.74
C74 WBW KA . 15.08 41.67 7.26
C30 WBW KA . 15.13 41.90 5.90
C1 MPD LA . -7.07 35.77 12.40
C2 MPD LA . -5.72 35.42 11.77
O2 MPD LA . -5.92 34.97 10.43
CM MPD LA . -4.85 36.66 11.73
C3 MPD LA . -5.01 34.33 12.58
C4 MPD LA . -5.67 32.94 12.56
O4 MPD LA . -5.88 32.48 11.22
C5 MPD LA . -4.81 31.94 13.31
C10 WBW MA . 14.11 36.63 31.46
C2 WBW MA . 17.68 34.44 30.70
C4 WBW MA . 17.29 33.00 32.58
C6 WBW MA . 15.96 34.72 33.81
C9 WBW MA . 13.33 36.13 32.65
N3 WBW MA . 16.87 33.85 31.50
O1 WBW MA . 17.37 35.18 29.83
O32 WBW MA . 11.63 33.78 32.66
C31 WBW MA . 12.79 33.76 32.39
C8 WBW MA . 13.68 34.73 33.07
C11 WBW MA . 13.23 37.40 30.49
C46 WBW MA . 13.73 37.01 33.78
N7 WBW MA . 15.08 34.52 32.81
O33 WBW MA . 15.71 35.46 34.75
C5 WBW MA . 17.25 33.95 33.79
N34 WBW MA . 18.93 34.21 30.91
C35 WBW MA . 20.00 34.76 30.15
C36 WBW MA . 19.96 33.88 28.94
C37 WBW MA . 21.01 34.36 27.99
C38 WBW MA . 21.12 33.45 26.79
F41 WBW MA . 22.13 33.86 26.14
F40 WBW MA . 20.05 33.52 26.08
F42 WBW MA . 21.30 32.23 27.10
N19 WBW MA . 13.27 32.90 31.55
C18 WBW MA . 14.70 32.78 31.27
C17 WBW MA . 15.44 34.10 31.51
C20 WBW MA . 12.32 31.99 30.89
C21 WBW MA . 12.08 32.32 29.47
C22 WBW MA . 11.37 33.40 29.01
C23 WBW MA . 10.78 34.23 29.89
C24 WBW MA . 10.05 35.29 29.43
C25 WBW MA . 9.89 35.53 28.09
C26 WBW MA . 10.49 34.68 27.20
C27 WBW MA . 11.21 33.61 27.66
C28 WBW MA . 11.79 32.77 26.76
C29 WBW MA . 12.51 31.69 27.23
C71 WBW MA . 13.10 30.84 26.34
C72 WBW MA . 13.82 29.78 26.86
C73 WBW MA . 13.95 29.56 28.20
C74 WBW MA . 13.37 30.40 29.07
C30 WBW MA . 12.65 31.48 28.57
C1 MPD NA . -3.82 15.15 35.16
C2 MPD NA . -2.76 15.77 34.24
O2 MPD NA . -3.41 16.28 33.07
CM MPD NA . -2.08 16.92 34.94
C3 MPD NA . -1.71 14.73 33.83
C4 MPD NA . -2.20 13.65 32.87
O4 MPD NA . -2.67 14.20 31.65
C5 MPD NA . -1.08 12.67 32.55
C10 WBW OA . 23.01 12.61 42.32
C2 WBW OA . 26.52 12.39 39.87
C4 WBW OA . 27.08 10.05 40.27
C6 WBW OA . 26.59 10.17 42.67
C9 WBW OA . 23.74 12.03 43.50
N3 WBW OA . 26.22 11.20 40.27
O1 WBW OA . 25.74 13.23 39.78
O32 WBW OA . 22.21 9.79 43.37
C31 WBW OA . 23.14 9.90 42.60
C8 WBW OA . 24.29 10.63 43.19
C11 WBW OA . 22.40 13.92 42.75
C46 WBW OA . 24.72 13.05 44.04
N7 WBW OA . 25.38 10.59 42.28
O33 WBW OA . 26.83 9.83 43.77
C5 WBW OA . 27.68 10.08 41.66
N34 WBW OA . 27.73 12.68 39.59
C35 WBW OA . 28.20 13.96 39.17
C36 WBW OA . 27.96 13.93 37.69
C37 WBW OA . 28.39 15.23 37.08
C38 WBW OA . 27.95 15.36 35.65
F41 WBW OA . 28.44 16.45 35.25
F40 WBW OA . 26.68 15.34 35.50
F42 WBW OA . 28.38 14.41 34.93
N19 WBW OA . 23.20 9.45 41.31
C18 WBW OA . 24.33 9.69 40.43
C17 WBW OA . 25.01 10.94 40.94
C20 WBW OA . 22.14 8.71 40.67
C21 WBW OA . 21.36 9.52 39.64
C22 WBW OA . 20.34 10.35 40.03
C23 WBW OA . 20.04 10.43 41.36
C24 WBW OA . 19.03 11.25 41.76
C25 WBW OA . 18.31 11.98 40.85
C26 WBW OA . 18.60 11.91 39.52
C27 WBW OA . 19.61 11.08 39.11
C28 WBW OA . 19.90 11.01 37.79
C29 WBW OA . 20.92 10.19 37.39
C71 WBW OA . 21.21 10.12 36.05
C72 WBW OA . 22.20 9.31 35.60
C73 WBW OA . 22.90 8.56 36.49
C74 WBW OA . 22.62 8.64 37.83
C30 WBW OA . 21.64 9.46 38.30
C1 MPD PA . 10.77 -9.54 34.48
C2 MPD PA . 11.74 -10.71 34.36
O2 MPD PA . 10.99 -11.93 34.45
CM MPD PA . 12.68 -10.66 35.55
C3 MPD PA . 12.53 -10.66 33.05
C4 MPD PA . 11.86 -11.24 31.81
O4 MPD PA . 10.67 -10.53 31.45
C5 MPD PA . 12.81 -11.20 30.61
C10 WBW QA . 38.68 -7.64 30.71
C2 WBW QA . 40.40 -5.20 27.87
C4 WBW QA . 41.43 -6.93 26.45
C6 WBW QA . 41.84 -8.45 28.40
C9 WBW QA . 39.60 -8.84 30.78
N3 WBW QA . 40.47 -6.43 27.41
O1 WBW QA . 39.51 -4.85 28.57
O32 WBW QA . 38.24 -10.88 29.40
C31 WBW QA . 38.70 -9.95 28.79
C8 WBW QA . 39.95 -9.44 29.40
C11 WBW QA . 37.72 -7.71 31.84
C46 WBW QA . 40.78 -8.43 31.63
N7 WBW QA . 40.53 -8.44 28.57
O33 WBW QA . 42.54 -9.09 29.11
C5 WBW QA . 42.48 -7.67 27.28
N34 WBW QA . 41.36 -4.37 27.56
C35 WBW QA . 41.52 -3.00 27.97
C36 WBW QA . 40.26 -2.28 27.57
C37 WBW QA . 40.56 -0.82 27.52
C38 WBW QA . 39.50 -0.09 26.74
F41 WBW QA . 39.68 1.15 26.96
F40 WBW QA . 38.31 -0.38 27.12
F42 WBW QA . 39.60 -0.28 25.48
N19 WBW QA . 38.21 -9.39 27.67
C18 WBW QA . 38.75 -8.20 27.00
C17 WBW QA . 39.64 -7.46 28.00
C20 WBW QA . 37.05 -9.95 27.01
C21 WBW QA . 35.84 -9.04 27.09
C22 WBW QA . 35.05 -8.99 28.21
C23 WBW QA . 35.33 -9.81 29.27
C24 WBW QA . 34.53 -9.76 30.40
C25 WBW QA . 33.46 -8.90 30.47
C26 WBW QA . 33.17 -8.10 29.40
C27 WBW QA . 33.96 -8.14 28.28
C28 WBW QA . 33.66 -7.31 27.23
C29 WBW QA . 34.46 -7.36 26.10
C71 WBW QA . 34.18 -6.55 25.03
C72 WBW QA . 34.97 -6.62 23.91
C73 WBW QA . 36.04 -7.50 23.85
C74 WBW QA . 36.32 -8.29 24.93
C30 WBW QA . 35.53 -8.24 26.05
C1 MPD RA . 26.61 -25.09 11.56
C2 MPD RA . 26.61 -23.69 12.16
O2 MPD RA . 25.37 -23.47 12.86
CM MPD RA . 27.75 -23.56 13.16
C3 MPD RA . 26.79 -22.62 11.07
C4 MPD RA . 25.57 -22.42 10.16
O4 MPD RA . 24.43 -21.99 10.91
C5 MPD RA . 25.86 -21.37 9.09
#